data_2ML2
#
_entry.id   2ML2
#
loop_
_entity.id
_entity.type
_entity.pdbx_description
1 polymer 'Poly(beta-D-mannuronate) C5 epimerase 6'
2 non-polymer 'CALCIUM ION'
#
_entity_poly.entity_id   1
_entity_poly.type   'polypeptide(L)'
_entity_poly.pdbx_seq_one_letter_code
;DPSAEAQPIVGSDLDDQLHGTLLGEEISGGGGADQLYGYGGGDLLDGGAGRDRLTGGEGADTFRFALREDSQRSAAGTFS
DLILDFDPTQDKLDVSALGFTGLGNGYAGTLAVSVSDDGTRTYLKSYETDAEGRSFEVSLQGNHAAALSADNILFATPVP
V
;
_entity_poly.pdbx_strand_id   A
#
loop_
_chem_comp.id
_chem_comp.type
_chem_comp.name
_chem_comp.formula
CA non-polymer 'CALCIUM ION' 'Ca 2'
#
# COMPACT_ATOMS: atom_id res chain seq x y z
N ASP A 1 -23.72 1.37 -6.98
CA ASP A 1 -24.97 1.68 -7.73
C ASP A 1 -25.12 0.75 -8.91
N PRO A 2 -26.37 0.54 -9.40
CA PRO A 2 -26.47 -0.36 -10.56
C PRO A 2 -25.82 0.18 -11.84
N SER A 3 -25.53 1.47 -11.87
CA SER A 3 -24.80 2.07 -12.98
C SER A 3 -23.34 1.66 -12.95
N ALA A 4 -22.76 1.65 -11.75
CA ALA A 4 -21.38 1.24 -11.51
C ALA A 4 -21.21 0.97 -10.01
N GLU A 5 -20.50 -0.10 -9.68
CA GLU A 5 -20.22 -0.48 -8.30
C GLU A 5 -18.73 -0.26 -8.04
N ALA A 6 -18.14 0.62 -8.86
CA ALA A 6 -16.70 0.94 -8.82
C ALA A 6 -15.84 -0.33 -8.96
N GLN A 7 -16.26 -1.23 -9.84
CA GLN A 7 -15.55 -2.48 -10.04
C GLN A 7 -14.15 -2.15 -10.58
N PRO A 8 -13.10 -2.67 -9.91
CA PRO A 8 -11.79 -2.29 -10.46
C PRO A 8 -11.57 -2.75 -11.88
N ILE A 9 -10.85 -1.93 -12.64
CA ILE A 9 -10.58 -2.24 -14.04
C ILE A 9 -9.40 -3.19 -14.03
N VAL A 10 -9.56 -4.34 -14.65
CA VAL A 10 -8.53 -5.35 -14.67
C VAL A 10 -7.56 -5.01 -15.79
N GLY A 11 -6.36 -4.67 -15.36
CA GLY A 11 -5.26 -4.36 -16.23
C GLY A 11 -4.57 -5.63 -16.69
N SER A 12 -3.25 -5.64 -16.68
CA SER A 12 -2.48 -6.79 -17.13
C SER A 12 -1.39 -7.13 -16.12
N ASP A 13 -0.69 -8.23 -16.34
CA ASP A 13 0.46 -8.59 -15.51
C ASP A 13 1.71 -7.95 -16.10
N LEU A 14 1.49 -7.15 -17.13
CA LEU A 14 2.54 -6.32 -17.72
C LEU A 14 2.70 -5.06 -16.84
N ASP A 15 3.71 -4.26 -17.14
CA ASP A 15 3.92 -2.96 -16.51
C ASP A 15 2.81 -2.03 -17.02
N ASP A 16 1.79 -1.83 -16.21
CA ASP A 16 0.65 -1.01 -16.60
C ASP A 16 0.95 0.43 -16.27
N GLN A 17 0.93 1.28 -17.28
CA GLN A 17 0.91 2.72 -17.04
C GLN A 17 -0.47 3.18 -17.51
N LEU A 18 -1.38 3.27 -16.56
CA LEU A 18 -2.79 3.56 -16.83
C LEU A 18 -3.23 4.56 -15.76
N HIS A 19 -4.22 5.36 -16.06
CA HIS A 19 -4.69 6.36 -15.11
C HIS A 19 -6.20 6.26 -14.87
N GLY A 20 -6.57 6.60 -13.65
CA GLY A 20 -7.94 6.58 -13.18
C GLY A 20 -8.52 7.97 -13.17
N THR A 21 -7.69 8.90 -12.75
CA THR A 21 -8.08 10.30 -12.57
C THR A 21 -9.42 10.41 -11.82
N LEU A 22 -10.22 11.40 -12.18
CA LEU A 22 -11.44 11.75 -11.45
C LEU A 22 -12.53 10.68 -11.35
N LEU A 23 -12.42 9.60 -12.11
CA LEU A 23 -13.39 8.52 -12.01
C LEU A 23 -13.33 7.96 -10.58
N GLY A 24 -14.50 7.65 -10.03
CA GLY A 24 -14.60 7.00 -8.72
C GLY A 24 -14.40 5.50 -8.89
N GLU A 25 -13.44 5.16 -9.72
CA GLU A 25 -13.12 3.79 -10.06
C GLU A 25 -11.60 3.75 -10.29
N GLU A 26 -11.03 2.60 -10.00
CA GLU A 26 -9.60 2.37 -9.97
C GLU A 26 -9.14 1.02 -10.54
N ILE A 27 -7.90 0.96 -10.97
CA ILE A 27 -7.36 -0.10 -11.82
C ILE A 27 -6.59 -1.09 -10.93
N SER A 28 -6.75 -2.37 -11.23
CA SER A 28 -6.03 -3.46 -10.56
C SER A 28 -5.18 -4.15 -11.63
N GLY A 29 -4.02 -4.66 -11.29
CA GLY A 29 -3.18 -5.28 -12.31
C GLY A 29 -1.94 -5.97 -11.77
N GLY A 30 -2.11 -7.17 -11.22
CA GLY A 30 -1.09 -7.87 -10.46
C GLY A 30 0.37 -7.68 -10.80
N GLY A 31 0.81 -8.33 -11.86
CA GLY A 31 2.21 -8.31 -12.23
C GLY A 31 2.71 -6.97 -12.71
N GLY A 32 3.95 -6.98 -13.09
CA GLY A 32 4.63 -5.80 -13.63
C GLY A 32 4.93 -4.68 -12.63
N ALA A 33 5.78 -3.76 -13.05
CA ALA A 33 6.17 -2.59 -12.27
C ALA A 33 5.23 -1.45 -12.70
N ASP A 34 4.06 -1.46 -12.11
CA ASP A 34 2.99 -0.57 -12.53
C ASP A 34 3.17 0.85 -12.06
N GLN A 35 2.61 1.74 -12.85
CA GLN A 35 2.51 3.15 -12.51
C GLN A 35 1.04 3.50 -12.72
N LEU A 36 0.29 3.63 -11.63
CA LEU A 36 -1.14 3.78 -11.71
C LEU A 36 -1.46 5.00 -10.92
N TYR A 37 -2.06 5.95 -11.61
CA TYR A 37 -2.41 7.23 -10.99
C TYR A 37 -3.91 7.24 -10.88
N GLY A 38 -4.46 7.68 -9.75
CA GLY A 38 -5.90 7.62 -9.55
C GLY A 38 -6.55 8.90 -9.12
N TYR A 39 -5.73 9.90 -8.80
CA TYR A 39 -6.17 11.23 -8.32
C TYR A 39 -7.60 11.41 -7.76
N GLY A 40 -8.55 11.89 -8.54
CA GLY A 40 -9.90 12.16 -8.02
C GLY A 40 -10.76 10.94 -7.79
N GLY A 41 -11.87 11.11 -7.08
CA GLY A 41 -12.79 10.01 -6.83
C GLY A 41 -12.29 9.08 -5.76
N GLY A 42 -13.20 8.25 -5.29
CA GLY A 42 -12.87 7.17 -4.38
C GLY A 42 -12.25 6.07 -5.22
N ASP A 43 -11.15 5.47 -4.77
CA ASP A 43 -10.38 4.57 -5.61
C ASP A 43 -10.18 3.26 -4.89
N LEU A 44 -10.02 2.19 -5.66
CA LEU A 44 -9.87 0.83 -5.09
C LEU A 44 -8.75 0.14 -5.85
N LEU A 45 -7.56 0.14 -5.27
CA LEU A 45 -6.38 -0.26 -6.01
C LEU A 45 -5.64 -1.41 -5.36
N ASP A 46 -5.29 -2.39 -6.19
CA ASP A 46 -4.42 -3.49 -5.78
C ASP A 46 -3.20 -3.51 -6.70
N GLY A 47 -2.00 -3.31 -6.15
CA GLY A 47 -0.82 -3.19 -6.98
C GLY A 47 -0.13 -4.49 -7.39
N GLY A 48 -0.34 -5.57 -6.64
CA GLY A 48 0.26 -6.83 -6.93
C GLY A 48 1.76 -6.84 -6.83
N ALA A 49 2.23 -7.84 -7.51
CA ALA A 49 3.62 -8.20 -7.64
C ALA A 49 4.44 -7.09 -8.26
N GLY A 50 5.70 -7.09 -7.89
CA GLY A 50 6.68 -6.14 -8.40
C GLY A 50 6.83 -4.92 -7.52
N ARG A 51 7.63 -3.96 -7.98
CA ARG A 51 7.84 -2.71 -7.27
C ARG A 51 7.04 -1.67 -8.01
N ASP A 52 5.96 -1.26 -7.37
CA ASP A 52 4.92 -0.46 -8.00
C ASP A 52 4.85 0.98 -7.50
N ARG A 53 4.29 1.85 -8.34
CA ARG A 53 4.08 3.28 -8.04
C ARG A 53 2.57 3.53 -8.12
N LEU A 54 1.93 3.75 -6.98
CA LEU A 54 0.48 3.85 -6.92
C LEU A 54 0.04 5.20 -6.37
N THR A 55 -0.50 6.08 -7.19
CA THR A 55 -0.92 7.41 -6.69
C THR A 55 -2.44 7.44 -6.53
N GLY A 56 -2.93 8.07 -5.46
CA GLY A 56 -4.35 8.05 -5.16
C GLY A 56 -5.01 9.41 -5.00
N GLY A 57 -4.22 10.43 -4.69
CA GLY A 57 -4.71 11.77 -4.50
C GLY A 57 -5.82 11.95 -3.53
N GLU A 58 -6.76 12.66 -4.08
CA GLU A 58 -7.99 13.11 -3.45
C GLU A 58 -8.85 11.91 -3.05
N GLY A 59 -9.63 12.10 -2.01
CA GLY A 59 -10.57 11.09 -1.55
C GLY A 59 -10.02 10.09 -0.56
N ALA A 60 -10.95 9.43 0.14
CA ALA A 60 -10.67 8.39 1.13
C ALA A 60 -10.60 7.06 0.37
N ASP A 61 -9.56 6.96 -0.43
CA ASP A 61 -9.31 5.80 -1.27
C ASP A 61 -8.97 4.62 -0.40
N THR A 62 -9.24 3.42 -0.90
CA THR A 62 -8.83 2.21 -0.20
C THR A 62 -7.79 1.48 -1.05
N PHE A 63 -6.54 1.64 -0.69
CA PHE A 63 -5.46 0.92 -1.36
C PHE A 63 -5.23 -0.27 -0.45
N ARG A 64 -5.32 -1.46 -1.02
CA ARG A 64 -5.45 -2.66 -0.20
C ARG A 64 -4.42 -3.70 -0.58
N PHE A 65 -4.05 -4.48 0.42
CA PHE A 65 -2.99 -5.44 0.27
C PHE A 65 -3.44 -6.86 0.56
N ALA A 66 -3.64 -7.60 -0.52
CA ALA A 66 -3.67 -9.06 -0.46
C ALA A 66 -2.30 -9.49 -0.99
N LEU A 67 -1.50 -8.48 -1.31
CA LEU A 67 -0.19 -8.64 -1.93
C LEU A 67 0.90 -8.77 -0.89
N ARG A 68 1.17 -10.01 -0.52
CA ARG A 68 2.10 -10.33 0.57
C ARG A 68 3.55 -10.42 0.14
N GLU A 69 3.89 -11.47 -0.58
CA GLU A 69 5.25 -11.64 -1.12
C GLU A 69 5.42 -10.64 -2.25
N ASP A 70 4.30 -10.13 -2.71
CA ASP A 70 4.23 -9.10 -3.74
C ASP A 70 4.64 -7.72 -3.20
N SER A 71 4.82 -7.65 -1.88
CA SER A 71 5.26 -6.43 -1.21
C SER A 71 6.42 -6.74 -0.24
N GLN A 72 7.32 -7.64 -0.62
CA GLN A 72 8.42 -8.06 0.24
C GLN A 72 9.76 -7.42 -0.13
N ARG A 73 10.72 -7.47 0.78
CA ARG A 73 12.04 -6.88 0.57
C ARG A 73 13.16 -7.80 1.03
N SER A 74 14.34 -7.57 0.46
CA SER A 74 15.56 -8.25 0.87
C SER A 74 16.69 -7.30 0.57
N ALA A 75 17.88 -7.60 1.08
CA ALA A 75 19.07 -6.79 0.80
C ALA A 75 19.41 -6.90 -0.69
N ALA A 76 19.00 -8.01 -1.30
CA ALA A 76 19.24 -8.25 -2.71
C ALA A 76 18.26 -7.50 -3.61
N GLY A 77 17.30 -6.86 -2.97
CA GLY A 77 16.32 -6.06 -3.69
C GLY A 77 14.96 -6.06 -3.05
N THR A 78 14.18 -5.01 -3.30
CA THR A 78 12.85 -4.89 -2.72
C THR A 78 11.81 -4.83 -3.82
N PHE A 79 10.67 -5.44 -3.58
CA PHE A 79 9.53 -5.36 -4.49
C PHE A 79 8.40 -4.89 -3.60
N SER A 80 8.22 -3.58 -3.55
CA SER A 80 7.30 -2.96 -2.59
C SER A 80 6.27 -2.13 -3.32
N ASP A 81 5.38 -1.50 -2.60
CA ASP A 81 4.35 -0.66 -3.19
C ASP A 81 4.52 0.74 -2.65
N LEU A 82 4.98 1.64 -3.51
CA LEU A 82 5.23 3.02 -3.13
C LEU A 82 3.98 3.80 -3.48
N ILE A 83 3.22 4.12 -2.46
CA ILE A 83 1.96 4.82 -2.64
C ILE A 83 2.26 6.32 -2.57
N LEU A 84 1.84 7.05 -3.59
CA LEU A 84 2.04 8.49 -3.66
C LEU A 84 0.73 9.19 -3.29
N ASP A 85 0.86 10.50 -3.03
CA ASP A 85 -0.24 11.38 -2.57
C ASP A 85 -1.43 10.71 -1.88
N PHE A 86 -1.21 10.41 -0.61
CA PHE A 86 -2.17 9.60 0.15
C PHE A 86 -2.35 10.03 1.62
N ASP A 87 -2.43 11.32 1.86
CA ASP A 87 -2.60 11.81 3.24
C ASP A 87 -3.53 13.01 3.49
N PRO A 88 -4.86 12.80 3.35
CA PRO A 88 -5.82 13.77 3.90
C PRO A 88 -6.14 13.43 5.37
N THR A 89 -5.24 12.67 6.01
CA THR A 89 -5.41 12.06 7.35
C THR A 89 -6.61 11.11 7.49
N GLN A 90 -7.31 10.87 6.38
CA GLN A 90 -8.50 10.02 6.34
C GLN A 90 -8.47 9.09 5.12
N ASP A 91 -7.27 8.71 4.68
CA ASP A 91 -7.15 7.76 3.58
C ASP A 91 -7.21 6.37 4.18
N LYS A 92 -7.60 5.37 3.40
CA LYS A 92 -7.72 4.01 3.93
C LYS A 92 -6.65 3.08 3.36
N LEU A 93 -6.04 2.35 4.27
CA LEU A 93 -5.05 1.37 3.95
C LEU A 93 -5.56 0.08 4.56
N ASP A 94 -5.41 -1.01 3.85
CA ASP A 94 -5.83 -2.32 4.32
C ASP A 94 -4.73 -3.34 4.14
N VAL A 95 -4.31 -3.98 5.23
CA VAL A 95 -3.30 -5.04 5.19
C VAL A 95 -3.85 -6.27 5.92
N SER A 96 -5.15 -6.31 6.15
CA SER A 96 -5.77 -7.42 6.88
C SER A 96 -5.65 -8.73 6.13
N ALA A 97 -5.65 -8.68 4.81
CA ALA A 97 -5.51 -9.89 4.00
C ALA A 97 -4.08 -10.46 4.05
N LEU A 98 -3.12 -9.68 4.55
CA LEU A 98 -1.75 -10.18 4.74
C LEU A 98 -1.65 -10.79 6.13
N GLY A 99 -2.66 -10.50 6.93
CA GLY A 99 -2.67 -10.83 8.35
C GLY A 99 -1.99 -9.72 9.13
N PHE A 100 -0.80 -9.35 8.67
CA PHE A 100 0.08 -8.34 9.27
C PHE A 100 0.69 -8.87 10.57
N THR A 101 2.01 -8.83 10.66
CA THR A 101 2.70 -9.42 11.80
C THR A 101 2.67 -8.55 13.05
N GLY A 102 2.51 -7.25 12.86
CA GLY A 102 2.42 -6.32 13.98
C GLY A 102 3.25 -5.09 13.71
N LEU A 103 3.22 -4.13 14.63
CA LEU A 103 3.97 -2.88 14.47
C LEU A 103 4.87 -2.64 15.70
N GLY A 104 5.38 -3.73 16.24
CA GLY A 104 6.22 -3.68 17.43
C GLY A 104 7.67 -3.28 17.17
N ASN A 105 7.86 -2.12 16.58
CA ASN A 105 9.18 -1.52 16.34
C ASN A 105 10.14 -2.39 15.52
N GLY A 106 9.61 -3.27 14.68
CA GLY A 106 10.45 -3.99 13.75
C GLY A 106 11.13 -5.24 14.24
N TYR A 107 10.84 -5.68 15.47
CA TYR A 107 11.43 -6.90 16.03
C TYR A 107 10.34 -7.93 16.31
N ALA A 108 10.74 -9.16 16.58
CA ALA A 108 9.84 -10.30 16.77
C ALA A 108 8.94 -10.48 15.52
N GLY A 109 9.53 -10.27 14.36
CA GLY A 109 8.84 -10.41 13.09
C GLY A 109 7.90 -9.27 12.73
N THR A 110 7.68 -8.35 13.66
CA THR A 110 6.77 -7.22 13.41
C THR A 110 7.45 -6.18 12.54
N LEU A 111 6.71 -5.18 12.12
CA LEU A 111 7.25 -4.10 11.29
C LEU A 111 7.43 -2.86 12.15
N ALA A 112 8.13 -1.88 11.60
CA ALA A 112 8.34 -0.59 12.22
C ALA A 112 7.83 0.45 11.24
N VAL A 113 7.40 1.58 11.77
CA VAL A 113 6.96 2.70 10.96
C VAL A 113 7.96 3.83 11.19
N SER A 114 8.29 4.55 10.12
CA SER A 114 9.22 5.66 10.19
C SER A 114 8.75 6.68 9.18
N VAL A 115 9.05 7.95 9.40
CA VAL A 115 8.66 9.01 8.48
C VAL A 115 9.88 9.87 8.23
N SER A 116 10.13 10.17 6.96
CA SER A 116 11.24 11.03 6.58
C SER A 116 10.62 12.19 5.82
N ASP A 117 10.85 13.41 6.30
CA ASP A 117 10.22 14.60 5.72
C ASP A 117 10.90 15.01 4.42
N ASP A 118 12.18 14.68 4.31
CA ASP A 118 12.95 14.95 3.09
C ASP A 118 12.42 14.08 1.96
N GLY A 119 11.85 12.94 2.31
CA GLY A 119 11.26 12.06 1.33
C GLY A 119 9.75 12.26 1.27
N THR A 120 9.23 13.02 2.23
CA THR A 120 7.79 13.26 2.39
C THR A 120 7.01 11.93 2.44
N ARG A 121 7.66 10.92 2.99
CA ARG A 121 7.12 9.55 3.01
C ARG A 121 7.20 8.91 4.38
N THR A 122 6.29 7.99 4.62
CA THR A 122 6.23 7.20 5.80
C THR A 122 6.30 5.76 5.31
N TYR A 123 7.47 5.24 5.55
CA TYR A 123 7.85 3.89 5.16
C TYR A 123 7.50 2.93 6.29
N LEU A 124 7.01 1.75 5.97
CA LEU A 124 6.76 0.72 6.97
C LEU A 124 7.45 -0.55 6.49
N LYS A 125 8.37 -1.07 7.30
CA LYS A 125 9.12 -2.28 6.96
C LYS A 125 9.65 -2.93 8.21
N SER A 126 10.18 -4.14 8.09
CA SER A 126 10.82 -4.83 9.19
C SER A 126 12.24 -5.03 8.70
N TYR A 127 13.13 -5.18 9.65
CA TYR A 127 14.57 -5.28 9.38
C TYR A 127 15.30 -6.28 10.26
N GLU A 128 14.57 -6.98 11.14
CA GLU A 128 15.17 -7.97 12.03
C GLU A 128 15.71 -9.17 11.25
N THR A 129 15.02 -9.51 10.17
CA THR A 129 15.32 -10.66 9.35
C THR A 129 15.24 -10.19 7.92
N ASP A 130 16.21 -10.64 7.14
CA ASP A 130 16.36 -10.29 5.74
C ASP A 130 16.55 -11.57 4.91
N ALA A 131 17.72 -12.19 4.98
CA ALA A 131 17.95 -13.47 4.31
C ALA A 131 17.28 -14.57 5.13
N GLU A 132 17.22 -14.31 6.43
CA GLU A 132 16.72 -15.26 7.41
C GLU A 132 15.20 -15.31 7.44
N GLY A 133 14.58 -14.24 6.95
CA GLY A 133 13.15 -14.11 7.00
C GLY A 133 12.81 -12.81 6.31
N ARG A 134 12.70 -12.89 5.00
CA ARG A 134 12.54 -11.68 4.19
C ARG A 134 11.22 -11.00 4.54
N SER A 135 11.38 -9.72 4.84
CA SER A 135 10.39 -8.91 5.50
C SER A 135 9.57 -8.17 4.48
N PHE A 136 8.46 -7.62 4.92
CA PHE A 136 7.58 -6.84 4.05
C PHE A 136 7.95 -5.36 4.07
N GLU A 137 7.63 -4.66 3.00
CA GLU A 137 7.93 -3.23 2.85
C GLU A 137 6.85 -2.52 2.05
N VAL A 138 6.36 -1.41 2.58
CA VAL A 138 5.44 -0.52 1.86
C VAL A 138 5.90 0.90 2.12
N SER A 139 5.43 1.85 1.32
CA SER A 139 5.75 3.26 1.54
C SER A 139 4.54 4.07 1.17
N LEU A 140 4.30 5.16 1.89
CA LEU A 140 3.17 6.03 1.65
C LEU A 140 3.65 7.47 1.69
N GLN A 141 3.31 8.26 0.68
CA GLN A 141 3.68 9.67 0.67
C GLN A 141 2.70 10.44 1.56
N GLY A 142 3.22 10.92 2.67
CA GLY A 142 2.43 11.59 3.67
C GLY A 142 3.07 11.31 5.01
N ASN A 143 2.50 11.90 6.04
CA ASN A 143 3.00 11.79 7.40
C ASN A 143 1.91 11.17 8.28
N HIS A 144 1.04 10.37 7.66
CA HIS A 144 -0.12 9.77 8.34
C HIS A 144 0.23 8.69 9.39
N ALA A 145 1.51 8.63 9.76
CA ALA A 145 1.96 7.83 10.88
C ALA A 145 1.52 8.56 12.15
N ALA A 146 1.40 9.88 12.04
CA ALA A 146 0.87 10.70 13.13
C ALA A 146 -0.65 10.52 13.20
N ALA A 147 -1.19 9.88 12.16
CA ALA A 147 -2.62 9.58 12.08
C ALA A 147 -2.82 8.05 12.09
N LEU A 148 -1.99 7.36 12.85
CA LEU A 148 -2.09 5.91 12.98
C LEU A 148 -3.33 5.56 13.78
N SER A 149 -4.25 4.86 13.15
CA SER A 149 -5.51 4.48 13.78
C SER A 149 -6.10 3.30 13.03
N ALA A 150 -7.06 2.62 13.63
CA ALA A 150 -7.72 1.49 12.98
C ALA A 150 -8.58 1.96 11.80
N ASP A 151 -9.09 3.18 11.89
CA ASP A 151 -9.89 3.75 10.80
C ASP A 151 -9.00 4.09 9.62
N ASN A 152 -7.76 4.49 9.85
CA ASN A 152 -6.80 4.70 8.77
C ASN A 152 -6.24 3.38 8.22
N ILE A 153 -5.92 2.43 9.10
CA ILE A 153 -5.31 1.16 8.66
C ILE A 153 -6.04 -0.05 9.23
N LEU A 154 -6.54 -0.91 8.35
CA LEU A 154 -7.19 -2.16 8.75
C LEU A 154 -6.14 -3.27 8.75
N PHE A 155 -6.13 -4.08 9.81
CA PHE A 155 -5.16 -5.15 9.97
C PHE A 155 -5.89 -6.34 10.59
N ALA A 156 -5.24 -7.50 10.67
CA ALA A 156 -5.85 -8.70 11.26
C ALA A 156 -4.87 -9.45 12.16
N THR A 157 -3.97 -8.69 12.79
CA THR A 157 -3.01 -9.27 13.72
C THR A 157 -3.79 -9.62 15.00
N PRO A 158 -3.37 -10.65 15.76
CA PRO A 158 -4.11 -11.02 16.97
C PRO A 158 -3.97 -10.01 18.12
N VAL A 159 -3.16 -8.98 17.93
CA VAL A 159 -3.00 -7.90 18.90
C VAL A 159 -3.20 -6.59 18.15
N PRO A 160 -3.96 -5.62 18.72
CA PRO A 160 -4.14 -4.40 17.93
C PRO A 160 -2.85 -3.60 17.81
N VAL A 161 -2.75 -2.83 16.73
CA VAL A 161 -1.58 -2.00 16.43
C VAL A 161 -2.06 -0.65 15.94
CA CA B . 0.26 -4.77 -14.02
CA CA C . -9.88 7.60 -9.43
CA CA D . 2.33 -4.78 -10.09
CA CA E . -8.68 9.15 -5.35
CA CA F . 4.08 -4.53 -5.21
CA CA G . -6.44 9.47 -1.13
N ASP A 1 -23.90 2.33 -7.13
CA ASP A 1 -24.92 2.93 -8.03
C ASP A 1 -24.87 2.27 -9.40
N PRO A 2 -25.97 2.35 -10.19
CA PRO A 2 -25.86 1.70 -11.50
C PRO A 2 -24.88 2.40 -12.46
N SER A 3 -24.47 3.62 -12.13
CA SER A 3 -23.47 4.33 -12.91
C SER A 3 -22.08 3.73 -12.67
N ALA A 4 -21.73 3.55 -11.41
CA ALA A 4 -20.45 2.97 -11.01
C ALA A 4 -20.54 2.53 -9.55
N GLU A 5 -19.76 1.52 -9.19
CA GLU A 5 -19.69 1.01 -7.81
C GLU A 5 -18.22 0.84 -7.41
N ALA A 6 -17.35 1.63 -8.04
CA ALA A 6 -15.90 1.59 -7.83
C ALA A 6 -15.30 0.20 -8.08
N GLN A 7 -15.86 -0.52 -9.04
CA GLN A 7 -15.39 -1.85 -9.38
C GLN A 7 -13.97 -1.73 -9.93
N PRO A 8 -13.02 -2.53 -9.42
CA PRO A 8 -11.69 -2.39 -10.01
C PRO A 8 -11.65 -2.81 -11.49
N ILE A 9 -10.93 -2.05 -12.29
CA ILE A 9 -10.73 -2.37 -13.70
C ILE A 9 -9.62 -3.39 -13.73
N VAL A 10 -9.82 -4.48 -14.44
CA VAL A 10 -8.82 -5.52 -14.54
C VAL A 10 -7.84 -5.14 -15.65
N GLY A 11 -6.64 -4.82 -15.19
CA GLY A 11 -5.53 -4.48 -16.05
C GLY A 11 -4.85 -5.76 -16.51
N SER A 12 -3.52 -5.75 -16.51
CA SER A 12 -2.75 -6.91 -16.96
C SER A 12 -1.66 -7.25 -15.97
N ASP A 13 -1.02 -8.40 -16.16
CA ASP A 13 0.15 -8.76 -15.35
C ASP A 13 1.41 -8.19 -15.99
N LEU A 14 1.20 -7.43 -17.06
CA LEU A 14 2.25 -6.63 -17.68
C LEU A 14 2.40 -5.34 -16.88
N ASP A 15 3.38 -4.53 -17.24
CA ASP A 15 3.57 -3.19 -16.67
C ASP A 15 2.40 -2.34 -17.14
N ASP A 16 1.52 -1.97 -16.22
CA ASP A 16 0.36 -1.16 -16.57
C ASP A 16 0.69 0.29 -16.30
N GLN A 17 0.56 1.12 -17.31
CA GLN A 17 0.55 2.56 -17.09
C GLN A 17 -0.83 3.02 -17.53
N LEU A 18 -1.72 3.11 -16.56
CA LEU A 18 -3.13 3.41 -16.79
C LEU A 18 -3.52 4.42 -15.72
N HIS A 19 -4.53 5.23 -16.00
CA HIS A 19 -4.96 6.22 -15.04
C HIS A 19 -6.47 6.23 -14.83
N GLY A 20 -6.84 6.58 -13.61
CA GLY A 20 -8.22 6.66 -13.18
C GLY A 20 -8.73 8.06 -13.20
N THR A 21 -7.85 8.95 -12.77
CA THR A 21 -8.17 10.37 -12.55
C THR A 21 -9.50 10.49 -11.79
N LEU A 22 -10.30 11.50 -12.13
CA LEU A 22 -11.51 11.87 -11.37
C LEU A 22 -12.62 10.81 -11.28
N LEU A 23 -12.54 9.78 -12.11
CA LEU A 23 -13.53 8.71 -12.04
C LEU A 23 -13.46 8.04 -10.66
N GLY A 24 -14.63 7.71 -10.13
CA GLY A 24 -14.74 6.98 -8.86
C GLY A 24 -14.62 5.50 -9.13
N GLU A 25 -13.57 5.16 -9.84
CA GLU A 25 -13.28 3.81 -10.31
C GLU A 25 -11.75 3.77 -10.40
N GLU A 26 -11.15 2.62 -10.10
CA GLU A 26 -9.69 2.47 -10.16
C GLU A 26 -9.27 1.11 -10.71
N ILE A 27 -7.97 0.87 -10.79
CA ILE A 27 -7.41 -0.27 -11.52
C ILE A 27 -6.71 -1.31 -10.60
N SER A 28 -6.90 -2.57 -10.93
CA SER A 28 -6.21 -3.72 -10.33
C SER A 28 -5.35 -4.32 -11.44
N GLY A 29 -4.22 -4.92 -11.12
CA GLY A 29 -3.38 -5.50 -12.17
C GLY A 29 -2.08 -6.07 -11.65
N GLY A 30 -2.16 -7.24 -11.01
CA GLY A 30 -1.06 -7.83 -10.26
C GLY A 30 0.37 -7.64 -10.71
N GLY A 31 0.77 -8.32 -11.76
CA GLY A 31 2.15 -8.32 -12.20
C GLY A 31 2.63 -7.00 -12.74
N GLY A 32 3.86 -7.03 -13.21
CA GLY A 32 4.51 -5.88 -13.81
C GLY A 32 4.90 -4.75 -12.86
N ALA A 33 5.68 -3.80 -13.36
CA ALA A 33 6.10 -2.61 -12.63
C ALA A 33 5.11 -1.50 -12.97
N ASP A 34 4.00 -1.51 -12.28
CA ASP A 34 2.87 -0.65 -12.61
C ASP A 34 3.05 0.78 -12.15
N GLN A 35 2.44 1.66 -12.91
CA GLN A 35 2.31 3.07 -12.57
C GLN A 35 0.83 3.39 -12.76
N LEU A 36 0.10 3.50 -11.68
CA LEU A 36 -1.34 3.63 -11.73
C LEU A 36 -1.67 4.86 -10.93
N TYR A 37 -2.28 5.81 -11.60
CA TYR A 37 -2.61 7.09 -11.00
C TYR A 37 -4.12 7.16 -10.88
N GLY A 38 -4.65 7.61 -9.75
CA GLY A 38 -6.10 7.62 -9.57
C GLY A 38 -6.70 8.90 -9.05
N TYR A 39 -5.87 9.87 -8.71
CA TYR A 39 -6.29 11.20 -8.20
C TYR A 39 -7.73 11.36 -7.65
N GLY A 40 -8.67 11.83 -8.46
CA GLY A 40 -10.00 12.08 -7.94
C GLY A 40 -10.88 10.84 -7.78
N GLY A 41 -11.98 11.04 -7.05
CA GLY A 41 -12.96 10.02 -6.86
C GLY A 41 -12.54 9.07 -5.77
N GLY A 42 -13.49 8.26 -5.34
CA GLY A 42 -13.22 7.16 -4.44
C GLY A 42 -12.63 6.04 -5.28
N ASP A 43 -11.51 5.48 -4.84
CA ASP A 43 -10.75 4.54 -5.65
C ASP A 43 -10.54 3.23 -4.93
N LEU A 44 -10.29 2.19 -5.72
CA LEU A 44 -10.04 0.85 -5.18
C LEU A 44 -8.89 0.22 -5.97
N LEU A 45 -7.69 0.29 -5.42
CA LEU A 45 -6.47 -0.01 -6.18
C LEU A 45 -5.62 -1.11 -5.54
N ASP A 46 -5.01 -1.95 -6.38
CA ASP A 46 -3.97 -2.89 -5.96
C ASP A 46 -2.98 -3.01 -7.11
N GLY A 47 -1.78 -3.50 -6.84
CA GLY A 47 -0.79 -3.64 -7.89
C GLY A 47 0.15 -4.80 -7.70
N GLY A 48 -0.35 -5.89 -7.13
CA GLY A 48 0.41 -7.11 -6.86
C GLY A 48 1.92 -7.07 -6.86
N ALA A 49 2.46 -7.96 -7.66
CA ALA A 49 3.88 -8.22 -7.76
C ALA A 49 4.66 -7.04 -8.30
N GLY A 50 5.87 -6.94 -7.79
CA GLY A 50 6.85 -5.98 -8.28
C GLY A 50 7.04 -4.72 -7.46
N ARG A 51 7.81 -3.80 -8.04
CA ARG A 51 8.08 -2.49 -7.47
C ARG A 51 7.13 -1.61 -8.24
N ASP A 52 6.14 -1.11 -7.53
CA ASP A 52 5.03 -0.39 -8.15
C ASP A 52 4.87 1.03 -7.65
N ARG A 53 4.19 1.86 -8.45
CA ARG A 53 3.92 3.26 -8.15
C ARG A 53 2.40 3.45 -8.21
N LEU A 54 1.76 3.58 -7.06
CA LEU A 54 0.30 3.61 -6.99
C LEU A 54 -0.19 4.93 -6.39
N THR A 55 -0.75 5.83 -7.18
CA THR A 55 -1.18 7.14 -6.65
C THR A 55 -2.70 7.17 -6.50
N GLY A 56 -3.18 7.81 -5.44
CA GLY A 56 -4.61 7.81 -5.15
C GLY A 56 -5.23 9.18 -4.95
N GLY A 57 -4.45 10.18 -4.62
CA GLY A 57 -4.90 11.52 -4.42
C GLY A 57 -5.98 11.72 -3.41
N GLU A 58 -6.91 12.47 -3.92
CA GLU A 58 -8.11 12.94 -3.25
C GLU A 58 -8.97 11.77 -2.84
N GLY A 59 -9.66 11.94 -1.72
CA GLY A 59 -10.62 10.95 -1.26
C GLY A 59 -10.08 9.87 -0.36
N ALA A 60 -11.01 9.19 0.31
CA ALA A 60 -10.73 8.08 1.22
C ALA A 60 -10.69 6.79 0.42
N ASP A 61 -9.68 6.72 -0.42
CA ASP A 61 -9.48 5.58 -1.32
C ASP A 61 -9.13 4.36 -0.51
N THR A 62 -9.44 3.18 -1.03
CA THR A 62 -9.07 1.93 -0.37
C THR A 62 -8.02 1.23 -1.21
N PHE A 63 -6.80 1.16 -0.69
CA PHE A 63 -5.73 0.46 -1.37
C PHE A 63 -5.56 -0.85 -0.62
N ARG A 64 -5.58 -1.96 -1.34
CA ARG A 64 -5.67 -3.28 -0.71
C ARG A 64 -4.41 -4.09 -0.92
N PHE A 65 -3.99 -4.77 0.13
CA PHE A 65 -2.77 -5.55 0.10
C PHE A 65 -2.99 -6.99 0.55
N ALA A 66 -3.06 -7.88 -0.44
CA ALA A 66 -2.94 -9.32 -0.21
C ALA A 66 -1.54 -9.67 -0.72
N LEU A 67 -0.82 -8.63 -1.10
CA LEU A 67 0.47 -8.75 -1.76
C LEU A 67 1.64 -8.76 -0.77
N ARG A 68 1.95 -9.95 -0.25
CA ARG A 68 3.01 -10.10 0.74
C ARG A 68 4.39 -10.25 0.07
N GLU A 69 4.60 -11.37 -0.60
CA GLU A 69 5.84 -11.61 -1.35
C GLU A 69 5.89 -10.66 -2.54
N ASP A 70 4.71 -10.22 -2.93
CA ASP A 70 4.53 -9.29 -4.03
C ASP A 70 4.96 -7.86 -3.65
N SER A 71 5.28 -7.70 -2.37
CA SER A 71 5.78 -6.43 -1.83
C SER A 71 6.88 -6.73 -0.80
N GLN A 72 7.84 -7.58 -1.16
CA GLN A 72 8.86 -8.03 -0.21
C GLN A 72 10.21 -7.35 -0.39
N ARG A 73 11.03 -7.41 0.66
CA ARG A 73 12.33 -6.74 0.67
C ARG A 73 13.44 -7.62 1.23
N SER A 74 14.65 -7.36 0.77
CA SER A 74 15.85 -8.00 1.26
C SER A 74 16.98 -7.01 1.07
N ALA A 75 18.14 -7.28 1.65
CA ALA A 75 19.32 -6.45 1.45
C ALA A 75 19.76 -6.52 -0.01
N ALA A 76 19.42 -7.63 -0.66
CA ALA A 76 19.75 -7.83 -2.07
C ALA A 76 18.80 -7.07 -2.99
N GLY A 77 17.80 -6.45 -2.39
CA GLY A 77 16.86 -5.63 -3.12
C GLY A 77 15.45 -5.68 -2.58
N THR A 78 14.72 -4.58 -2.77
CA THR A 78 13.33 -4.49 -2.34
C THR A 78 12.43 -4.26 -3.55
N PHE A 79 11.31 -4.97 -3.58
CA PHE A 79 10.30 -4.76 -4.60
C PHE A 79 9.02 -4.50 -3.84
N SER A 80 8.74 -3.23 -3.60
CA SER A 80 7.63 -2.84 -2.75
C SER A 80 6.75 -1.82 -3.46
N ASP A 81 5.56 -1.62 -2.92
CA ASP A 81 4.58 -0.70 -3.51
C ASP A 81 4.72 0.67 -2.87
N LEU A 82 5.05 1.66 -3.68
CA LEU A 82 5.15 3.03 -3.21
C LEU A 82 3.82 3.72 -3.53
N ILE A 83 3.03 3.92 -2.50
CA ILE A 83 1.76 4.58 -2.63
C ILE A 83 2.05 6.07 -2.62
N LEU A 84 1.61 6.79 -3.65
CA LEU A 84 1.81 8.22 -3.73
C LEU A 84 0.53 8.94 -3.32
N ASP A 85 0.67 10.25 -3.07
CA ASP A 85 -0.40 11.14 -2.59
C ASP A 85 -1.58 10.50 -1.86
N PHE A 86 -1.33 10.19 -0.60
CA PHE A 86 -2.26 9.40 0.19
C PHE A 86 -2.44 9.84 1.64
N ASP A 87 -2.57 11.14 1.88
CA ASP A 87 -2.75 11.64 3.24
C ASP A 87 -3.74 12.80 3.47
N PRO A 88 -5.06 12.52 3.34
CA PRO A 88 -6.05 13.45 3.88
C PRO A 88 -6.35 13.11 5.35
N THR A 89 -5.42 12.40 6.00
CA THR A 89 -5.55 11.80 7.35
C THR A 89 -6.70 10.81 7.50
N GLN A 90 -7.39 10.51 6.41
CA GLN A 90 -8.55 9.61 6.40
C GLN A 90 -8.51 8.69 5.17
N ASP A 91 -7.33 8.31 4.74
CA ASP A 91 -7.20 7.39 3.60
C ASP A 91 -7.25 5.98 4.14
N LYS A 92 -7.65 5.02 3.31
CA LYS A 92 -7.78 3.64 3.78
C LYS A 92 -6.73 2.71 3.18
N LEU A 93 -6.04 2.01 4.06
CA LEU A 93 -5.07 1.01 3.68
C LEU A 93 -5.52 -0.30 4.30
N ASP A 94 -5.61 -1.34 3.51
CA ASP A 94 -5.97 -2.67 4.00
C ASP A 94 -4.80 -3.62 3.88
N VAL A 95 -4.29 -4.07 5.02
CA VAL A 95 -3.20 -5.05 5.05
C VAL A 95 -3.65 -6.29 5.81
N SER A 96 -4.96 -6.42 6.03
CA SER A 96 -5.49 -7.56 6.77
C SER A 96 -5.33 -8.84 5.97
N ALA A 97 -5.25 -8.70 4.65
CA ALA A 97 -5.05 -9.86 3.78
C ALA A 97 -3.57 -10.32 3.78
N LEU A 98 -2.68 -9.55 4.37
CA LEU A 98 -1.29 -9.98 4.59
C LEU A 98 -1.23 -10.69 5.92
N GLY A 99 -2.32 -10.52 6.67
CA GLY A 99 -2.41 -10.95 8.05
C GLY A 99 -1.84 -9.87 8.94
N PHE A 100 -0.64 -9.44 8.59
CA PHE A 100 0.16 -8.44 9.31
C PHE A 100 0.67 -9.06 10.63
N THR A 101 1.74 -8.50 11.17
CA THR A 101 2.39 -9.11 12.34
C THR A 101 2.43 -8.20 13.57
N GLY A 102 2.19 -6.91 13.37
CA GLY A 102 2.15 -5.95 14.45
C GLY A 102 3.00 -4.77 14.07
N LEU A 103 3.03 -3.73 14.90
CA LEU A 103 3.83 -2.54 14.61
C LEU A 103 4.76 -2.22 15.79
N GLY A 104 5.15 -3.26 16.51
CA GLY A 104 6.00 -3.14 17.68
C GLY A 104 7.47 -2.88 17.40
N ASN A 105 7.75 -1.77 16.73
CA ASN A 105 9.11 -1.28 16.45
C ASN A 105 10.01 -2.25 15.68
N GLY A 106 9.42 -3.12 14.88
CA GLY A 106 10.20 -3.90 13.92
C GLY A 106 10.89 -5.14 14.43
N TYR A 107 10.58 -5.56 15.66
CA TYR A 107 11.17 -6.77 16.24
C TYR A 107 10.06 -7.73 16.66
N ALA A 108 10.42 -8.96 16.98
CA ALA A 108 9.47 -10.04 17.29
C ALA A 108 8.52 -10.25 16.10
N GLY A 109 9.07 -10.14 14.90
CA GLY A 109 8.30 -10.32 13.68
C GLY A 109 7.46 -9.13 13.25
N THR A 110 7.26 -8.17 14.14
CA THR A 110 6.43 -7.00 13.84
C THR A 110 7.15 -6.06 12.88
N LEU A 111 6.44 -5.04 12.42
CA LEU A 111 7.01 -4.04 11.53
C LEU A 111 7.26 -2.77 12.35
N ALA A 112 7.97 -1.84 11.75
CA ALA A 112 8.22 -0.54 12.33
C ALA A 112 7.67 0.47 11.33
N VAL A 113 7.28 1.63 11.83
CA VAL A 113 6.81 2.72 10.99
C VAL A 113 7.81 3.85 11.17
N SER A 114 8.13 4.54 10.10
CA SER A 114 9.06 5.66 10.15
C SER A 114 8.63 6.64 9.08
N VAL A 115 8.85 7.92 9.30
CA VAL A 115 8.46 8.94 8.34
C VAL A 115 9.66 9.86 8.13
N SER A 116 10.02 10.07 6.86
CA SER A 116 11.11 10.98 6.54
C SER A 116 10.56 12.08 5.64
N ASP A 117 10.77 13.33 6.03
CA ASP A 117 10.18 14.47 5.32
C ASP A 117 10.88 14.77 4.00
N ASP A 118 12.14 14.34 3.88
CA ASP A 118 12.91 14.51 2.64
C ASP A 118 12.28 13.67 1.53
N GLY A 119 11.63 12.59 1.93
CA GLY A 119 10.96 11.73 0.99
C GLY A 119 9.46 11.96 1.02
N THR A 120 9.02 12.74 2.01
CA THR A 120 7.60 13.01 2.26
C THR A 120 6.81 11.69 2.35
N ARG A 121 7.47 10.69 2.89
CA ARG A 121 6.93 9.33 2.94
C ARG A 121 6.99 8.72 4.32
N THR A 122 6.09 7.79 4.56
CA THR A 122 6.01 7.05 5.78
C THR A 122 6.02 5.60 5.32
N TYR A 123 7.16 5.01 5.62
CA TYR A 123 7.49 3.66 5.24
C TYR A 123 7.12 2.71 6.37
N LEU A 124 6.66 1.51 6.03
CA LEU A 124 6.40 0.48 7.04
C LEU A 124 7.13 -0.77 6.60
N LYS A 125 8.03 -1.27 7.43
CA LYS A 125 8.86 -2.45 7.11
C LYS A 125 9.37 -3.08 8.39
N SER A 126 9.86 -4.30 8.30
CA SER A 126 10.48 -4.97 9.43
C SER A 126 11.91 -5.14 8.99
N TYR A 127 12.80 -5.16 9.95
CA TYR A 127 14.24 -5.26 9.71
C TYR A 127 14.93 -6.29 10.60
N GLU A 128 14.17 -6.98 11.44
CA GLU A 128 14.74 -8.00 12.34
C GLU A 128 15.28 -9.18 11.55
N THR A 129 14.61 -9.47 10.44
CA THR A 129 14.95 -10.59 9.59
C THR A 129 14.99 -10.09 8.16
N ASP A 130 16.06 -10.48 7.49
CA ASP A 130 16.30 -10.11 6.09
C ASP A 130 16.56 -11.36 5.26
N ALA A 131 17.74 -11.96 5.37
CA ALA A 131 18.03 -13.20 4.66
C ALA A 131 17.34 -14.34 5.41
N GLU A 132 17.20 -14.14 6.70
CA GLU A 132 16.65 -15.12 7.63
C GLU A 132 15.13 -15.18 7.51
N GLY A 133 14.54 -14.11 7.00
CA GLY A 133 13.10 -14.01 6.92
C GLY A 133 12.72 -12.76 6.20
N ARG A 134 12.81 -12.80 4.88
CA ARG A 134 12.57 -11.61 4.05
C ARG A 134 11.12 -11.16 4.22
N SER A 135 11.01 -9.92 4.69
CA SER A 135 9.78 -9.35 5.17
C SER A 135 9.13 -8.54 4.09
N PHE A 136 7.87 -8.21 4.30
CA PHE A 136 7.14 -7.35 3.39
C PHE A 136 7.33 -5.90 3.81
N GLU A 137 7.22 -4.99 2.85
CA GLU A 137 7.49 -3.57 3.05
C GLU A 137 6.56 -2.78 2.15
N VAL A 138 6.05 -1.65 2.66
CA VAL A 138 5.22 -0.75 1.86
C VAL A 138 5.67 0.67 2.15
N SER A 139 5.32 1.61 1.28
CA SER A 139 5.66 3.01 1.49
C SER A 139 4.45 3.84 1.10
N LEU A 140 4.22 4.91 1.83
CA LEU A 140 3.05 5.77 1.60
C LEU A 140 3.50 7.23 1.63
N GLN A 141 3.18 7.99 0.60
CA GLN A 141 3.53 9.41 0.57
C GLN A 141 2.54 10.18 1.43
N GLY A 142 3.05 10.71 2.53
CA GLY A 142 2.25 11.40 3.50
C GLY A 142 2.92 11.21 4.83
N ASN A 143 2.38 11.86 5.84
CA ASN A 143 2.92 11.82 7.21
C ASN A 143 1.85 11.22 8.10
N HIS A 144 1.02 10.35 7.53
CA HIS A 144 -0.12 9.73 8.23
C HIS A 144 0.29 8.70 9.32
N ALA A 145 1.54 8.79 9.74
CA ALA A 145 2.02 8.07 10.91
C ALA A 145 1.41 8.78 12.11
N ALA A 146 1.19 10.07 11.96
CA ALA A 146 0.50 10.87 12.97
C ALA A 146 -1.01 10.56 12.94
N ALA A 147 -1.42 9.83 11.91
CA ALA A 147 -2.81 9.42 11.74
C ALA A 147 -2.93 7.89 11.70
N LEU A 148 -2.17 7.23 12.57
CA LEU A 148 -2.24 5.78 12.69
C LEU A 148 -3.48 5.43 13.49
N SER A 149 -4.42 4.74 12.87
CA SER A 149 -5.68 4.40 13.51
C SER A 149 -6.29 3.20 12.79
N ALA A 150 -7.27 2.58 13.41
CA ALA A 150 -7.96 1.44 12.81
C ALA A 150 -8.80 1.88 11.60
N ASP A 151 -9.29 3.10 11.64
CA ASP A 151 -10.06 3.64 10.52
C ASP A 151 -9.15 3.91 9.33
N ASN A 152 -7.90 4.30 9.58
CA ASN A 152 -6.93 4.47 8.49
C ASN A 152 -6.39 3.13 7.99
N ILE A 153 -6.10 2.19 8.89
CA ILE A 153 -5.49 0.92 8.49
C ILE A 153 -6.25 -0.29 9.04
N LEU A 154 -6.66 -1.19 8.14
CA LEU A 154 -7.29 -2.45 8.52
C LEU A 154 -6.21 -3.52 8.55
N PHE A 155 -6.18 -4.30 9.61
CA PHE A 155 -5.15 -5.32 9.83
C PHE A 155 -5.81 -6.50 10.55
N ALA A 156 -5.11 -7.63 10.63
CA ALA A 156 -5.65 -8.82 11.30
C ALA A 156 -4.55 -9.49 12.14
N THR A 157 -3.62 -8.68 12.61
CA THR A 157 -2.48 -9.18 13.38
C THR A 157 -2.95 -9.59 14.79
N PRO A 158 -2.34 -10.65 15.38
CA PRO A 158 -2.77 -11.09 16.71
C PRO A 158 -2.32 -10.17 17.86
N VAL A 159 -1.50 -9.18 17.54
CA VAL A 159 -1.03 -8.19 18.52
C VAL A 159 -1.35 -6.84 17.86
N PRO A 160 -1.77 -5.82 18.63
CA PRO A 160 -2.15 -4.60 17.92
C PRO A 160 -1.00 -3.85 17.26
N VAL A 161 -1.37 -2.80 16.53
CA VAL A 161 -0.41 -1.93 15.85
C VAL A 161 -0.32 -0.64 16.66
CA CA B . 0.08 -4.85 -13.97
CA CA C . -9.96 7.61 -9.53
CA CA D . 2.54 -4.83 -10.18
CA CA E . -8.93 9.10 -5.27
CA CA F . 4.17 -4.65 -5.43
CA CA G . -6.54 9.18 -1.07
N ASP A 1 -23.62 1.07 -6.63
CA ASP A 1 -24.84 1.53 -7.36
C ASP A 1 -25.10 0.64 -8.56
N PRO A 2 -26.33 0.64 -9.10
CA PRO A 2 -26.52 -0.22 -10.27
C PRO A 2 -25.77 0.25 -11.52
N SER A 3 -25.29 1.48 -11.50
CA SER A 3 -24.48 2.02 -12.59
C SER A 3 -23.06 1.45 -12.53
N ALA A 4 -22.46 1.50 -11.35
CA ALA A 4 -21.11 0.98 -11.10
C ALA A 4 -20.95 0.81 -9.59
N GLU A 5 -20.06 -0.09 -9.19
CA GLU A 5 -19.78 -0.35 -7.77
C GLU A 5 -18.27 -0.25 -7.54
N ALA A 6 -17.64 0.60 -8.34
CA ALA A 6 -16.19 0.84 -8.30
C ALA A 6 -15.40 -0.47 -8.46
N GLN A 7 -15.86 -1.32 -9.36
CA GLN A 7 -15.19 -2.59 -9.63
C GLN A 7 -13.88 -2.29 -10.35
N PRO A 8 -12.73 -2.69 -9.77
CA PRO A 8 -11.52 -2.29 -10.48
C PRO A 8 -11.38 -2.84 -11.89
N ILE A 9 -10.76 -2.05 -12.76
CA ILE A 9 -10.53 -2.46 -14.13
C ILE A 9 -9.28 -3.32 -14.13
N VAL A 10 -9.36 -4.46 -14.79
CA VAL A 10 -8.25 -5.39 -14.85
C VAL A 10 -7.33 -4.96 -15.99
N GLY A 11 -6.15 -4.58 -15.57
CA GLY A 11 -5.07 -4.20 -16.45
C GLY A 11 -4.33 -5.42 -16.95
N SER A 12 -3.01 -5.35 -16.96
CA SER A 12 -2.18 -6.45 -17.44
C SER A 12 -1.14 -6.84 -16.40
N ASP A 13 -0.49 -7.97 -16.61
CA ASP A 13 0.63 -8.38 -15.75
C ASP A 13 1.93 -7.78 -16.29
N LEU A 14 1.79 -7.00 -17.35
CA LEU A 14 2.87 -6.19 -17.88
C LEU A 14 2.99 -4.92 -17.02
N ASP A 15 4.00 -4.11 -17.28
CA ASP A 15 4.16 -2.80 -16.64
C ASP A 15 3.02 -1.92 -17.15
N ASP A 16 2.08 -1.58 -16.28
CA ASP A 16 0.93 -0.77 -16.67
C ASP A 16 1.25 0.67 -16.35
N GLN A 17 1.13 1.53 -17.34
CA GLN A 17 1.08 2.96 -17.09
C GLN A 17 -0.30 3.40 -17.55
N LEU A 18 -1.21 3.44 -16.59
CA LEU A 18 -2.62 3.71 -16.84
C LEU A 18 -3.09 4.69 -15.79
N HIS A 19 -4.12 5.45 -16.10
CA HIS A 19 -4.63 6.42 -15.15
C HIS A 19 -6.14 6.29 -14.95
N GLY A 20 -6.56 6.63 -13.75
CA GLY A 20 -7.94 6.57 -13.32
C GLY A 20 -8.55 7.93 -13.25
N THR A 21 -7.74 8.85 -12.78
CA THR A 21 -8.16 10.24 -12.54
C THR A 21 -9.51 10.29 -11.81
N LEU A 22 -10.32 11.28 -12.13
CA LEU A 22 -11.56 11.60 -11.39
C LEU A 22 -12.64 10.52 -11.35
N LEU A 23 -12.48 9.47 -12.15
CA LEU A 23 -13.42 8.36 -12.08
C LEU A 23 -13.38 7.78 -10.66
N GLY A 24 -14.55 7.46 -10.14
CA GLY A 24 -14.69 6.85 -8.82
C GLY A 24 -14.53 5.34 -8.93
N GLU A 25 -13.51 4.97 -9.69
CA GLU A 25 -13.17 3.58 -9.97
C GLU A 25 -11.65 3.61 -10.19
N GLU A 26 -10.99 2.47 -10.00
CA GLU A 26 -9.54 2.37 -10.14
C GLU A 26 -9.12 1.07 -10.82
N ILE A 27 -7.82 0.89 -10.97
CA ILE A 27 -7.26 -0.17 -11.82
C ILE A 27 -6.43 -1.15 -11.00
N SER A 28 -6.58 -2.43 -11.31
CA SER A 28 -5.81 -3.52 -10.71
C SER A 28 -4.96 -4.10 -11.83
N GLY A 29 -3.79 -4.62 -11.54
CA GLY A 29 -2.94 -5.16 -12.59
C GLY A 29 -1.71 -5.86 -12.05
N GLY A 30 -1.92 -7.04 -11.47
CA GLY A 30 -0.91 -7.74 -10.68
C GLY A 30 0.56 -7.56 -11.00
N GLY A 31 1.01 -8.18 -12.07
CA GLY A 31 2.40 -8.16 -12.43
C GLY A 31 2.91 -6.80 -12.86
N GLY A 32 4.17 -6.81 -13.23
CA GLY A 32 4.83 -5.61 -13.74
C GLY A 32 5.12 -4.51 -12.72
N ALA A 33 5.98 -3.60 -13.12
CA ALA A 33 6.37 -2.42 -12.34
C ALA A 33 5.44 -1.28 -12.74
N ASP A 34 4.26 -1.29 -12.14
CA ASP A 34 3.20 -0.41 -12.55
C ASP A 34 3.33 1.00 -12.05
N GLN A 35 2.76 1.90 -12.81
CA GLN A 35 2.60 3.30 -12.45
C GLN A 35 1.13 3.60 -12.69
N LEU A 36 0.36 3.68 -11.62
CA LEU A 36 -1.08 3.78 -11.71
C LEU A 36 -1.46 5.00 -10.92
N TYR A 37 -2.06 5.94 -11.61
CA TYR A 37 -2.45 7.21 -11.00
C TYR A 37 -3.95 7.18 -10.92
N GLY A 38 -4.52 7.62 -9.81
CA GLY A 38 -5.97 7.54 -9.64
C GLY A 38 -6.63 8.80 -9.12
N TYR A 39 -5.82 9.78 -8.74
CA TYR A 39 -6.27 11.09 -8.22
C TYR A 39 -7.72 11.21 -7.68
N GLY A 40 -8.65 11.68 -8.49
CA GLY A 40 -10.00 11.91 -7.99
C GLY A 40 -10.85 10.65 -7.81
N GLY A 41 -11.96 10.84 -7.10
CA GLY A 41 -12.92 9.78 -6.90
C GLY A 41 -12.47 8.85 -5.80
N GLY A 42 -13.39 8.02 -5.36
CA GLY A 42 -13.07 6.94 -4.45
C GLY A 42 -12.42 5.85 -5.29
N ASP A 43 -11.32 5.29 -4.82
CA ASP A 43 -10.52 4.37 -5.61
C ASP A 43 -10.28 3.07 -4.88
N LEU A 44 -10.03 2.02 -5.65
CA LEU A 44 -9.81 0.68 -5.10
C LEU A 44 -8.67 0.05 -5.87
N LEU A 45 -7.48 0.08 -5.29
CA LEU A 45 -6.27 -0.32 -6.01
C LEU A 45 -5.49 -1.44 -5.33
N ASP A 46 -5.07 -2.42 -6.13
CA ASP A 46 -4.19 -3.48 -5.69
C ASP A 46 -3.03 -3.53 -6.69
N GLY A 47 -1.82 -3.26 -6.22
CA GLY A 47 -0.68 -3.13 -7.13
C GLY A 47 0.00 -4.44 -7.54
N GLY A 48 -0.23 -5.51 -6.80
CA GLY A 48 0.37 -6.77 -7.07
C GLY A 48 1.87 -6.76 -6.95
N ALA A 49 2.37 -7.73 -7.66
CA ALA A 49 3.76 -8.06 -7.77
C ALA A 49 4.57 -6.92 -8.33
N GLY A 50 5.80 -6.89 -7.88
CA GLY A 50 6.79 -5.93 -8.36
C GLY A 50 6.93 -4.67 -7.52
N ARG A 51 7.72 -3.73 -8.04
CA ARG A 51 7.98 -2.44 -7.41
C ARG A 51 7.05 -1.49 -8.11
N ASP A 52 6.00 -1.11 -7.41
CA ASP A 52 4.90 -0.34 -7.99
C ASP A 52 4.80 1.09 -7.44
N ARG A 53 4.26 1.97 -8.28
CA ARG A 53 4.01 3.38 -7.96
C ARG A 53 2.51 3.59 -8.04
N LEU A 54 1.86 3.78 -6.90
CA LEU A 54 0.39 3.83 -6.85
C LEU A 54 -0.09 5.17 -6.30
N THR A 55 -0.61 6.05 -7.15
CA THR A 55 -1.06 7.37 -6.67
C THR A 55 -2.58 7.40 -6.55
N GLY A 56 -3.10 8.05 -5.51
CA GLY A 56 -4.54 8.01 -5.26
C GLY A 56 -5.22 9.33 -4.93
N GLY A 57 -4.45 10.39 -4.75
CA GLY A 57 -4.93 11.71 -4.41
C GLY A 57 -6.08 11.83 -3.45
N GLU A 58 -7.03 12.55 -3.98
CA GLU A 58 -8.25 12.97 -3.33
C GLU A 58 -9.09 11.77 -2.90
N GLY A 59 -9.75 11.92 -1.76
CA GLY A 59 -10.68 10.91 -1.27
C GLY A 59 -10.09 9.88 -0.33
N ALA A 60 -10.97 9.22 0.41
CA ALA A 60 -10.63 8.17 1.35
C ALA A 60 -10.60 6.83 0.60
N ASP A 61 -9.63 6.76 -0.29
CA ASP A 61 -9.45 5.59 -1.16
C ASP A 61 -9.04 4.41 -0.33
N THR A 62 -9.34 3.21 -0.81
CA THR A 62 -8.89 1.99 -0.13
C THR A 62 -7.88 1.29 -1.01
N PHE A 63 -6.62 1.41 -0.64
CA PHE A 63 -5.56 0.70 -1.34
C PHE A 63 -5.33 -0.53 -0.48
N ARG A 64 -5.47 -1.69 -1.09
CA ARG A 64 -5.58 -2.93 -0.33
C ARG A 64 -4.52 -3.92 -0.72
N PHE A 65 -4.05 -4.65 0.29
CA PHE A 65 -2.94 -5.56 0.13
C PHE A 65 -3.31 -6.99 0.44
N ALA A 66 -3.57 -7.73 -0.63
CA ALA A 66 -3.59 -9.19 -0.56
C ALA A 66 -2.23 -9.61 -1.12
N LEU A 67 -1.42 -8.60 -1.42
CA LEU A 67 -0.13 -8.77 -2.05
C LEU A 67 0.95 -9.00 -1.00
N ARG A 68 1.24 -10.27 -0.76
CA ARG A 68 2.17 -10.68 0.29
C ARG A 68 3.62 -10.70 -0.15
N GLU A 69 3.97 -11.68 -0.97
CA GLU A 69 5.32 -11.78 -1.54
C GLU A 69 5.48 -10.67 -2.56
N ASP A 70 4.34 -10.17 -2.99
CA ASP A 70 4.25 -9.09 -3.96
C ASP A 70 4.60 -7.74 -3.35
N SER A 71 4.74 -7.71 -2.03
CA SER A 71 5.14 -6.50 -1.29
C SER A 71 6.28 -6.82 -0.31
N GLN A 72 7.19 -7.70 -0.71
CA GLN A 72 8.28 -8.16 0.17
C GLN A 72 9.64 -7.49 -0.12
N ARG A 73 10.57 -7.62 0.81
CA ARG A 73 11.90 -7.04 0.67
C ARG A 73 13.00 -7.96 1.16
N SER A 74 14.20 -7.74 0.62
CA SER A 74 15.41 -8.42 1.05
C SER A 74 16.54 -7.45 0.75
N ALA A 75 17.72 -7.72 1.26
CA ALA A 75 18.90 -6.91 0.98
C ALA A 75 19.25 -7.06 -0.51
N ALA A 76 18.87 -8.18 -1.09
CA ALA A 76 19.11 -8.46 -2.50
C ALA A 76 18.14 -7.72 -3.41
N GLY A 77 17.18 -7.05 -2.78
CA GLY A 77 16.22 -6.25 -3.51
C GLY A 77 14.84 -6.23 -2.87
N THR A 78 14.11 -5.14 -3.09
CA THR A 78 12.77 -5.01 -2.53
C THR A 78 11.77 -4.86 -3.66
N PHE A 79 10.60 -5.44 -3.49
CA PHE A 79 9.51 -5.32 -4.45
C PHE A 79 8.35 -4.83 -3.61
N SER A 80 8.21 -3.51 -3.55
CA SER A 80 7.29 -2.88 -2.63
C SER A 80 6.33 -1.97 -3.37
N ASP A 81 5.41 -1.36 -2.64
CA ASP A 81 4.40 -0.52 -3.24
C ASP A 81 4.50 0.87 -2.63
N LEU A 82 4.92 1.82 -3.45
CA LEU A 82 5.07 3.20 -3.00
C LEU A 82 3.80 3.93 -3.36
N ILE A 83 2.99 4.19 -2.35
CA ILE A 83 1.73 4.86 -2.53
C ILE A 83 2.00 6.36 -2.50
N LEU A 84 1.65 7.06 -3.57
CA LEU A 84 1.86 8.50 -3.65
C LEU A 84 0.56 9.24 -3.39
N ASP A 85 0.70 10.51 -3.03
CA ASP A 85 -0.41 11.42 -2.67
C ASP A 85 -1.57 10.72 -1.96
N PHE A 86 -1.37 10.49 -0.68
CA PHE A 86 -2.27 9.65 0.09
C PHE A 86 -2.40 10.02 1.58
N ASP A 87 -2.46 11.30 1.89
CA ASP A 87 -2.58 11.73 3.29
C ASP A 87 -3.50 12.91 3.61
N PRO A 88 -4.83 12.71 3.52
CA PRO A 88 -5.76 13.67 4.13
C PRO A 88 -6.01 13.30 5.61
N THR A 89 -5.08 12.55 6.20
CA THR A 89 -5.19 11.93 7.54
C THR A 89 -6.35 10.94 7.69
N GLN A 90 -7.06 10.68 6.60
CA GLN A 90 -8.22 9.80 6.55
C GLN A 90 -8.21 9.06 5.21
N ASP A 91 -7.11 8.42 4.90
CA ASP A 91 -7.00 7.57 3.72
C ASP A 91 -6.99 6.14 4.24
N LYS A 92 -7.40 5.17 3.43
CA LYS A 92 -7.50 3.79 3.92
C LYS A 92 -6.47 2.86 3.31
N LEU A 93 -5.79 2.16 4.21
CA LEU A 93 -4.84 1.14 3.86
C LEU A 93 -5.37 -0.14 4.47
N ASP A 94 -5.42 -1.19 3.69
CA ASP A 94 -5.87 -2.50 4.18
C ASP A 94 -4.76 -3.53 4.00
N VAL A 95 -4.31 -4.10 5.12
CA VAL A 95 -3.28 -5.16 5.09
C VAL A 95 -3.81 -6.38 5.84
N SER A 96 -5.12 -6.41 6.09
CA SER A 96 -5.72 -7.51 6.85
C SER A 96 -5.68 -8.81 6.07
N ALA A 97 -5.63 -8.73 4.76
CA ALA A 97 -5.55 -9.92 3.92
C ALA A 97 -4.16 -10.59 4.03
N LEU A 98 -3.16 -9.87 4.55
CA LEU A 98 -1.85 -10.44 4.80
C LEU A 98 -1.79 -10.95 6.23
N GLY A 99 -2.83 -10.61 6.97
CA GLY A 99 -2.92 -10.88 8.40
C GLY A 99 -2.25 -9.77 9.19
N PHE A 100 -1.03 -9.47 8.76
CA PHE A 100 -0.14 -8.48 9.40
C PHE A 100 0.31 -8.99 10.78
N THR A 101 1.27 -8.32 11.38
CA THR A 101 1.84 -8.76 12.65
C THR A 101 1.78 -7.68 13.74
N GLY A 102 2.25 -6.48 13.42
CA GLY A 102 2.22 -5.39 14.36
C GLY A 102 3.14 -4.31 13.86
N LEU A 103 3.25 -3.20 14.57
CA LEU A 103 4.13 -2.09 14.16
C LEU A 103 5.07 -1.75 15.34
N GLY A 104 5.27 -2.75 16.19
CA GLY A 104 6.11 -2.62 17.37
C GLY A 104 7.61 -2.58 17.15
N ASN A 105 8.07 -1.53 16.47
CA ASN A 105 9.50 -1.22 16.27
C ASN A 105 10.33 -2.28 15.52
N GLY A 106 9.68 -3.11 14.73
CA GLY A 106 10.39 -3.95 13.78
C GLY A 106 10.99 -5.25 14.27
N TYR A 107 10.65 -5.67 15.48
CA TYR A 107 11.16 -6.92 16.05
C TYR A 107 9.99 -7.81 16.45
N ALA A 108 10.27 -9.07 16.76
CA ALA A 108 9.26 -10.09 17.08
C ALA A 108 8.27 -10.21 15.90
N GLY A 109 8.80 -10.12 14.69
CA GLY A 109 7.99 -10.23 13.49
C GLY A 109 7.22 -8.97 13.12
N THR A 110 7.20 -7.97 13.98
CA THR A 110 6.46 -6.74 13.71
C THR A 110 7.23 -5.86 12.73
N LEU A 111 6.59 -4.81 12.27
CA LEU A 111 7.21 -3.84 11.37
C LEU A 111 7.54 -2.60 12.20
N ALA A 112 8.26 -1.68 11.60
CA ALA A 112 8.57 -0.39 12.20
C ALA A 112 8.09 0.65 11.21
N VAL A 113 7.75 1.82 11.72
CA VAL A 113 7.32 2.93 10.88
C VAL A 113 8.38 4.02 11.04
N SER A 114 8.67 4.71 9.95
CA SER A 114 9.63 5.80 9.95
C SER A 114 9.08 6.84 8.99
N VAL A 115 9.34 8.11 9.25
CA VAL A 115 8.86 9.18 8.38
C VAL A 115 10.05 10.09 8.11
N SER A 116 10.24 10.42 6.84
CA SER A 116 11.30 11.31 6.41
C SER A 116 10.61 12.48 5.71
N ASP A 117 10.86 13.68 6.19
CA ASP A 117 10.19 14.87 5.66
C ASP A 117 10.80 15.29 4.34
N ASP A 118 12.08 15.01 4.19
CA ASP A 118 12.82 15.31 2.95
C ASP A 118 12.31 14.43 1.82
N GLY A 119 11.78 13.27 2.19
CA GLY A 119 11.21 12.36 1.22
C GLY A 119 9.70 12.50 1.18
N THR A 120 9.16 13.25 2.14
CA THR A 120 7.72 13.44 2.31
C THR A 120 6.98 12.09 2.38
N ARG A 121 7.65 11.10 2.93
CA ARG A 121 7.12 9.73 2.96
C ARG A 121 7.23 9.10 4.33
N THR A 122 6.37 8.13 4.56
CA THR A 122 6.33 7.35 5.77
C THR A 122 6.37 5.92 5.29
N TYR A 123 7.51 5.36 5.54
CA TYR A 123 7.87 4.00 5.13
C TYR A 123 7.55 3.03 6.26
N LEU A 124 7.08 1.84 5.93
CA LEU A 124 6.82 0.80 6.93
C LEU A 124 7.48 -0.48 6.43
N LYS A 125 8.32 -1.07 7.27
CA LYS A 125 9.02 -2.32 6.93
C LYS A 125 9.45 -3.03 8.19
N SER A 126 9.82 -4.30 8.09
CA SER A 126 10.38 -5.04 9.20
C SER A 126 11.78 -5.32 8.72
N TYR A 127 12.69 -5.44 9.67
CA TYR A 127 14.11 -5.65 9.37
C TYR A 127 14.79 -6.66 10.28
N GLU A 128 14.02 -7.34 11.13
CA GLU A 128 14.57 -8.35 12.04
C GLU A 128 15.11 -9.55 11.25
N THR A 129 14.47 -9.83 10.14
CA THR A 129 14.79 -10.95 9.29
C THR A 129 14.78 -10.41 7.87
N ASP A 130 15.76 -10.86 7.12
CA ASP A 130 15.97 -10.44 5.73
C ASP A 130 16.03 -11.64 4.79
N ALA A 131 17.11 -12.40 4.83
CA ALA A 131 17.20 -13.62 4.01
C ALA A 131 16.47 -14.73 4.77
N GLU A 132 16.49 -14.61 6.08
CA GLU A 132 15.95 -15.59 7.01
C GLU A 132 14.44 -15.51 7.06
N GLY A 133 13.91 -14.34 6.70
CA GLY A 133 12.49 -14.10 6.79
C GLY A 133 12.20 -12.82 6.06
N ARG A 134 12.14 -12.93 4.75
CA ARG A 134 11.97 -11.77 3.88
C ARG A 134 10.61 -11.13 4.16
N SER A 135 10.73 -9.91 4.64
CA SER A 135 9.71 -9.17 5.33
C SER A 135 8.99 -8.23 4.39
N PHE A 136 7.87 -7.72 4.83
CA PHE A 136 7.08 -6.78 4.02
C PHE A 136 7.68 -5.38 4.01
N GLU A 137 7.43 -4.64 2.93
CA GLU A 137 7.82 -3.24 2.82
C GLU A 137 6.74 -2.49 2.01
N VAL A 138 6.28 -1.37 2.56
CA VAL A 138 5.36 -0.47 1.85
C VAL A 138 5.80 0.96 2.14
N SER A 139 5.33 1.92 1.37
CA SER A 139 5.63 3.32 1.61
C SER A 139 4.42 4.14 1.25
N LEU A 140 4.20 5.24 1.96
CA LEU A 140 3.09 6.14 1.71
C LEU A 140 3.62 7.56 1.71
N GLN A 141 3.24 8.35 0.71
CA GLN A 141 3.64 9.76 0.67
C GLN A 141 2.70 10.54 1.58
N GLY A 142 3.26 11.07 2.65
CA GLY A 142 2.51 11.78 3.66
C GLY A 142 3.18 11.49 4.98
N ASN A 143 2.62 12.06 6.02
CA ASN A 143 3.15 11.96 7.37
C ASN A 143 2.09 11.31 8.26
N HIS A 144 1.30 10.41 7.67
CA HIS A 144 0.18 9.75 8.37
C HIS A 144 0.63 8.73 9.45
N ALA A 145 1.89 8.84 9.85
CA ALA A 145 2.41 8.13 11.01
C ALA A 145 1.79 8.81 12.24
N ALA A 146 1.52 10.10 12.10
CA ALA A 146 0.83 10.87 13.14
C ALA A 146 -0.66 10.52 13.11
N ALA A 147 -1.08 9.81 12.07
CA ALA A 147 -2.47 9.39 11.91
C ALA A 147 -2.56 7.86 11.86
N LEU A 148 -1.80 7.20 12.73
CA LEU A 148 -1.84 5.74 12.81
C LEU A 148 -3.06 5.37 13.66
N SER A 149 -4.03 4.73 13.02
CA SER A 149 -5.28 4.39 13.69
C SER A 149 -5.92 3.22 12.96
N ALA A 150 -6.91 2.60 13.57
CA ALA A 150 -7.62 1.49 12.96
C ALA A 150 -8.45 1.97 11.75
N ASP A 151 -8.93 3.20 11.82
CA ASP A 151 -9.70 3.77 10.71
C ASP A 151 -8.80 4.04 9.52
N ASN A 152 -7.54 4.39 9.77
CA ASN A 152 -6.57 4.55 8.67
C ASN A 152 -6.05 3.20 8.15
N ILE A 153 -5.77 2.26 9.05
CA ILE A 153 -5.19 0.97 8.65
C ILE A 153 -5.97 -0.22 9.20
N LEU A 154 -6.44 -1.07 8.31
CA LEU A 154 -7.13 -2.31 8.71
C LEU A 154 -6.11 -3.44 8.72
N PHE A 155 -6.10 -4.22 9.80
CA PHE A 155 -5.17 -5.32 9.98
C PHE A 155 -5.94 -6.43 10.69
N ALA A 156 -5.39 -7.63 10.76
CA ALA A 156 -6.08 -8.77 11.38
C ALA A 156 -5.14 -9.56 12.29
N THR A 157 -4.18 -8.88 12.88
CA THR A 157 -3.25 -9.50 13.81
C THR A 157 -3.96 -9.59 15.17
N PRO A 158 -3.67 -10.64 15.98
CA PRO A 158 -4.35 -10.77 17.27
C PRO A 158 -3.87 -9.82 18.36
N VAL A 159 -2.92 -8.95 18.02
CA VAL A 159 -2.41 -7.96 18.95
C VAL A 159 -2.52 -6.62 18.20
N PRO A 160 -2.85 -5.50 18.88
CA PRO A 160 -2.90 -4.28 18.07
C PRO A 160 -1.52 -3.92 17.53
N VAL A 161 -1.51 -3.17 16.44
CA VAL A 161 -0.26 -2.79 15.79
C VAL A 161 0.55 -1.85 16.68
CA CA B . 0.54 -4.58 -14.21
CA CA C . -9.88 7.40 -9.51
CA CA D . 2.48 -4.67 -10.23
CA CA E . -8.88 8.97 -5.20
CA CA F . 4.14 -4.47 -5.26
CA CA G . -6.53 9.24 -1.08
N ASP A 1 -23.59 0.02 -6.96
CA ASP A 1 -24.81 0.42 -7.70
C ASP A 1 -24.90 -0.31 -9.03
N PRO A 2 -26.11 -0.40 -9.63
CA PRO A 2 -26.15 -1.12 -10.93
C PRO A 2 -25.43 -0.37 -12.06
N SER A 3 -25.10 0.89 -11.85
CA SER A 3 -24.31 1.66 -12.81
C SER A 3 -22.86 1.21 -12.76
N ALA A 4 -22.28 1.23 -11.57
CA ALA A 4 -20.91 0.79 -11.33
C ALA A 4 -20.76 0.53 -9.83
N GLU A 5 -19.78 -0.29 -9.46
CA GLU A 5 -19.51 -0.61 -8.05
C GLU A 5 -18.02 -0.39 -7.78
N ALA A 6 -17.42 0.49 -8.59
CA ALA A 6 -16.00 0.82 -8.53
C ALA A 6 -15.11 -0.42 -8.71
N GLN A 7 -15.58 -1.35 -9.53
CA GLN A 7 -14.85 -2.60 -9.77
C GLN A 7 -13.53 -2.25 -10.44
N PRO A 8 -12.39 -2.71 -9.89
CA PRO A 8 -11.17 -2.30 -10.57
C PRO A 8 -11.06 -2.80 -12.00
N ILE A 9 -10.48 -1.99 -12.87
CA ILE A 9 -10.26 -2.39 -14.25
C ILE A 9 -9.00 -3.22 -14.23
N VAL A 10 -9.05 -4.39 -14.84
CA VAL A 10 -7.93 -5.30 -14.84
C VAL A 10 -7.04 -4.96 -16.03
N GLY A 11 -5.85 -4.51 -15.66
CA GLY A 11 -4.80 -4.18 -16.59
C GLY A 11 -4.06 -5.43 -17.04
N SER A 12 -2.75 -5.33 -17.10
CA SER A 12 -1.91 -6.44 -17.56
C SER A 12 -0.89 -6.84 -16.50
N ASP A 13 -0.21 -7.94 -16.72
CA ASP A 13 0.90 -8.33 -15.85
C ASP A 13 2.18 -7.70 -16.36
N LEU A 14 2.04 -6.90 -17.42
CA LEU A 14 3.12 -6.06 -17.91
C LEU A 14 3.16 -4.79 -17.05
N ASP A 15 4.14 -3.93 -17.32
CA ASP A 15 4.25 -2.63 -16.68
C ASP A 15 3.09 -1.77 -17.22
N ASP A 16 2.13 -1.45 -16.38
CA ASP A 16 0.97 -0.66 -16.78
C ASP A 16 1.25 0.77 -16.44
N GLN A 17 1.11 1.64 -17.41
CA GLN A 17 1.04 3.08 -17.14
C GLN A 17 -0.34 3.51 -17.59
N LEU A 18 -1.26 3.55 -16.64
CA LEU A 18 -2.67 3.81 -16.90
C LEU A 18 -3.14 4.79 -15.84
N HIS A 19 -4.17 5.56 -16.15
CA HIS A 19 -4.67 6.54 -15.21
C HIS A 19 -6.18 6.43 -14.99
N GLY A 20 -6.57 6.76 -13.77
CA GLY A 20 -7.94 6.71 -13.32
C GLY A 20 -8.52 8.09 -13.21
N THR A 21 -7.69 8.97 -12.67
CA THR A 21 -8.08 10.35 -12.38
C THR A 21 -9.44 10.41 -11.69
N LEU A 22 -10.24 11.42 -12.00
CA LEU A 22 -11.50 11.74 -11.30
C LEU A 22 -12.59 10.66 -11.32
N LEU A 23 -12.42 9.63 -12.14
CA LEU A 23 -13.36 8.52 -12.13
C LEU A 23 -13.35 7.90 -10.73
N GLY A 24 -14.55 7.57 -10.23
CA GLY A 24 -14.71 6.92 -8.95
C GLY A 24 -14.55 5.43 -9.08
N GLU A 25 -13.50 5.06 -9.80
CA GLU A 25 -13.16 3.68 -10.09
C GLU A 25 -11.63 3.71 -10.24
N GLU A 26 -10.98 2.56 -10.09
CA GLU A 26 -9.53 2.46 -10.18
C GLU A 26 -9.07 1.20 -10.90
N ILE A 27 -7.77 1.02 -11.03
CA ILE A 27 -7.17 0.01 -11.89
C ILE A 27 -6.29 -0.95 -11.08
N SER A 28 -6.36 -2.22 -11.42
CA SER A 28 -5.55 -3.29 -10.83
C SER A 28 -4.71 -3.87 -11.97
N GLY A 29 -3.62 -4.54 -11.67
CA GLY A 29 -2.79 -5.11 -12.73
C GLY A 29 -1.57 -5.83 -12.21
N GLY A 30 -1.76 -7.06 -11.73
CA GLY A 30 -0.78 -7.79 -10.95
C GLY A 30 0.70 -7.54 -11.19
N GLY A 31 1.22 -8.16 -12.22
CA GLY A 31 2.63 -8.09 -12.51
C GLY A 31 3.09 -6.72 -12.94
N GLY A 32 4.35 -6.68 -13.29
CA GLY A 32 4.98 -5.45 -13.78
C GLY A 32 5.20 -4.35 -12.75
N ALA A 33 6.04 -3.40 -13.14
CA ALA A 33 6.39 -2.23 -12.35
C ALA A 33 5.45 -1.10 -12.78
N ASP A 34 4.26 -1.13 -12.21
CA ASP A 34 3.19 -0.26 -12.64
C ASP A 34 3.29 1.15 -12.11
N GLN A 35 2.73 2.04 -12.89
CA GLN A 35 2.56 3.44 -12.50
C GLN A 35 1.09 3.74 -12.74
N LEU A 36 0.31 3.80 -11.67
CA LEU A 36 -1.12 3.88 -11.78
C LEU A 36 -1.50 5.11 -11.01
N TYR A 37 -2.08 6.04 -11.73
CA TYR A 37 -2.45 7.31 -11.12
C TYR A 37 -3.95 7.27 -10.99
N GLY A 38 -4.49 7.70 -9.85
CA GLY A 38 -5.94 7.59 -9.65
C GLY A 38 -6.59 8.81 -9.05
N TYR A 39 -5.79 9.75 -8.57
CA TYR A 39 -6.23 11.02 -7.98
C TYR A 39 -7.69 11.15 -7.49
N GLY A 40 -8.59 11.68 -8.30
CA GLY A 40 -9.96 11.91 -7.84
C GLY A 40 -10.84 10.67 -7.73
N GLY A 41 -11.96 10.85 -7.05
CA GLY A 41 -12.95 9.81 -6.90
C GLY A 41 -12.54 8.84 -5.82
N GLY A 42 -13.48 8.02 -5.43
CA GLY A 42 -13.21 6.91 -4.54
C GLY A 42 -12.55 5.81 -5.35
N ASP A 43 -11.45 5.27 -4.87
CA ASP A 43 -10.61 4.37 -5.65
C ASP A 43 -10.36 3.08 -4.92
N LEU A 44 -10.08 2.03 -5.68
CA LEU A 44 -9.83 0.70 -5.11
C LEU A 44 -8.68 0.09 -5.89
N LEU A 45 -7.50 0.12 -5.30
CA LEU A 45 -6.28 -0.25 -6.02
C LEU A 45 -5.50 -1.37 -5.35
N ASP A 46 -5.13 -2.36 -6.16
CA ASP A 46 -4.22 -3.44 -5.74
C ASP A 46 -3.08 -3.42 -6.76
N GLY A 47 -1.87 -3.09 -6.33
CA GLY A 47 -0.77 -2.93 -7.27
C GLY A 47 -0.11 -4.21 -7.74
N GLY A 48 -0.32 -5.33 -7.06
CA GLY A 48 0.24 -6.57 -7.45
C GLY A 48 1.72 -6.59 -7.22
N ALA A 49 2.25 -7.66 -7.74
CA ALA A 49 3.66 -7.98 -7.74
C ALA A 49 4.48 -6.86 -8.35
N GLY A 50 5.66 -6.71 -7.79
CA GLY A 50 6.66 -5.76 -8.27
C GLY A 50 6.82 -4.49 -7.45
N ARG A 51 7.64 -3.59 -7.96
CA ARG A 51 7.92 -2.30 -7.35
C ARG A 51 7.02 -1.35 -8.11
N ASP A 52 5.97 -0.91 -7.44
CA ASP A 52 4.90 -0.15 -8.09
C ASP A 52 4.75 1.27 -7.53
N ARG A 53 4.19 2.15 -8.36
CA ARG A 53 3.93 3.55 -8.03
C ARG A 53 2.41 3.75 -8.11
N LEU A 54 1.76 3.93 -6.98
CA LEU A 54 0.29 3.96 -6.93
C LEU A 54 -0.25 5.28 -6.38
N THR A 55 -0.73 6.17 -7.22
CA THR A 55 -1.24 7.47 -6.72
C THR A 55 -2.75 7.45 -6.54
N GLY A 56 -3.26 8.15 -5.53
CA GLY A 56 -4.70 8.11 -5.23
C GLY A 56 -5.36 9.38 -4.75
N GLY A 57 -4.61 10.46 -4.65
CA GLY A 57 -5.08 11.75 -4.19
C GLY A 57 -6.26 11.86 -3.28
N GLU A 58 -7.19 12.63 -3.80
CA GLU A 58 -8.44 13.01 -3.17
C GLU A 58 -9.26 11.78 -2.76
N GLY A 59 -9.94 11.90 -1.63
CA GLY A 59 -10.85 10.87 -1.16
C GLY A 59 -10.25 9.84 -0.23
N ALA A 60 -11.13 9.18 0.51
CA ALA A 60 -10.77 8.13 1.47
C ALA A 60 -10.77 6.79 0.73
N ASP A 61 -9.84 6.68 -0.19
CA ASP A 61 -9.70 5.50 -1.02
C ASP A 61 -9.24 4.34 -0.19
N THR A 62 -9.53 3.12 -0.62
CA THR A 62 -9.04 1.94 0.07
C THR A 62 -8.07 1.20 -0.82
N PHE A 63 -6.79 1.46 -0.62
CA PHE A 63 -5.74 0.75 -1.33
C PHE A 63 -5.52 -0.47 -0.46
N ARG A 64 -5.52 -1.65 -1.06
CA ARG A 64 -5.61 -2.89 -0.27
C ARG A 64 -4.57 -3.90 -0.63
N PHE A 65 -4.12 -4.61 0.40
CA PHE A 65 -2.98 -5.49 0.29
C PHE A 65 -3.28 -6.91 0.74
N ALA A 66 -3.40 -7.79 -0.23
CA ALA A 66 -3.25 -9.23 -0.03
C ALA A 66 -1.85 -9.51 -0.57
N LEU A 67 -1.13 -8.41 -0.76
CA LEU A 67 0.11 -8.38 -1.49
C LEU A 67 1.33 -8.67 -0.62
N ARG A 68 1.45 -9.90 -0.16
CA ARG A 68 2.56 -10.26 0.73
C ARG A 68 3.84 -10.42 -0.06
N GLU A 69 3.91 -11.44 -0.90
CA GLU A 69 5.07 -11.66 -1.77
C GLU A 69 5.09 -10.59 -2.84
N ASP A 70 3.92 -10.04 -3.12
CA ASP A 70 3.74 -9.02 -4.15
C ASP A 70 4.27 -7.66 -3.68
N SER A 71 4.60 -7.57 -2.41
CA SER A 71 5.20 -6.36 -1.84
C SER A 71 6.28 -6.74 -0.84
N GLN A 72 7.17 -7.65 -1.21
CA GLN A 72 8.18 -8.17 -0.27
C GLN A 72 9.57 -7.57 -0.46
N ARG A 73 10.41 -7.70 0.56
CA ARG A 73 11.74 -7.11 0.56
C ARG A 73 12.84 -8.04 1.06
N SER A 74 14.05 -7.78 0.61
CA SER A 74 15.25 -8.45 1.07
C SER A 74 16.37 -7.44 0.93
N ALA A 75 17.54 -7.73 1.51
CA ALA A 75 18.69 -6.87 1.35
C ALA A 75 19.16 -6.91 -0.10
N ALA A 76 18.85 -8.01 -0.77
CA ALA A 76 19.20 -8.18 -2.18
C ALA A 76 18.27 -7.40 -3.10
N GLY A 77 17.26 -6.80 -2.51
CA GLY A 77 16.34 -5.95 -3.24
C GLY A 77 14.93 -5.98 -2.71
N THR A 78 14.21 -4.88 -2.88
CA THR A 78 12.83 -4.78 -2.42
C THR A 78 11.91 -4.55 -3.59
N PHE A 79 10.74 -5.16 -3.57
CA PHE A 79 9.73 -4.95 -4.59
C PHE A 79 8.49 -4.55 -3.82
N SER A 80 8.29 -3.26 -3.63
CA SER A 80 7.26 -2.75 -2.75
C SER A 80 6.36 -1.74 -3.44
N ASP A 81 5.19 -1.50 -2.86
CA ASP A 81 4.22 -0.57 -3.43
C ASP A 81 4.37 0.78 -2.75
N LEU A 82 4.77 1.79 -3.53
CA LEU A 82 4.90 3.15 -3.03
C LEU A 82 3.64 3.91 -3.40
N ILE A 83 2.80 4.14 -2.41
CA ILE A 83 1.55 4.85 -2.62
C ILE A 83 1.85 6.33 -2.57
N LEU A 84 1.49 7.06 -3.62
CA LEU A 84 1.70 8.50 -3.67
C LEU A 84 0.42 9.24 -3.37
N ASP A 85 0.56 10.51 -2.97
CA ASP A 85 -0.54 11.40 -2.58
C ASP A 85 -1.70 10.70 -1.88
N PHE A 86 -1.50 10.46 -0.61
CA PHE A 86 -2.43 9.62 0.15
C PHE A 86 -2.54 9.97 1.64
N ASP A 87 -2.55 11.26 1.96
CA ASP A 87 -2.65 11.66 3.38
C ASP A 87 -3.52 12.88 3.71
N PRO A 88 -4.85 12.74 3.63
CA PRO A 88 -5.73 13.73 4.25
C PRO A 88 -5.99 13.35 5.72
N THR A 89 -5.09 12.55 6.30
CA THR A 89 -5.23 11.91 7.64
C THR A 89 -6.44 10.99 7.78
N GLN A 90 -7.16 10.78 6.69
CA GLN A 90 -8.38 9.95 6.67
C GLN A 90 -8.40 9.05 5.43
N ASP A 91 -7.23 8.66 4.95
CA ASP A 91 -7.16 7.72 3.82
C ASP A 91 -7.19 6.32 4.39
N LYS A 92 -7.60 5.34 3.60
CA LYS A 92 -7.70 3.97 4.10
C LYS A 92 -6.67 3.05 3.46
N LEU A 93 -5.98 2.32 4.32
CA LEU A 93 -5.03 1.32 3.92
C LEU A 93 -5.50 0.01 4.54
N ASP A 94 -5.60 -1.02 3.72
CA ASP A 94 -5.98 -2.34 4.21
C ASP A 94 -4.82 -3.31 4.07
N VAL A 95 -4.36 -3.85 5.19
CA VAL A 95 -3.30 -4.85 5.21
C VAL A 95 -3.77 -6.07 6.00
N SER A 96 -5.07 -6.17 6.22
CA SER A 96 -5.62 -7.29 6.99
C SER A 96 -5.47 -8.60 6.24
N ALA A 97 -5.40 -8.53 4.92
CA ALA A 97 -5.21 -9.72 4.10
C ALA A 97 -3.73 -10.19 4.10
N LEU A 98 -2.84 -9.38 4.66
CA LEU A 98 -1.45 -9.81 4.90
C LEU A 98 -1.39 -10.46 6.27
N GLY A 99 -2.46 -10.25 7.02
CA GLY A 99 -2.55 -10.65 8.41
C GLY A 99 -1.96 -9.56 9.29
N PHE A 100 -0.73 -9.19 8.92
CA PHE A 100 0.09 -8.20 9.63
C PHE A 100 0.55 -8.80 10.97
N THR A 101 1.62 -8.25 11.54
CA THR A 101 2.22 -8.82 12.75
C THR A 101 2.23 -7.87 13.95
N GLY A 102 2.08 -6.59 13.69
CA GLY A 102 1.98 -5.58 14.74
C GLY A 102 3.00 -4.50 14.51
N LEU A 103 3.08 -3.53 15.42
CA LEU A 103 4.11 -2.51 15.36
C LEU A 103 4.92 -2.62 16.64
N GLY A 104 6.23 -2.69 16.51
CA GLY A 104 7.09 -2.90 17.66
C GLY A 104 8.55 -2.71 17.28
N ASN A 105 8.79 -1.65 16.53
CA ASN A 105 10.13 -1.27 16.08
C ASN A 105 10.86 -2.34 15.27
N GLY A 106 10.09 -3.20 14.59
CA GLY A 106 10.67 -4.11 13.62
C GLY A 106 11.25 -5.41 14.13
N TYR A 107 11.01 -5.73 15.39
CA TYR A 107 11.49 -6.98 15.99
C TYR A 107 10.33 -7.74 16.63
N ALA A 108 10.57 -8.98 17.04
CA ALA A 108 9.53 -9.89 17.53
C ALA A 108 8.46 -10.08 16.45
N GLY A 109 8.90 -10.12 15.20
CA GLY A 109 8.00 -10.30 14.06
C GLY A 109 7.28 -9.03 13.61
N THR A 110 7.15 -8.06 14.50
CA THR A 110 6.41 -6.82 14.21
C THR A 110 7.13 -5.96 13.18
N LEU A 111 6.48 -4.89 12.77
CA LEU A 111 7.04 -3.95 11.81
C LEU A 111 7.49 -2.67 12.53
N ALA A 112 8.21 -1.84 11.79
CA ALA A 112 8.65 -0.53 12.23
C ALA A 112 8.08 0.44 11.23
N VAL A 113 7.85 1.66 11.68
CA VAL A 113 7.39 2.74 10.81
C VAL A 113 8.44 3.83 10.91
N SER A 114 8.69 4.53 9.82
CA SER A 114 9.62 5.63 9.81
C SER A 114 9.06 6.65 8.84
N VAL A 115 9.46 7.90 8.97
CA VAL A 115 8.98 8.94 8.07
C VAL A 115 10.19 9.78 7.69
N SER A 116 10.31 10.08 6.41
CA SER A 116 11.39 10.94 5.92
C SER A 116 10.68 12.11 5.25
N ASP A 117 10.96 13.32 5.70
CA ASP A 117 10.25 14.51 5.20
C ASP A 117 10.79 14.97 3.86
N ASP A 118 12.06 14.67 3.60
CA ASP A 118 12.68 14.98 2.32
C ASP A 118 12.07 14.12 1.22
N GLY A 119 11.56 12.97 1.61
CA GLY A 119 10.88 12.08 0.69
C GLY A 119 9.38 12.23 0.82
N THR A 120 8.95 12.97 1.83
CA THR A 120 7.53 13.16 2.17
C THR A 120 6.80 11.82 2.28
N ARG A 121 7.51 10.80 2.74
CA ARG A 121 6.99 9.43 2.78
C ARG A 121 7.16 8.79 4.14
N THR A 122 6.31 7.82 4.41
CA THR A 122 6.30 7.07 5.63
C THR A 122 6.26 5.63 5.16
N TYR A 123 7.35 5.00 5.47
CA TYR A 123 7.65 3.62 5.09
C TYR A 123 7.35 2.68 6.24
N LEU A 124 6.90 1.46 5.93
CA LEU A 124 6.66 0.43 6.95
C LEU A 124 7.26 -0.87 6.48
N LYS A 125 8.10 -1.47 7.31
CA LYS A 125 8.75 -2.76 7.01
C LYS A 125 9.19 -3.44 8.29
N SER A 126 9.62 -4.69 8.22
CA SER A 126 10.18 -5.41 9.35
C SER A 126 11.54 -5.85 8.83
N TYR A 127 12.50 -5.91 9.73
CA TYR A 127 13.89 -6.20 9.35
C TYR A 127 14.62 -7.16 10.29
N GLU A 128 13.89 -7.77 11.22
CA GLU A 128 14.48 -8.76 12.13
C GLU A 128 14.96 -9.99 11.34
N THR A 129 14.28 -10.25 10.24
CA THR A 129 14.57 -11.35 9.36
C THR A 129 14.57 -10.73 7.97
N ASP A 130 15.53 -11.16 7.19
CA ASP A 130 15.73 -10.65 5.83
C ASP A 130 15.63 -11.75 4.78
N ALA A 131 16.55 -12.70 4.79
CA ALA A 131 16.49 -13.83 3.87
C ALA A 131 15.72 -14.96 4.54
N GLU A 132 15.86 -15.01 5.86
CA GLU A 132 15.32 -16.07 6.70
C GLU A 132 13.81 -15.94 6.81
N GLY A 133 13.35 -14.71 6.71
CA GLY A 133 11.94 -14.40 6.84
C GLY A 133 11.66 -13.12 6.10
N ARG A 134 11.73 -13.20 4.78
CA ARG A 134 11.56 -12.01 3.94
C ARG A 134 10.15 -11.46 4.10
N SER A 135 10.13 -10.24 4.59
CA SER A 135 8.94 -9.57 5.07
C SER A 135 8.40 -8.65 4.00
N PHE A 136 7.17 -8.22 4.20
CA PHE A 136 6.56 -7.27 3.29
C PHE A 136 6.96 -5.83 3.67
N GLU A 137 6.94 -4.95 2.68
CA GLU A 137 7.35 -3.56 2.82
C GLU A 137 6.37 -2.72 2.01
N VAL A 138 5.91 -1.62 2.59
CA VAL A 138 5.01 -0.70 1.89
C VAL A 138 5.47 0.73 2.17
N SER A 139 5.00 1.67 1.36
CA SER A 139 5.33 3.09 1.57
C SER A 139 4.12 3.93 1.20
N LEU A 140 3.96 5.04 1.90
CA LEU A 140 2.84 5.96 1.67
C LEU A 140 3.40 7.37 1.69
N GLN A 141 3.00 8.20 0.73
CA GLN A 141 3.41 9.60 0.72
C GLN A 141 2.51 10.37 1.67
N GLY A 142 3.10 10.83 2.76
CA GLY A 142 2.40 11.50 3.81
C GLY A 142 3.12 11.20 5.10
N ASN A 143 2.61 11.77 6.18
CA ASN A 143 3.18 11.63 7.51
C ASN A 143 2.15 10.98 8.42
N HIS A 144 1.28 10.17 7.83
CA HIS A 144 0.15 9.54 8.54
C HIS A 144 0.55 8.45 9.55
N ALA A 145 1.83 8.43 9.91
CA ALA A 145 2.33 7.62 11.00
C ALA A 145 1.84 8.29 12.29
N ALA A 146 1.68 9.60 12.23
CA ALA A 146 1.11 10.36 13.33
C ALA A 146 -0.40 10.12 13.37
N ALA A 147 -0.92 9.48 12.34
CA ALA A 147 -2.33 9.12 12.24
C ALA A 147 -2.49 7.60 12.18
N LEU A 148 -1.66 6.89 12.95
CA LEU A 148 -1.75 5.44 13.04
C LEU A 148 -2.99 5.12 13.87
N SER A 149 -3.98 4.51 13.24
CA SER A 149 -5.24 4.22 13.90
C SER A 149 -5.94 3.10 13.16
N ALA A 150 -6.94 2.50 13.78
CA ALA A 150 -7.71 1.43 13.16
C ALA A 150 -8.57 1.97 12.01
N ASP A 151 -8.96 3.24 12.11
CA ASP A 151 -9.75 3.87 11.05
C ASP A 151 -8.88 4.17 9.83
N ASN A 152 -7.61 4.51 10.04
CA ASN A 152 -6.69 4.71 8.91
C ASN A 152 -6.20 3.38 8.33
N ILE A 153 -5.93 2.40 9.18
CA ILE A 153 -5.38 1.12 8.72
C ILE A 153 -6.18 -0.07 9.24
N LEU A 154 -6.63 -0.92 8.33
CA LEU A 154 -7.31 -2.16 8.70
C LEU A 154 -6.25 -3.26 8.74
N PHE A 155 -6.21 -4.02 9.82
CA PHE A 155 -5.21 -5.05 10.04
C PHE A 155 -5.87 -6.19 10.79
N ALA A 156 -5.19 -7.34 10.91
CA ALA A 156 -5.74 -8.50 11.62
C ALA A 156 -4.69 -9.12 12.53
N THR A 157 -3.78 -8.29 13.01
CA THR A 157 -2.70 -8.74 13.89
C THR A 157 -3.24 -8.85 15.32
N PRO A 158 -2.73 -9.82 16.12
CA PRO A 158 -3.23 -9.95 17.50
C PRO A 158 -2.73 -8.89 18.47
N VAL A 159 -1.83 -8.03 18.01
CA VAL A 159 -1.28 -6.94 18.82
C VAL A 159 -1.45 -5.68 17.94
N PRO A 160 -1.81 -4.52 18.54
CA PRO A 160 -2.10 -3.38 17.66
C PRO A 160 -0.90 -2.78 16.92
N VAL A 161 -1.19 -1.74 16.14
CA VAL A 161 -0.19 -1.02 15.37
C VAL A 161 -0.25 0.45 15.78
CA CA B . 0.66 -4.51 -14.29
CA CA C . -9.88 7.45 -9.49
CA CA D . 2.50 -4.57 -10.33
CA CA E . -8.98 8.93 -5.01
CA CA F . 3.91 -4.36 -5.42
CA CA G . -6.71 9.16 -1.03
N ASP A 1 -23.55 1.16 -6.39
CA ASP A 1 -24.77 1.63 -7.10
C ASP A 1 -25.01 0.80 -8.35
N PRO A 2 -26.25 0.79 -8.89
CA PRO A 2 -26.42 -0.02 -10.10
C PRO A 2 -25.69 0.52 -11.32
N SER A 3 -25.24 1.77 -11.26
CA SER A 3 -24.45 2.37 -12.32
C SER A 3 -23.02 1.82 -12.29
N ALA A 4 -22.42 1.84 -11.11
CA ALA A 4 -21.06 1.33 -10.90
C ALA A 4 -20.86 1.11 -9.39
N GLU A 5 -19.94 0.23 -9.04
CA GLU A 5 -19.63 -0.07 -7.64
C GLU A 5 -18.11 0.03 -7.44
N ALA A 6 -17.50 0.92 -8.23
CA ALA A 6 -16.04 1.17 -8.22
C ALA A 6 -15.21 -0.10 -8.43
N GLN A 7 -15.74 -1.04 -9.21
CA GLN A 7 -15.06 -2.30 -9.46
C GLN A 7 -13.75 -2.01 -10.19
N PRO A 8 -12.63 -2.58 -9.71
CA PRO A 8 -11.42 -2.22 -10.45
C PRO A 8 -11.34 -2.72 -11.89
N ILE A 9 -10.64 -1.98 -12.72
CA ILE A 9 -10.40 -2.38 -14.11
C ILE A 9 -9.22 -3.35 -14.07
N VAL A 10 -9.34 -4.49 -14.73
CA VAL A 10 -8.29 -5.47 -14.76
C VAL A 10 -7.35 -5.10 -15.91
N GLY A 11 -6.16 -4.69 -15.50
CA GLY A 11 -5.09 -4.33 -16.41
C GLY A 11 -4.33 -5.54 -16.88
N SER A 12 -3.01 -5.41 -16.92
CA SER A 12 -2.15 -6.49 -17.41
C SER A 12 -1.09 -6.85 -16.39
N ASP A 13 -0.37 -7.94 -16.62
CA ASP A 13 0.77 -8.31 -15.78
C ASP A 13 2.03 -7.65 -16.32
N LEU A 14 1.85 -6.85 -17.36
CA LEU A 14 2.91 -6.01 -17.89
C LEU A 14 3.04 -4.76 -17.00
N ASP A 15 4.05 -3.95 -17.26
CA ASP A 15 4.24 -2.65 -16.60
C ASP A 15 3.13 -1.72 -17.11
N ASP A 16 2.10 -1.54 -16.30
CA ASP A 16 0.96 -0.72 -16.69
C ASP A 16 1.25 0.72 -16.34
N GLN A 17 1.25 1.58 -17.34
CA GLN A 17 1.22 3.01 -17.09
C GLN A 17 -0.16 3.46 -17.57
N LEU A 18 -1.08 3.53 -16.62
CA LEU A 18 -2.50 3.79 -16.90
C LEU A 18 -2.99 4.77 -15.85
N HIS A 19 -4.02 5.53 -16.17
CA HIS A 19 -4.56 6.49 -15.21
C HIS A 19 -6.07 6.33 -15.02
N GLY A 20 -6.48 6.65 -13.80
CA GLY A 20 -7.86 6.55 -13.36
C GLY A 20 -8.49 7.92 -13.27
N THR A 21 -7.68 8.86 -12.78
CA THR A 21 -8.10 10.24 -12.56
C THR A 21 -9.46 10.32 -11.83
N LEU A 22 -10.23 11.36 -12.12
CA LEU A 22 -11.45 11.69 -11.38
C LEU A 22 -12.56 10.65 -11.34
N LEU A 23 -12.47 9.63 -12.17
CA LEU A 23 -13.46 8.56 -12.15
C LEU A 23 -13.44 7.88 -10.78
N GLY A 24 -14.62 7.53 -10.27
CA GLY A 24 -14.73 6.77 -9.03
C GLY A 24 -14.54 5.30 -9.35
N GLU A 25 -13.42 5.05 -10.00
CA GLU A 25 -13.04 3.75 -10.52
C GLU A 25 -11.50 3.75 -10.52
N GLU A 26 -10.94 2.57 -10.24
CA GLU A 26 -9.51 2.37 -10.09
C GLU A 26 -9.01 1.05 -10.68
N ILE A 27 -7.75 0.97 -11.03
CA ILE A 27 -7.21 -0.05 -11.92
C ILE A 27 -6.32 -1.01 -11.13
N SER A 28 -6.45 -2.30 -11.39
CA SER A 28 -5.67 -3.35 -10.78
C SER A 28 -4.82 -3.96 -11.89
N GLY A 29 -3.69 -4.56 -11.57
CA GLY A 29 -2.86 -5.15 -12.61
C GLY A 29 -1.64 -5.86 -12.06
N GLY A 30 -1.85 -7.07 -11.54
CA GLY A 30 -0.84 -7.78 -10.76
C GLY A 30 0.63 -7.57 -11.05
N GLY A 31 1.10 -8.18 -12.12
CA GLY A 31 2.51 -8.14 -12.44
C GLY A 31 2.98 -6.78 -12.89
N GLY A 32 4.25 -6.75 -13.24
CA GLY A 32 4.89 -5.54 -13.73
C GLY A 32 5.15 -4.46 -12.71
N ALA A 33 6.02 -3.52 -13.08
CA ALA A 33 6.39 -2.36 -12.29
C ALA A 33 5.46 -1.22 -12.70
N ASP A 34 4.26 -1.25 -12.14
CA ASP A 34 3.20 -0.37 -12.57
C ASP A 34 3.33 1.04 -12.06
N GLN A 35 2.78 1.94 -12.84
CA GLN A 35 2.63 3.34 -12.47
C GLN A 35 1.16 3.65 -12.73
N LEU A 36 0.38 3.74 -11.66
CA LEU A 36 -1.04 3.85 -11.77
C LEU A 36 -1.41 5.08 -11.00
N TYR A 37 -2.02 6.00 -11.69
CA TYR A 37 -2.40 7.26 -11.09
C TYR A 37 -3.91 7.23 -10.98
N GLY A 38 -4.48 7.65 -9.87
CA GLY A 38 -5.92 7.53 -9.70
C GLY A 38 -6.62 8.75 -9.18
N TYR A 39 -5.84 9.74 -8.76
CA TYR A 39 -6.31 11.03 -8.19
C TYR A 39 -7.75 11.14 -7.64
N GLY A 40 -8.70 11.65 -8.43
CA GLY A 40 -10.04 11.89 -7.92
C GLY A 40 -10.93 10.65 -7.81
N GLY A 41 -12.08 10.80 -7.15
CA GLY A 41 -13.00 9.70 -7.01
C GLY A 41 -12.58 8.72 -5.94
N GLY A 42 -13.52 7.91 -5.52
CA GLY A 42 -13.25 6.82 -4.59
C GLY A 42 -12.59 5.72 -5.39
N ASP A 43 -11.49 5.17 -4.90
CA ASP A 43 -10.64 4.31 -5.70
C ASP A 43 -10.37 3.00 -4.96
N LEU A 44 -10.07 1.96 -5.72
CA LEU A 44 -9.84 0.62 -5.17
C LEU A 44 -8.70 0.01 -5.93
N LEU A 45 -7.53 0.01 -5.32
CA LEU A 45 -6.32 -0.35 -6.04
C LEU A 45 -5.55 -1.48 -5.38
N ASP A 46 -5.13 -2.42 -6.21
CA ASP A 46 -4.25 -3.51 -5.79
C ASP A 46 -3.07 -3.54 -6.75
N GLY A 47 -1.86 -3.29 -6.26
CA GLY A 47 -0.69 -3.17 -7.14
C GLY A 47 -0.02 -4.47 -7.56
N GLY A 48 -0.24 -5.55 -6.84
CA GLY A 48 0.38 -6.80 -7.13
C GLY A 48 1.86 -6.78 -6.99
N ALA A 49 2.38 -7.75 -7.68
CA ALA A 49 3.79 -8.07 -7.78
C ALA A 49 4.59 -6.91 -8.36
N GLY A 50 5.82 -6.85 -7.90
CA GLY A 50 6.79 -5.88 -8.39
C GLY A 50 6.92 -4.63 -7.55
N ARG A 51 7.71 -3.68 -8.05
CA ARG A 51 7.96 -2.40 -7.41
C ARG A 51 7.03 -1.43 -8.09
N ASP A 52 5.98 -1.08 -7.40
CA ASP A 52 4.88 -0.31 -7.99
C ASP A 52 4.76 1.12 -7.45
N ARG A 53 4.21 2.00 -8.28
CA ARG A 53 3.96 3.41 -7.96
C ARG A 53 2.46 3.64 -8.08
N LEU A 54 1.80 3.86 -6.94
CA LEU A 54 0.33 3.90 -6.91
C LEU A 54 -0.19 5.23 -6.36
N THR A 55 -0.65 6.14 -7.21
CA THR A 55 -1.16 7.43 -6.71
C THR A 55 -2.67 7.38 -6.55
N GLY A 56 -3.19 8.03 -5.52
CA GLY A 56 -4.62 7.96 -5.23
C GLY A 56 -5.32 9.27 -4.88
N GLY A 57 -4.55 10.34 -4.71
CA GLY A 57 -5.05 11.64 -4.37
C GLY A 57 -6.22 11.75 -3.42
N GLU A 58 -7.14 12.51 -3.95
CA GLU A 58 -8.39 12.93 -3.30
C GLU A 58 -9.22 11.72 -2.87
N GLY A 59 -9.86 11.86 -1.73
CA GLY A 59 -10.78 10.85 -1.23
C GLY A 59 -10.19 9.82 -0.29
N ALA A 60 -11.07 9.17 0.46
CA ALA A 60 -10.73 8.11 1.41
C ALA A 60 -10.70 6.79 0.65
N ASP A 61 -9.75 6.70 -0.25
CA ASP A 61 -9.60 5.54 -1.12
C ASP A 61 -9.16 4.35 -0.30
N THR A 62 -9.46 3.15 -0.78
CA THR A 62 -8.97 1.95 -0.12
C THR A 62 -7.96 1.27 -1.02
N PHE A 63 -6.70 1.38 -0.65
CA PHE A 63 -5.63 0.70 -1.38
C PHE A 63 -5.37 -0.52 -0.52
N ARG A 64 -5.49 -1.68 -1.13
CA ARG A 64 -5.60 -2.91 -0.36
C ARG A 64 -4.56 -3.92 -0.76
N PHE A 65 -4.10 -4.66 0.24
CA PHE A 65 -3.01 -5.57 0.08
C PHE A 65 -3.40 -6.99 0.40
N ALA A 66 -3.62 -7.76 -0.67
CA ALA A 66 -3.64 -9.22 -0.59
C ALA A 66 -2.27 -9.64 -1.14
N LEU A 67 -1.48 -8.63 -1.48
CA LEU A 67 -0.19 -8.80 -2.11
C LEU A 67 0.90 -8.94 -1.06
N ARG A 68 1.19 -10.18 -0.69
CA ARG A 68 2.12 -10.48 0.40
C ARG A 68 3.57 -10.55 -0.06
N GLU A 69 3.92 -11.58 -0.80
CA GLU A 69 5.26 -11.72 -1.37
C GLU A 69 5.43 -10.68 -2.47
N ASP A 70 4.28 -10.21 -2.94
CA ASP A 70 4.21 -9.17 -3.97
C ASP A 70 4.56 -7.79 -3.41
N SER A 71 4.72 -7.71 -2.10
CA SER A 71 5.09 -6.49 -1.40
C SER A 71 6.20 -6.78 -0.37
N GLN A 72 7.13 -7.68 -0.71
CA GLN A 72 8.17 -8.10 0.24
C GLN A 72 9.54 -7.47 -0.03
N ARG A 73 10.44 -7.60 0.93
CA ARG A 73 11.80 -7.06 0.81
C ARG A 73 12.89 -7.98 1.35
N SER A 74 14.08 -7.80 0.81
CA SER A 74 15.31 -8.40 1.32
C SER A 74 16.41 -7.43 0.94
N ALA A 75 17.62 -7.64 1.44
CA ALA A 75 18.76 -6.80 1.09
C ALA A 75 19.11 -7.05 -0.37
N ALA A 76 18.72 -8.21 -0.88
CA ALA A 76 18.96 -8.56 -2.28
C ALA A 76 17.98 -7.86 -3.21
N GLY A 77 17.02 -7.19 -2.61
CA GLY A 77 16.07 -6.38 -3.36
C GLY A 77 14.70 -6.32 -2.73
N THR A 78 14.01 -5.21 -2.97
CA THR A 78 12.65 -5.04 -2.45
C THR A 78 11.68 -4.87 -3.60
N PHE A 79 10.51 -5.46 -3.46
CA PHE A 79 9.46 -5.33 -4.44
C PHE A 79 8.29 -4.84 -3.63
N SER A 80 8.13 -3.53 -3.57
CA SER A 80 7.19 -2.91 -2.65
C SER A 80 6.25 -2.00 -3.40
N ASP A 81 5.31 -1.41 -2.68
CA ASP A 81 4.31 -0.55 -3.29
C ASP A 81 4.39 0.83 -2.66
N LEU A 82 4.82 1.79 -3.47
CA LEU A 82 4.95 3.17 -3.01
C LEU A 82 3.68 3.90 -3.39
N ILE A 83 2.85 4.13 -2.39
CA ILE A 83 1.59 4.81 -2.60
C ILE A 83 1.88 6.30 -2.55
N LEU A 84 1.47 7.03 -3.58
CA LEU A 84 1.68 8.46 -3.64
C LEU A 84 0.38 9.18 -3.28
N ASP A 85 0.50 10.48 -3.01
CA ASP A 85 -0.58 11.35 -2.54
C ASP A 85 -1.76 10.68 -1.83
N PHE A 86 -1.51 10.37 -0.57
CA PHE A 86 -2.43 9.54 0.20
C PHE A 86 -2.54 9.92 1.68
N ASP A 87 -2.55 11.21 1.98
CA ASP A 87 -2.64 11.65 3.37
C ASP A 87 -3.55 12.85 3.69
N PRO A 88 -4.88 12.67 3.60
CA PRO A 88 -5.78 13.64 4.21
C PRO A 88 -6.05 13.27 5.69
N THR A 89 -5.12 12.49 6.27
CA THR A 89 -5.26 11.86 7.61
C THR A 89 -6.46 10.90 7.74
N GLN A 90 -7.13 10.65 6.63
CA GLN A 90 -8.32 9.79 6.56
C GLN A 90 -8.32 9.07 5.22
N ASP A 91 -7.22 8.38 4.95
CA ASP A 91 -7.12 7.51 3.75
C ASP A 91 -7.07 6.10 4.28
N LYS A 92 -7.46 5.11 3.46
CA LYS A 92 -7.54 3.74 3.94
C LYS A 92 -6.49 2.82 3.35
N LEU A 93 -5.73 2.21 4.25
CA LEU A 93 -4.76 1.19 3.91
C LEU A 93 -5.28 -0.11 4.51
N ASP A 94 -5.41 -1.12 3.69
CA ASP A 94 -5.85 -2.43 4.15
C ASP A 94 -4.75 -3.46 3.96
N VAL A 95 -4.25 -4.02 5.05
CA VAL A 95 -3.23 -5.06 5.01
C VAL A 95 -3.73 -6.29 5.77
N SER A 96 -5.04 -6.33 6.03
CA SER A 96 -5.62 -7.44 6.80
C SER A 96 -5.54 -8.76 6.05
N ALA A 97 -5.54 -8.69 4.71
CA ALA A 97 -5.44 -9.90 3.90
C ALA A 97 -4.01 -10.48 3.92
N LEU A 98 -3.04 -9.70 4.41
CA LEU A 98 -1.67 -10.21 4.59
C LEU A 98 -1.57 -10.81 5.98
N GLY A 99 -2.57 -10.51 6.79
CA GLY A 99 -2.58 -10.82 8.20
C GLY A 99 -1.88 -9.72 8.98
N PHE A 100 -0.68 -9.40 8.50
CA PHE A 100 0.23 -8.42 9.12
C PHE A 100 0.71 -9.01 10.46
N THR A 101 1.68 -8.36 11.09
CA THR A 101 2.27 -8.92 12.32
C THR A 101 2.16 -7.97 13.51
N GLY A 102 2.23 -6.67 13.28
CA GLY A 102 2.11 -5.68 14.34
C GLY A 102 3.10 -4.58 14.07
N LEU A 103 3.15 -3.56 14.92
CA LEU A 103 4.10 -2.45 14.70
C LEU A 103 5.00 -2.24 15.93
N GLY A 104 5.44 -3.34 16.52
CA GLY A 104 6.30 -3.31 17.71
C GLY A 104 7.76 -3.02 17.43
N ASN A 105 8.03 -1.90 16.76
CA ASN A 105 9.38 -1.40 16.48
C ASN A 105 10.28 -2.36 15.67
N GLY A 106 9.68 -3.21 14.84
CA GLY A 106 10.45 -3.97 13.87
C GLY A 106 11.12 -5.24 14.34
N TYR A 107 10.81 -5.68 15.55
CA TYR A 107 11.38 -6.92 16.11
C TYR A 107 10.25 -7.83 16.59
N ALA A 108 10.59 -9.06 16.95
CA ALA A 108 9.62 -10.10 17.30
C ALA A 108 8.64 -10.31 16.12
N GLY A 109 9.18 -10.23 14.91
CA GLY A 109 8.39 -10.41 13.71
C GLY A 109 7.54 -9.21 13.30
N THR A 110 7.46 -8.20 14.15
CA THR A 110 6.63 -7.03 13.85
C THR A 110 7.36 -6.10 12.90
N LEU A 111 6.65 -5.08 12.42
CA LEU A 111 7.22 -4.08 11.54
C LEU A 111 7.46 -2.81 12.33
N ALA A 112 8.13 -1.85 11.71
CA ALA A 112 8.38 -0.54 12.29
C ALA A 112 7.94 0.47 11.24
N VAL A 113 7.56 1.65 11.68
CA VAL A 113 7.20 2.73 10.78
C VAL A 113 8.31 3.77 10.89
N SER A 114 8.62 4.44 9.79
CA SER A 114 9.65 5.47 9.75
C SER A 114 9.13 6.52 8.80
N VAL A 115 9.49 7.78 9.01
CA VAL A 115 9.01 8.87 8.17
C VAL A 115 10.21 9.75 7.81
N SER A 116 10.26 10.15 6.55
CA SER A 116 11.30 11.06 6.07
C SER A 116 10.56 12.27 5.52
N ASP A 117 10.84 13.45 6.04
CA ASP A 117 10.14 14.67 5.59
C ASP A 117 10.69 15.14 4.26
N ASP A 118 11.98 14.91 4.05
CA ASP A 118 12.65 15.25 2.79
C ASP A 118 12.16 14.33 1.69
N GLY A 119 11.72 13.14 2.09
CA GLY A 119 11.17 12.19 1.15
C GLY A 119 9.66 12.29 1.09
N THR A 120 9.08 13.08 1.99
CA THR A 120 7.63 13.25 2.12
C THR A 120 6.88 11.91 2.21
N ARG A 121 7.54 10.92 2.78
CA ARG A 121 7.01 9.55 2.83
C ARG A 121 7.13 8.93 4.21
N THR A 122 6.31 7.92 4.45
CA THR A 122 6.30 7.17 5.66
C THR A 122 6.24 5.73 5.17
N TYR A 123 7.29 5.05 5.50
CA TYR A 123 7.54 3.67 5.10
C TYR A 123 7.27 2.73 6.26
N LEU A 124 6.85 1.51 5.98
CA LEU A 124 6.68 0.49 7.00
C LEU A 124 7.43 -0.76 6.51
N LYS A 125 8.30 -1.29 7.36
CA LYS A 125 9.09 -2.49 7.04
C LYS A 125 9.54 -3.14 8.34
N SER A 126 10.07 -4.36 8.26
CA SER A 126 10.67 -5.02 9.39
C SER A 126 12.09 -5.25 8.95
N TYR A 127 12.99 -5.34 9.91
CA TYR A 127 14.42 -5.49 9.65
C TYR A 127 15.10 -6.50 10.56
N GLU A 128 14.34 -7.16 11.43
CA GLU A 128 14.90 -8.18 12.31
C GLU A 128 15.36 -9.39 11.51
N THR A 129 14.64 -9.65 10.42
CA THR A 129 14.91 -10.75 9.54
C THR A 129 14.86 -10.19 8.13
N ASP A 130 15.80 -10.65 7.33
CA ASP A 130 15.98 -10.18 5.96
C ASP A 130 15.89 -11.32 4.96
N ALA A 131 16.86 -12.22 4.97
CA ALA A 131 16.83 -13.39 4.10
C ALA A 131 16.17 -14.54 4.86
N GLU A 132 16.33 -14.49 6.17
CA GLU A 132 15.85 -15.51 7.09
C GLU A 132 14.34 -15.43 7.24
N GLY A 133 13.83 -14.23 7.01
CA GLY A 133 12.41 -13.96 7.17
C GLY A 133 12.07 -12.72 6.39
N ARG A 134 12.05 -12.87 5.08
CA ARG A 134 11.80 -11.74 4.19
C ARG A 134 10.38 -11.24 4.44
N SER A 135 10.32 -9.95 4.73
CA SER A 135 9.17 -9.30 5.35
C SER A 135 8.61 -8.25 4.44
N PHE A 136 7.41 -7.78 4.76
CA PHE A 136 6.72 -6.81 3.91
C PHE A 136 7.40 -5.44 3.95
N GLU A 137 7.24 -4.69 2.86
CA GLU A 137 7.64 -3.30 2.78
C GLU A 137 6.58 -2.55 2.00
N VAL A 138 6.08 -1.45 2.57
CA VAL A 138 5.13 -0.58 1.87
C VAL A 138 5.56 0.85 2.15
N SER A 139 5.09 1.79 1.35
CA SER A 139 5.41 3.20 1.56
C SER A 139 4.20 4.03 1.19
N LEU A 140 4.04 5.16 1.87
CA LEU A 140 2.92 6.06 1.64
C LEU A 140 3.47 7.48 1.63
N GLN A 141 3.08 8.28 0.66
CA GLN A 141 3.49 9.67 0.61
C GLN A 141 2.58 10.45 1.55
N GLY A 142 3.17 10.97 2.62
CA GLY A 142 2.45 11.64 3.66
C GLY A 142 3.12 11.28 4.96
N ASN A 143 2.60 11.82 6.04
CA ASN A 143 3.13 11.63 7.38
C ASN A 143 2.05 10.98 8.25
N HIS A 144 1.20 10.15 7.63
CA HIS A 144 0.05 9.55 8.32
C HIS A 144 0.41 8.50 9.40
N ALA A 145 1.67 8.48 9.79
CA ALA A 145 2.13 7.72 10.94
C ALA A 145 1.62 8.45 12.18
N ALA A 146 1.47 9.77 12.05
CA ALA A 146 0.88 10.59 13.09
C ALA A 146 -0.64 10.35 13.13
N ALA A 147 -1.13 9.67 12.09
CA ALA A 147 -2.55 9.32 11.99
C ALA A 147 -2.70 7.79 12.03
N LEU A 148 -1.88 7.13 12.84
CA LEU A 148 -1.98 5.69 13.02
C LEU A 148 -3.26 5.39 13.80
N SER A 149 -4.18 4.70 13.16
CA SER A 149 -5.46 4.38 13.77
C SER A 149 -6.09 3.21 13.04
N ALA A 150 -7.09 2.59 13.64
CA ALA A 150 -7.79 1.47 13.03
C ALA A 150 -8.59 1.93 11.80
N ASP A 151 -9.06 3.17 11.84
CA ASP A 151 -9.80 3.72 10.71
C ASP A 151 -8.87 3.99 9.54
N ASN A 152 -7.62 4.37 9.80
CA ASN A 152 -6.64 4.54 8.73
C ASN A 152 -6.07 3.20 8.22
N ILE A 153 -5.81 2.25 9.12
CA ILE A 153 -5.20 0.99 8.73
C ILE A 153 -5.97 -0.22 9.26
N LEU A 154 -6.36 -1.12 8.36
CA LEU A 154 -7.02 -2.37 8.75
C LEU A 154 -5.98 -3.48 8.73
N PHE A 155 -5.94 -4.26 9.80
CA PHE A 155 -4.96 -5.34 9.98
C PHE A 155 -5.69 -6.52 10.61
N ALA A 156 -5.06 -7.68 10.67
CA ALA A 156 -5.71 -8.88 11.25
C ALA A 156 -4.74 -9.64 12.16
N THR A 157 -3.84 -8.90 12.80
CA THR A 157 -2.89 -9.49 13.74
C THR A 157 -3.45 -9.31 15.16
N PRO A 158 -3.15 -10.23 16.09
CA PRO A 158 -3.69 -10.09 17.45
C PRO A 158 -3.03 -8.98 18.29
N VAL A 159 -2.08 -8.26 17.73
CA VAL A 159 -1.44 -7.13 18.41
C VAL A 159 -1.59 -5.94 17.45
N PRO A 160 -1.98 -4.76 17.96
CA PRO A 160 -2.27 -3.66 17.02
C PRO A 160 -1.05 -3.03 16.34
N VAL A 161 -1.33 -2.03 15.53
CA VAL A 161 -0.33 -1.24 14.83
C VAL A 161 -0.47 0.20 15.28
CA CA B . 0.55 -4.56 -14.22
CA CA C . -9.97 7.42 -9.57
CA CA D . 2.48 -4.65 -10.25
CA CA E . -8.99 8.96 -5.16
CA CA F . 4.12 -4.49 -5.31
CA CA G . -6.65 9.14 -1.06
N ASP A 1 -23.09 0.80 -6.44
CA ASP A 1 -24.40 1.17 -7.03
C ASP A 1 -24.76 0.23 -8.17
N PRO A 2 -26.04 0.15 -8.56
CA PRO A 2 -26.33 -0.75 -9.69
C PRO A 2 -25.76 -0.27 -11.02
N SER A 3 -25.37 1.00 -11.10
CA SER A 3 -24.73 1.54 -12.30
C SER A 3 -23.28 1.06 -12.39
N ALA A 4 -22.59 1.04 -11.26
CA ALA A 4 -21.22 0.57 -11.15
C ALA A 4 -20.93 0.27 -9.68
N GLU A 5 -20.21 -0.80 -9.43
CA GLU A 5 -19.84 -1.21 -8.06
C GLU A 5 -18.35 -0.92 -7.87
N ALA A 6 -17.84 -0.03 -8.71
CA ALA A 6 -16.42 0.36 -8.74
C ALA A 6 -15.53 -0.86 -8.95
N GLN A 7 -15.96 -1.75 -9.84
CA GLN A 7 -15.21 -2.98 -10.13
C GLN A 7 -13.87 -2.59 -10.74
N PRO A 8 -12.75 -3.03 -10.13
CA PRO A 8 -11.48 -2.58 -10.72
C PRO A 8 -11.25 -3.01 -12.16
N ILE A 9 -10.61 -2.14 -12.92
CA ILE A 9 -10.28 -2.45 -14.30
C ILE A 9 -9.00 -3.28 -14.27
N VAL A 10 -9.02 -4.41 -14.96
CA VAL A 10 -7.89 -5.30 -14.99
C VAL A 10 -6.98 -4.86 -16.12
N GLY A 11 -5.80 -4.46 -15.70
CA GLY A 11 -4.73 -4.05 -16.58
C GLY A 11 -3.97 -5.26 -17.09
N SER A 12 -2.65 -5.13 -17.12
CA SER A 12 -1.78 -6.21 -17.61
C SER A 12 -0.79 -6.61 -16.54
N ASP A 13 -0.13 -7.74 -16.74
CA ASP A 13 0.97 -8.15 -15.86
C ASP A 13 2.27 -7.52 -16.33
N LEU A 14 2.17 -6.71 -17.37
CA LEU A 14 3.26 -5.88 -17.83
C LEU A 14 3.30 -4.63 -16.94
N ASP A 15 4.29 -3.77 -17.17
CA ASP A 15 4.39 -2.47 -16.50
C ASP A 15 3.24 -1.61 -17.05
N ASP A 16 2.25 -1.32 -16.21
CA ASP A 16 1.09 -0.54 -16.61
C ASP A 16 1.41 0.92 -16.39
N GLN A 17 1.28 1.69 -17.45
CA GLN A 17 1.28 3.15 -17.32
C GLN A 17 -0.17 3.50 -17.66
N LEU A 18 -0.99 3.65 -16.63
CA LEU A 18 -2.43 3.87 -16.81
C LEU A 18 -2.91 4.86 -15.78
N HIS A 19 -3.99 5.57 -16.09
CA HIS A 19 -4.54 6.53 -15.14
C HIS A 19 -6.05 6.31 -14.96
N GLY A 20 -6.50 6.65 -13.78
CA GLY A 20 -7.89 6.51 -13.36
C GLY A 20 -8.58 7.83 -13.32
N THR A 21 -7.83 8.83 -12.87
CA THR A 21 -8.32 10.19 -12.68
C THR A 21 -9.66 10.20 -11.93
N LEU A 22 -10.50 11.17 -12.25
CA LEU A 22 -11.74 11.47 -11.50
C LEU A 22 -12.79 10.36 -11.45
N LEU A 23 -12.61 9.31 -12.25
CA LEU A 23 -13.51 8.17 -12.17
C LEU A 23 -13.44 7.58 -10.76
N GLY A 24 -14.59 7.19 -10.24
CA GLY A 24 -14.69 6.54 -8.94
C GLY A 24 -14.45 5.05 -9.09
N GLU A 25 -13.46 4.74 -9.91
CA GLU A 25 -13.09 3.37 -10.22
C GLU A 25 -11.57 3.41 -10.37
N GLU A 26 -10.92 2.30 -10.03
CA GLU A 26 -9.46 2.19 -9.97
C GLU A 26 -8.93 0.85 -10.47
N ILE A 27 -7.71 0.91 -10.93
CA ILE A 27 -7.10 -0.10 -11.80
C ILE A 27 -6.28 -1.09 -10.99
N SER A 28 -6.40 -2.35 -11.36
CA SER A 28 -5.64 -3.45 -10.80
C SER A 28 -4.77 -4.02 -11.92
N GLY A 29 -3.60 -4.54 -11.62
CA GLY A 29 -2.74 -5.07 -12.68
C GLY A 29 -1.52 -5.77 -12.14
N GLY A 30 -1.72 -6.99 -11.65
CA GLY A 30 -0.73 -7.72 -10.86
C GLY A 30 0.75 -7.48 -11.11
N GLY A 31 1.27 -8.07 -12.16
CA GLY A 31 2.68 -8.02 -12.44
C GLY A 31 3.16 -6.64 -12.84
N GLY A 32 4.43 -6.61 -13.19
CA GLY A 32 5.07 -5.39 -13.64
C GLY A 32 5.28 -4.29 -12.60
N ALA A 33 6.12 -3.33 -12.96
CA ALA A 33 6.46 -2.16 -12.16
C ALA A 33 5.52 -1.04 -12.58
N ASP A 34 4.32 -1.06 -12.04
CA ASP A 34 3.26 -0.20 -12.50
C ASP A 34 3.34 1.20 -11.97
N GLN A 35 2.80 2.10 -12.76
CA GLN A 35 2.63 3.50 -12.39
C GLN A 35 1.17 3.82 -12.66
N LEU A 36 0.39 3.89 -11.59
CA LEU A 36 -1.05 3.98 -11.67
C LEU A 36 -1.44 5.18 -10.86
N TYR A 37 -2.08 6.12 -11.53
CA TYR A 37 -2.52 7.34 -10.89
C TYR A 37 -4.03 7.29 -10.84
N GLY A 38 -4.63 7.65 -9.72
CA GLY A 38 -6.08 7.56 -9.60
C GLY A 38 -6.76 8.84 -9.17
N TYR A 39 -5.99 9.87 -8.89
CA TYR A 39 -6.47 11.19 -8.43
C TYR A 39 -7.91 11.28 -7.86
N GLY A 40 -8.88 11.72 -8.64
CA GLY A 40 -10.21 11.91 -8.11
C GLY A 40 -11.02 10.62 -7.91
N GLY A 41 -12.13 10.78 -7.19
CA GLY A 41 -13.07 9.72 -6.97
C GLY A 41 -12.59 8.80 -5.87
N GLY A 42 -13.50 7.96 -5.42
CA GLY A 42 -13.16 6.87 -4.52
C GLY A 42 -12.48 5.81 -5.37
N ASP A 43 -11.39 5.24 -4.88
CA ASP A 43 -10.55 4.38 -5.68
C ASP A 43 -10.33 3.05 -4.96
N LEU A 44 -10.03 2.02 -5.73
CA LEU A 44 -9.82 0.67 -5.17
C LEU A 44 -8.67 0.07 -5.94
N LEU A 45 -7.49 0.14 -5.37
CA LEU A 45 -6.27 -0.20 -6.10
C LEU A 45 -5.51 -1.34 -5.42
N ASP A 46 -5.08 -2.28 -6.23
CA ASP A 46 -4.18 -3.34 -5.78
C ASP A 46 -3.02 -3.38 -6.78
N GLY A 47 -1.83 -3.02 -6.32
CA GLY A 47 -0.69 -2.88 -7.22
C GLY A 47 -0.03 -4.16 -7.67
N GLY A 48 -0.25 -5.26 -6.96
CA GLY A 48 0.33 -6.51 -7.33
C GLY A 48 1.81 -6.55 -7.07
N ALA A 49 2.33 -7.60 -7.62
CA ALA A 49 3.73 -7.94 -7.63
C ALA A 49 4.55 -6.83 -8.25
N GLY A 50 5.75 -6.72 -7.74
CA GLY A 50 6.73 -5.75 -8.24
C GLY A 50 6.86 -4.49 -7.40
N ARG A 51 7.68 -3.57 -7.89
CA ARG A 51 7.93 -2.28 -7.25
C ARG A 51 7.02 -1.31 -7.98
N ASP A 52 5.95 -0.94 -7.32
CA ASP A 52 4.88 -0.16 -7.94
C ASP A 52 4.77 1.25 -7.38
N ARG A 53 4.22 2.15 -8.20
CA ARG A 53 3.97 3.55 -7.86
C ARG A 53 2.46 3.76 -7.96
N LEU A 54 1.81 3.90 -6.81
CA LEU A 54 0.35 3.94 -6.77
C LEU A 54 -0.16 5.28 -6.22
N THR A 55 -0.61 6.18 -7.06
CA THR A 55 -1.08 7.50 -6.58
C THR A 55 -2.60 7.50 -6.50
N GLY A 56 -3.15 8.07 -5.42
CA GLY A 56 -4.59 8.01 -5.20
C GLY A 56 -5.30 9.34 -5.02
N GLY A 57 -4.54 10.39 -4.74
CA GLY A 57 -5.06 11.72 -4.56
C GLY A 57 -6.19 11.88 -3.58
N GLU A 58 -7.14 12.57 -4.14
CA GLU A 58 -8.36 13.00 -3.51
C GLU A 58 -9.19 11.80 -3.06
N GLY A 59 -9.90 11.98 -1.95
CA GLY A 59 -10.81 10.97 -1.45
C GLY A 59 -10.21 9.96 -0.50
N ALA A 60 -11.08 9.30 0.26
CA ALA A 60 -10.71 8.27 1.22
C ALA A 60 -10.67 6.94 0.47
N ASP A 61 -9.70 6.85 -0.40
CA ASP A 61 -9.50 5.70 -1.26
C ASP A 61 -9.12 4.51 -0.40
N THR A 62 -9.42 3.31 -0.86
CA THR A 62 -9.00 2.10 -0.15
C THR A 62 -8.01 1.34 -1.01
N PHE A 63 -6.74 1.47 -0.68
CA PHE A 63 -5.70 0.73 -1.37
C PHE A 63 -5.52 -0.49 -0.48
N ARG A 64 -5.58 -1.68 -1.08
CA ARG A 64 -5.74 -2.90 -0.30
C ARG A 64 -4.68 -3.92 -0.63
N PHE A 65 -4.25 -4.61 0.41
CA PHE A 65 -3.12 -5.49 0.33
C PHE A 65 -3.46 -6.91 0.73
N ALA A 66 -3.64 -7.74 -0.28
CA ALA A 66 -3.56 -9.19 -0.15
C ALA A 66 -2.15 -9.49 -0.70
N LEU A 67 -1.40 -8.40 -0.83
CA LEU A 67 -0.13 -8.37 -1.52
C LEU A 67 1.03 -8.76 -0.62
N ARG A 68 1.14 -10.05 -0.37
CA ARG A 68 2.15 -10.58 0.56
C ARG A 68 3.53 -10.63 -0.08
N GLU A 69 3.74 -11.58 -0.97
CA GLU A 69 4.99 -11.69 -1.72
C GLU A 69 5.05 -10.53 -2.72
N ASP A 70 3.89 -9.97 -2.99
CA ASP A 70 3.74 -8.88 -3.94
C ASP A 70 4.22 -7.55 -3.34
N SER A 71 4.45 -7.55 -2.02
CA SER A 71 5.00 -6.37 -1.34
C SER A 71 6.10 -6.79 -0.35
N GLN A 72 7.00 -7.66 -0.81
CA GLN A 72 8.07 -8.20 0.04
C GLN A 72 9.43 -7.53 -0.22
N ARG A 73 10.37 -7.70 0.71
CA ARG A 73 11.69 -7.09 0.61
C ARG A 73 12.81 -7.99 1.07
N SER A 74 13.99 -7.75 0.52
CA SER A 74 15.23 -8.43 0.91
C SER A 74 16.35 -7.45 0.65
N ALA A 75 17.54 -7.74 1.15
CA ALA A 75 18.71 -6.92 0.90
C ALA A 75 19.07 -7.02 -0.59
N ALA A 76 18.68 -8.12 -1.21
CA ALA A 76 18.93 -8.34 -2.64
C ALA A 76 17.96 -7.55 -3.51
N GLY A 77 17.01 -6.92 -2.85
CA GLY A 77 16.04 -6.07 -3.54
C GLY A 77 14.68 -6.09 -2.90
N THR A 78 13.96 -4.98 -3.03
CA THR A 78 12.61 -4.88 -2.47
C THR A 78 11.62 -4.67 -3.60
N PHE A 79 10.46 -5.30 -3.47
CA PHE A 79 9.40 -5.16 -4.45
C PHE A 79 8.19 -4.74 -3.64
N SER A 80 8.00 -3.44 -3.51
CA SER A 80 7.03 -2.88 -2.59
C SER A 80 6.09 -1.95 -3.32
N ASP A 81 5.13 -1.40 -2.60
CA ASP A 81 4.15 -0.50 -3.20
C ASP A 81 4.30 0.88 -2.58
N LEU A 82 4.77 1.83 -3.38
CA LEU A 82 4.94 3.20 -2.93
C LEU A 82 3.66 3.95 -3.26
N ILE A 83 2.87 4.20 -2.24
CA ILE A 83 1.61 4.88 -2.42
C ILE A 83 1.87 6.38 -2.37
N LEU A 84 1.53 7.09 -3.43
CA LEU A 84 1.75 8.53 -3.50
C LEU A 84 0.44 9.28 -3.25
N ASP A 85 0.58 10.55 -2.89
CA ASP A 85 -0.54 11.45 -2.54
C ASP A 85 -1.71 10.76 -1.85
N PHE A 86 -1.49 10.51 -0.58
CA PHE A 86 -2.39 9.67 0.20
C PHE A 86 -2.49 10.03 1.69
N ASP A 87 -2.43 11.31 2.00
CA ASP A 87 -2.51 11.72 3.42
C ASP A 87 -3.37 12.96 3.74
N PRO A 88 -4.71 12.84 3.63
CA PRO A 88 -5.59 13.83 4.24
C PRO A 88 -5.88 13.43 5.70
N THR A 89 -5.02 12.60 6.28
CA THR A 89 -5.19 11.93 7.59
C THR A 89 -6.44 11.04 7.68
N GLN A 90 -7.10 10.83 6.54
CA GLN A 90 -8.33 10.05 6.43
C GLN A 90 -8.33 9.33 5.09
N ASP A 91 -7.27 8.59 4.85
CA ASP A 91 -7.16 7.72 3.66
C ASP A 91 -7.16 6.31 4.20
N LYS A 92 -7.56 5.32 3.39
CA LYS A 92 -7.68 3.96 3.90
C LYS A 92 -6.65 3.01 3.30
N LEU A 93 -6.02 2.28 4.21
CA LEU A 93 -5.08 1.24 3.87
C LEU A 93 -5.62 -0.03 4.50
N ASP A 94 -5.66 -1.11 3.74
CA ASP A 94 -6.09 -2.40 4.26
C ASP A 94 -4.97 -3.42 4.13
N VAL A 95 -4.52 -3.95 5.27
CA VAL A 95 -3.50 -5.00 5.29
C VAL A 95 -4.03 -6.21 6.07
N SER A 96 -5.33 -6.24 6.32
CA SER A 96 -5.93 -7.34 7.08
C SER A 96 -5.89 -8.64 6.30
N ALA A 97 -5.82 -8.54 4.98
CA ALA A 97 -5.72 -9.72 4.13
C ALA A 97 -4.32 -10.36 4.22
N LEU A 98 -3.35 -9.62 4.74
CA LEU A 98 -2.02 -10.18 5.01
C LEU A 98 -2.01 -10.76 6.42
N GLY A 99 -3.02 -10.37 7.17
CA GLY A 99 -3.10 -10.64 8.60
C GLY A 99 -2.35 -9.56 9.35
N PHE A 100 -1.11 -9.34 8.90
CA PHE A 100 -0.15 -8.39 9.47
C PHE A 100 0.36 -8.93 10.81
N THR A 101 1.48 -8.42 11.28
CA THR A 101 2.14 -8.96 12.48
C THR A 101 2.22 -7.97 13.64
N GLY A 102 2.12 -6.68 13.33
CA GLY A 102 2.12 -5.65 14.36
C GLY A 102 3.10 -4.56 14.01
N LEU A 103 3.18 -3.51 14.82
CA LEU A 103 4.11 -2.41 14.57
C LEU A 103 5.06 -2.22 15.75
N GLY A 104 5.41 -3.32 16.38
CA GLY A 104 6.29 -3.31 17.55
C GLY A 104 7.76 -3.13 17.27
N ASN A 105 8.10 -2.02 16.60
CA ASN A 105 9.49 -1.61 16.32
C ASN A 105 10.32 -2.61 15.51
N GLY A 106 9.68 -3.42 14.68
CA GLY A 106 10.40 -4.20 13.69
C GLY A 106 11.01 -5.51 14.13
N TYR A 107 10.71 -5.95 15.35
CA TYR A 107 11.24 -7.22 15.88
C TYR A 107 10.07 -8.09 16.35
N ALA A 108 10.35 -9.35 16.65
CA ALA A 108 9.34 -10.36 16.98
C ALA A 108 8.34 -10.48 15.81
N GLY A 109 8.87 -10.39 14.60
CA GLY A 109 8.06 -10.50 13.40
C GLY A 109 7.29 -9.24 13.03
N THR A 110 7.17 -8.29 13.94
CA THR A 110 6.42 -7.07 13.69
C THR A 110 7.18 -6.15 12.74
N LEU A 111 6.52 -5.10 12.29
CA LEU A 111 7.13 -4.11 11.42
C LEU A 111 7.43 -2.86 12.25
N ALA A 112 8.15 -1.92 11.66
CA ALA A 112 8.44 -0.64 12.27
C ALA A 112 7.98 0.40 11.26
N VAL A 113 7.63 1.59 11.75
CA VAL A 113 7.25 2.69 10.89
C VAL A 113 8.36 3.74 11.02
N SER A 114 8.68 4.40 9.92
CA SER A 114 9.68 5.45 9.92
C SER A 114 9.21 6.48 8.92
N VAL A 115 9.47 7.74 9.16
CA VAL A 115 9.05 8.81 8.27
C VAL A 115 10.24 9.72 8.03
N SER A 116 10.53 9.98 6.77
CA SER A 116 11.61 10.90 6.42
C SER A 116 10.99 12.02 5.59
N ASP A 117 11.21 13.25 6.02
CA ASP A 117 10.56 14.41 5.40
C ASP A 117 11.19 14.76 4.06
N ASP A 118 12.44 14.38 3.87
CA ASP A 118 13.14 14.60 2.59
C ASP A 118 12.51 13.73 1.51
N GLY A 119 11.92 12.63 1.94
CA GLY A 119 11.24 11.74 1.01
C GLY A 119 9.75 11.97 1.08
N THR A 120 9.32 12.75 2.06
CA THR A 120 7.91 13.05 2.32
C THR A 120 7.08 11.76 2.43
N ARG A 121 7.71 10.72 2.93
CA ARG A 121 7.11 9.38 3.00
C ARG A 121 7.24 8.75 4.36
N THR A 122 6.29 7.88 4.66
CA THR A 122 6.26 7.10 5.87
C THR A 122 6.23 5.66 5.39
N TYR A 123 7.39 5.09 5.56
CA TYR A 123 7.71 3.72 5.15
C TYR A 123 7.41 2.78 6.32
N LEU A 124 6.95 1.57 6.01
CA LEU A 124 6.73 0.55 7.03
C LEU A 124 7.43 -0.71 6.53
N LYS A 125 8.28 -1.29 7.37
CA LYS A 125 9.00 -2.53 7.03
C LYS A 125 9.43 -3.25 8.28
N SER A 126 9.83 -4.51 8.16
CA SER A 126 10.39 -5.26 9.25
C SER A 126 11.79 -5.53 8.77
N TYR A 127 12.72 -5.66 9.69
CA TYR A 127 14.13 -5.85 9.36
C TYR A 127 14.82 -6.89 10.25
N GLU A 128 14.07 -7.56 11.10
CA GLU A 128 14.62 -8.60 11.97
C GLU A 128 15.16 -9.79 11.17
N THR A 129 14.48 -10.06 10.05
CA THR A 129 14.80 -11.17 9.18
C THR A 129 14.77 -10.63 7.77
N ASP A 130 15.77 -11.03 7.01
CA ASP A 130 15.94 -10.62 5.63
C ASP A 130 16.13 -11.84 4.73
N ALA A 131 17.29 -12.49 4.79
CA ALA A 131 17.49 -13.71 4.01
C ALA A 131 16.80 -14.87 4.74
N GLU A 132 16.74 -14.71 6.05
CA GLU A 132 16.21 -15.72 6.97
C GLU A 132 14.69 -15.73 6.96
N GLY A 133 14.10 -14.61 6.56
CA GLY A 133 12.66 -14.45 6.60
C GLY A 133 12.34 -13.15 5.93
N ARG A 134 12.30 -13.18 4.60
CA ARG A 134 12.14 -11.97 3.81
C ARG A 134 10.77 -11.35 4.10
N SER A 135 10.87 -10.13 4.62
CA SER A 135 9.80 -9.44 5.28
C SER A 135 9.06 -8.56 4.30
N PHE A 136 8.04 -7.85 4.77
CA PHE A 136 7.23 -7.00 3.91
C PHE A 136 7.63 -5.54 4.00
N GLU A 137 7.32 -4.78 2.95
CA GLU A 137 7.63 -3.35 2.89
C GLU A 137 6.53 -2.63 2.12
N VAL A 138 6.05 -1.52 2.68
CA VAL A 138 5.09 -0.65 2.00
C VAL A 138 5.53 0.78 2.30
N SER A 139 5.04 1.75 1.55
CA SER A 139 5.36 3.15 1.81
C SER A 139 4.19 4.02 1.41
N LEU A 140 3.98 5.11 2.13
CA LEU A 140 2.90 6.05 1.87
C LEU A 140 3.48 7.45 1.87
N GLN A 141 3.12 8.26 0.89
CA GLN A 141 3.56 9.66 0.86
C GLN A 141 2.68 10.45 1.81
N GLY A 142 3.30 10.99 2.85
CA GLY A 142 2.60 11.68 3.88
C GLY A 142 3.28 11.32 5.18
N ASN A 143 2.77 11.90 6.26
CA ASN A 143 3.33 11.72 7.59
C ASN A 143 2.25 11.11 8.49
N HIS A 144 1.40 10.27 7.89
CA HIS A 144 0.24 9.67 8.58
C HIS A 144 0.62 8.62 9.65
N ALA A 145 1.88 8.63 10.05
CA ALA A 145 2.34 7.86 11.20
C ALA A 145 1.79 8.56 12.44
N ALA A 146 1.61 9.88 12.31
CA ALA A 146 0.97 10.68 13.35
C ALA A 146 -0.54 10.44 13.32
N ALA A 147 -1.00 9.74 12.30
CA ALA A 147 -2.42 9.41 12.12
C ALA A 147 -2.61 7.89 12.04
N LEU A 148 -1.86 7.16 12.87
CA LEU A 148 -2.02 5.71 12.94
C LEU A 148 -3.31 5.44 13.73
N SER A 149 -4.27 4.81 13.08
CA SER A 149 -5.55 4.53 13.71
C SER A 149 -6.23 3.38 12.98
N ALA A 150 -7.25 2.80 13.59
CA ALA A 150 -7.99 1.70 12.98
C ALA A 150 -8.80 2.20 11.77
N ASP A 151 -9.22 3.45 11.80
CA ASP A 151 -9.95 4.03 10.68
C ASP A 151 -9.02 4.28 9.50
N ASN A 152 -7.75 4.61 9.76
CA ASN A 152 -6.77 4.74 8.68
C ASN A 152 -6.29 3.38 8.16
N ILE A 153 -6.05 2.43 9.06
CA ILE A 153 -5.51 1.13 8.68
C ILE A 153 -6.35 -0.03 9.22
N LEU A 154 -6.78 -0.91 8.32
CA LEU A 154 -7.48 -2.13 8.72
C LEU A 154 -6.44 -3.24 8.80
N PHE A 155 -6.42 -3.98 9.89
CA PHE A 155 -5.42 -5.01 10.14
C PHE A 155 -6.07 -6.12 10.95
N ALA A 156 -5.40 -7.26 11.10
CA ALA A 156 -5.94 -8.39 11.86
C ALA A 156 -4.85 -9.04 12.72
N THR A 157 -3.89 -8.23 13.12
CA THR A 157 -2.77 -8.70 13.94
C THR A 157 -3.20 -8.72 15.42
N PRO A 158 -2.69 -9.68 16.22
CA PRO A 158 -3.10 -9.74 17.63
C PRO A 158 -2.50 -8.64 18.52
N VAL A 159 -1.60 -7.84 17.96
CA VAL A 159 -0.99 -6.72 18.67
C VAL A 159 -1.23 -5.51 17.74
N PRO A 160 -1.60 -4.33 18.30
CA PRO A 160 -1.98 -3.25 17.39
C PRO A 160 -0.84 -2.63 16.58
N VAL A 161 -1.23 -1.67 15.74
CA VAL A 161 -0.31 -0.91 14.91
C VAL A 161 -0.54 0.56 15.22
CA CA B . 0.78 -4.43 -14.19
CA CA C . -9.94 7.37 -9.54
CA CA D . 2.55 -4.54 -10.24
CA CA E . -8.98 9.02 -5.38
CA CA F . 3.97 -4.27 -5.25
CA CA G . -6.60 9.37 -1.14
N ASP A 1 -23.78 1.41 -7.36
CA ASP A 1 -24.96 1.98 -8.06
C ASP A 1 -25.25 1.21 -9.33
N PRO A 2 -26.49 1.29 -9.87
CA PRO A 2 -26.72 0.55 -11.12
C PRO A 2 -25.94 1.10 -12.31
N SER A 3 -25.43 2.32 -12.20
CA SER A 3 -24.59 2.91 -13.23
C SER A 3 -23.19 2.29 -13.23
N ALA A 4 -22.67 2.07 -12.03
CA ALA A 4 -21.35 1.45 -11.83
C ALA A 4 -21.29 0.97 -10.38
N GLU A 5 -20.73 -0.20 -10.16
CA GLU A 5 -20.62 -0.80 -8.83
C GLU A 5 -19.15 -0.73 -8.39
N ALA A 6 -18.40 0.15 -9.06
CA ALA A 6 -16.96 0.34 -8.83
C ALA A 6 -16.21 -0.98 -9.03
N GLN A 7 -16.53 -1.68 -10.10
CA GLN A 7 -15.92 -2.96 -10.39
C GLN A 7 -14.42 -2.77 -10.64
N PRO A 8 -13.57 -3.63 -10.05
CA PRO A 8 -12.14 -3.41 -10.34
C PRO A 8 -11.82 -3.52 -11.84
N ILE A 9 -11.09 -2.55 -12.35
CA ILE A 9 -10.70 -2.55 -13.76
C ILE A 9 -9.47 -3.44 -13.83
N VAL A 10 -9.49 -4.42 -14.72
CA VAL A 10 -8.41 -5.37 -14.85
C VAL A 10 -7.44 -4.86 -15.91
N GLY A 11 -6.27 -4.51 -15.44
CA GLY A 11 -5.17 -4.09 -16.29
C GLY A 11 -4.43 -5.31 -16.82
N SER A 12 -3.12 -5.27 -16.81
CA SER A 12 -2.30 -6.36 -17.32
C SER A 12 -1.20 -6.73 -16.33
N ASP A 13 -0.53 -7.85 -16.57
CA ASP A 13 0.64 -8.21 -15.77
C ASP A 13 1.89 -7.58 -16.37
N LEU A 14 1.68 -6.80 -17.42
CA LEU A 14 2.72 -5.97 -17.99
C LEU A 14 2.80 -4.69 -17.15
N ASP A 15 3.76 -3.82 -17.48
CA ASP A 15 3.90 -2.51 -16.85
C ASP A 15 2.70 -1.68 -17.29
N ASP A 16 1.80 -1.37 -16.37
CA ASP A 16 0.61 -0.60 -16.69
C ASP A 16 0.89 0.85 -16.37
N GLN A 17 0.76 1.72 -17.35
CA GLN A 17 0.68 3.15 -17.08
C GLN A 17 -0.72 3.56 -17.48
N LEU A 18 -1.59 3.57 -16.48
CA LEU A 18 -3.03 3.79 -16.69
C LEU A 18 -3.50 4.76 -15.63
N HIS A 19 -4.56 5.50 -15.92
CA HIS A 19 -5.09 6.44 -14.96
C HIS A 19 -6.59 6.22 -14.73
N GLY A 20 -7.01 6.54 -13.52
CA GLY A 20 -8.38 6.39 -13.08
C GLY A 20 -9.09 7.71 -13.03
N THR A 21 -8.32 8.72 -12.61
CA THR A 21 -8.81 10.08 -12.42
C THR A 21 -10.12 10.11 -11.64
N LEU A 22 -10.98 11.08 -11.92
CA LEU A 22 -12.18 11.35 -11.13
C LEU A 22 -13.21 10.21 -11.06
N LEU A 23 -13.07 9.20 -11.90
CA LEU A 23 -13.96 8.05 -11.83
C LEU A 23 -13.81 7.39 -10.46
N GLY A 24 -14.94 6.98 -9.90
CA GLY A 24 -14.96 6.27 -8.62
C GLY A 24 -14.83 4.78 -8.84
N GLU A 25 -13.99 4.42 -9.79
CA GLU A 25 -13.76 3.04 -10.19
C GLU A 25 -12.26 2.96 -10.44
N GLU A 26 -11.63 1.87 -10.02
CA GLU A 26 -10.17 1.80 -9.96
C GLU A 26 -9.50 0.48 -10.37
N ILE A 27 -8.27 0.63 -10.81
CA ILE A 27 -7.51 -0.38 -11.54
C ILE A 27 -6.71 -1.33 -10.64
N SER A 28 -6.76 -2.59 -11.03
CA SER A 28 -5.96 -3.69 -10.49
C SER A 28 -5.04 -4.14 -11.64
N GLY A 29 -3.84 -4.64 -11.35
CA GLY A 29 -2.97 -5.08 -12.43
C GLY A 29 -1.66 -5.68 -11.95
N GLY A 30 -1.75 -6.86 -11.35
CA GLY A 30 -0.66 -7.49 -10.62
C GLY A 30 0.78 -7.26 -11.05
N GLY A 31 1.19 -7.90 -12.13
CA GLY A 31 2.57 -7.84 -12.56
C GLY A 31 3.03 -6.49 -13.05
N GLY A 32 4.26 -6.49 -13.50
CA GLY A 32 4.90 -5.30 -14.05
C GLY A 32 5.25 -4.20 -13.06
N ALA A 33 5.98 -3.20 -13.52
CA ALA A 33 6.37 -2.03 -12.75
C ALA A 33 5.36 -0.92 -13.09
N ASP A 34 4.25 -0.96 -12.40
CA ASP A 34 3.11 -0.13 -12.71
C ASP A 34 3.21 1.30 -12.23
N GLN A 35 2.52 2.15 -12.96
CA GLN A 35 2.30 3.54 -12.57
C GLN A 35 0.79 3.76 -12.73
N LEU A 36 0.07 3.79 -11.61
CA LEU A 36 -1.38 3.85 -11.65
C LEU A 36 -1.78 5.04 -10.82
N TYR A 37 -2.42 5.99 -11.46
CA TYR A 37 -2.86 7.20 -10.79
C TYR A 37 -4.38 7.16 -10.72
N GLY A 38 -4.96 7.51 -9.59
CA GLY A 38 -6.41 7.44 -9.46
C GLY A 38 -7.08 8.73 -9.05
N TYR A 39 -6.28 9.77 -8.79
CA TYR A 39 -6.74 11.11 -8.36
C TYR A 39 -8.14 11.21 -7.71
N GLY A 40 -9.13 11.74 -8.42
CA GLY A 40 -10.44 11.95 -7.82
C GLY A 40 -11.27 10.70 -7.56
N GLY A 41 -12.36 10.87 -6.82
CA GLY A 41 -13.27 9.79 -6.53
C GLY A 41 -12.72 8.86 -5.49
N GLY A 42 -13.59 7.95 -5.10
CA GLY A 42 -13.23 6.84 -4.23
C GLY A 42 -12.51 5.81 -5.09
N ASP A 43 -11.39 5.30 -4.60
CA ASP A 43 -10.52 4.43 -5.42
C ASP A 43 -10.27 3.14 -4.67
N LEU A 44 -10.03 2.06 -5.40
CA LEU A 44 -9.74 0.75 -4.81
C LEU A 44 -8.51 0.22 -5.53
N LEU A 45 -7.34 0.38 -4.94
CA LEU A 45 -6.09 0.19 -5.70
C LEU A 45 -5.16 -0.89 -5.17
N ASP A 46 -4.57 -1.61 -6.11
CA ASP A 46 -3.53 -2.60 -5.82
C ASP A 46 -2.56 -2.55 -6.99
N GLY A 47 -1.39 -3.14 -6.84
CA GLY A 47 -0.45 -3.19 -7.94
C GLY A 47 0.45 -4.42 -7.89
N GLY A 48 -0.05 -5.51 -7.32
CA GLY A 48 0.67 -6.74 -7.13
C GLY A 48 2.18 -6.68 -7.09
N ALA A 49 2.73 -7.54 -7.90
CA ALA A 49 4.14 -7.81 -8.00
C ALA A 49 4.95 -6.62 -8.47
N GLY A 50 6.14 -6.54 -7.92
CA GLY A 50 7.15 -5.57 -8.35
C GLY A 50 7.29 -4.31 -7.51
N ARG A 51 8.09 -3.37 -8.03
CA ARG A 51 8.31 -2.08 -7.42
C ARG A 51 7.40 -1.18 -8.23
N ASP A 52 6.36 -0.71 -7.58
CA ASP A 52 5.27 0.00 -8.24
C ASP A 52 5.08 1.42 -7.71
N ARG A 53 4.46 2.26 -8.53
CA ARG A 53 4.12 3.65 -8.18
C ARG A 53 2.60 3.76 -8.27
N LEU A 54 1.93 3.82 -7.14
CA LEU A 54 0.47 3.78 -7.13
C LEU A 54 -0.04 5.00 -6.39
N THR A 55 -0.84 5.83 -7.05
CA THR A 55 -1.30 7.10 -6.43
C THR A 55 -2.83 7.16 -6.36
N GLY A 56 -3.36 7.66 -5.25
CA GLY A 56 -4.81 7.68 -5.04
C GLY A 56 -5.44 9.05 -4.89
N GLY A 57 -4.64 10.04 -4.53
CA GLY A 57 -5.08 11.40 -4.36
C GLY A 57 -6.18 11.63 -3.36
N GLU A 58 -7.14 12.29 -3.93
CA GLU A 58 -8.35 12.76 -3.30
C GLU A 58 -9.17 11.58 -2.78
N GLY A 59 -9.83 11.79 -1.67
CA GLY A 59 -10.75 10.80 -1.11
C GLY A 59 -10.12 9.78 -0.18
N ALA A 60 -10.99 9.10 0.57
CA ALA A 60 -10.60 8.05 1.51
C ALA A 60 -10.55 6.74 0.72
N ASP A 61 -9.58 6.69 -0.16
CA ASP A 61 -9.38 5.55 -1.04
C ASP A 61 -8.98 4.35 -0.21
N THR A 62 -9.25 3.15 -0.71
CA THR A 62 -8.81 1.94 -0.04
C THR A 62 -7.75 1.21 -0.86
N PHE A 63 -6.53 1.26 -0.37
CA PHE A 63 -5.46 0.49 -1.00
C PHE A 63 -5.53 -0.89 -0.39
N ARG A 64 -5.42 -1.93 -1.22
CA ARG A 64 -5.65 -3.29 -0.75
C ARG A 64 -4.40 -4.14 -0.95
N PHE A 65 -3.95 -4.75 0.14
CA PHE A 65 -2.73 -5.54 0.13
C PHE A 65 -2.97 -6.98 0.55
N ALA A 66 -3.10 -7.83 -0.45
CA ALA A 66 -3.05 -9.27 -0.28
C ALA A 66 -1.69 -9.69 -0.84
N LEU A 67 -0.84 -8.69 -1.04
CA LEU A 67 0.43 -8.83 -1.74
C LEU A 67 1.63 -8.73 -0.77
N ARG A 68 2.03 -9.86 -0.19
CA ARG A 68 3.19 -9.87 0.71
C ARG A 68 4.48 -10.00 -0.08
N GLU A 69 4.65 -11.09 -0.80
CA GLU A 69 5.84 -11.34 -1.61
C GLU A 69 5.91 -10.36 -2.76
N ASP A 70 4.74 -9.89 -3.15
CA ASP A 70 4.58 -8.94 -4.23
C ASP A 70 5.00 -7.52 -3.79
N SER A 71 5.29 -7.39 -2.51
CA SER A 71 5.78 -6.14 -1.92
C SER A 71 6.87 -6.48 -0.90
N GLN A 72 7.82 -7.32 -1.27
CA GLN A 72 8.80 -7.83 -0.32
C GLN A 72 10.17 -7.16 -0.40
N ARG A 73 10.97 -7.36 0.64
CA ARG A 73 12.29 -6.75 0.74
C ARG A 73 13.32 -7.74 1.25
N SER A 74 14.55 -7.52 0.85
CA SER A 74 15.69 -8.32 1.28
C SER A 74 16.89 -7.42 1.26
N ALA A 75 18.01 -7.88 1.79
CA ALA A 75 19.26 -7.14 1.73
C ALA A 75 19.71 -7.00 0.27
N ALA A 76 19.25 -7.93 -0.56
CA ALA A 76 19.57 -7.91 -1.98
C ALA A 76 18.70 -6.93 -2.77
N GLY A 77 17.75 -6.32 -2.08
CA GLY A 77 16.91 -5.30 -2.67
C GLY A 77 15.45 -5.40 -2.27
N THR A 78 14.72 -4.30 -2.47
CA THR A 78 13.30 -4.25 -2.13
C THR A 78 12.44 -4.00 -3.37
N PHE A 79 11.32 -4.70 -3.46
CA PHE A 79 10.37 -4.49 -4.53
C PHE A 79 9.04 -4.23 -3.84
N SER A 80 8.76 -2.97 -3.59
CA SER A 80 7.63 -2.57 -2.75
C SER A 80 6.71 -1.61 -3.48
N ASP A 81 5.53 -1.41 -2.92
CA ASP A 81 4.54 -0.51 -3.51
C ASP A 81 4.66 0.87 -2.90
N LEU A 82 4.99 1.85 -3.73
CA LEU A 82 5.11 3.23 -3.28
C LEU A 82 3.75 3.87 -3.44
N ILE A 83 3.07 4.10 -2.34
CA ILE A 83 1.75 4.71 -2.34
C ILE A 83 1.97 6.22 -2.35
N LEU A 84 1.54 6.87 -3.41
CA LEU A 84 1.73 8.32 -3.58
C LEU A 84 0.44 9.05 -3.27
N ASP A 85 0.58 10.33 -2.93
CA ASP A 85 -0.51 11.23 -2.52
C ASP A 85 -1.64 10.56 -1.78
N PHE A 86 -1.35 10.33 -0.50
CA PHE A 86 -2.21 9.49 0.32
C PHE A 86 -2.27 9.87 1.80
N ASP A 87 -2.27 11.16 2.11
CA ASP A 87 -2.32 11.59 3.52
C ASP A 87 -3.23 12.79 3.85
N PRO A 88 -4.56 12.60 3.77
CA PRO A 88 -5.47 13.56 4.39
C PRO A 88 -5.73 13.17 5.86
N THR A 89 -4.81 12.37 6.43
CA THR A 89 -4.95 11.71 7.75
C THR A 89 -6.17 10.79 7.89
N GLN A 90 -6.87 10.57 6.79
CA GLN A 90 -8.09 9.75 6.74
C GLN A 90 -8.13 9.04 5.39
N ASP A 91 -7.06 8.32 5.10
CA ASP A 91 -6.99 7.47 3.90
C ASP A 91 -7.00 6.04 4.40
N LYS A 92 -7.43 5.08 3.58
CA LYS A 92 -7.56 3.70 4.03
C LYS A 92 -6.55 2.75 3.40
N LEU A 93 -5.96 1.92 4.25
CA LEU A 93 -5.05 0.88 3.84
C LEU A 93 -5.57 -0.42 4.44
N ASP A 94 -5.66 -1.46 3.63
CA ASP A 94 -6.07 -2.77 4.11
C ASP A 94 -4.94 -3.77 3.95
N VAL A 95 -4.48 -4.29 5.08
CA VAL A 95 -3.44 -5.33 5.10
C VAL A 95 -3.97 -6.56 5.85
N SER A 96 -5.26 -6.55 6.16
CA SER A 96 -5.88 -7.66 6.90
C SER A 96 -5.99 -8.91 6.05
N ALA A 97 -5.85 -8.75 4.75
CA ALA A 97 -5.83 -9.89 3.83
C ALA A 97 -4.59 -10.78 4.07
N LEU A 98 -3.54 -10.19 4.63
CA LEU A 98 -2.32 -10.92 4.99
C LEU A 98 -2.32 -11.16 6.48
N GLY A 99 -3.34 -10.62 7.11
CA GLY A 99 -3.48 -10.63 8.56
C GLY A 99 -2.70 -9.51 9.22
N PHE A 100 -1.51 -9.27 8.68
CA PHE A 100 -0.52 -8.31 9.19
C PHE A 100 0.04 -8.83 10.52
N THR A 101 1.16 -8.28 10.96
CA THR A 101 1.82 -8.79 12.16
C THR A 101 1.82 -7.78 13.31
N GLY A 102 1.77 -6.50 12.98
CA GLY A 102 1.71 -5.45 14.00
C GLY A 102 2.72 -4.40 13.63
N LEU A 103 2.75 -3.28 14.34
CA LEU A 103 3.73 -2.22 14.06
C LEU A 103 4.58 -1.93 15.30
N GLY A 104 4.81 -2.99 16.08
CA GLY A 104 5.58 -2.91 17.31
C GLY A 104 7.10 -2.81 17.15
N ASN A 105 7.55 -1.77 16.47
CA ASN A 105 8.98 -1.43 16.32
C ASN A 105 9.87 -2.49 15.65
N GLY A 106 9.28 -3.33 14.82
CA GLY A 106 10.07 -4.16 13.91
C GLY A 106 10.62 -5.47 14.43
N TYR A 107 10.21 -5.88 15.61
CA TYR A 107 10.67 -7.14 16.21
C TYR A 107 9.47 -7.99 16.58
N ALA A 108 9.70 -9.27 16.90
CA ALA A 108 8.65 -10.25 17.18
C ALA A 108 7.72 -10.36 15.96
N GLY A 109 8.31 -10.30 14.77
CA GLY A 109 7.57 -10.39 13.52
C GLY A 109 6.88 -9.12 13.08
N THR A 110 6.75 -8.15 13.98
CA THR A 110 6.05 -6.91 13.68
C THR A 110 6.90 -6.03 12.76
N LEU A 111 6.31 -4.95 12.28
CA LEU A 111 7.00 -3.99 11.42
C LEU A 111 7.30 -2.76 12.26
N ALA A 112 8.10 -1.87 11.71
CA ALA A 112 8.42 -0.59 12.31
C ALA A 112 8.02 0.46 11.29
N VAL A 113 7.69 1.64 11.77
CA VAL A 113 7.34 2.76 10.90
C VAL A 113 8.46 3.79 11.04
N SER A 114 8.78 4.46 9.96
CA SER A 114 9.80 5.49 9.94
C SER A 114 9.33 6.53 8.94
N VAL A 115 9.72 7.78 9.11
CA VAL A 115 9.30 8.84 8.20
C VAL A 115 10.53 9.65 7.84
N SER A 116 10.68 9.92 6.55
CA SER A 116 11.76 10.73 6.04
C SER A 116 11.10 11.91 5.34
N ASP A 117 11.41 13.12 5.77
CA ASP A 117 10.76 14.32 5.24
C ASP A 117 11.35 14.71 3.90
N ASP A 118 12.60 14.35 3.69
CA ASP A 118 13.29 14.60 2.41
C ASP A 118 12.67 13.72 1.32
N GLY A 119 12.10 12.60 1.74
CA GLY A 119 11.42 11.72 0.82
C GLY A 119 9.93 11.94 0.87
N THR A 120 9.49 12.74 1.85
CA THR A 120 8.07 13.02 2.11
C THR A 120 7.26 11.72 2.24
N ARG A 121 7.90 10.71 2.78
CA ARG A 121 7.31 9.36 2.87
C ARG A 121 7.46 8.75 4.24
N THR A 122 6.52 7.88 4.57
CA THR A 122 6.50 7.13 5.80
C THR A 122 6.48 5.68 5.36
N TYR A 123 7.66 5.12 5.53
CA TYR A 123 7.98 3.75 5.14
C TYR A 123 7.64 2.81 6.29
N LEU A 124 7.15 1.62 5.97
CA LEU A 124 6.86 0.59 6.97
C LEU A 124 7.54 -0.68 6.51
N LYS A 125 8.33 -1.29 7.39
CA LYS A 125 9.06 -2.53 7.08
C LYS A 125 9.41 -3.26 8.36
N SER A 126 9.78 -4.52 8.26
CA SER A 126 10.26 -5.29 9.39
C SER A 126 11.67 -5.62 8.97
N TYR A 127 12.56 -5.73 9.94
CA TYR A 127 13.98 -5.98 9.68
C TYR A 127 14.57 -7.05 10.58
N GLU A 128 13.74 -7.68 11.40
CA GLU A 128 14.20 -8.74 12.30
C GLU A 128 14.69 -9.96 11.53
N THR A 129 14.07 -10.21 10.39
CA THR A 129 14.38 -11.34 9.55
C THR A 129 14.52 -10.86 8.11
N ASP A 130 15.61 -11.27 7.50
CA ASP A 130 15.93 -10.93 6.10
C ASP A 130 16.26 -12.21 5.33
N ALA A 131 17.44 -12.78 5.53
CA ALA A 131 17.79 -14.04 4.87
C ALA A 131 17.00 -15.17 5.55
N GLU A 132 16.72 -14.95 6.83
CA GLU A 132 16.05 -15.92 7.68
C GLU A 132 14.55 -15.94 7.42
N GLY A 133 14.05 -14.85 6.88
CA GLY A 133 12.62 -14.71 6.68
C GLY A 133 12.31 -13.38 6.04
N ARG A 134 12.50 -13.29 4.74
CA ARG A 134 12.41 -11.99 4.07
C ARG A 134 11.01 -11.40 4.19
N SER A 135 11.01 -10.18 4.70
CA SER A 135 9.83 -9.49 5.15
C SER A 135 9.25 -8.64 4.03
N PHE A 136 8.16 -7.95 4.32
CA PHE A 136 7.52 -7.08 3.35
C PHE A 136 7.69 -5.61 3.72
N GLU A 137 7.53 -4.75 2.73
CA GLU A 137 7.77 -3.31 2.87
C GLU A 137 6.72 -2.57 2.06
N VAL A 138 6.22 -1.48 2.61
CA VAL A 138 5.31 -0.58 1.88
C VAL A 138 5.76 0.83 2.23
N SER A 139 5.34 1.81 1.45
CA SER A 139 5.68 3.20 1.75
C SER A 139 4.51 4.08 1.35
N LEU A 140 4.25 5.10 2.14
CA LEU A 140 3.13 6.01 1.90
C LEU A 140 3.67 7.43 1.86
N GLN A 141 3.30 8.19 0.83
CA GLN A 141 3.71 9.59 0.74
C GLN A 141 2.84 10.39 1.70
N GLY A 142 3.48 10.94 2.72
CA GLY A 142 2.79 11.65 3.76
C GLY A 142 3.50 11.32 5.06
N ASN A 143 3.00 11.90 6.13
CA ASN A 143 3.58 11.76 7.46
C ASN A 143 2.53 11.15 8.39
N HIS A 144 1.69 10.27 7.85
CA HIS A 144 0.56 9.67 8.58
C HIS A 144 1.00 8.66 9.67
N ALA A 145 2.27 8.73 10.06
CA ALA A 145 2.79 8.00 11.20
C ALA A 145 2.19 8.68 12.44
N ALA A 146 1.95 9.98 12.32
CA ALA A 146 1.30 10.75 13.37
C ALA A 146 -0.22 10.52 13.31
N ALA A 147 -0.65 9.80 12.28
CA ALA A 147 -2.07 9.47 12.09
C ALA A 147 -2.26 7.95 11.92
N LEU A 148 -1.55 7.19 12.74
CA LEU A 148 -1.69 5.74 12.74
C LEU A 148 -2.92 5.38 13.58
N SER A 149 -3.85 4.65 12.99
CA SER A 149 -5.08 4.30 13.67
C SER A 149 -5.72 3.11 12.95
N ALA A 150 -6.70 2.49 13.61
CA ALA A 150 -7.43 1.37 13.01
C ALA A 150 -8.33 1.86 11.86
N ASP A 151 -8.79 3.10 11.95
CA ASP A 151 -9.61 3.67 10.88
C ASP A 151 -8.73 3.95 9.66
N ASN A 152 -7.46 4.27 9.86
CA ASN A 152 -6.53 4.43 8.73
C ASN A 152 -6.09 3.07 8.17
N ILE A 153 -5.80 2.11 9.04
CA ILE A 153 -5.28 0.81 8.57
C ILE A 153 -6.06 -0.37 9.16
N LEU A 154 -6.58 -1.23 8.29
CA LEU A 154 -7.29 -2.44 8.72
C LEU A 154 -6.28 -3.57 8.80
N PHE A 155 -6.27 -4.26 9.94
CA PHE A 155 -5.34 -5.36 10.21
C PHE A 155 -6.11 -6.41 11.00
N ALA A 156 -5.56 -7.60 11.16
CA ALA A 156 -6.24 -8.68 11.89
C ALA A 156 -5.27 -9.36 12.87
N THR A 157 -4.33 -8.59 13.40
CA THR A 157 -3.34 -9.09 14.35
C THR A 157 -3.69 -8.52 15.73
N PRO A 158 -3.37 -9.24 16.82
CA PRO A 158 -3.73 -8.72 18.15
C PRO A 158 -2.90 -7.52 18.61
N VAL A 159 -1.80 -7.23 17.94
CA VAL A 159 -0.99 -6.04 18.25
C VAL A 159 -1.29 -5.04 17.12
N PRO A 160 -1.74 -3.82 17.47
CA PRO A 160 -2.19 -2.89 16.44
C PRO A 160 -1.09 -2.19 15.66
N VAL A 161 -1.51 -1.26 14.82
CA VAL A 161 -0.61 -0.36 14.11
C VAL A 161 -0.43 0.88 14.98
CA CA B . 0.47 -4.39 -14.24
CA CA C . -10.33 7.35 -9.14
CA CA D . 2.88 -4.43 -10.40
CA CA E . -9.13 8.91 -5.21
CA CA F . 4.35 -4.27 -5.58
CA CA G . -6.52 9.23 -0.84
N ASP A 1 -23.92 0.88 -6.94
CA ASP A 1 -25.13 1.41 -7.61
C ASP A 1 -25.39 0.67 -8.91
N PRO A 2 -26.63 0.74 -9.44
CA PRO A 2 -26.82 0.03 -10.71
C PRO A 2 -26.06 0.66 -11.89
N SER A 3 -25.59 1.88 -11.73
CA SER A 3 -24.79 2.54 -12.75
C SER A 3 -23.37 1.97 -12.76
N ALA A 4 -22.79 1.81 -11.57
CA ALA A 4 -21.45 1.25 -11.40
C ALA A 4 -21.31 0.83 -9.93
N GLU A 5 -20.48 -0.18 -9.68
CA GLU A 5 -20.23 -0.69 -8.33
C GLU A 5 -18.74 -0.51 -8.01
N ALA A 6 -18.10 0.38 -8.77
CA ALA A 6 -16.65 0.64 -8.67
C ALA A 6 -15.84 -0.65 -8.87
N GLN A 7 -16.24 -1.43 -9.87
CA GLN A 7 -15.58 -2.69 -10.17
C GLN A 7 -14.16 -2.40 -10.66
N PRO A 8 -13.13 -2.94 -9.99
CA PRO A 8 -11.79 -2.60 -10.48
C PRO A 8 -11.53 -3.04 -11.91
N ILE A 9 -10.82 -2.19 -12.64
CA ILE A 9 -10.50 -2.46 -14.03
C ILE A 9 -9.28 -3.37 -14.02
N VAL A 10 -9.33 -4.45 -14.77
CA VAL A 10 -8.24 -5.40 -14.83
C VAL A 10 -7.31 -4.96 -15.96
N GLY A 11 -6.13 -4.58 -15.52
CA GLY A 11 -5.05 -4.17 -16.40
C GLY A 11 -4.30 -5.38 -16.93
N SER A 12 -2.99 -5.25 -16.97
CA SER A 12 -2.13 -6.32 -17.49
C SER A 12 -1.09 -6.71 -16.45
N ASP A 13 -0.43 -7.84 -16.66
CA ASP A 13 0.69 -8.23 -15.80
C ASP A 13 1.99 -7.63 -16.32
N LEU A 14 1.85 -6.85 -17.38
CA LEU A 14 2.94 -6.02 -17.88
C LEU A 14 3.02 -4.77 -17.01
N ASP A 15 4.02 -3.93 -17.26
CA ASP A 15 4.15 -2.62 -16.61
C ASP A 15 2.99 -1.77 -17.11
N ASP A 16 2.04 -1.47 -16.24
CA ASP A 16 0.88 -0.68 -16.62
C ASP A 16 1.23 0.77 -16.45
N GLN A 17 1.01 1.54 -17.49
CA GLN A 17 1.03 2.98 -17.39
C GLN A 17 -0.42 3.36 -17.71
N LEU A 18 -1.22 3.52 -16.67
CA LEU A 18 -2.66 3.75 -16.83
C LEU A 18 -3.11 4.77 -15.80
N HIS A 19 -4.17 5.49 -16.10
CA HIS A 19 -4.70 6.47 -15.16
C HIS A 19 -6.20 6.28 -14.94
N GLY A 20 -6.62 6.62 -13.74
CA GLY A 20 -8.00 6.51 -13.30
C GLY A 20 -8.65 7.86 -13.21
N THR A 21 -7.86 8.80 -12.72
CA THR A 21 -8.30 10.17 -12.47
C THR A 21 -9.66 10.20 -11.76
N LEU A 22 -10.50 11.16 -12.11
CA LEU A 22 -11.76 11.47 -11.38
C LEU A 22 -12.80 10.36 -11.30
N LEU A 23 -12.63 9.29 -12.06
CA LEU A 23 -13.55 8.16 -11.96
C LEU A 23 -13.48 7.61 -10.54
N GLY A 24 -14.65 7.28 -9.99
CA GLY A 24 -14.76 6.67 -8.67
C GLY A 24 -14.58 5.17 -8.78
N GLU A 25 -13.58 4.80 -9.57
CA GLU A 25 -13.25 3.43 -9.89
C GLU A 25 -11.74 3.45 -10.10
N GLU A 26 -11.07 2.33 -9.90
CA GLU A 26 -9.63 2.25 -10.04
C GLU A 26 -9.19 0.93 -10.69
N ILE A 27 -7.88 0.77 -10.86
CA ILE A 27 -7.30 -0.29 -11.67
C ILE A 27 -6.45 -1.27 -10.85
N SER A 28 -6.59 -2.55 -11.18
CA SER A 28 -5.80 -3.64 -10.62
C SER A 28 -4.93 -4.17 -11.77
N GLY A 29 -3.74 -4.67 -11.49
CA GLY A 29 -2.89 -5.17 -12.57
C GLY A 29 -1.65 -5.86 -12.04
N GLY A 30 -1.82 -7.05 -11.48
CA GLY A 30 -0.81 -7.75 -10.71
C GLY A 30 0.66 -7.52 -11.03
N GLY A 31 1.12 -8.14 -12.10
CA GLY A 31 2.53 -8.08 -12.45
C GLY A 31 3.01 -6.72 -12.88
N GLY A 32 4.26 -6.69 -13.26
CA GLY A 32 4.90 -5.49 -13.75
C GLY A 32 5.17 -4.39 -12.72
N ALA A 33 6.01 -3.45 -13.12
CA ALA A 33 6.38 -2.28 -12.32
C ALA A 33 5.43 -1.15 -12.72
N ASP A 34 4.25 -1.18 -12.13
CA ASP A 34 3.17 -0.32 -12.54
C ASP A 34 3.28 1.09 -12.03
N GLN A 35 2.72 1.98 -12.83
CA GLN A 35 2.56 3.38 -12.48
C GLN A 35 1.09 3.69 -12.73
N LEU A 36 0.33 3.79 -11.66
CA LEU A 36 -1.11 3.88 -11.74
C LEU A 36 -1.49 5.09 -10.94
N TYR A 37 -2.14 6.02 -11.60
CA TYR A 37 -2.56 7.25 -10.97
C TYR A 37 -4.07 7.20 -10.88
N GLY A 38 -4.64 7.58 -9.75
CA GLY A 38 -6.09 7.50 -9.59
C GLY A 38 -6.74 8.76 -9.07
N TYR A 39 -5.94 9.74 -8.68
CA TYR A 39 -6.38 11.04 -8.14
C TYR A 39 -7.84 11.18 -7.62
N GLY A 40 -8.77 11.62 -8.46
CA GLY A 40 -10.12 11.84 -7.99
C GLY A 40 -10.97 10.59 -7.77
N GLY A 41 -12.06 10.78 -7.04
CA GLY A 41 -13.01 9.72 -6.80
C GLY A 41 -12.52 8.79 -5.70
N GLY A 42 -13.42 7.97 -5.25
CA GLY A 42 -13.07 6.89 -4.33
C GLY A 42 -12.45 5.78 -5.15
N ASP A 43 -11.32 5.24 -4.70
CA ASP A 43 -10.52 4.34 -5.51
C ASP A 43 -10.26 3.04 -4.78
N LEU A 44 -10.03 1.98 -5.55
CA LEU A 44 -9.79 0.64 -5.01
C LEU A 44 -8.63 0.03 -5.77
N LEU A 45 -7.44 0.10 -5.21
CA LEU A 45 -6.23 -0.28 -5.94
C LEU A 45 -5.41 -1.36 -5.26
N ASP A 46 -5.02 -2.36 -6.04
CA ASP A 46 -4.11 -3.41 -5.60
C ASP A 46 -2.96 -3.46 -6.63
N GLY A 47 -1.74 -3.19 -6.19
CA GLY A 47 -0.62 -3.08 -7.13
C GLY A 47 0.05 -4.37 -7.55
N GLY A 48 -0.18 -5.46 -6.82
CA GLY A 48 0.42 -6.72 -7.11
C GLY A 48 1.91 -6.72 -6.97
N ALA A 49 2.40 -7.69 -7.67
CA ALA A 49 3.81 -8.02 -7.77
C ALA A 49 4.62 -6.88 -8.33
N GLY A 50 5.85 -6.83 -7.87
CA GLY A 50 6.83 -5.87 -8.36
C GLY A 50 6.97 -4.62 -7.52
N ARG A 51 7.75 -3.66 -8.04
CA ARG A 51 8.01 -2.39 -7.40
C ARG A 51 7.08 -1.42 -8.10
N ASP A 52 6.04 -1.04 -7.40
CA ASP A 52 4.95 -0.27 -7.98
C ASP A 52 4.83 1.16 -7.45
N ARG A 53 4.27 2.04 -8.28
CA ARG A 53 4.02 3.44 -7.97
C ARG A 53 2.51 3.66 -8.06
N LEU A 54 1.86 3.87 -6.93
CA LEU A 54 0.40 3.92 -6.89
C LEU A 54 -0.10 5.26 -6.33
N THR A 55 -0.64 6.13 -7.17
CA THR A 55 -1.10 7.45 -6.68
C THR A 55 -2.62 7.47 -6.56
N GLY A 56 -3.14 8.13 -5.52
CA GLY A 56 -4.58 8.09 -5.27
C GLY A 56 -5.26 9.40 -4.92
N GLY A 57 -4.51 10.45 -4.71
CA GLY A 57 -5.00 11.77 -4.35
C GLY A 57 -6.16 11.86 -3.40
N GLU A 58 -7.12 12.58 -3.94
CA GLU A 58 -8.36 12.96 -3.29
C GLU A 58 -9.15 11.74 -2.81
N GLY A 59 -9.81 11.90 -1.69
CA GLY A 59 -10.72 10.89 -1.17
C GLY A 59 -10.09 9.86 -0.25
N ALA A 60 -10.96 9.20 0.51
CA ALA A 60 -10.58 8.14 1.45
C ALA A 60 -10.54 6.82 0.69
N ASP A 61 -9.60 6.75 -0.23
CA ASP A 61 -9.42 5.59 -1.09
C ASP A 61 -8.98 4.41 -0.26
N THR A 62 -9.30 3.21 -0.71
CA THR A 62 -8.84 2.00 -0.03
C THR A 62 -7.82 1.32 -0.91
N PHE A 63 -6.55 1.60 -0.64
CA PHE A 63 -5.47 0.93 -1.34
C PHE A 63 -5.21 -0.28 -0.46
N ARG A 64 -5.31 -1.45 -1.06
CA ARG A 64 -5.43 -2.68 -0.29
C ARG A 64 -4.41 -3.70 -0.70
N PHE A 65 -4.00 -4.47 0.28
CA PHE A 65 -2.93 -5.42 0.11
C PHE A 65 -3.38 -6.83 0.39
N ALA A 66 -3.62 -7.57 -0.68
CA ALA A 66 -3.69 -9.02 -0.64
C ALA A 66 -2.33 -9.48 -1.20
N LEU A 67 -1.52 -8.48 -1.52
CA LEU A 67 -0.21 -8.68 -2.15
C LEU A 67 0.86 -8.88 -1.09
N ARG A 68 1.10 -10.13 -0.74
CA ARG A 68 1.99 -10.49 0.35
C ARG A 68 3.45 -10.58 -0.08
N GLU A 69 3.77 -11.62 -0.83
CA GLU A 69 5.12 -11.79 -1.39
C GLU A 69 5.32 -10.74 -2.47
N ASP A 70 4.21 -10.22 -2.95
CA ASP A 70 4.17 -9.17 -3.95
C ASP A 70 4.55 -7.80 -3.37
N SER A 71 4.69 -7.74 -2.05
CA SER A 71 5.11 -6.54 -1.34
C SER A 71 6.23 -6.87 -0.33
N GLN A 72 7.12 -7.79 -0.71
CA GLN A 72 8.17 -8.26 0.20
C GLN A 72 9.53 -7.64 -0.08
N ARG A 73 10.45 -7.77 0.87
CA ARG A 73 11.79 -7.21 0.75
C ARG A 73 12.88 -8.13 1.25
N SER A 74 14.06 -7.97 0.69
CA SER A 74 15.25 -8.69 1.11
C SER A 74 16.43 -7.78 0.79
N ALA A 75 17.60 -8.12 1.28
CA ALA A 75 18.82 -7.37 0.98
C ALA A 75 19.14 -7.54 -0.51
N ALA A 76 18.68 -8.64 -1.09
CA ALA A 76 18.87 -8.91 -2.51
C ALA A 76 17.92 -8.10 -3.39
N GLY A 77 17.03 -7.40 -2.74
CA GLY A 77 16.11 -6.52 -3.45
C GLY A 77 14.74 -6.45 -2.80
N THR A 78 14.06 -5.33 -2.99
CA THR A 78 12.71 -5.15 -2.44
C THR A 78 11.73 -4.94 -3.57
N PHE A 79 10.53 -5.50 -3.41
CA PHE A 79 9.47 -5.33 -4.38
C PHE A 79 8.32 -4.79 -3.56
N SER A 80 8.22 -3.48 -3.49
CA SER A 80 7.29 -2.81 -2.59
C SER A 80 6.35 -1.93 -3.35
N ASP A 81 5.42 -1.31 -2.64
CA ASP A 81 4.40 -0.47 -3.26
C ASP A 81 4.50 0.92 -2.65
N LEU A 82 4.91 1.88 -3.46
CA LEU A 82 5.06 3.25 -3.00
C LEU A 82 3.80 4.01 -3.37
N ILE A 83 2.99 4.26 -2.37
CA ILE A 83 1.73 4.95 -2.56
C ILE A 83 2.01 6.45 -2.52
N LEU A 84 1.65 7.16 -3.58
CA LEU A 84 1.85 8.60 -3.66
C LEU A 84 0.56 9.32 -3.38
N ASP A 85 0.69 10.60 -3.01
CA ASP A 85 -0.43 11.49 -2.65
C ASP A 85 -1.59 10.80 -1.94
N PHE A 86 -1.38 10.57 -0.66
CA PHE A 86 -2.28 9.73 0.12
C PHE A 86 -2.40 10.09 1.61
N ASP A 87 -2.43 11.38 1.93
CA ASP A 87 -2.54 11.78 3.33
C ASP A 87 -3.42 13.00 3.66
N PRO A 88 -4.76 12.85 3.58
CA PRO A 88 -5.64 13.83 4.20
C PRO A 88 -5.91 13.48 5.66
N THR A 89 -5.00 12.69 6.26
CA THR A 89 -5.14 12.06 7.59
C THR A 89 -6.35 11.12 7.73
N GLN A 90 -7.01 10.85 6.61
CA GLN A 90 -8.22 10.02 6.53
C GLN A 90 -8.18 9.28 5.19
N ASP A 91 -7.10 8.57 4.96
CA ASP A 91 -6.97 7.70 3.78
C ASP A 91 -6.95 6.28 4.30
N LYS A 92 -7.33 5.30 3.50
CA LYS A 92 -7.43 3.93 3.99
C LYS A 92 -6.38 3.00 3.41
N LEU A 93 -5.66 2.37 4.31
CA LEU A 93 -4.67 1.36 3.98
C LEU A 93 -5.19 0.06 4.56
N ASP A 94 -5.31 -0.95 3.73
CA ASP A 94 -5.75 -2.28 4.19
C ASP A 94 -4.65 -3.31 4.00
N VAL A 95 -4.22 -3.91 5.10
CA VAL A 95 -3.21 -4.97 5.05
C VAL A 95 -3.74 -6.21 5.77
N SER A 96 -5.05 -6.25 6.03
CA SER A 96 -5.65 -7.36 6.76
C SER A 96 -5.57 -8.67 5.99
N ALA A 97 -5.59 -8.59 4.67
CA ALA A 97 -5.51 -9.79 3.84
C ALA A 97 -4.10 -10.41 3.85
N LEU A 98 -3.11 -9.67 4.35
CA LEU A 98 -1.75 -10.21 4.50
C LEU A 98 -1.64 -10.86 5.87
N GLY A 99 -2.61 -10.55 6.71
CA GLY A 99 -2.61 -10.91 8.11
C GLY A 99 -1.86 -9.85 8.90
N PHE A 100 -0.66 -9.53 8.40
CA PHE A 100 0.26 -8.56 9.02
C PHE A 100 0.79 -9.14 10.34
N THR A 101 1.82 -8.51 10.90
CA THR A 101 2.46 -9.06 12.11
C THR A 101 2.46 -8.13 13.31
N GLY A 102 2.29 -6.84 13.06
CA GLY A 102 2.20 -5.85 14.14
C GLY A 102 3.10 -4.70 13.81
N LEU A 103 3.11 -3.66 14.62
CA LEU A 103 3.98 -2.50 14.39
C LEU A 103 4.86 -2.21 15.62
N GLY A 104 5.26 -3.28 16.30
CA GLY A 104 6.08 -3.19 17.49
C GLY A 104 7.56 -2.92 17.25
N ASN A 105 7.85 -1.81 16.58
CA ASN A 105 9.21 -1.32 16.34
C ASN A 105 10.13 -2.28 15.57
N GLY A 106 9.56 -3.14 14.74
CA GLY A 106 10.36 -3.91 13.80
C GLY A 106 11.03 -5.16 14.31
N TYR A 107 10.70 -5.60 15.51
CA TYR A 107 11.26 -6.82 16.09
C TYR A 107 10.13 -7.75 16.54
N ALA A 108 10.48 -8.99 16.87
CA ALA A 108 9.51 -10.05 17.18
C ALA A 108 8.57 -10.26 15.98
N GLY A 109 9.14 -10.16 14.78
CA GLY A 109 8.38 -10.34 13.55
C GLY A 109 7.55 -9.14 13.12
N THR A 110 7.34 -8.19 14.00
CA THR A 110 6.53 -7.01 13.69
C THR A 110 7.28 -6.07 12.77
N LEU A 111 6.59 -5.06 12.27
CA LEU A 111 7.21 -4.05 11.40
C LEU A 111 7.41 -2.78 12.22
N ALA A 112 8.10 -1.83 11.63
CA ALA A 112 8.33 -0.52 12.24
C ALA A 112 7.84 0.49 11.21
N VAL A 113 7.42 1.65 11.69
CA VAL A 113 7.04 2.74 10.82
C VAL A 113 8.09 3.83 11.04
N SER A 114 8.45 4.52 9.97
CA SER A 114 9.42 5.59 10.03
C SER A 114 8.97 6.63 9.02
N VAL A 115 9.26 7.89 9.25
CA VAL A 115 8.85 8.94 8.35
C VAL A 115 10.08 9.80 8.07
N SER A 116 10.29 10.10 6.79
CA SER A 116 11.39 10.96 6.38
C SER A 116 10.74 12.13 5.65
N ASP A 117 10.99 13.34 6.12
CA ASP A 117 10.32 14.52 5.59
C ASP A 117 10.96 14.96 4.27
N ASP A 118 12.23 14.64 4.11
CA ASP A 118 12.96 14.92 2.87
C ASP A 118 12.41 14.05 1.75
N GLY A 119 11.85 12.91 2.12
CA GLY A 119 11.23 12.02 1.16
C GLY A 119 9.73 12.22 1.15
N THR A 120 9.24 12.97 2.13
CA THR A 120 7.81 13.22 2.34
C THR A 120 7.01 11.91 2.41
N ARG A 121 7.67 10.88 2.93
CA ARG A 121 7.10 9.53 2.97
C ARG A 121 7.21 8.88 4.33
N THR A 122 6.28 7.98 4.59
CA THR A 122 6.24 7.20 5.79
C THR A 122 6.26 5.76 5.31
N TYR A 123 7.42 5.20 5.52
CA TYR A 123 7.77 3.85 5.11
C TYR A 123 7.45 2.88 6.24
N LEU A 124 7.02 1.67 5.91
CA LEU A 124 6.79 0.63 6.91
C LEU A 124 7.54 -0.62 6.44
N LYS A 125 8.39 -1.16 7.30
CA LYS A 125 9.15 -2.38 7.00
C LYS A 125 9.61 -3.02 8.29
N SER A 126 10.10 -4.25 8.23
CA SER A 126 10.69 -4.90 9.37
C SER A 126 12.12 -5.14 8.93
N TYR A 127 13.00 -5.25 9.88
CA TYR A 127 14.44 -5.40 9.61
C TYR A 127 15.12 -6.43 10.51
N GLU A 128 14.35 -7.07 11.40
CA GLU A 128 14.90 -8.09 12.29
C GLU A 128 15.33 -9.33 11.50
N THR A 129 14.58 -9.61 10.44
CA THR A 129 14.79 -10.77 9.62
C THR A 129 14.77 -10.33 8.16
N ASP A 130 15.75 -10.82 7.44
CA ASP A 130 15.93 -10.54 6.01
C ASP A 130 16.06 -11.85 5.23
N ALA A 131 17.20 -12.51 5.34
CA ALA A 131 17.39 -13.81 4.70
C ALA A 131 16.67 -14.87 5.54
N GLU A 132 16.61 -14.58 6.83
CA GLU A 132 16.06 -15.47 7.84
C GLU A 132 14.53 -15.45 7.82
N GLY A 133 13.98 -14.38 7.27
CA GLY A 133 12.55 -14.18 7.28
C GLY A 133 12.25 -12.93 6.50
N ARG A 134 12.20 -13.07 5.19
CA ARG A 134 12.04 -11.92 4.30
C ARG A 134 10.69 -11.25 4.55
N SER A 135 10.82 -10.01 4.97
CA SER A 135 9.74 -9.23 5.55
C SER A 135 9.03 -8.43 4.48
N PHE A 136 8.03 -7.66 4.88
CA PHE A 136 7.27 -6.85 3.94
C PHE A 136 7.72 -5.39 3.98
N GLU A 137 7.45 -4.68 2.89
CA GLU A 137 7.81 -3.25 2.78
C GLU A 137 6.74 -2.52 1.98
N VAL A 138 6.25 -1.41 2.52
CA VAL A 138 5.31 -0.53 1.82
C VAL A 138 5.74 0.91 2.13
N SER A 139 5.24 1.86 1.37
CA SER A 139 5.54 3.27 1.61
C SER A 139 4.33 4.10 1.25
N LEU A 140 4.12 5.19 1.96
CA LEU A 140 3.00 6.09 1.73
C LEU A 140 3.53 7.51 1.76
N GLN A 141 3.18 8.32 0.77
CA GLN A 141 3.58 9.72 0.75
C GLN A 141 2.67 10.50 1.69
N GLY A 142 3.26 11.00 2.76
CA GLY A 142 2.52 11.68 3.80
C GLY A 142 3.19 11.32 5.10
N ASN A 143 2.64 11.86 6.17
CA ASN A 143 3.16 11.68 7.52
C ASN A 143 2.07 11.04 8.38
N HIS A 144 1.21 10.23 7.75
CA HIS A 144 0.04 9.62 8.41
C HIS A 144 0.38 8.57 9.50
N ALA A 145 1.64 8.53 9.90
CA ALA A 145 2.07 7.74 11.05
C ALA A 145 1.58 8.48 12.29
N ALA A 146 1.45 9.80 12.17
CA ALA A 146 0.88 10.63 13.22
C ALA A 146 -0.64 10.42 13.23
N ALA A 147 -1.14 9.78 12.20
CA ALA A 147 -2.57 9.46 12.07
C ALA A 147 -2.76 7.94 12.12
N LEU A 148 -1.97 7.26 12.96
CA LEU A 148 -2.10 5.83 13.13
C LEU A 148 -3.40 5.56 13.88
N SER A 149 -4.34 4.89 13.23
CA SER A 149 -5.63 4.62 13.81
C SER A 149 -6.28 3.46 13.09
N ALA A 150 -7.32 2.88 13.68
CA ALA A 150 -8.05 1.77 13.07
C ALA A 150 -8.82 2.25 11.84
N ASP A 151 -9.24 3.51 11.84
CA ASP A 151 -9.94 4.08 10.69
C ASP A 151 -8.97 4.30 9.53
N ASN A 152 -7.72 4.63 9.81
CA ASN A 152 -6.71 4.76 8.75
C ASN A 152 -6.18 3.41 8.26
N ILE A 153 -5.99 2.44 9.16
CA ILE A 153 -5.40 1.15 8.78
C ILE A 153 -6.23 -0.04 9.23
N LEU A 154 -6.54 -0.94 8.30
CA LEU A 154 -7.23 -2.19 8.62
C LEU A 154 -6.17 -3.29 8.61
N PHE A 155 -6.19 -4.12 9.66
CA PHE A 155 -5.17 -5.14 9.86
C PHE A 155 -5.84 -6.33 10.55
N ALA A 156 -5.15 -7.47 10.60
CA ALA A 156 -5.72 -8.68 11.22
C ALA A 156 -4.63 -9.42 12.04
N THR A 157 -3.70 -8.65 12.58
CA THR A 157 -2.60 -9.20 13.37
C THR A 157 -3.06 -9.34 14.82
N PRO A 158 -2.56 -10.34 15.57
CA PRO A 158 -2.99 -10.52 16.96
C PRO A 158 -2.45 -9.46 17.93
N VAL A 159 -1.56 -8.61 17.45
CA VAL A 159 -1.02 -7.50 18.24
C VAL A 159 -1.29 -6.25 17.37
N PRO A 160 -1.71 -5.13 17.97
CA PRO A 160 -2.10 -4.01 17.09
C PRO A 160 -0.95 -3.31 16.37
N VAL A 161 -1.33 -2.29 15.59
CA VAL A 161 -0.39 -1.47 14.85
C VAL A 161 -0.59 -0.04 15.33
CA CA B . 0.60 -4.52 -14.19
CA CA C . -9.97 7.33 -9.42
CA CA D . 2.54 -4.61 -10.23
CA CA E . -8.93 8.97 -5.14
CA CA F . 4.18 -4.44 -5.28
CA CA G . -6.54 9.25 -1.04
N ASP A 1 -23.59 0.76 -6.64
CA ASP A 1 -24.85 1.26 -7.25
C ASP A 1 -25.18 0.50 -8.51
N PRO A 2 -26.45 0.52 -8.97
CA PRO A 2 -26.71 -0.23 -10.22
C PRO A 2 -26.04 0.38 -11.46
N SER A 3 -25.58 1.62 -11.35
CA SER A 3 -24.83 2.27 -12.42
C SER A 3 -23.42 1.69 -12.51
N ALA A 4 -22.73 1.68 -11.37
CA ALA A 4 -21.38 1.14 -11.26
C ALA A 4 -21.12 0.86 -9.77
N GLU A 5 -20.18 -0.03 -9.48
CA GLU A 5 -19.83 -0.38 -8.10
C GLU A 5 -18.32 -0.19 -7.93
N ALA A 6 -17.76 0.68 -8.75
CA ALA A 6 -16.32 1.00 -8.77
C ALA A 6 -15.49 -0.27 -8.99
N GLN A 7 -15.97 -1.15 -9.85
CA GLN A 7 -15.28 -2.41 -10.13
C GLN A 7 -13.94 -2.08 -10.77
N PRO A 8 -12.82 -2.55 -10.20
CA PRO A 8 -11.56 -2.12 -10.83
C PRO A 8 -11.39 -2.56 -12.28
N ILE A 9 -10.71 -1.73 -13.05
CA ILE A 9 -10.44 -2.04 -14.44
C ILE A 9 -9.22 -2.95 -14.43
N VAL A 10 -9.29 -4.04 -15.16
CA VAL A 10 -8.23 -5.01 -15.22
C VAL A 10 -7.24 -4.55 -16.28
N GLY A 11 -6.07 -4.24 -15.77
CA GLY A 11 -4.93 -3.84 -16.57
C GLY A 11 -4.23 -5.05 -17.13
N SER A 12 -2.90 -5.03 -17.09
CA SER A 12 -2.10 -6.13 -17.59
C SER A 12 -1.11 -6.58 -16.52
N ASP A 13 -0.53 -7.76 -16.69
CA ASP A 13 0.54 -8.21 -15.79
C ASP A 13 1.87 -7.68 -16.27
N LEU A 14 1.83 -6.89 -17.34
CA LEU A 14 2.98 -6.12 -17.80
C LEU A 14 3.08 -4.87 -16.92
N ASP A 15 4.12 -4.07 -17.15
CA ASP A 15 4.28 -2.78 -16.49
C ASP A 15 3.18 -1.86 -17.01
N ASP A 16 2.23 -1.50 -16.16
CA ASP A 16 1.12 -0.65 -16.55
C ASP A 16 1.54 0.78 -16.36
N GLN A 17 1.29 1.57 -17.37
CA GLN A 17 1.34 3.02 -17.25
C GLN A 17 -0.09 3.43 -17.59
N LEU A 18 -0.91 3.60 -16.57
CA LEU A 18 -2.34 3.87 -16.75
C LEU A 18 -2.78 4.89 -15.72
N HIS A 19 -3.83 5.63 -16.02
CA HIS A 19 -4.34 6.61 -15.06
C HIS A 19 -5.85 6.49 -14.88
N GLY A 20 -6.28 6.81 -13.68
CA GLY A 20 -7.66 6.75 -13.26
C GLY A 20 -8.24 8.13 -13.14
N THR A 21 -7.43 9.01 -12.60
CA THR A 21 -7.81 10.39 -12.31
C THR A 21 -9.18 10.46 -11.62
N LEU A 22 -9.95 11.50 -11.91
CA LEU A 22 -11.19 11.82 -11.19
C LEU A 22 -12.31 10.79 -11.25
N LEU A 23 -12.16 9.76 -12.07
CA LEU A 23 -13.13 8.67 -12.07
C LEU A 23 -13.15 8.04 -10.68
N GLY A 24 -14.35 7.74 -10.21
CA GLY A 24 -14.55 7.09 -8.92
C GLY A 24 -14.42 5.59 -9.07
N GLU A 25 -13.37 5.20 -9.79
CA GLU A 25 -13.06 3.82 -10.09
C GLU A 25 -11.53 3.80 -10.24
N GLU A 26 -10.92 2.64 -10.07
CA GLU A 26 -9.46 2.50 -10.15
C GLU A 26 -9.05 1.21 -10.86
N ILE A 27 -7.76 1.00 -10.97
CA ILE A 27 -7.19 -0.05 -11.83
C ILE A 27 -6.46 -1.11 -11.01
N SER A 28 -6.63 -2.35 -11.41
CA SER A 28 -5.94 -3.51 -10.84
C SER A 28 -5.04 -4.05 -11.94
N GLY A 29 -3.88 -4.59 -11.62
CA GLY A 29 -2.98 -5.09 -12.65
C GLY A 29 -1.77 -5.80 -12.08
N GLY A 30 -2.01 -6.97 -11.48
CA GLY A 30 -1.02 -7.68 -10.68
C GLY A 30 0.45 -7.54 -10.98
N GLY A 31 0.90 -8.15 -12.07
CA GLY A 31 2.30 -8.15 -12.40
C GLY A 31 2.86 -6.81 -12.79
N GLY A 32 4.11 -6.84 -13.16
CA GLY A 32 4.82 -5.65 -13.62
C GLY A 32 5.11 -4.58 -12.58
N ALA A 33 6.01 -3.67 -12.95
CA ALA A 33 6.41 -2.52 -12.14
C ALA A 33 5.52 -1.35 -12.54
N ASP A 34 4.32 -1.35 -11.98
CA ASP A 34 3.29 -0.44 -12.41
C ASP A 34 3.42 0.96 -11.88
N GLN A 35 2.91 1.88 -12.66
CA GLN A 35 2.78 3.27 -12.30
C GLN A 35 1.33 3.62 -12.59
N LEU A 36 0.53 3.72 -11.53
CA LEU A 36 -0.91 3.85 -11.65
C LEU A 36 -1.24 5.07 -10.86
N TYR A 37 -1.88 6.01 -11.52
CA TYR A 37 -2.26 7.26 -10.89
C TYR A 37 -3.76 7.23 -10.79
N GLY A 38 -4.32 7.64 -9.66
CA GLY A 38 -5.77 7.56 -9.49
C GLY A 38 -6.42 8.80 -8.94
N TYR A 39 -5.61 9.75 -8.48
CA TYR A 39 -6.06 11.04 -7.92
C TYR A 39 -7.51 11.15 -7.40
N GLY A 40 -8.40 11.74 -8.19
CA GLY A 40 -9.76 11.96 -7.71
C GLY A 40 -10.65 10.74 -7.64
N GLY A 41 -11.78 10.92 -6.96
CA GLY A 41 -12.78 9.89 -6.84
C GLY A 41 -12.38 8.89 -5.77
N GLY A 42 -13.35 8.08 -5.39
CA GLY A 42 -13.09 6.95 -4.51
C GLY A 42 -12.44 5.87 -5.34
N ASP A 43 -11.35 5.30 -4.84
CA ASP A 43 -10.52 4.40 -5.62
C ASP A 43 -10.30 3.08 -4.91
N LEU A 44 -10.08 2.03 -5.70
CA LEU A 44 -9.90 0.68 -5.16
C LEU A 44 -8.74 0.05 -5.91
N LEU A 45 -7.57 0.04 -5.30
CA LEU A 45 -6.35 -0.37 -6.00
C LEU A 45 -5.60 -1.52 -5.32
N ASP A 46 -5.18 -2.48 -6.14
CA ASP A 46 -4.30 -3.57 -5.71
C ASP A 46 -3.13 -3.61 -6.70
N GLY A 47 -1.93 -3.34 -6.21
CA GLY A 47 -0.77 -3.22 -7.09
C GLY A 47 -0.09 -4.51 -7.49
N GLY A 48 -0.32 -5.59 -6.77
CA GLY A 48 0.28 -6.85 -7.05
C GLY A 48 1.76 -6.86 -6.90
N ALA A 49 2.26 -7.82 -7.63
CA ALA A 49 3.66 -8.15 -7.75
C ALA A 49 4.47 -7.01 -8.30
N GLY A 50 5.71 -6.98 -7.85
CA GLY A 50 6.69 -6.02 -8.31
C GLY A 50 6.85 -4.77 -7.46
N ARG A 51 7.65 -3.84 -7.97
CA ARG A 51 7.93 -2.56 -7.32
C ARG A 51 6.99 -1.58 -7.98
N ASP A 52 5.95 -1.22 -7.26
CA ASP A 52 4.86 -0.44 -7.83
C ASP A 52 4.76 0.99 -7.26
N ARG A 53 4.25 1.89 -8.08
CA ARG A 53 4.03 3.30 -7.75
C ARG A 53 2.53 3.55 -7.88
N LEU A 54 1.85 3.76 -6.77
CA LEU A 54 0.39 3.81 -6.74
C LEU A 54 -0.13 5.15 -6.19
N THR A 55 -0.55 6.07 -7.04
CA THR A 55 -1.05 7.37 -6.52
C THR A 55 -2.56 7.33 -6.35
N GLY A 56 -3.09 8.01 -5.33
CA GLY A 56 -4.52 7.94 -5.04
C GLY A 56 -5.19 9.24 -4.64
N GLY A 57 -4.43 10.31 -4.48
CA GLY A 57 -4.92 11.61 -4.09
C GLY A 57 -6.10 11.72 -3.16
N GLU A 58 -6.99 12.53 -3.68
CA GLU A 58 -8.23 12.93 -3.04
C GLU A 58 -9.10 11.73 -2.69
N GLY A 59 -9.76 11.82 -1.55
CA GLY A 59 -10.72 10.81 -1.13
C GLY A 59 -10.17 9.77 -0.18
N ALA A 60 -11.10 9.11 0.51
CA ALA A 60 -10.82 8.04 1.48
C ALA A 60 -10.80 6.73 0.72
N ASP A 61 -9.81 6.60 -0.13
CA ASP A 61 -9.65 5.45 -1.01
C ASP A 61 -9.25 4.24 -0.20
N THR A 62 -9.50 3.05 -0.73
CA THR A 62 -9.03 1.83 -0.08
C THR A 62 -8.02 1.14 -0.97
N PHE A 63 -6.76 1.22 -0.56
CA PHE A 63 -5.70 0.53 -1.28
C PHE A 63 -5.47 -0.71 -0.43
N ARG A 64 -5.59 -1.87 -1.06
CA ARG A 64 -5.70 -3.12 -0.32
C ARG A 64 -4.66 -4.12 -0.73
N PHE A 65 -4.20 -4.87 0.24
CA PHE A 65 -3.09 -5.78 0.06
C PHE A 65 -3.47 -7.22 0.36
N ALA A 66 -3.68 -7.97 -0.72
CA ALA A 66 -3.69 -9.43 -0.65
C ALA A 66 -2.31 -9.84 -1.21
N LEU A 67 -1.52 -8.82 -1.50
CA LEU A 67 -0.21 -8.97 -2.12
C LEU A 67 0.87 -9.17 -1.06
N ARG A 68 1.15 -10.44 -0.77
CA ARG A 68 2.06 -10.81 0.31
C ARG A 68 3.52 -10.82 -0.10
N GLU A 69 3.92 -11.81 -0.90
CA GLU A 69 5.28 -11.90 -1.41
C GLU A 69 5.46 -10.79 -2.45
N ASP A 70 4.33 -10.30 -2.91
CA ASP A 70 4.25 -9.23 -3.89
C ASP A 70 4.59 -7.86 -3.28
N SER A 71 4.69 -7.82 -1.95
CA SER A 71 5.03 -6.60 -1.22
C SER A 71 6.17 -6.86 -0.22
N GLN A 72 7.08 -7.77 -0.55
CA GLN A 72 8.15 -8.18 0.37
C GLN A 72 9.52 -7.54 0.07
N ARG A 73 10.44 -7.62 1.03
CA ARG A 73 11.78 -7.08 0.85
C ARG A 73 12.88 -7.99 1.38
N SER A 74 14.07 -7.80 0.84
CA SER A 74 15.31 -8.40 1.32
C SER A 74 16.39 -7.40 0.96
N ALA A 75 17.59 -7.56 1.50
CA ALA A 75 18.71 -6.69 1.15
C ALA A 75 19.09 -6.95 -0.31
N ALA A 76 18.79 -8.16 -0.78
CA ALA A 76 19.06 -8.54 -2.16
C ALA A 76 18.07 -7.93 -3.13
N GLY A 77 17.07 -7.26 -2.58
CA GLY A 77 16.10 -6.54 -3.38
C GLY A 77 14.73 -6.49 -2.75
N THR A 78 14.02 -5.39 -3.00
CA THR A 78 12.68 -5.21 -2.46
C THR A 78 11.68 -5.08 -3.60
N PHE A 79 10.49 -5.64 -3.42
CA PHE A 79 9.40 -5.51 -4.37
C PHE A 79 8.27 -4.99 -3.53
N SER A 80 8.15 -3.68 -3.46
CA SER A 80 7.25 -3.02 -2.53
C SER A 80 6.25 -2.15 -3.27
N ASP A 81 5.35 -1.55 -2.53
CA ASP A 81 4.31 -0.71 -3.11
C ASP A 81 4.40 0.67 -2.47
N LEU A 82 4.82 1.63 -3.28
CA LEU A 82 4.97 3.00 -2.82
C LEU A 82 3.72 3.75 -3.20
N ILE A 83 2.88 3.98 -2.21
CA ILE A 83 1.62 4.67 -2.41
C ILE A 83 1.92 6.17 -2.35
N LEU A 84 1.52 6.90 -3.37
CA LEU A 84 1.75 8.34 -3.43
C LEU A 84 0.45 9.06 -3.08
N ASP A 85 0.59 10.35 -2.79
CA ASP A 85 -0.49 11.23 -2.28
C ASP A 85 -1.67 10.54 -1.60
N PHE A 86 -1.45 10.21 -0.34
CA PHE A 86 -2.40 9.37 0.39
C PHE A 86 -2.54 9.74 1.88
N ASP A 87 -2.58 11.04 2.18
CA ASP A 87 -2.70 11.48 3.57
C ASP A 87 -3.63 12.66 3.88
N PRO A 88 -4.96 12.43 3.77
CA PRO A 88 -5.90 13.38 4.38
C PRO A 88 -6.18 12.99 5.85
N THR A 89 -5.25 12.23 6.43
CA THR A 89 -5.38 11.59 7.76
C THR A 89 -6.57 10.61 7.88
N GLN A 90 -7.25 10.36 6.77
CA GLN A 90 -8.43 9.50 6.70
C GLN A 90 -8.42 8.78 5.36
N ASP A 91 -7.32 8.11 5.07
CA ASP A 91 -7.21 7.26 3.87
C ASP A 91 -7.20 5.83 4.39
N LYS A 92 -7.60 4.87 3.57
CA LYS A 92 -7.68 3.49 4.04
C LYS A 92 -6.64 2.58 3.41
N LEU A 93 -5.95 1.86 4.29
CA LEU A 93 -5.00 0.85 3.91
C LEU A 93 -5.51 -0.44 4.52
N ASP A 94 -5.52 -1.50 3.74
CA ASP A 94 -5.93 -2.81 4.23
C ASP A 94 -4.83 -3.82 4.01
N VAL A 95 -4.31 -4.37 5.11
CA VAL A 95 -3.27 -5.41 5.06
C VAL A 95 -3.76 -6.65 5.82
N SER A 96 -5.05 -6.70 6.13
CA SER A 96 -5.61 -7.82 6.90
C SER A 96 -5.56 -9.12 6.11
N ALA A 97 -5.60 -9.03 4.80
CA ALA A 97 -5.53 -10.22 3.94
C ALA A 97 -4.12 -10.84 3.97
N LEU A 98 -3.14 -10.10 4.45
CA LEU A 98 -1.78 -10.64 4.61
C LEU A 98 -1.63 -11.23 6.00
N GLY A 99 -2.63 -10.95 6.83
CA GLY A 99 -2.59 -11.26 8.25
C GLY A 99 -1.90 -10.13 8.99
N PHE A 100 -0.72 -9.80 8.47
CA PHE A 100 0.17 -8.77 9.01
C PHE A 100 0.70 -9.20 10.39
N THR A 101 1.69 -8.49 10.90
CA THR A 101 2.34 -8.88 12.15
C THR A 101 2.21 -7.82 13.25
N GLY A 102 2.16 -6.56 12.86
CA GLY A 102 1.99 -5.47 13.82
C GLY A 102 2.99 -4.38 13.51
N LEU A 103 2.97 -3.28 14.25
CA LEU A 103 3.91 -2.18 14.02
C LEU A 103 4.73 -1.90 15.29
N GLY A 104 5.07 -2.97 16.00
CA GLY A 104 5.82 -2.88 17.24
C GLY A 104 7.31 -2.64 17.09
N ASN A 105 7.67 -1.56 16.41
CA ASN A 105 9.07 -1.10 16.25
C ASN A 105 10.02 -2.09 15.58
N GLY A 106 9.50 -2.97 14.75
CA GLY A 106 10.35 -3.75 13.86
C GLY A 106 10.97 -5.02 14.41
N TYR A 107 10.57 -5.43 15.61
CA TYR A 107 11.10 -6.66 16.23
C TYR A 107 9.94 -7.60 16.56
N ALA A 108 10.26 -8.84 16.90
CA ALA A 108 9.27 -9.90 17.15
C ALA A 108 8.37 -10.07 15.91
N GLY A 109 8.98 -9.97 14.75
CA GLY A 109 8.27 -10.13 13.48
C GLY A 109 7.48 -8.91 13.03
N THR A 110 7.31 -7.94 13.91
CA THR A 110 6.52 -6.75 13.57
C THR A 110 7.31 -5.83 12.66
N LEU A 111 6.64 -4.79 12.17
CA LEU A 111 7.27 -3.80 11.31
C LEU A 111 7.51 -2.54 12.13
N ALA A 112 8.29 -1.63 11.58
CA ALA A 112 8.56 -0.34 12.18
C ALA A 112 8.11 0.70 11.17
N VAL A 113 7.73 1.87 11.66
CA VAL A 113 7.33 2.99 10.82
C VAL A 113 8.39 4.07 10.98
N SER A 114 8.74 4.72 9.88
CA SER A 114 9.69 5.81 9.90
C SER A 114 9.23 6.80 8.84
N VAL A 115 9.54 8.07 9.01
CA VAL A 115 9.09 9.08 8.07
C VAL A 115 10.30 9.94 7.70
N SER A 116 10.47 10.18 6.42
CA SER A 116 11.53 11.06 5.94
C SER A 116 10.84 12.18 5.18
N ASP A 117 11.06 13.41 5.59
CA ASP A 117 10.33 14.55 5.03
C ASP A 117 10.90 14.97 3.68
N ASP A 118 12.16 14.63 3.45
CA ASP A 118 12.81 14.89 2.16
C ASP A 118 12.19 14.00 1.09
N GLY A 119 11.67 12.86 1.54
CA GLY A 119 10.98 11.95 0.64
C GLY A 119 9.48 12.14 0.75
N THR A 120 9.07 12.93 1.74
CA THR A 120 7.66 13.18 2.07
C THR A 120 6.89 11.86 2.26
N ARG A 121 7.60 10.85 2.73
CA ARG A 121 7.03 9.50 2.83
C ARG A 121 7.23 8.87 4.20
N THR A 122 6.29 8.03 4.55
CA THR A 122 6.30 7.28 5.78
C THR A 122 6.32 5.83 5.32
N TYR A 123 7.51 5.32 5.46
CA TYR A 123 7.88 3.97 5.06
C TYR A 123 7.60 3.00 6.21
N LEU A 124 7.10 1.82 5.90
CA LEU A 124 6.85 0.80 6.92
C LEU A 124 7.53 -0.49 6.46
N LYS A 125 8.43 -1.02 7.27
CA LYS A 125 9.13 -2.28 6.95
C LYS A 125 9.65 -2.92 8.22
N SER A 126 10.08 -4.17 8.16
CA SER A 126 10.65 -4.86 9.29
C SER A 126 12.09 -5.09 8.88
N TYR A 127 12.94 -5.19 9.86
CA TYR A 127 14.39 -5.37 9.65
C TYR A 127 15.03 -6.40 10.59
N GLU A 128 14.22 -7.06 11.41
CA GLU A 128 14.73 -8.09 12.33
C GLU A 128 15.25 -9.31 11.54
N THR A 129 14.59 -9.56 10.42
CA THR A 129 14.89 -10.67 9.54
C THR A 129 14.87 -10.08 8.16
N ASP A 130 15.82 -10.51 7.35
CA ASP A 130 16.02 -9.98 6.01
C ASP A 130 15.71 -10.97 4.89
N ALA A 131 16.57 -11.95 4.69
CA ALA A 131 16.31 -12.99 3.68
C ALA A 131 15.59 -14.15 4.37
N GLU A 132 16.02 -14.42 5.59
CA GLU A 132 15.56 -15.56 6.39
C GLU A 132 14.10 -15.40 6.76
N GLY A 133 13.71 -14.14 6.91
CA GLY A 133 12.35 -13.79 7.24
C GLY A 133 12.00 -12.59 6.40
N ARG A 134 12.00 -12.80 5.10
CA ARG A 134 11.74 -11.72 4.16
C ARG A 134 10.32 -11.20 4.38
N SER A 135 10.29 -9.92 4.71
CA SER A 135 9.16 -9.28 5.37
C SER A 135 8.61 -8.16 4.52
N PHE A 136 7.42 -7.70 4.87
CA PHE A 136 6.74 -6.68 4.10
C PHE A 136 7.45 -5.33 4.07
N GLU A 137 7.29 -4.62 2.96
CA GLU A 137 7.74 -3.24 2.82
C GLU A 137 6.69 -2.48 2.03
N VAL A 138 6.20 -1.39 2.59
CA VAL A 138 5.26 -0.51 1.90
C VAL A 138 5.69 0.92 2.21
N SER A 139 5.17 1.88 1.47
CA SER A 139 5.46 3.28 1.73
C SER A 139 4.23 4.08 1.40
N LEU A 140 4.02 5.17 2.11
CA LEU A 140 2.88 6.06 1.90
C LEU A 140 3.39 7.48 1.86
N GLN A 141 3.03 8.24 0.85
CA GLN A 141 3.44 9.65 0.78
C GLN A 141 2.51 10.44 1.69
N GLY A 142 3.10 11.01 2.74
CA GLY A 142 2.37 11.71 3.75
C GLY A 142 3.06 11.40 5.05
N ASN A 143 2.55 11.96 6.13
CA ASN A 143 3.14 11.83 7.45
C ASN A 143 2.09 11.21 8.38
N HIS A 144 1.29 10.29 7.84
CA HIS A 144 0.18 9.66 8.57
C HIS A 144 0.65 8.68 9.69
N ALA A 145 1.91 8.81 10.08
CA ALA A 145 2.44 8.10 11.23
C ALA A 145 1.83 8.77 12.46
N ALA A 146 1.54 10.06 12.31
CA ALA A 146 0.84 10.82 13.35
C ALA A 146 -0.66 10.52 13.29
N ALA A 147 -1.07 9.77 12.27
CA ALA A 147 -2.46 9.38 12.08
C ALA A 147 -2.59 7.86 11.93
N LEU A 148 -1.85 7.14 12.76
CA LEU A 148 -1.93 5.68 12.78
C LEU A 148 -3.13 5.29 13.62
N SER A 149 -4.03 4.51 13.05
CA SER A 149 -5.26 4.13 13.73
C SER A 149 -5.87 2.93 13.02
N ALA A 150 -6.82 2.28 13.67
CA ALA A 150 -7.52 1.14 13.08
C ALA A 150 -8.42 1.58 11.91
N ASP A 151 -8.92 2.81 11.98
CA ASP A 151 -9.74 3.35 10.90
C ASP A 151 -8.87 3.66 9.68
N ASN A 152 -7.62 4.03 9.89
CA ASN A 152 -6.68 4.22 8.77
C ASN A 152 -6.18 2.89 8.23
N ILE A 153 -5.86 1.94 9.10
CA ILE A 153 -5.28 0.66 8.68
C ILE A 153 -6.01 -0.55 9.24
N LEU A 154 -6.46 -1.43 8.36
CA LEU A 154 -7.10 -2.69 8.78
C LEU A 154 -6.04 -3.79 8.78
N PHE A 155 -5.98 -4.56 9.85
CA PHE A 155 -4.98 -5.60 10.05
C PHE A 155 -5.68 -6.77 10.74
N ALA A 156 -5.04 -7.93 10.79
CA ALA A 156 -5.64 -9.14 11.39
C ALA A 156 -4.67 -9.81 12.38
N THR A 157 -3.87 -9.00 13.05
CA THR A 157 -2.92 -9.47 14.04
C THR A 157 -3.34 -8.89 15.39
N PRO A 158 -3.09 -9.59 16.51
CA PRO A 158 -3.48 -8.99 17.79
C PRO A 158 -2.59 -7.82 18.20
N VAL A 159 -1.47 -7.63 17.51
CA VAL A 159 -0.57 -6.52 17.79
C VAL A 159 -1.08 -5.33 16.98
N PRO A 160 -1.27 -4.16 17.63
CA PRO A 160 -1.80 -3.02 16.87
C PRO A 160 -0.80 -2.41 15.89
N VAL A 161 -1.29 -1.45 15.12
CA VAL A 161 -0.48 -0.70 14.17
C VAL A 161 -0.75 0.77 14.43
CA CA B . 0.59 -4.51 -14.17
CA CA C . -9.71 7.51 -9.42
CA CA D . 2.42 -4.70 -10.16
CA CA E . -8.84 8.91 -4.96
CA CA F . 4.07 -4.61 -5.19
CA CA G . -6.63 9.06 -0.87
N ASP A 1 -23.52 1.25 -6.11
CA ASP A 1 -24.74 1.82 -6.72
C ASP A 1 -25.09 1.06 -7.99
N PRO A 2 -26.38 0.96 -8.36
CA PRO A 2 -26.61 0.22 -9.62
C PRO A 2 -26.00 0.86 -10.87
N SER A 3 -25.65 2.15 -10.83
CA SER A 3 -24.96 2.77 -11.96
C SER A 3 -23.49 2.33 -12.01
N ALA A 4 -22.88 2.17 -10.85
CA ALA A 4 -21.49 1.72 -10.73
C ALA A 4 -21.23 1.22 -9.31
N GLU A 5 -20.51 0.11 -9.19
CA GLU A 5 -20.12 -0.46 -7.89
C GLU A 5 -18.62 -0.24 -7.70
N ALA A 6 -18.06 0.64 -8.53
CA ALA A 6 -16.63 0.94 -8.56
C ALA A 6 -15.81 -0.34 -8.79
N GLN A 7 -16.26 -1.14 -9.74
CA GLN A 7 -15.61 -2.41 -10.07
C GLN A 7 -14.21 -2.11 -10.63
N PRO A 8 -13.15 -2.57 -9.94
CA PRO A 8 -11.85 -2.21 -10.49
C PRO A 8 -11.57 -2.72 -11.89
N ILE A 9 -10.87 -1.93 -12.68
CA ILE A 9 -10.56 -2.27 -14.06
C ILE A 9 -9.35 -3.19 -14.03
N VAL A 10 -9.44 -4.29 -14.76
CA VAL A 10 -8.37 -5.26 -14.81
C VAL A 10 -7.39 -4.81 -15.89
N GLY A 11 -6.22 -4.48 -15.41
CA GLY A 11 -5.09 -4.10 -16.23
C GLY A 11 -4.41 -5.34 -16.78
N SER A 12 -3.09 -5.34 -16.74
CA SER A 12 -2.31 -6.47 -17.22
C SER A 12 -1.27 -6.87 -16.19
N ASP A 13 -0.61 -8.00 -16.40
CA ASP A 13 0.52 -8.39 -15.55
C ASP A 13 1.80 -7.80 -16.11
N LEU A 14 1.64 -7.00 -17.15
CA LEU A 14 2.71 -6.18 -17.69
C LEU A 14 2.85 -4.93 -16.81
N ASP A 15 3.86 -4.12 -17.11
CA ASP A 15 4.06 -2.81 -16.47
C ASP A 15 2.93 -1.90 -16.93
N ASP A 16 1.94 -1.70 -16.08
CA ASP A 16 0.79 -0.88 -16.44
C ASP A 16 1.17 0.58 -16.24
N GLN A 17 1.13 1.34 -17.30
CA GLN A 17 1.21 2.80 -17.20
C GLN A 17 -0.21 3.25 -17.55
N LEU A 18 -1.03 3.46 -16.52
CA LEU A 18 -2.45 3.76 -16.72
C LEU A 18 -2.87 4.81 -15.71
N HIS A 19 -3.89 5.58 -16.03
CA HIS A 19 -4.41 6.57 -15.10
C HIS A 19 -5.92 6.44 -14.95
N GLY A 20 -6.37 6.79 -13.76
CA GLY A 20 -7.77 6.73 -13.38
C GLY A 20 -8.38 8.10 -13.30
N THR A 21 -7.57 9.02 -12.79
CA THR A 21 -8.00 10.39 -12.54
C THR A 21 -9.35 10.43 -11.79
N LEU A 22 -10.17 11.43 -12.10
CA LEU A 22 -11.39 11.74 -11.34
C LEU A 22 -12.47 10.67 -11.35
N LEU A 23 -12.33 9.62 -12.13
CA LEU A 23 -13.30 8.52 -12.10
C LEU A 23 -13.30 7.93 -10.70
N GLY A 24 -14.49 7.61 -10.18
CA GLY A 24 -14.62 6.96 -8.87
C GLY A 24 -14.44 5.48 -9.00
N GLU A 25 -13.44 5.08 -9.78
CA GLU A 25 -13.16 3.70 -10.10
C GLU A 25 -11.63 3.66 -10.38
N GLU A 26 -11.06 2.52 -10.06
CA GLU A 26 -9.62 2.30 -10.01
C GLU A 26 -9.12 0.93 -10.55
N ILE A 27 -7.87 0.91 -10.95
CA ILE A 27 -7.25 -0.19 -11.67
C ILE A 27 -6.58 -1.21 -10.73
N SER A 28 -6.73 -2.48 -11.10
CA SER A 28 -6.05 -3.63 -10.48
C SER A 28 -5.15 -4.21 -11.58
N GLY A 29 -4.02 -4.81 -11.25
CA GLY A 29 -3.15 -5.35 -12.29
C GLY A 29 -1.85 -5.94 -11.77
N GLY A 30 -1.95 -7.13 -11.17
CA GLY A 30 -0.87 -7.74 -10.40
C GLY A 30 0.57 -7.54 -10.81
N GLY A 31 1.00 -8.19 -11.89
CA GLY A 31 2.40 -8.18 -12.27
C GLY A 31 2.92 -6.84 -12.75
N GLY A 32 4.17 -6.88 -13.16
CA GLY A 32 4.86 -5.71 -13.69
C GLY A 32 5.22 -4.62 -12.68
N ALA A 33 6.03 -3.67 -13.12
CA ALA A 33 6.42 -2.50 -12.32
C ALA A 33 5.46 -1.37 -12.67
N ASP A 34 4.30 -1.42 -12.04
CA ASP A 34 3.20 -0.54 -12.40
C ASP A 34 3.36 0.87 -11.92
N GLN A 35 2.80 1.76 -12.70
CA GLN A 35 2.68 3.17 -12.34
C GLN A 35 1.22 3.52 -12.61
N LEU A 36 0.44 3.64 -11.55
CA LEU A 36 -1.00 3.77 -11.65
C LEU A 36 -1.36 4.99 -10.85
N TYR A 37 -1.97 5.94 -11.52
CA TYR A 37 -2.36 7.19 -10.88
C TYR A 37 -3.87 7.19 -10.82
N GLY A 38 -4.46 7.60 -9.71
CA GLY A 38 -5.91 7.54 -9.59
C GLY A 38 -6.55 8.81 -9.09
N TYR A 39 -5.73 9.80 -8.73
CA TYR A 39 -6.17 11.11 -8.19
C TYR A 39 -7.61 11.26 -7.64
N GLY A 40 -8.53 11.80 -8.41
CA GLY A 40 -9.88 12.06 -7.90
C GLY A 40 -10.79 10.85 -7.75
N GLY A 41 -11.90 11.01 -7.05
CA GLY A 41 -12.84 9.91 -6.88
C GLY A 41 -12.41 8.93 -5.82
N GLY A 42 -13.37 8.11 -5.40
CA GLY A 42 -13.09 7.03 -4.47
C GLY A 42 -12.47 5.91 -5.28
N ASP A 43 -11.38 5.31 -4.82
CA ASP A 43 -10.58 4.42 -5.66
C ASP A 43 -10.33 3.10 -4.96
N LEU A 44 -10.10 2.06 -5.74
CA LEU A 44 -9.84 0.71 -5.22
C LEU A 44 -8.69 0.17 -6.03
N LEU A 45 -7.50 0.26 -5.48
CA LEU A 45 -6.28 -0.01 -6.25
C LEU A 45 -5.44 -1.09 -5.60
N ASP A 46 -4.86 -1.94 -6.43
CA ASP A 46 -3.86 -2.91 -6.00
C ASP A 46 -2.85 -3.03 -7.15
N GLY A 47 -1.66 -3.53 -6.86
CA GLY A 47 -0.65 -3.64 -7.90
C GLY A 47 0.29 -4.80 -7.71
N GLY A 48 -0.22 -5.91 -7.17
CA GLY A 48 0.54 -7.13 -6.91
C GLY A 48 2.05 -7.10 -6.90
N ALA A 49 2.57 -8.02 -7.69
CA ALA A 49 3.98 -8.31 -7.78
C ALA A 49 4.78 -7.13 -8.30
N GLY A 50 5.99 -7.06 -7.80
CA GLY A 50 6.96 -6.07 -8.25
C GLY A 50 7.11 -4.84 -7.38
N ARG A 51 7.88 -3.89 -7.90
CA ARG A 51 8.15 -2.61 -7.26
C ARG A 51 7.24 -1.65 -8.00
N ASP A 52 6.25 -1.19 -7.29
CA ASP A 52 5.15 -0.43 -7.87
C ASP A 52 4.99 0.99 -7.34
N ARG A 53 4.38 1.84 -8.15
CA ARG A 53 4.11 3.24 -7.84
C ARG A 53 2.60 3.46 -7.96
N LEU A 54 1.92 3.61 -6.84
CA LEU A 54 0.46 3.66 -6.83
C LEU A 54 -0.02 4.99 -6.24
N THR A 55 -0.57 5.89 -7.05
CA THR A 55 -1.02 7.21 -6.53
C THR A 55 -2.54 7.24 -6.44
N GLY A 56 -3.06 7.89 -5.40
CA GLY A 56 -4.50 7.90 -5.18
C GLY A 56 -5.15 9.23 -4.87
N GLY A 57 -4.35 10.26 -4.63
CA GLY A 57 -4.82 11.59 -4.32
C GLY A 57 -5.96 11.73 -3.36
N GLU A 58 -6.88 12.49 -3.90
CA GLU A 58 -8.10 12.92 -3.25
C GLU A 58 -8.97 11.74 -2.85
N GLY A 59 -9.64 11.87 -1.72
CA GLY A 59 -10.59 10.87 -1.27
C GLY A 59 -10.03 9.82 -0.33
N ALA A 60 -10.95 9.16 0.38
CA ALA A 60 -10.65 8.09 1.33
C ALA A 60 -10.64 6.78 0.55
N ASP A 61 -9.64 6.68 -0.30
CA ASP A 61 -9.47 5.53 -1.19
C ASP A 61 -9.08 4.32 -0.38
N THR A 62 -9.37 3.13 -0.87
CA THR A 62 -8.94 1.91 -0.22
C THR A 62 -7.93 1.21 -1.10
N PHE A 63 -6.69 1.22 -0.68
CA PHE A 63 -5.64 0.52 -1.41
C PHE A 63 -5.50 -0.81 -0.69
N ARG A 64 -5.57 -1.89 -1.45
CA ARG A 64 -5.74 -3.21 -0.86
C ARG A 64 -4.55 -4.10 -1.09
N PHE A 65 -4.13 -4.78 -0.04
CA PHE A 65 -2.95 -5.63 -0.09
C PHE A 65 -3.29 -7.06 0.24
N ALA A 66 -3.45 -7.86 -0.80
CA ALA A 66 -3.47 -9.32 -0.69
C ALA A 66 -2.09 -9.76 -1.19
N LEU A 67 -1.26 -8.77 -1.49
CA LEU A 67 0.05 -8.96 -2.07
C LEU A 67 1.09 -9.20 -0.99
N ARG A 68 1.34 -10.47 -0.69
CA ARG A 68 2.22 -10.85 0.40
C ARG A 68 3.68 -10.88 -0.01
N GLU A 69 4.06 -11.87 -0.80
CA GLU A 69 5.42 -11.99 -1.33
C GLU A 69 5.62 -10.88 -2.36
N ASP A 70 4.49 -10.39 -2.82
CA ASP A 70 4.44 -9.34 -3.83
C ASP A 70 4.75 -7.95 -3.23
N SER A 71 4.83 -7.88 -1.92
CA SER A 71 5.18 -6.65 -1.20
C SER A 71 6.30 -6.90 -0.18
N GLN A 72 7.22 -7.82 -0.49
CA GLN A 72 8.27 -8.22 0.44
C GLN A 72 9.64 -7.59 0.14
N ARG A 73 10.56 -7.67 1.09
CA ARG A 73 11.92 -7.14 0.92
C ARG A 73 13.01 -8.06 1.44
N SER A 74 14.20 -7.86 0.88
CA SER A 74 15.43 -8.48 1.35
C SER A 74 16.52 -7.49 0.98
N ALA A 75 17.73 -7.67 1.50
CA ALA A 75 18.85 -6.81 1.15
C ALA A 75 19.23 -7.08 -0.31
N ALA A 76 18.91 -8.28 -0.77
CA ALA A 76 19.17 -8.68 -2.15
C ALA A 76 18.19 -8.05 -3.13
N GLY A 77 17.21 -7.37 -2.56
CA GLY A 77 16.23 -6.64 -3.36
C GLY A 77 14.87 -6.57 -2.71
N THR A 78 14.17 -5.47 -2.95
CA THR A 78 12.83 -5.27 -2.38
C THR A 78 11.83 -5.13 -3.51
N PHE A 79 10.64 -5.68 -3.30
CA PHE A 79 9.55 -5.54 -4.25
C PHE A 79 8.45 -4.95 -3.42
N SER A 80 8.37 -3.63 -3.41
CA SER A 80 7.50 -2.92 -2.50
C SER A 80 6.60 -1.97 -3.25
N ASP A 81 5.58 -1.48 -2.56
CA ASP A 81 4.56 -0.65 -3.19
C ASP A 81 4.63 0.74 -2.57
N LEU A 82 5.06 1.69 -3.37
CA LEU A 82 5.19 3.07 -2.93
C LEU A 82 3.91 3.79 -3.28
N ILE A 83 3.10 4.03 -2.26
CA ILE A 83 1.83 4.69 -2.44
C ILE A 83 2.11 6.19 -2.41
N LEU A 84 1.70 6.89 -3.45
CA LEU A 84 1.89 8.34 -3.53
C LEU A 84 0.59 9.05 -3.20
N ASP A 85 0.71 10.35 -2.95
CA ASP A 85 -0.38 11.24 -2.48
C ASP A 85 -1.56 10.57 -1.77
N PHE A 86 -1.33 10.27 -0.51
CA PHE A 86 -2.26 9.44 0.25
C PHE A 86 -2.42 9.81 1.73
N ASP A 87 -2.53 11.11 2.01
CA ASP A 87 -2.69 11.55 3.39
C ASP A 87 -3.67 12.71 3.68
N PRO A 88 -4.99 12.46 3.57
CA PRO A 88 -5.96 13.37 4.16
C PRO A 88 -6.24 12.99 5.62
N THR A 89 -5.30 12.27 6.23
CA THR A 89 -5.41 11.63 7.56
C THR A 89 -6.55 10.61 7.70
N GLN A 90 -7.26 10.35 6.61
CA GLN A 90 -8.40 9.43 6.58
C GLN A 90 -8.37 8.56 5.32
N ASP A 91 -7.19 8.22 4.83
CA ASP A 91 -7.07 7.34 3.68
C ASP A 91 -7.09 5.92 4.22
N LYS A 92 -7.50 4.95 3.40
CA LYS A 92 -7.60 3.57 3.87
C LYS A 92 -6.57 2.64 3.24
N LEU A 93 -5.92 1.89 4.11
CA LEU A 93 -4.98 0.86 3.71
C LEU A 93 -5.50 -0.44 4.31
N ASP A 94 -5.58 -1.46 3.49
CA ASP A 94 -6.02 -2.78 3.95
C ASP A 94 -4.92 -3.81 3.78
N VAL A 95 -4.37 -4.28 4.89
CA VAL A 95 -3.34 -5.32 4.89
C VAL A 95 -3.85 -6.54 5.67
N SER A 96 -5.14 -6.59 5.94
CA SER A 96 -5.72 -7.68 6.71
C SER A 96 -5.65 -9.00 5.94
N ALA A 97 -5.63 -8.91 4.61
CA ALA A 97 -5.51 -10.08 3.76
C ALA A 97 -4.10 -10.70 3.85
N LEU A 98 -3.13 -9.94 4.36
CA LEU A 98 -1.78 -10.46 4.58
C LEU A 98 -1.70 -11.03 5.97
N GLY A 99 -2.70 -10.71 6.76
CA GLY A 99 -2.70 -10.99 8.19
C GLY A 99 -1.99 -9.86 8.92
N PHE A 100 -0.79 -9.58 8.42
CA PHE A 100 0.13 -8.57 8.96
C PHE A 100 0.63 -9.04 10.34
N THR A 101 1.64 -8.36 10.87
CA THR A 101 2.29 -8.82 12.10
C THR A 101 2.25 -7.81 13.26
N GLY A 102 2.10 -6.54 12.94
CA GLY A 102 2.00 -5.50 13.96
C GLY A 102 2.99 -4.41 13.68
N LEU A 103 3.04 -3.38 14.51
CA LEU A 103 3.98 -2.26 14.31
C LEU A 103 4.85 -2.03 15.55
N GLY A 104 5.24 -3.11 16.18
CA GLY A 104 6.06 -3.07 17.39
C GLY A 104 7.55 -2.83 17.15
N ASN A 105 7.86 -1.73 16.48
CA ASN A 105 9.24 -1.27 16.25
C ASN A 105 10.16 -2.25 15.50
N GLY A 106 9.57 -3.09 14.66
CA GLY A 106 10.38 -3.87 13.71
C GLY A 106 10.98 -5.17 14.21
N TYR A 107 10.61 -5.61 15.40
CA TYR A 107 11.12 -6.86 15.97
C TYR A 107 9.94 -7.74 16.37
N ALA A 108 10.21 -9.00 16.69
CA ALA A 108 9.20 -10.02 16.96
C ALA A 108 8.27 -10.16 15.74
N GLY A 109 8.87 -10.06 14.55
CA GLY A 109 8.14 -10.17 13.31
C GLY A 109 7.37 -8.92 12.89
N THR A 110 7.17 -8.00 13.80
CA THR A 110 6.40 -6.78 13.52
C THR A 110 7.20 -5.84 12.63
N LEU A 111 6.56 -4.78 12.15
CA LEU A 111 7.20 -3.78 11.32
C LEU A 111 7.48 -2.53 12.15
N ALA A 112 8.27 -1.63 11.59
CA ALA A 112 8.59 -0.35 12.20
C ALA A 112 8.13 0.71 11.21
N VAL A 113 7.80 1.88 11.72
CA VAL A 113 7.38 3.01 10.89
C VAL A 113 8.38 4.14 11.10
N SER A 114 8.65 4.88 10.05
CA SER A 114 9.56 6.03 10.11
C SER A 114 9.01 7.04 9.12
N VAL A 115 9.23 8.32 9.37
CA VAL A 115 8.73 9.36 8.48
C VAL A 115 9.89 10.32 8.20
N SER A 116 10.09 10.64 6.93
CA SER A 116 11.12 11.56 6.50
C SER A 116 10.42 12.70 5.77
N ASP A 117 10.61 13.92 6.24
CA ASP A 117 9.92 15.08 5.68
C ASP A 117 10.53 15.50 4.36
N ASP A 118 11.82 15.25 4.21
CA ASP A 118 12.56 15.56 2.98
C ASP A 118 12.07 14.65 1.86
N GLY A 119 11.58 13.48 2.23
CA GLY A 119 11.04 12.54 1.27
C GLY A 119 9.52 12.65 1.22
N THR A 120 8.96 13.39 2.17
CA THR A 120 7.50 13.54 2.35
C THR A 120 6.81 12.18 2.41
N ARG A 121 7.51 11.21 2.98
CA ARG A 121 7.04 9.82 3.02
C ARG A 121 7.16 9.20 4.40
N THR A 122 6.35 8.19 4.63
CA THR A 122 6.34 7.43 5.83
C THR A 122 6.42 5.99 5.34
N TYR A 123 7.58 5.46 5.60
CA TYR A 123 7.99 4.12 5.17
C TYR A 123 7.69 3.13 6.30
N LEU A 124 7.26 1.93 5.94
CA LEU A 124 7.00 0.87 6.92
C LEU A 124 7.67 -0.42 6.44
N LYS A 125 8.54 -0.98 7.27
CA LYS A 125 9.22 -2.26 6.95
C LYS A 125 9.68 -2.93 8.23
N SER A 126 10.09 -4.19 8.16
CA SER A 126 10.64 -4.91 9.29
C SER A 126 12.06 -5.17 8.87
N TYR A 127 12.91 -5.31 9.85
CA TYR A 127 14.35 -5.49 9.62
C TYR A 127 15.00 -6.52 10.55
N GLU A 128 14.20 -7.19 11.37
CA GLU A 128 14.72 -8.23 12.28
C GLU A 128 15.27 -9.42 11.50
N THR A 129 14.64 -9.70 10.37
CA THR A 129 14.96 -10.79 9.51
C THR A 129 14.95 -10.20 8.12
N ASP A 130 15.90 -10.64 7.32
CA ASP A 130 16.12 -10.10 5.98
C ASP A 130 15.77 -11.06 4.86
N ALA A 131 16.60 -12.07 4.62
CA ALA A 131 16.31 -13.08 3.62
C ALA A 131 15.57 -14.24 4.30
N GLU A 132 16.02 -14.51 5.52
CA GLU A 132 15.56 -15.66 6.31
C GLU A 132 14.10 -15.48 6.71
N GLY A 133 13.74 -14.21 6.86
CA GLY A 133 12.38 -13.85 7.19
C GLY A 133 12.03 -12.64 6.37
N ARG A 134 12.02 -12.84 5.07
CA ARG A 134 11.76 -11.75 4.13
C ARG A 134 10.35 -11.24 4.36
N SER A 135 10.31 -9.97 4.70
CA SER A 135 9.17 -9.34 5.37
C SER A 135 8.65 -8.17 4.55
N PHE A 136 7.46 -7.71 4.89
CA PHE A 136 6.79 -6.65 4.13
C PHE A 136 7.55 -5.32 4.11
N GLU A 137 7.40 -4.61 3.01
CA GLU A 137 7.88 -3.23 2.88
C GLU A 137 6.87 -2.45 2.04
N VAL A 138 6.43 -1.32 2.57
CA VAL A 138 5.52 -0.41 1.86
C VAL A 138 5.96 1.00 2.17
N SER A 139 5.47 1.96 1.41
CA SER A 139 5.77 3.38 1.67
C SER A 139 4.53 4.16 1.32
N LEU A 140 4.28 5.25 2.03
CA LEU A 140 3.12 6.10 1.80
C LEU A 140 3.61 7.55 1.78
N GLN A 141 3.22 8.31 0.76
CA GLN A 141 3.58 9.72 0.70
C GLN A 141 2.60 10.48 1.59
N GLY A 142 3.13 11.02 2.67
CA GLY A 142 2.35 11.70 3.67
C GLY A 142 3.02 11.45 4.99
N ASN A 143 2.45 12.01 6.04
CA ASN A 143 2.99 11.92 7.39
C ASN A 143 1.96 11.23 8.28
N HIS A 144 1.19 10.31 7.71
CA HIS A 144 0.08 9.65 8.41
C HIS A 144 0.55 8.65 9.50
N ALA A 145 1.80 8.78 9.91
CA ALA A 145 2.33 8.08 11.06
C ALA A 145 1.71 8.74 12.29
N ALA A 146 1.42 10.03 12.15
CA ALA A 146 0.72 10.79 13.18
C ALA A 146 -0.78 10.44 13.13
N ALA A 147 -1.17 9.69 12.10
CA ALA A 147 -2.56 9.27 11.93
C ALA A 147 -2.64 7.73 11.83
N LEU A 148 -1.88 7.06 12.67
CA LEU A 148 -1.93 5.60 12.73
C LEU A 148 -3.14 5.21 13.56
N SER A 149 -4.05 4.48 12.95
CA SER A 149 -5.29 4.09 13.59
C SER A 149 -5.90 2.92 12.85
N ALA A 150 -6.87 2.26 13.49
CA ALA A 150 -7.56 1.13 12.86
C ALA A 150 -8.43 1.62 11.69
N ASP A 151 -8.93 2.85 11.77
CA ASP A 151 -9.74 3.40 10.69
C ASP A 151 -8.84 3.72 9.49
N ASN A 152 -7.59 4.08 9.72
CA ASN A 152 -6.65 4.27 8.61
C ASN A 152 -6.14 2.93 8.05
N ILE A 153 -5.83 1.98 8.93
CA ILE A 153 -5.25 0.70 8.49
C ILE A 153 -6.00 -0.49 9.05
N LEU A 154 -6.51 -1.33 8.15
CA LEU A 154 -7.17 -2.58 8.56
C LEU A 154 -6.12 -3.69 8.58
N PHE A 155 -6.08 -4.44 9.66
CA PHE A 155 -5.10 -5.50 9.87
C PHE A 155 -5.81 -6.68 10.53
N ALA A 156 -5.17 -7.83 10.61
CA ALA A 156 -5.78 -9.01 11.24
C ALA A 156 -4.77 -9.70 12.18
N THR A 157 -3.88 -8.91 12.75
CA THR A 157 -2.87 -9.41 13.68
C THR A 157 -3.41 -9.20 15.10
N PRO A 158 -3.01 -10.06 16.07
CA PRO A 158 -3.50 -9.88 17.45
C PRO A 158 -2.88 -8.69 18.19
N VAL A 159 -1.90 -8.04 17.57
CA VAL A 159 -1.28 -6.84 18.14
C VAL A 159 -1.49 -5.73 17.08
N PRO A 160 -1.93 -4.53 17.52
CA PRO A 160 -2.30 -3.50 16.53
C PRO A 160 -1.12 -2.82 15.83
N VAL A 161 -1.47 -1.84 15.01
CA VAL A 161 -0.50 -1.02 14.27
C VAL A 161 -0.78 0.43 14.64
CA CA B . 0.44 -4.66 -13.97
CA CA C . -9.88 7.58 -9.44
CA CA D . 2.75 -4.78 -10.10
CA CA E . -8.83 9.00 -5.18
CA CA F . 4.28 -4.73 -5.22
CA CA G . -6.48 9.13 -1.04
N ASP A 1 -23.69 1.76 -6.58
CA ASP A 1 -24.95 2.19 -7.25
C ASP A 1 -25.28 1.27 -8.41
N PRO A 2 -26.54 1.25 -8.87
CA PRO A 2 -26.78 0.37 -10.03
C PRO A 2 -26.11 0.86 -11.31
N SER A 3 -25.69 2.11 -11.35
CA SER A 3 -24.97 2.67 -12.48
C SER A 3 -23.53 2.16 -12.52
N ALA A 4 -22.91 2.08 -11.35
CA ALA A 4 -21.54 1.59 -11.21
C ALA A 4 -21.32 1.22 -9.74
N GLU A 5 -20.58 0.14 -9.51
CA GLU A 5 -20.26 -0.34 -8.16
C GLU A 5 -18.76 -0.20 -7.93
N ALA A 6 -18.14 0.68 -8.72
CA ALA A 6 -16.69 0.92 -8.70
C ALA A 6 -15.92 -0.38 -8.91
N GLN A 7 -16.36 -1.17 -9.87
CA GLN A 7 -15.75 -2.45 -10.18
C GLN A 7 -14.31 -2.24 -10.66
N PRO A 8 -13.31 -2.76 -9.91
CA PRO A 8 -11.95 -2.47 -10.38
C PRO A 8 -11.63 -2.97 -11.78
N ILE A 9 -10.89 -2.17 -12.51
CA ILE A 9 -10.54 -2.46 -13.90
C ILE A 9 -9.36 -3.42 -13.90
N VAL A 10 -9.45 -4.46 -14.71
CA VAL A 10 -8.38 -5.43 -14.83
C VAL A 10 -7.39 -4.92 -15.88
N GLY A 11 -6.22 -4.59 -15.39
CA GLY A 11 -5.11 -4.14 -16.21
C GLY A 11 -4.36 -5.33 -16.79
N SER A 12 -3.04 -5.24 -16.76
CA SER A 12 -2.20 -6.31 -17.30
C SER A 12 -1.12 -6.69 -16.31
N ASP A 13 -0.46 -7.81 -16.53
CA ASP A 13 0.68 -8.21 -15.70
C ASP A 13 1.96 -7.59 -16.24
N LEU A 14 1.80 -6.78 -17.28
CA LEU A 14 2.90 -5.96 -17.80
C LEU A 14 3.05 -4.73 -16.90
N ASP A 15 4.09 -3.94 -17.16
CA ASP A 15 4.31 -2.65 -16.50
C ASP A 15 3.20 -1.71 -16.98
N ASP A 16 2.18 -1.51 -16.17
CA ASP A 16 1.05 -0.68 -16.54
C ASP A 16 1.41 0.77 -16.32
N GLN A 17 1.36 1.54 -17.38
CA GLN A 17 1.40 2.99 -17.27
C GLN A 17 -0.03 3.40 -17.61
N LEU A 18 -0.86 3.57 -16.61
CA LEU A 18 -2.30 3.83 -16.80
C LEU A 18 -2.77 4.86 -15.79
N HIS A 19 -3.81 5.59 -16.13
CA HIS A 19 -4.37 6.57 -15.21
C HIS A 19 -5.87 6.33 -15.00
N GLY A 20 -6.32 6.67 -13.81
CA GLY A 20 -7.70 6.53 -13.37
C GLY A 20 -8.33 7.88 -13.25
N THR A 21 -7.53 8.81 -12.76
CA THR A 21 -7.96 10.18 -12.49
C THR A 21 -9.28 10.21 -11.71
N LEU A 22 -10.10 11.23 -11.96
CA LEU A 22 -11.29 11.55 -11.17
C LEU A 22 -12.43 10.52 -11.20
N LEU A 23 -12.30 9.49 -12.04
CA LEU A 23 -13.26 8.41 -12.03
C LEU A 23 -13.24 7.77 -10.64
N GLY A 24 -14.43 7.48 -10.12
CA GLY A 24 -14.56 6.78 -8.84
C GLY A 24 -14.35 5.29 -9.01
N GLU A 25 -13.32 4.96 -9.78
CA GLU A 25 -13.01 3.57 -10.10
C GLU A 25 -11.50 3.46 -10.26
N GLU A 26 -10.96 2.30 -9.90
CA GLU A 26 -9.53 2.07 -9.88
C GLU A 26 -9.06 0.69 -10.36
N ILE A 27 -7.83 0.66 -10.84
CA ILE A 27 -7.26 -0.45 -11.65
C ILE A 27 -6.49 -1.45 -10.74
N SER A 28 -6.69 -2.73 -11.03
CA SER A 28 -5.95 -3.87 -10.46
C SER A 28 -5.02 -4.32 -11.60
N GLY A 29 -3.85 -4.84 -11.30
CA GLY A 29 -2.93 -5.26 -12.37
C GLY A 29 -1.65 -5.90 -11.89
N GLY A 30 -1.79 -7.09 -11.31
CA GLY A 30 -0.73 -7.77 -10.56
C GLY A 30 0.72 -7.53 -10.94
N GLY A 31 1.15 -8.14 -12.01
CA GLY A 31 2.54 -8.10 -12.40
C GLY A 31 3.04 -6.74 -12.82
N GLY A 32 4.30 -6.74 -13.20
CA GLY A 32 4.97 -5.53 -13.69
C GLY A 32 5.26 -4.45 -12.66
N ALA A 33 6.13 -3.53 -13.04
CA ALA A 33 6.51 -2.37 -12.22
C ALA A 33 5.57 -1.23 -12.61
N ASP A 34 4.39 -1.26 -12.04
CA ASP A 34 3.31 -0.39 -12.45
C ASP A 34 3.45 1.02 -11.94
N GLN A 35 2.91 1.92 -12.73
CA GLN A 35 2.76 3.32 -12.36
C GLN A 35 1.31 3.65 -12.64
N LEU A 36 0.52 3.74 -11.58
CA LEU A 36 -0.92 3.84 -11.70
C LEU A 36 -1.29 5.07 -10.94
N TYR A 37 -1.87 6.02 -11.64
CA TYR A 37 -2.29 7.26 -11.01
C TYR A 37 -3.79 7.16 -10.93
N GLY A 38 -4.39 7.52 -9.80
CA GLY A 38 -5.83 7.39 -9.64
C GLY A 38 -6.50 8.61 -9.08
N TYR A 39 -5.70 9.61 -8.72
CA TYR A 39 -6.15 10.89 -8.13
C TYR A 39 -7.57 11.00 -7.53
N GLY A 40 -8.52 11.63 -8.22
CA GLY A 40 -9.84 11.82 -7.65
C GLY A 40 -10.73 10.60 -7.61
N GLY A 41 -11.86 10.72 -6.93
CA GLY A 41 -12.81 9.65 -6.81
C GLY A 41 -12.42 8.68 -5.74
N GLY A 42 -13.37 7.85 -5.34
CA GLY A 42 -13.11 6.76 -4.41
C GLY A 42 -12.51 5.63 -5.22
N ASP A 43 -11.40 5.06 -4.76
CA ASP A 43 -10.57 4.19 -5.58
C ASP A 43 -10.34 2.86 -4.89
N LEU A 44 -10.05 1.83 -5.69
CA LEU A 44 -9.82 0.49 -5.17
C LEU A 44 -8.66 -0.09 -5.94
N LEU A 45 -7.47 -0.02 -5.37
CA LEU A 45 -6.25 -0.33 -6.11
C LEU A 45 -5.43 -1.39 -5.41
N ASP A 46 -4.97 -2.35 -6.20
CA ASP A 46 -4.02 -3.36 -5.73
C ASP A 46 -2.85 -3.41 -6.71
N GLY A 47 -1.65 -3.20 -6.20
CA GLY A 47 -0.47 -3.09 -7.06
C GLY A 47 0.18 -4.40 -7.47
N GLY A 48 -0.07 -5.47 -6.73
CA GLY A 48 0.51 -6.74 -7.01
C GLY A 48 2.00 -6.73 -6.88
N ALA A 49 2.51 -7.68 -7.60
CA ALA A 49 3.91 -8.01 -7.71
C ALA A 49 4.73 -6.86 -8.24
N GLY A 50 5.96 -6.82 -7.76
CA GLY A 50 6.95 -5.85 -8.21
C GLY A 50 7.07 -4.59 -7.38
N ARG A 51 7.85 -3.65 -7.88
CA ARG A 51 8.09 -2.37 -7.25
C ARG A 51 7.16 -1.42 -7.98
N ASP A 52 6.11 -1.04 -7.29
CA ASP A 52 5.01 -0.29 -7.87
C ASP A 52 4.88 1.15 -7.33
N ARG A 53 4.31 2.01 -8.16
CA ARG A 53 4.06 3.42 -7.85
C ARG A 53 2.55 3.63 -7.96
N LEU A 54 1.88 3.83 -6.84
CA LEU A 54 0.41 3.85 -6.80
C LEU A 54 -0.12 5.18 -6.27
N THR A 55 -0.58 6.08 -7.12
CA THR A 55 -1.07 7.39 -6.62
C THR A 55 -2.60 7.38 -6.49
N GLY A 56 -3.14 8.06 -5.48
CA GLY A 56 -4.58 8.00 -5.24
C GLY A 56 -5.26 9.27 -4.74
N GLY A 57 -4.53 10.37 -4.70
CA GLY A 57 -5.00 11.68 -4.25
C GLY A 57 -6.20 11.79 -3.34
N GLU A 58 -7.12 12.56 -3.86
CA GLU A 58 -8.37 12.94 -3.22
C GLU A 58 -9.21 11.70 -2.90
N GLY A 59 -9.92 11.75 -1.79
CA GLY A 59 -10.82 10.66 -1.42
C GLY A 59 -10.24 9.71 -0.38
N ALA A 60 -11.15 9.04 0.32
CA ALA A 60 -10.84 8.07 1.36
C ALA A 60 -10.85 6.71 0.67
N ASP A 61 -9.83 6.52 -0.14
CA ASP A 61 -9.68 5.35 -0.99
C ASP A 61 -9.31 4.15 -0.16
N THR A 62 -9.55 2.96 -0.70
CA THR A 62 -9.11 1.72 -0.05
C THR A 62 -8.08 1.06 -0.94
N PHE A 63 -6.81 1.31 -0.63
CA PHE A 63 -5.74 0.65 -1.36
C PHE A 63 -5.52 -0.63 -0.58
N ARG A 64 -5.63 -1.75 -1.29
CA ARG A 64 -5.77 -3.05 -0.65
C ARG A 64 -4.59 -3.95 -0.94
N PHE A 65 -4.18 -4.66 0.09
CA PHE A 65 -3.02 -5.53 0.01
C PHE A 65 -3.37 -6.96 0.37
N ALA A 66 -3.49 -7.77 -0.66
CA ALA A 66 -3.49 -9.23 -0.52
C ALA A 66 -2.09 -9.66 -0.99
N LEU A 67 -1.29 -8.65 -1.31
CA LEU A 67 0.02 -8.83 -1.91
C LEU A 67 1.12 -9.01 -0.85
N ARG A 68 1.37 -10.26 -0.48
CA ARG A 68 2.36 -10.57 0.56
C ARG A 68 3.78 -10.61 0.01
N GLU A 69 4.10 -11.62 -0.78
CA GLU A 69 5.42 -11.74 -1.41
C GLU A 69 5.58 -10.62 -2.44
N ASP A 70 4.44 -10.13 -2.87
CA ASP A 70 4.36 -9.07 -3.86
C ASP A 70 4.68 -7.69 -3.27
N SER A 71 4.83 -7.65 -1.95
CA SER A 71 5.20 -6.43 -1.23
C SER A 71 6.31 -6.73 -0.20
N GLN A 72 7.23 -7.62 -0.55
CA GLN A 72 8.28 -8.07 0.37
C GLN A 72 9.64 -7.41 0.09
N ARG A 73 10.56 -7.53 1.04
CA ARG A 73 11.91 -6.99 0.89
C ARG A 73 12.99 -7.96 1.34
N SER A 74 14.16 -7.81 0.75
CA SER A 74 15.37 -8.54 1.11
C SER A 74 16.53 -7.62 0.78
N ALA A 75 17.72 -7.96 1.25
CA ALA A 75 18.92 -7.19 0.92
C ALA A 75 19.24 -7.36 -0.56
N ALA A 76 18.78 -8.48 -1.12
CA ALA A 76 18.97 -8.76 -2.55
C ALA A 76 18.00 -7.95 -3.42
N GLY A 77 17.11 -7.26 -2.76
CA GLY A 77 16.17 -6.39 -3.44
C GLY A 77 14.82 -6.30 -2.76
N THR A 78 14.16 -5.16 -2.90
CA THR A 78 12.85 -4.97 -2.30
C THR A 78 11.83 -4.75 -3.42
N PHE A 79 10.67 -5.34 -3.27
CA PHE A 79 9.60 -5.21 -4.25
C PHE A 79 8.43 -4.72 -3.44
N SER A 80 8.29 -3.40 -3.37
CA SER A 80 7.34 -2.77 -2.46
C SER A 80 6.41 -1.87 -3.23
N ASP A 81 5.44 -1.31 -2.54
CA ASP A 81 4.43 -0.47 -3.15
C ASP A 81 4.51 0.92 -2.54
N LEU A 82 4.93 1.88 -3.35
CA LEU A 82 5.05 3.26 -2.91
C LEU A 82 3.76 3.96 -3.29
N ILE A 83 2.93 4.18 -2.29
CA ILE A 83 1.66 4.84 -2.50
C ILE A 83 1.92 6.34 -2.45
N LEU A 84 1.57 7.05 -3.52
CA LEU A 84 1.78 8.48 -3.59
C LEU A 84 0.48 9.22 -3.33
N ASP A 85 0.61 10.48 -2.95
CA ASP A 85 -0.51 11.36 -2.57
C ASP A 85 -1.67 10.65 -1.89
N PHE A 86 -1.49 10.39 -0.62
CA PHE A 86 -2.41 9.53 0.12
C PHE A 86 -2.54 9.85 1.61
N ASP A 87 -2.64 11.13 1.94
CA ASP A 87 -2.79 11.53 3.35
C ASP A 87 -3.78 12.67 3.67
N PRO A 88 -5.09 12.41 3.52
CA PRO A 88 -6.08 13.33 4.08
C PRO A 88 -6.38 12.96 5.54
N THR A 89 -5.44 12.24 6.17
CA THR A 89 -5.57 11.63 7.52
C THR A 89 -6.73 10.63 7.67
N GLN A 90 -7.42 10.33 6.58
CA GLN A 90 -8.57 9.42 6.57
C GLN A 90 -8.55 8.50 5.33
N ASP A 91 -7.37 8.20 4.82
CA ASP A 91 -7.26 7.25 3.71
C ASP A 91 -7.22 5.87 4.32
N LYS A 92 -7.61 4.85 3.57
CA LYS A 92 -7.60 3.47 4.09
C LYS A 92 -6.55 2.62 3.41
N LEU A 93 -5.68 2.08 4.24
CA LEU A 93 -4.71 1.08 3.83
C LEU A 93 -5.19 -0.24 4.39
N ASP A 94 -5.54 -1.18 3.53
CA ASP A 94 -6.00 -2.49 3.99
C ASP A 94 -4.89 -3.52 3.84
N VAL A 95 -4.41 -4.03 4.97
CA VAL A 95 -3.39 -5.08 4.99
C VAL A 95 -3.93 -6.30 5.75
N SER A 96 -5.23 -6.34 5.98
CA SER A 96 -5.83 -7.44 6.73
C SER A 96 -5.74 -8.74 5.94
N ALA A 97 -5.74 -8.65 4.62
CA ALA A 97 -5.60 -9.82 3.77
C ALA A 97 -4.18 -10.41 3.81
N LEU A 98 -3.22 -9.64 4.31
CA LEU A 98 -1.86 -10.15 4.50
C LEU A 98 -1.79 -10.84 5.85
N GLY A 99 -2.77 -10.55 6.68
CA GLY A 99 -2.76 -10.92 8.09
C GLY A 99 -2.02 -9.85 8.87
N PHE A 100 -0.83 -9.52 8.36
CA PHE A 100 0.08 -8.53 8.94
C PHE A 100 0.59 -9.03 10.29
N THR A 101 1.57 -8.35 10.87
CA THR A 101 2.19 -8.80 12.12
C THR A 101 2.02 -7.80 13.26
N GLY A 102 2.03 -6.51 12.96
CA GLY A 102 1.79 -5.49 13.96
C GLY A 102 2.87 -4.44 13.91
N LEU A 103 2.83 -3.48 14.83
CA LEU A 103 3.88 -2.47 14.93
C LEU A 103 4.61 -2.69 16.25
N GLY A 104 5.92 -2.75 16.20
CA GLY A 104 6.71 -3.05 17.40
C GLY A 104 8.18 -2.82 17.18
N ASN A 105 8.50 -1.71 16.51
CA ASN A 105 9.87 -1.28 16.22
C ASN A 105 10.68 -2.30 15.40
N GLY A 106 9.99 -3.11 14.61
CA GLY A 106 10.66 -3.94 13.62
C GLY A 106 11.22 -5.27 14.09
N TYR A 107 10.92 -5.66 15.32
CA TYR A 107 11.40 -6.94 15.88
C TYR A 107 10.21 -7.79 16.34
N ALA A 108 10.47 -9.05 16.66
CA ALA A 108 9.43 -10.03 17.00
C ALA A 108 8.44 -10.15 15.83
N GLY A 109 8.97 -10.07 14.62
CA GLY A 109 8.17 -10.15 13.41
C GLY A 109 7.39 -8.90 13.05
N THR A 110 7.26 -7.97 13.99
CA THR A 110 6.48 -6.75 13.76
C THR A 110 7.23 -5.80 12.83
N LEU A 111 6.56 -4.73 12.42
CA LEU A 111 7.17 -3.73 11.56
C LEU A 111 7.52 -2.49 12.38
N ALA A 112 8.29 -1.61 11.76
CA ALA A 112 8.65 -0.32 12.30
C ALA A 112 8.14 0.70 11.30
N VAL A 113 7.83 1.90 11.78
CA VAL A 113 7.38 2.98 10.92
C VAL A 113 8.42 4.09 11.02
N SER A 114 8.71 4.73 9.91
CA SER A 114 9.68 5.82 9.87
C SER A 114 9.19 6.80 8.82
N VAL A 115 9.26 8.08 9.12
CA VAL A 115 8.80 9.11 8.20
C VAL A 115 9.94 10.08 7.97
N SER A 116 10.28 10.32 6.71
CA SER A 116 11.31 11.27 6.37
C SER A 116 10.69 12.33 5.46
N ASP A 117 10.86 13.59 5.83
CA ASP A 117 10.20 14.70 5.13
C ASP A 117 10.83 15.02 3.79
N ASP A 118 12.07 14.60 3.59
CA ASP A 118 12.76 14.80 2.31
C ASP A 118 12.09 13.97 1.23
N GLY A 119 11.46 12.88 1.64
CA GLY A 119 10.73 12.03 0.73
C GLY A 119 9.25 12.22 0.92
N THR A 120 8.89 12.97 1.97
CA THR A 120 7.51 13.22 2.37
C THR A 120 6.75 11.89 2.49
N ARG A 121 7.46 10.88 2.94
CA ARG A 121 6.92 9.51 2.99
C ARG A 121 7.08 8.86 4.34
N THR A 122 6.11 8.02 4.66
CA THR A 122 6.07 7.25 5.88
C THR A 122 6.14 5.81 5.41
N TYR A 123 7.33 5.31 5.56
CA TYR A 123 7.71 3.96 5.17
C TYR A 123 7.43 3.02 6.33
N LEU A 124 7.03 1.78 6.03
CA LEU A 124 6.86 0.76 7.05
C LEU A 124 7.51 -0.52 6.57
N LYS A 125 8.37 -1.10 7.39
CA LYS A 125 9.06 -2.36 7.05
C LYS A 125 9.53 -3.05 8.32
N SER A 126 9.94 -4.30 8.21
CA SER A 126 10.50 -5.04 9.31
C SER A 126 11.89 -5.36 8.82
N TYR A 127 12.82 -5.51 9.73
CA TYR A 127 14.23 -5.73 9.40
C TYR A 127 14.93 -6.73 10.31
N GLU A 128 14.18 -7.38 11.19
CA GLU A 128 14.74 -8.41 12.08
C GLU A 128 15.25 -9.61 11.28
N THR A 129 14.57 -9.89 10.19
CA THR A 129 14.85 -11.01 9.33
C THR A 129 14.83 -10.47 7.91
N ASP A 130 15.78 -10.97 7.15
CA ASP A 130 15.98 -10.56 5.75
C ASP A 130 15.99 -11.78 4.84
N ALA A 131 17.08 -12.54 4.83
CA ALA A 131 17.14 -13.78 4.04
C ALA A 131 16.42 -14.87 4.81
N GLU A 132 16.47 -14.73 6.12
CA GLU A 132 15.91 -15.69 7.07
C GLU A 132 14.40 -15.59 7.13
N GLY A 133 13.90 -14.41 6.77
CA GLY A 133 12.48 -14.15 6.86
C GLY A 133 12.17 -12.87 6.13
N ARG A 134 12.13 -12.98 4.81
CA ARG A 134 11.88 -11.82 3.95
C ARG A 134 10.47 -11.31 4.25
N SER A 135 10.43 -10.03 4.58
CA SER A 135 9.32 -9.41 5.29
C SER A 135 8.75 -8.24 4.53
N PHE A 136 7.57 -7.80 4.93
CA PHE A 136 6.84 -6.74 4.25
C PHE A 136 7.60 -5.40 4.17
N GLU A 137 7.37 -4.67 3.10
CA GLU A 137 7.80 -3.28 2.96
C GLU A 137 6.75 -2.52 2.16
N VAL A 138 6.27 -1.40 2.70
CA VAL A 138 5.32 -0.53 2.00
C VAL A 138 5.73 0.91 2.28
N SER A 139 5.21 1.85 1.50
CA SER A 139 5.48 3.27 1.73
C SER A 139 4.25 4.07 1.35
N LEU A 140 4.00 5.14 2.07
CA LEU A 140 2.86 6.02 1.82
C LEU A 140 3.36 7.45 1.84
N GLN A 141 2.98 8.25 0.86
CA GLN A 141 3.37 9.65 0.84
C GLN A 141 2.43 10.43 1.74
N GLY A 142 2.99 10.93 2.83
CA GLY A 142 2.24 11.62 3.85
C GLY A 142 2.98 11.39 5.14
N ASN A 143 2.45 11.95 6.21
CA ASN A 143 3.06 11.88 7.53
C ASN A 143 2.05 11.22 8.48
N HIS A 144 1.22 10.33 7.92
CA HIS A 144 0.14 9.67 8.66
C HIS A 144 0.62 8.65 9.71
N ALA A 145 1.90 8.73 10.06
CA ALA A 145 2.46 7.99 11.18
C ALA A 145 1.88 8.63 12.44
N ALA A 146 1.63 9.93 12.35
CA ALA A 146 0.98 10.67 13.44
C ALA A 146 -0.53 10.39 13.42
N ALA A 147 -0.98 9.69 12.39
CA ALA A 147 -2.39 9.33 12.24
C ALA A 147 -2.54 7.80 12.09
N LEU A 148 -1.78 7.06 12.88
CA LEU A 148 -1.90 5.61 12.90
C LEU A 148 -3.15 5.26 13.70
N SER A 149 -4.08 4.56 13.06
CA SER A 149 -5.34 4.23 13.69
C SER A 149 -5.99 3.07 12.94
N ALA A 150 -6.99 2.44 13.54
CA ALA A 150 -7.70 1.33 12.91
C ALA A 150 -8.53 1.82 11.70
N ASP A 151 -8.98 3.06 11.75
CA ASP A 151 -9.73 3.64 10.64
C ASP A 151 -8.78 3.94 9.47
N ASN A 152 -7.54 4.30 9.75
CA ASN A 152 -6.55 4.50 8.69
C ASN A 152 -6.01 3.18 8.14
N ILE A 153 -5.79 2.19 9.02
CA ILE A 153 -5.22 0.91 8.59
C ILE A 153 -6.04 -0.27 9.10
N LEU A 154 -6.50 -1.10 8.19
CA LEU A 154 -7.23 -2.31 8.55
C LEU A 154 -6.21 -3.46 8.57
N PHE A 155 -6.18 -4.21 9.66
CA PHE A 155 -5.19 -5.27 9.86
C PHE A 155 -5.90 -6.46 10.53
N ALA A 156 -5.24 -7.61 10.58
CA ALA A 156 -5.83 -8.82 11.18
C ALA A 156 -4.83 -9.52 12.11
N THR A 157 -3.97 -8.74 12.73
CA THR A 157 -2.97 -9.25 13.66
C THR A 157 -3.50 -9.03 15.09
N PRO A 158 -3.10 -9.89 16.06
CA PRO A 158 -3.60 -9.71 17.43
C PRO A 158 -3.00 -8.52 18.19
N VAL A 159 -2.10 -7.78 17.56
CA VAL A 159 -1.50 -6.59 18.17
C VAL A 159 -1.68 -5.45 17.16
N PRO A 160 -2.11 -4.25 17.61
CA PRO A 160 -2.41 -3.20 16.64
C PRO A 160 -1.19 -2.56 15.96
N VAL A 161 -1.48 -1.56 15.13
CA VAL A 161 -0.46 -0.79 14.42
C VAL A 161 -0.67 0.67 14.74
CA CA B . 0.61 -4.51 -14.07
CA CA C . -9.80 7.36 -9.34
CA CA D . 2.63 -4.63 -10.15
CA CA E . -8.84 8.79 -4.97
CA CA F . 4.23 -4.44 -5.18
CA CA G . -6.69 9.12 -1.03
N ASP A 1 -23.59 0.91 -6.16
CA ASP A 1 -24.81 1.41 -6.84
C ASP A 1 -25.00 0.71 -8.16
N PRO A 2 -26.22 0.71 -8.73
CA PRO A 2 -26.36 0.03 -10.02
C PRO A 2 -25.63 0.74 -11.18
N SER A 3 -25.22 1.97 -10.96
CA SER A 3 -24.43 2.71 -11.94
C SER A 3 -23.00 2.16 -11.97
N ALA A 4 -22.37 2.11 -10.80
CA ALA A 4 -21.03 1.57 -10.63
C ALA A 4 -20.84 1.26 -9.13
N GLU A 5 -19.93 0.36 -8.82
CA GLU A 5 -19.61 0.00 -7.44
C GLU A 5 -18.10 0.08 -7.24
N ALA A 6 -17.46 0.87 -8.09
CA ALA A 6 -15.99 1.03 -8.11
C ALA A 6 -15.31 -0.33 -8.29
N GLN A 7 -15.86 -1.14 -9.20
CA GLN A 7 -15.31 -2.46 -9.47
C GLN A 7 -13.98 -2.27 -10.19
N PRO A 8 -12.87 -2.77 -9.61
CA PRO A 8 -11.62 -2.43 -10.29
C PRO A 8 -11.48 -2.95 -11.72
N ILE A 9 -10.85 -2.15 -12.55
CA ILE A 9 -10.59 -2.53 -13.93
C ILE A 9 -9.34 -3.40 -13.90
N VAL A 10 -9.39 -4.54 -14.56
CA VAL A 10 -8.28 -5.45 -14.60
C VAL A 10 -7.39 -5.04 -15.77
N GLY A 11 -6.20 -4.63 -15.39
CA GLY A 11 -5.15 -4.23 -16.31
C GLY A 11 -4.41 -5.44 -16.81
N SER A 12 -3.09 -5.29 -16.90
CA SER A 12 -2.23 -6.36 -17.40
C SER A 12 -1.23 -6.77 -16.34
N ASP A 13 -0.63 -7.95 -16.51
CA ASP A 13 0.46 -8.38 -15.63
C ASP A 13 1.78 -7.83 -16.14
N LEU A 14 1.71 -7.05 -17.21
CA LEU A 14 2.85 -6.29 -17.70
C LEU A 14 2.94 -5.00 -16.86
N ASP A 15 3.96 -4.19 -17.12
CA ASP A 15 4.12 -2.88 -16.49
C ASP A 15 2.97 -1.99 -17.02
N ASP A 16 2.04 -1.64 -16.15
CA ASP A 16 0.92 -0.82 -16.54
C ASP A 16 1.30 0.63 -16.37
N GLN A 17 1.18 1.39 -17.44
CA GLN A 17 1.22 2.84 -17.32
C GLN A 17 -0.20 3.25 -17.67
N LEU A 18 -1.01 3.43 -16.65
CA LEU A 18 -2.45 3.70 -16.82
C LEU A 18 -2.88 4.73 -15.79
N HIS A 19 -3.93 5.48 -16.10
CA HIS A 19 -4.44 6.45 -15.16
C HIS A 19 -5.95 6.31 -14.96
N GLY A 20 -6.38 6.67 -13.76
CA GLY A 20 -7.75 6.60 -13.35
C GLY A 20 -8.38 7.95 -13.30
N THR A 21 -7.58 8.90 -12.83
CA THR A 21 -7.99 10.28 -12.62
C THR A 21 -9.33 10.35 -11.88
N LEU A 22 -10.14 11.36 -12.20
CA LEU A 22 -11.36 11.69 -11.47
C LEU A 22 -12.46 10.63 -11.45
N LEU A 23 -12.31 9.59 -12.25
CA LEU A 23 -13.26 8.48 -12.20
C LEU A 23 -13.23 7.88 -10.81
N GLY A 24 -14.42 7.57 -10.30
CA GLY A 24 -14.57 6.94 -8.99
C GLY A 24 -14.40 5.44 -9.10
N GLU A 25 -13.39 5.05 -9.86
CA GLU A 25 -13.06 3.66 -10.10
C GLU A 25 -11.54 3.63 -10.28
N GLU A 26 -10.93 2.50 -9.93
CA GLU A 26 -9.48 2.33 -9.93
C GLU A 26 -9.02 0.97 -10.43
N ILE A 27 -7.81 0.96 -10.94
CA ILE A 27 -7.28 -0.12 -11.77
C ILE A 27 -6.44 -1.07 -10.94
N SER A 28 -6.63 -2.36 -11.19
CA SER A 28 -5.84 -3.43 -10.57
C SER A 28 -5.02 -4.04 -11.68
N GLY A 29 -3.82 -4.53 -11.39
CA GLY A 29 -2.99 -5.09 -12.45
C GLY A 29 -1.79 -5.82 -11.91
N GLY A 30 -2.02 -7.01 -11.35
CA GLY A 30 -1.03 -7.74 -10.56
C GLY A 30 0.44 -7.58 -10.88
N GLY A 31 0.88 -8.21 -11.94
CA GLY A 31 2.29 -8.22 -12.29
C GLY A 31 2.81 -6.88 -12.72
N GLY A 32 4.07 -6.90 -13.10
CA GLY A 32 4.76 -5.71 -13.61
C GLY A 32 5.05 -4.62 -12.59
N ALA A 33 5.94 -3.71 -13.00
CA ALA A 33 6.34 -2.54 -12.22
C ALA A 33 5.43 -1.39 -12.64
N ASP A 34 4.25 -1.36 -12.05
CA ASP A 34 3.20 -0.47 -12.48
C ASP A 34 3.36 0.94 -11.99
N GLN A 35 2.80 1.83 -12.77
CA GLN A 35 2.67 3.24 -12.42
C GLN A 35 1.21 3.59 -12.68
N LEU A 36 0.45 3.70 -11.60
CA LEU A 36 -0.98 3.82 -11.68
C LEU A 36 -1.34 5.05 -10.88
N TYR A 37 -1.97 5.99 -11.55
CA TYR A 37 -2.36 7.24 -10.91
C TYR A 37 -3.87 7.22 -10.84
N GLY A 38 -4.45 7.62 -9.73
CA GLY A 38 -5.90 7.57 -9.58
C GLY A 38 -6.54 8.85 -9.12
N TYR A 39 -5.73 9.85 -8.78
CA TYR A 39 -6.16 11.18 -8.32
C TYR A 39 -7.60 11.32 -7.76
N GLY A 40 -8.55 11.79 -8.56
CA GLY A 40 -9.89 12.02 -8.05
C GLY A 40 -10.74 10.76 -7.88
N GLY A 41 -11.84 10.97 -7.17
CA GLY A 41 -12.83 9.94 -6.97
C GLY A 41 -12.40 8.99 -5.89
N GLY A 42 -13.34 8.18 -5.46
CA GLY A 42 -13.04 7.06 -4.57
C GLY A 42 -12.39 5.99 -5.41
N ASP A 43 -11.32 5.39 -4.90
CA ASP A 43 -10.49 4.49 -5.69
C ASP A 43 -10.32 3.16 -4.98
N LEU A 44 -10.03 2.11 -5.74
CA LEU A 44 -9.89 0.77 -5.19
C LEU A 44 -8.78 0.10 -5.98
N LEU A 45 -7.59 0.11 -5.42
CA LEU A 45 -6.39 -0.28 -6.17
C LEU A 45 -5.67 -1.46 -5.56
N ASP A 46 -5.30 -2.43 -6.40
CA ASP A 46 -4.42 -3.54 -5.98
C ASP A 46 -3.16 -3.47 -6.84
N GLY A 47 -2.00 -3.29 -6.22
CA GLY A 47 -0.77 -3.14 -7.00
C GLY A 47 -0.08 -4.43 -7.43
N GLY A 48 -0.32 -5.52 -6.72
CA GLY A 48 0.29 -6.78 -7.00
C GLY A 48 1.78 -6.80 -6.86
N ALA A 49 2.27 -7.78 -7.54
CA ALA A 49 3.66 -8.13 -7.65
C ALA A 49 4.48 -7.00 -8.25
N GLY A 50 5.71 -6.97 -7.81
CA GLY A 50 6.69 -6.02 -8.33
C GLY A 50 6.87 -4.76 -7.49
N ARG A 51 7.66 -3.85 -8.03
CA ARG A 51 7.96 -2.56 -7.40
C ARG A 51 7.03 -1.58 -8.07
N ASP A 52 5.99 -1.20 -7.35
CA ASP A 52 4.88 -0.43 -7.91
C ASP A 52 4.77 1.00 -7.38
N ARG A 53 4.31 1.90 -8.24
CA ARG A 53 4.07 3.30 -7.92
C ARG A 53 2.57 3.53 -8.01
N LEU A 54 1.92 3.74 -6.87
CA LEU A 54 0.46 3.81 -6.80
C LEU A 54 0.00 5.16 -6.26
N THR A 55 -0.48 6.06 -7.10
CA THR A 55 -0.92 7.38 -6.61
C THR A 55 -2.44 7.41 -6.51
N GLY A 56 -2.97 8.01 -5.43
CA GLY A 56 -4.41 7.97 -5.20
C GLY A 56 -5.10 9.30 -4.99
N GLY A 57 -4.35 10.35 -4.71
CA GLY A 57 -4.88 11.67 -4.50
C GLY A 57 -5.99 11.82 -3.51
N GLU A 58 -6.91 12.57 -4.04
CA GLU A 58 -8.14 13.02 -3.39
C GLU A 58 -9.00 11.83 -3.00
N GLY A 59 -9.69 11.96 -1.88
CA GLY A 59 -10.65 10.97 -1.43
C GLY A 59 -10.10 9.93 -0.48
N ALA A 60 -11.02 9.26 0.21
CA ALA A 60 -10.73 8.20 1.17
C ALA A 60 -10.65 6.88 0.39
N ASP A 61 -9.64 6.82 -0.43
CA ASP A 61 -9.40 5.68 -1.31
C ASP A 61 -9.05 4.47 -0.49
N THR A 62 -9.33 3.28 -1.01
CA THR A 62 -8.93 2.05 -0.35
C THR A 62 -7.89 1.36 -1.21
N PHE A 63 -6.64 1.44 -0.78
CA PHE A 63 -5.55 0.75 -1.47
C PHE A 63 -5.37 -0.50 -0.64
N ARG A 64 -5.53 -1.64 -1.28
CA ARG A 64 -5.66 -2.90 -0.54
C ARG A 64 -4.56 -3.87 -0.88
N PHE A 65 -4.17 -4.61 0.13
CA PHE A 65 -3.06 -5.53 0.02
C PHE A 65 -3.48 -6.94 0.34
N ALA A 66 -3.70 -7.71 -0.70
CA ALA A 66 -3.72 -9.16 -0.62
C ALA A 66 -2.34 -9.59 -1.16
N LEU A 67 -1.55 -8.58 -1.48
CA LEU A 67 -0.24 -8.74 -2.09
C LEU A 67 0.83 -8.90 -1.02
N ARG A 68 1.08 -10.14 -0.64
CA ARG A 68 1.98 -10.46 0.46
C ARG A 68 3.43 -10.58 0.03
N GLU A 69 3.75 -11.65 -0.68
CA GLU A 69 5.10 -11.86 -1.22
C GLU A 69 5.31 -10.84 -2.35
N ASP A 70 4.19 -10.31 -2.82
CA ASP A 70 4.17 -9.28 -3.84
C ASP A 70 4.59 -7.90 -3.30
N SER A 71 4.77 -7.85 -1.98
CA SER A 71 5.20 -6.64 -1.28
C SER A 71 6.36 -6.98 -0.31
N GLN A 72 7.22 -7.91 -0.69
CA GLN A 72 8.30 -8.39 0.20
C GLN A 72 9.67 -7.79 -0.14
N ARG A 73 10.61 -7.92 0.80
CA ARG A 73 11.95 -7.36 0.66
C ARG A 73 13.06 -8.26 1.21
N SER A 74 14.23 -8.12 0.61
CA SER A 74 15.46 -8.72 1.10
C SER A 74 16.58 -7.79 0.66
N ALA A 75 17.78 -8.03 1.13
CA ALA A 75 18.94 -7.25 0.73
C ALA A 75 19.24 -7.52 -0.75
N ALA A 76 18.79 -8.67 -1.23
CA ALA A 76 18.96 -9.03 -2.63
C ALA A 76 17.97 -8.31 -3.53
N GLY A 77 17.06 -7.61 -2.90
CA GLY A 77 16.11 -6.77 -3.63
C GLY A 77 14.76 -6.67 -2.97
N THR A 78 14.08 -5.55 -3.19
CA THR A 78 12.75 -5.34 -2.62
C THR A 78 11.74 -5.16 -3.75
N PHE A 79 10.56 -5.74 -3.56
CA PHE A 79 9.47 -5.58 -4.49
C PHE A 79 8.36 -5.03 -3.62
N SER A 80 8.28 -3.72 -3.55
CA SER A 80 7.42 -3.05 -2.58
C SER A 80 6.45 -2.13 -3.31
N ASP A 81 5.58 -1.50 -2.55
CA ASP A 81 4.57 -0.62 -3.13
C ASP A 81 4.74 0.77 -2.54
N LEU A 82 4.88 1.74 -3.41
CA LEU A 82 5.07 3.13 -3.01
C LEU A 82 3.80 3.87 -3.32
N ILE A 83 3.03 4.15 -2.28
CA ILE A 83 1.76 4.82 -2.43
C ILE A 83 2.03 6.33 -2.39
N LEU A 84 1.69 7.02 -3.47
CA LEU A 84 1.91 8.46 -3.55
C LEU A 84 0.61 9.21 -3.30
N ASP A 85 0.74 10.48 -2.92
CA ASP A 85 -0.37 11.38 -2.57
C ASP A 85 -1.54 10.70 -1.89
N PHE A 86 -1.38 10.48 -0.61
CA PHE A 86 -2.32 9.64 0.15
C PHE A 86 -2.51 10.01 1.62
N ASP A 87 -2.65 11.31 1.92
CA ASP A 87 -2.83 11.72 3.32
C ASP A 87 -3.78 12.90 3.61
N PRO A 88 -5.10 12.68 3.50
CA PRO A 88 -6.06 13.62 4.09
C PRO A 88 -6.35 13.25 5.55
N THR A 89 -5.43 12.50 6.18
CA THR A 89 -5.57 11.87 7.51
C THR A 89 -6.74 10.87 7.62
N GLN A 90 -7.39 10.60 6.50
CA GLN A 90 -8.53 9.71 6.42
C GLN A 90 -8.47 8.98 5.08
N ASP A 91 -7.34 8.34 4.83
CA ASP A 91 -7.17 7.50 3.64
C ASP A 91 -7.16 6.07 4.15
N LYS A 92 -7.54 5.10 3.32
CA LYS A 92 -7.63 3.72 3.79
C LYS A 92 -6.58 2.81 3.20
N LEU A 93 -5.91 2.10 4.11
CA LEU A 93 -4.96 1.08 3.77
C LEU A 93 -5.49 -0.20 4.37
N ASP A 94 -5.53 -1.26 3.59
CA ASP A 94 -5.97 -2.57 4.08
C ASP A 94 -4.86 -3.59 3.90
N VAL A 95 -4.35 -4.11 5.01
CA VAL A 95 -3.32 -5.15 4.99
C VAL A 95 -3.82 -6.37 5.76
N SER A 96 -5.12 -6.42 6.03
CA SER A 96 -5.69 -7.53 6.79
C SER A 96 -5.61 -8.84 6.02
N ALA A 97 -5.65 -8.76 4.69
CA ALA A 97 -5.55 -9.95 3.85
C ALA A 97 -4.12 -10.55 3.87
N LEU A 98 -3.15 -9.78 4.36
CA LEU A 98 -1.78 -10.29 4.51
C LEU A 98 -1.64 -10.96 5.87
N GLY A 99 -2.63 -10.69 6.71
CA GLY A 99 -2.58 -11.04 8.11
C GLY A 99 -1.89 -9.93 8.87
N PHE A 100 -0.70 -9.59 8.37
CA PHE A 100 0.20 -8.59 8.95
C PHE A 100 0.71 -9.09 10.30
N THR A 101 1.70 -8.41 10.87
CA THR A 101 2.33 -8.87 12.11
C THR A 101 2.22 -7.88 13.26
N GLY A 102 2.23 -6.58 12.96
CA GLY A 102 2.11 -5.55 13.98
C GLY A 102 3.09 -4.46 13.67
N LEU A 103 3.12 -3.40 14.47
CA LEU A 103 4.04 -2.28 14.24
C LEU A 103 4.94 -2.02 15.45
N GLY A 104 5.33 -3.11 16.10
CA GLY A 104 6.17 -3.05 17.29
C GLY A 104 7.65 -2.80 17.04
N ASN A 105 7.96 -1.71 16.36
CA ASN A 105 9.34 -1.25 16.13
C ASN A 105 10.26 -2.22 15.38
N GLY A 106 9.68 -3.09 14.56
CA GLY A 106 10.48 -3.86 13.62
C GLY A 106 11.12 -5.15 14.12
N TYR A 107 10.81 -5.55 15.34
CA TYR A 107 11.35 -6.79 15.92
C TYR A 107 10.21 -7.70 16.35
N ALA A 108 10.54 -8.95 16.68
CA ALA A 108 9.55 -10.00 16.99
C ALA A 108 8.61 -10.18 15.79
N GLY A 109 9.16 -10.08 14.60
CA GLY A 109 8.40 -10.24 13.37
C GLY A 109 7.56 -9.03 12.96
N THR A 110 7.44 -8.04 13.84
CA THR A 110 6.62 -6.86 13.55
C THR A 110 7.36 -5.93 12.61
N LEU A 111 6.68 -4.90 12.15
CA LEU A 111 7.28 -3.90 11.27
C LEU A 111 7.54 -2.64 12.09
N ALA A 112 8.29 -1.72 11.53
CA ALA A 112 8.57 -0.43 12.15
C ALA A 112 8.06 0.61 11.18
N VAL A 113 7.69 1.76 11.69
CA VAL A 113 7.27 2.88 10.86
C VAL A 113 8.28 4.00 11.06
N SER A 114 8.61 4.69 9.98
CA SER A 114 9.54 5.81 10.04
C SER A 114 9.04 6.83 9.04
N VAL A 115 9.01 8.09 9.44
CA VAL A 115 8.52 9.15 8.57
C VAL A 115 9.61 10.20 8.46
N SER A 116 9.99 10.54 7.24
CA SER A 116 11.00 11.57 7.01
C SER A 116 10.36 12.65 6.15
N ASP A 117 10.49 13.90 6.58
CA ASP A 117 9.83 15.02 5.91
C ASP A 117 10.49 15.39 4.59
N ASP A 118 11.77 15.08 4.46
CA ASP A 118 12.50 15.34 3.21
C ASP A 118 11.99 14.41 2.10
N GLY A 119 11.46 13.27 2.52
CA GLY A 119 10.88 12.34 1.57
C GLY A 119 9.38 12.51 1.54
N THR A 120 8.85 13.21 2.52
CA THR A 120 7.40 13.41 2.71
C THR A 120 6.69 12.07 2.72
N ARG A 121 7.37 11.07 3.26
CA ARG A 121 6.89 9.68 3.24
C ARG A 121 6.99 9.01 4.59
N THR A 122 6.09 8.07 4.81
CA THR A 122 6.04 7.26 6.00
C THR A 122 6.19 5.84 5.48
N TYR A 123 7.38 5.38 5.68
CA TYR A 123 7.83 4.05 5.24
C TYR A 123 7.52 3.04 6.33
N LEU A 124 7.11 1.83 5.94
CA LEU A 124 6.87 0.75 6.91
C LEU A 124 7.57 -0.51 6.42
N LYS A 125 8.46 -1.07 7.24
CA LYS A 125 9.15 -2.32 6.89
C LYS A 125 9.64 -3.01 8.16
N SER A 126 10.07 -4.25 8.06
CA SER A 126 10.65 -4.97 9.16
C SER A 126 12.04 -5.27 8.67
N TYR A 127 12.97 -5.35 9.61
CA TYR A 127 14.39 -5.52 9.32
C TYR A 127 15.09 -6.52 10.23
N GLU A 128 14.34 -7.18 11.10
CA GLU A 128 14.90 -8.17 12.03
C GLU A 128 15.45 -9.38 11.29
N THR A 129 14.78 -9.73 10.19
CA THR A 129 15.10 -10.87 9.38
C THR A 129 15.04 -10.39 7.95
N ASP A 130 16.01 -10.86 7.18
CA ASP A 130 16.17 -10.46 5.78
C ASP A 130 16.23 -11.69 4.86
N ALA A 131 17.25 -12.51 5.02
CA ALA A 131 17.34 -13.76 4.25
C ALA A 131 16.67 -14.87 5.05
N GLU A 132 16.72 -14.70 6.36
CA GLU A 132 16.23 -15.66 7.33
C GLU A 132 14.71 -15.61 7.42
N GLY A 133 14.17 -14.47 7.04
CA GLY A 133 12.74 -14.23 7.16
C GLY A 133 12.47 -12.98 6.37
N ARG A 134 12.38 -13.15 5.06
CA ARG A 134 12.24 -12.01 4.16
C ARG A 134 10.90 -11.32 4.43
N SER A 135 11.05 -10.07 4.82
CA SER A 135 10.02 -9.28 5.46
C SER A 135 9.24 -8.49 4.42
N PHE A 136 8.27 -7.71 4.87
CA PHE A 136 7.45 -6.92 3.96
C PHE A 136 7.84 -5.45 4.01
N GLU A 137 7.56 -4.73 2.93
CA GLU A 137 7.92 -3.32 2.80
C GLU A 137 6.87 -2.57 1.99
N VAL A 138 6.40 -1.45 2.54
CA VAL A 138 5.49 -0.54 1.83
C VAL A 138 5.88 0.88 2.23
N SER A 139 5.42 1.87 1.47
CA SER A 139 5.62 3.26 1.84
C SER A 139 4.43 4.07 1.39
N LEU A 140 4.17 5.16 2.08
CA LEU A 140 3.02 6.03 1.80
C LEU A 140 3.50 7.47 1.84
N GLN A 141 3.13 8.28 0.86
CA GLN A 141 3.48 9.69 0.85
C GLN A 141 2.50 10.45 1.73
N GLY A 142 3.00 10.94 2.84
CA GLY A 142 2.19 11.61 3.82
C GLY A 142 2.85 11.38 5.16
N ASN A 143 2.27 11.95 6.19
CA ASN A 143 2.79 11.87 7.55
C ASN A 143 1.72 11.21 8.42
N HIS A 144 0.91 10.36 7.79
CA HIS A 144 -0.23 9.70 8.47
C HIS A 144 0.18 8.65 9.52
N ALA A 145 1.43 8.70 9.93
CA ALA A 145 1.92 7.93 11.07
C ALA A 145 1.35 8.62 12.32
N ALA A 146 1.13 9.92 12.20
CA ALA A 146 0.47 10.70 13.25
C ALA A 146 -1.03 10.39 13.23
N ALA A 147 -1.47 9.68 12.20
CA ALA A 147 -2.87 9.29 12.05
C ALA A 147 -2.99 7.76 11.99
N LEU A 148 -2.19 7.07 12.81
CA LEU A 148 -2.27 5.62 12.91
C LEU A 148 -3.54 5.28 13.68
N SER A 149 -4.45 4.58 13.04
CA SER A 149 -5.73 4.25 13.64
C SER A 149 -6.33 3.07 12.88
N ALA A 150 -7.34 2.43 13.47
CA ALA A 150 -8.02 1.31 12.82
C ALA A 150 -8.81 1.78 11.60
N ASP A 151 -9.31 3.01 11.64
CA ASP A 151 -10.04 3.57 10.51
C ASP A 151 -9.10 3.87 9.35
N ASN A 152 -7.86 4.26 9.64
CA ASN A 152 -6.86 4.46 8.58
C ASN A 152 -6.29 3.13 8.07
N ILE A 153 -6.00 2.19 8.97
CA ILE A 153 -5.38 0.92 8.56
C ILE A 153 -6.13 -0.29 9.13
N LEU A 154 -6.54 -1.18 8.24
CA LEU A 154 -7.19 -2.43 8.64
C LEU A 154 -6.12 -3.53 8.65
N PHE A 155 -6.07 -4.30 9.72
CA PHE A 155 -5.06 -5.35 9.92
C PHE A 155 -5.75 -6.55 10.56
N ALA A 156 -5.09 -7.70 10.61
CA ALA A 156 -5.67 -8.91 11.20
C ALA A 156 -4.66 -9.63 12.12
N THR A 157 -3.81 -8.84 12.75
CA THR A 157 -2.81 -9.38 13.69
C THR A 157 -3.34 -9.12 15.11
N PRO A 158 -3.00 -10.00 16.09
CA PRO A 158 -3.49 -9.79 17.46
C PRO A 158 -2.84 -8.64 18.23
N VAL A 159 -1.91 -7.93 17.60
CA VAL A 159 -1.28 -6.76 18.19
C VAL A 159 -1.49 -5.63 17.18
N PRO A 160 -1.91 -4.43 17.64
CA PRO A 160 -2.28 -3.39 16.68
C PRO A 160 -1.10 -2.74 15.94
N VAL A 161 -1.44 -1.79 15.09
CA VAL A 161 -0.47 -0.99 14.34
C VAL A 161 -0.71 0.46 14.73
CA CA B . 0.48 -4.61 -14.07
CA CA C . -9.77 7.50 -9.54
CA CA D . 2.40 -4.72 -10.13
CA CA E . -8.79 9.06 -5.35
CA CA F . 4.12 -4.57 -5.18
CA CA G . -6.51 9.30 -1.07
N ASP A 1 -22.71 1.68 -5.91
CA ASP A 1 -23.95 2.31 -6.45
C ASP A 1 -24.38 1.60 -7.71
N PRO A 2 -25.67 1.75 -8.12
CA PRO A 2 -26.04 1.05 -9.35
C PRO A 2 -25.36 1.59 -10.62
N SER A 3 -24.77 2.77 -10.52
CA SER A 3 -24.00 3.34 -11.61
C SER A 3 -22.65 2.65 -11.75
N ALA A 4 -21.92 2.58 -10.64
CA ALA A 4 -20.61 1.94 -10.58
C ALA A 4 -20.32 1.64 -9.11
N GLU A 5 -19.45 0.67 -8.85
CA GLU A 5 -19.08 0.29 -7.48
C GLU A 5 -17.56 0.30 -7.33
N ALA A 6 -16.92 1.14 -8.13
CA ALA A 6 -15.46 1.29 -8.17
C ALA A 6 -14.78 -0.06 -8.47
N GLN A 7 -15.39 -0.83 -9.37
CA GLN A 7 -14.85 -2.13 -9.74
C GLN A 7 -13.54 -1.91 -10.49
N PRO A 8 -12.42 -2.45 -9.98
CA PRO A 8 -11.18 -2.10 -10.68
C PRO A 8 -11.09 -2.57 -12.12
N ILE A 9 -10.38 -1.80 -12.94
CA ILE A 9 -10.16 -2.13 -14.33
C ILE A 9 -9.00 -3.11 -14.34
N VAL A 10 -9.16 -4.23 -15.02
CA VAL A 10 -8.13 -5.25 -15.09
C VAL A 10 -7.16 -4.86 -16.19
N GLY A 11 -5.98 -4.50 -15.74
CA GLY A 11 -4.87 -4.16 -16.60
C GLY A 11 -4.16 -5.41 -17.06
N SER A 12 -2.85 -5.33 -17.10
CA SER A 12 -2.02 -6.44 -17.56
C SER A 12 -1.03 -6.85 -16.47
N ASP A 13 -0.42 -8.01 -16.61
CA ASP A 13 0.65 -8.43 -15.70
C ASP A 13 1.98 -7.87 -16.19
N LEU A 14 1.91 -7.11 -17.27
CA LEU A 14 3.04 -6.31 -17.76
C LEU A 14 3.11 -5.04 -16.91
N ASP A 15 4.13 -4.23 -17.14
CA ASP A 15 4.26 -2.91 -16.51
C ASP A 15 3.13 -2.04 -17.07
N ASP A 16 2.18 -1.67 -16.23
CA ASP A 16 1.04 -0.88 -16.66
C ASP A 16 1.42 0.57 -16.49
N GLN A 17 1.06 1.33 -17.50
CA GLN A 17 1.07 2.78 -17.42
C GLN A 17 -0.38 3.14 -17.72
N LEU A 18 -1.17 3.32 -16.67
CA LEU A 18 -2.61 3.55 -16.80
C LEU A 18 -3.02 4.58 -15.77
N HIS A 19 -4.08 5.30 -16.05
CA HIS A 19 -4.56 6.30 -15.11
C HIS A 19 -6.07 6.17 -14.87
N GLY A 20 -6.45 6.55 -13.67
CA GLY A 20 -7.83 6.54 -13.22
C GLY A 20 -8.37 7.93 -13.15
N THR A 21 -7.51 8.82 -12.66
CA THR A 21 -7.85 10.22 -12.42
C THR A 21 -9.21 10.35 -11.71
N LEU A 22 -9.96 11.39 -12.02
CA LEU A 22 -11.19 11.77 -11.32
C LEU A 22 -12.32 10.74 -11.33
N LEU A 23 -12.21 9.73 -12.16
CA LEU A 23 -13.20 8.66 -12.15
C LEU A 23 -13.21 7.99 -10.78
N GLY A 24 -14.40 7.66 -10.30
CA GLY A 24 -14.58 6.95 -9.04
C GLY A 24 -14.41 5.46 -9.26
N GLU A 25 -13.34 5.13 -9.95
CA GLU A 25 -12.98 3.77 -10.30
C GLU A 25 -11.45 3.78 -10.31
N GLU A 26 -10.83 2.61 -10.16
CA GLU A 26 -9.38 2.52 -10.15
C GLU A 26 -8.87 1.27 -10.89
N ILE A 27 -7.56 1.11 -10.92
CA ILE A 27 -6.88 0.15 -11.78
C ILE A 27 -6.29 -1.01 -10.97
N SER A 28 -6.45 -2.23 -11.45
CA SER A 28 -5.81 -3.43 -10.90
C SER A 28 -4.89 -3.97 -12.01
N GLY A 29 -3.84 -4.68 -11.65
CA GLY A 29 -2.94 -5.21 -12.68
C GLY A 29 -1.74 -5.92 -12.09
N GLY A 30 -1.98 -7.08 -11.50
CA GLY A 30 -1.01 -7.78 -10.67
C GLY A 30 0.47 -7.62 -10.95
N GLY A 31 0.95 -8.26 -12.00
CA GLY A 31 2.36 -8.25 -12.30
C GLY A 31 2.89 -6.90 -12.73
N GLY A 32 4.14 -6.92 -13.10
CA GLY A 32 4.84 -5.73 -13.58
C GLY A 32 5.10 -4.62 -12.57
N ALA A 33 6.00 -3.72 -12.95
CA ALA A 33 6.38 -2.55 -12.18
C ALA A 33 5.47 -1.39 -12.61
N ASP A 34 4.28 -1.38 -12.06
CA ASP A 34 3.24 -0.49 -12.53
C ASP A 34 3.37 0.92 -12.01
N GLN A 35 2.87 1.83 -12.81
CA GLN A 35 2.75 3.23 -12.44
C GLN A 35 1.30 3.59 -12.72
N LEU A 36 0.52 3.73 -11.66
CA LEU A 36 -0.92 3.83 -11.76
C LEU A 36 -1.26 5.07 -10.99
N TYR A 37 -1.93 5.97 -11.67
CA TYR A 37 -2.31 7.24 -11.07
C TYR A 37 -3.81 7.20 -10.93
N GLY A 38 -4.35 7.63 -9.80
CA GLY A 38 -5.79 7.52 -9.59
C GLY A 38 -6.45 8.75 -9.01
N TYR A 39 -5.63 9.69 -8.55
CA TYR A 39 -6.08 10.98 -7.96
C TYR A 39 -7.53 11.10 -7.47
N GLY A 40 -8.43 11.64 -8.29
CA GLY A 40 -9.79 11.89 -7.82
C GLY A 40 -10.69 10.65 -7.74
N GLY A 41 -11.82 10.86 -7.08
CA GLY A 41 -12.83 9.83 -6.95
C GLY A 41 -12.46 8.86 -5.87
N GLY A 42 -13.44 8.06 -5.49
CA GLY A 42 -13.21 6.96 -4.57
C GLY A 42 -12.56 5.84 -5.38
N ASP A 43 -11.49 5.27 -4.88
CA ASP A 43 -10.66 4.35 -5.64
C ASP A 43 -10.45 3.04 -4.92
N LEU A 44 -10.15 2.01 -5.69
CA LEU A 44 -9.93 0.66 -5.15
C LEU A 44 -8.75 0.06 -5.90
N LEU A 45 -7.59 0.04 -5.27
CA LEU A 45 -6.35 -0.35 -5.97
C LEU A 45 -5.61 -1.51 -5.31
N ASP A 46 -5.22 -2.47 -6.13
CA ASP A 46 -4.36 -3.59 -5.73
C ASP A 46 -3.19 -3.62 -6.72
N GLY A 47 -1.98 -3.33 -6.22
CA GLY A 47 -0.84 -3.20 -7.13
C GLY A 47 -0.14 -4.49 -7.51
N GLY A 48 -0.37 -5.58 -6.78
CA GLY A 48 0.24 -6.83 -7.04
C GLY A 48 1.74 -6.81 -6.89
N ALA A 49 2.25 -7.80 -7.58
CA ALA A 49 3.65 -8.12 -7.67
C ALA A 49 4.45 -6.98 -8.28
N GLY A 50 5.68 -6.92 -7.82
CA GLY A 50 6.65 -5.96 -8.34
C GLY A 50 6.82 -4.71 -7.50
N ARG A 51 7.62 -3.78 -8.03
CA ARG A 51 7.90 -2.49 -7.39
C ARG A 51 6.95 -1.52 -8.07
N ASP A 52 5.91 -1.18 -7.35
CA ASP A 52 4.80 -0.40 -7.92
C ASP A 52 4.70 1.02 -7.37
N ARG A 53 4.21 1.92 -8.22
CA ARG A 53 3.98 3.34 -7.90
C ARG A 53 2.48 3.59 -8.02
N LEU A 54 1.82 3.80 -6.90
CA LEU A 54 0.35 3.84 -6.87
C LEU A 54 -0.18 5.18 -6.33
N THR A 55 -0.59 6.10 -7.18
CA THR A 55 -1.11 7.38 -6.68
C THR A 55 -2.63 7.34 -6.48
N GLY A 56 -3.15 8.03 -5.46
CA GLY A 56 -4.57 7.96 -5.16
C GLY A 56 -5.26 9.24 -4.74
N GLY A 57 -4.51 10.33 -4.63
CA GLY A 57 -4.99 11.63 -4.23
C GLY A 57 -6.16 11.76 -3.28
N GLU A 58 -7.05 12.55 -3.80
CA GLU A 58 -8.29 12.96 -3.15
C GLU A 58 -9.14 11.76 -2.75
N GLY A 59 -9.80 11.88 -1.62
CA GLY A 59 -10.75 10.87 -1.16
C GLY A 59 -10.18 9.84 -0.21
N ALA A 60 -11.09 9.17 0.50
CA ALA A 60 -10.79 8.12 1.47
C ALA A 60 -10.81 6.79 0.71
N ASP A 61 -9.83 6.65 -0.14
CA ASP A 61 -9.70 5.50 -1.02
C ASP A 61 -9.27 4.30 -0.23
N THR A 62 -9.57 3.11 -0.73
CA THR A 62 -9.11 1.88 -0.09
C THR A 62 -8.09 1.21 -0.98
N PHE A 63 -6.83 1.24 -0.57
CA PHE A 63 -5.78 0.56 -1.29
C PHE A 63 -5.57 -0.69 -0.46
N ARG A 64 -5.69 -1.85 -1.10
CA ARG A 64 -5.82 -3.09 -0.36
C ARG A 64 -4.76 -4.09 -0.74
N PHE A 65 -4.31 -4.81 0.26
CA PHE A 65 -3.19 -5.71 0.11
C PHE A 65 -3.55 -7.14 0.42
N ALA A 66 -3.74 -7.91 -0.65
CA ALA A 66 -3.69 -9.37 -0.57
C ALA A 66 -2.30 -9.73 -1.11
N LEU A 67 -1.54 -8.68 -1.42
CA LEU A 67 -0.23 -8.79 -2.03
C LEU A 67 0.86 -8.92 -0.97
N ARG A 68 1.15 -10.17 -0.63
CA ARG A 68 2.09 -10.50 0.44
C ARG A 68 3.54 -10.55 -0.01
N GLU A 69 3.88 -11.59 -0.75
CA GLU A 69 5.23 -11.74 -1.33
C GLU A 69 5.38 -10.70 -2.43
N ASP A 70 4.24 -10.21 -2.87
CA ASP A 70 4.15 -9.17 -3.89
C ASP A 70 4.57 -7.80 -3.34
N SER A 71 4.73 -7.73 -2.02
CA SER A 71 5.17 -6.52 -1.34
C SER A 71 6.31 -6.84 -0.35
N GLN A 72 7.24 -7.71 -0.76
CA GLN A 72 8.32 -8.16 0.13
C GLN A 72 9.66 -7.48 -0.16
N ARG A 73 10.59 -7.60 0.78
CA ARG A 73 11.91 -6.98 0.66
C ARG A 73 13.02 -7.88 1.18
N SER A 74 14.19 -7.71 0.61
CA SER A 74 15.40 -8.41 1.04
C SER A 74 16.56 -7.49 0.72
N ALA A 75 17.75 -7.82 1.21
CA ALA A 75 18.95 -7.07 0.90
C ALA A 75 19.25 -7.22 -0.59
N ALA A 76 18.79 -8.32 -1.18
CA ALA A 76 18.99 -8.59 -2.60
C ALA A 76 18.03 -7.79 -3.47
N GLY A 77 17.13 -7.09 -2.81
CA GLY A 77 16.19 -6.22 -3.51
C GLY A 77 14.81 -6.19 -2.87
N THR A 78 14.10 -5.09 -3.08
CA THR A 78 12.75 -4.93 -2.54
C THR A 78 11.75 -4.77 -3.69
N PHE A 79 10.60 -5.39 -3.56
CA PHE A 79 9.52 -5.23 -4.51
C PHE A 79 8.33 -4.81 -3.68
N SER A 80 8.15 -3.51 -3.56
CA SER A 80 7.19 -2.93 -2.63
C SER A 80 6.18 -2.09 -3.36
N ASP A 81 5.24 -1.53 -2.61
CA ASP A 81 4.18 -0.70 -3.19
C ASP A 81 4.27 0.68 -2.56
N LEU A 82 4.69 1.65 -3.35
CA LEU A 82 4.85 3.02 -2.88
C LEU A 82 3.60 3.79 -3.28
N ILE A 83 2.76 4.04 -2.30
CA ILE A 83 1.51 4.75 -2.53
C ILE A 83 1.81 6.23 -2.48
N LEU A 84 1.48 6.96 -3.54
CA LEU A 84 1.73 8.39 -3.61
C LEU A 84 0.45 9.16 -3.33
N ASP A 85 0.61 10.41 -2.94
CA ASP A 85 -0.48 11.32 -2.54
C ASP A 85 -1.66 10.64 -1.85
N PHE A 86 -1.49 10.39 -0.57
CA PHE A 86 -2.41 9.54 0.16
C PHE A 86 -2.58 9.86 1.66
N ASP A 87 -2.70 11.14 2.01
CA ASP A 87 -2.84 11.50 3.42
C ASP A 87 -3.80 12.66 3.78
N PRO A 88 -5.12 12.42 3.68
CA PRO A 88 -6.09 13.33 4.30
C PRO A 88 -6.33 12.93 5.77
N THR A 89 -5.38 12.19 6.35
CA THR A 89 -5.48 11.55 7.69
C THR A 89 -6.63 10.54 7.83
N GLN A 90 -7.34 10.28 6.75
CA GLN A 90 -8.49 9.36 6.74
C GLN A 90 -8.48 8.51 5.46
N ASP A 91 -7.30 8.21 4.93
CA ASP A 91 -7.21 7.31 3.77
C ASP A 91 -7.23 5.90 4.32
N LYS A 92 -7.64 4.93 3.53
CA LYS A 92 -7.75 3.55 4.01
C LYS A 92 -6.72 2.63 3.39
N LEU A 93 -6.06 1.89 4.27
CA LEU A 93 -5.12 0.86 3.90
C LEU A 93 -5.66 -0.42 4.51
N ASP A 94 -5.67 -1.48 3.73
CA ASP A 94 -6.10 -2.79 4.21
C ASP A 94 -4.98 -3.80 4.04
N VAL A 95 -4.49 -4.33 5.14
CA VAL A 95 -3.45 -5.38 5.11
C VAL A 95 -3.95 -6.61 5.86
N SER A 96 -5.25 -6.66 6.14
CA SER A 96 -5.82 -7.78 6.89
C SER A 96 -5.75 -9.07 6.08
N ALA A 97 -5.75 -8.96 4.76
CA ALA A 97 -5.66 -10.13 3.90
C ALA A 97 -4.24 -10.74 3.92
N LEU A 98 -3.27 -9.99 4.42
CA LEU A 98 -1.91 -10.50 4.59
C LEU A 98 -1.79 -11.14 5.96
N GLY A 99 -2.78 -10.86 6.79
CA GLY A 99 -2.76 -11.19 8.21
C GLY A 99 -2.04 -10.08 8.96
N PHE A 100 -0.85 -9.76 8.45
CA PHE A 100 0.05 -8.75 9.00
C PHE A 100 0.58 -9.22 10.36
N THR A 101 1.58 -8.53 10.89
CA THR A 101 2.23 -8.96 12.13
C THR A 101 2.09 -7.94 13.27
N GLY A 102 2.06 -6.67 12.93
CA GLY A 102 1.90 -5.61 13.93
C GLY A 102 2.87 -4.50 13.63
N LEU A 103 2.85 -3.43 14.41
CA LEU A 103 3.78 -2.31 14.19
C LEU A 103 4.61 -2.03 15.45
N GLY A 104 5.03 -3.12 16.09
CA GLY A 104 5.82 -3.05 17.32
C GLY A 104 7.30 -2.74 17.12
N ASN A 105 7.59 -1.63 16.44
CA ASN A 105 8.95 -1.12 16.24
C ASN A 105 9.92 -2.07 15.51
N GLY A 106 9.37 -2.95 14.69
CA GLY A 106 10.21 -3.73 13.78
C GLY A 106 10.87 -4.99 14.32
N TYR A 107 10.52 -5.40 15.53
CA TYR A 107 11.08 -6.62 16.13
C TYR A 107 9.96 -7.59 16.48
N ALA A 108 10.31 -8.83 16.79
CA ALA A 108 9.36 -9.92 17.05
C ALA A 108 8.45 -10.11 15.83
N GLY A 109 9.04 -9.97 14.64
CA GLY A 109 8.32 -10.14 13.39
C GLY A 109 7.46 -8.96 12.98
N THR A 110 7.28 -7.99 13.87
CA THR A 110 6.45 -6.82 13.56
C THR A 110 7.19 -5.87 12.64
N LEU A 111 6.49 -4.86 12.15
CA LEU A 111 7.09 -3.85 11.29
C LEU A 111 7.31 -2.58 12.10
N ALA A 112 8.05 -1.65 11.53
CA ALA A 112 8.30 -0.34 12.13
C ALA A 112 7.85 0.68 11.10
N VAL A 113 7.46 1.85 11.58
CA VAL A 113 7.07 2.95 10.72
C VAL A 113 8.13 4.03 10.89
N SER A 114 8.48 4.69 9.79
CA SER A 114 9.46 5.76 9.81
C SER A 114 9.00 6.75 8.75
N VAL A 115 9.28 8.03 8.93
CA VAL A 115 8.86 9.04 7.97
C VAL A 115 10.05 9.91 7.65
N SER A 116 10.29 10.12 6.37
CA SER A 116 11.36 10.99 5.91
C SER A 116 10.70 12.08 5.09
N ASP A 117 10.89 13.33 5.49
CA ASP A 117 10.17 14.46 4.89
C ASP A 117 10.73 14.89 3.53
N ASP A 118 11.97 14.53 3.25
CA ASP A 118 12.59 14.83 1.96
C ASP A 118 11.89 14.03 0.84
N GLY A 119 11.33 12.90 1.23
CA GLY A 119 10.56 12.09 0.32
C GLY A 119 9.09 12.23 0.60
N THR A 120 8.77 12.95 1.67
CA THR A 120 7.40 13.14 2.16
C THR A 120 6.66 11.82 2.33
N ARG A 121 7.40 10.79 2.69
CA ARG A 121 6.87 9.43 2.75
C ARG A 121 7.08 8.77 4.09
N THR A 122 6.10 7.96 4.48
CA THR A 122 6.11 7.21 5.69
C THR A 122 6.12 5.76 5.23
N TYR A 123 7.31 5.25 5.35
CA TYR A 123 7.66 3.89 4.96
C TYR A 123 7.38 2.96 6.12
N LEU A 124 6.90 1.76 5.82
CA LEU A 124 6.67 0.74 6.85
C LEU A 124 7.39 -0.51 6.39
N LYS A 125 8.26 -1.05 7.23
CA LYS A 125 9.03 -2.26 6.91
C LYS A 125 9.50 -2.91 8.20
N SER A 126 9.97 -4.14 8.12
CA SER A 126 10.55 -4.82 9.25
C SER A 126 11.98 -5.04 8.80
N TYR A 127 12.88 -5.13 9.76
CA TYR A 127 14.31 -5.26 9.48
C TYR A 127 15.01 -6.26 10.42
N GLU A 128 14.24 -6.91 11.27
CA GLU A 128 14.80 -7.90 12.21
C GLU A 128 15.36 -9.11 11.47
N THR A 129 14.72 -9.45 10.36
CA THR A 129 15.06 -10.60 9.56
C THR A 129 15.03 -10.16 8.11
N ASP A 130 16.02 -10.64 7.38
CA ASP A 130 16.19 -10.36 5.96
C ASP A 130 16.45 -11.66 5.21
N ALA A 131 17.65 -12.23 5.36
CA ALA A 131 17.94 -13.52 4.72
C ALA A 131 17.23 -14.61 5.53
N GLU A 132 17.07 -14.33 6.80
CA GLU A 132 16.50 -15.25 7.78
C GLU A 132 14.98 -15.27 7.70
N GLY A 133 14.42 -14.19 7.17
CA GLY A 133 12.99 -14.04 7.13
C GLY A 133 12.67 -12.76 6.38
N ARG A 134 12.67 -12.87 5.07
CA ARG A 134 12.52 -11.69 4.20
C ARG A 134 11.12 -11.09 4.42
N SER A 135 11.19 -9.84 4.86
CA SER A 135 10.08 -9.13 5.45
C SER A 135 9.31 -8.34 4.40
N PHE A 136 8.27 -7.64 4.83
CA PHE A 136 7.43 -6.85 3.92
C PHE A 136 7.82 -5.37 3.96
N GLU A 137 7.50 -4.66 2.89
CA GLU A 137 7.77 -3.23 2.77
C GLU A 137 6.66 -2.54 1.98
N VAL A 138 6.13 -1.45 2.53
CA VAL A 138 5.16 -0.61 1.83
C VAL A 138 5.54 0.84 2.13
N SER A 139 4.98 1.78 1.40
CA SER A 139 5.24 3.20 1.66
C SER A 139 4.00 4.00 1.33
N LEU A 140 3.79 5.09 2.05
CA LEU A 140 2.65 5.98 1.85
C LEU A 140 3.18 7.40 1.83
N GLN A 141 2.80 8.20 0.85
CA GLN A 141 3.23 9.59 0.83
C GLN A 141 2.32 10.40 1.74
N GLY A 142 2.89 10.85 2.85
CA GLY A 142 2.18 11.55 3.87
C GLY A 142 2.91 11.31 5.16
N ASN A 143 2.38 11.85 6.23
CA ASN A 143 2.98 11.76 7.56
C ASN A 143 1.94 11.13 8.49
N HIS A 144 1.12 10.24 7.94
CA HIS A 144 0.00 9.60 8.67
C HIS A 144 0.47 8.59 9.75
N ALA A 145 1.74 8.68 10.13
CA ALA A 145 2.27 7.95 11.27
C ALA A 145 1.69 8.62 12.51
N ALA A 146 1.42 9.91 12.40
CA ALA A 146 0.76 10.67 13.45
C ALA A 146 -0.75 10.39 13.41
N ALA A 147 -1.18 9.67 12.40
CA ALA A 147 -2.59 9.32 12.21
C ALA A 147 -2.75 7.79 12.07
N LEU A 148 -2.01 7.05 12.89
CA LEU A 148 -2.13 5.60 12.89
C LEU A 148 -3.36 5.22 13.70
N SER A 149 -4.26 4.46 13.11
CA SER A 149 -5.50 4.09 13.76
C SER A 149 -6.11 2.90 13.03
N ALA A 150 -7.08 2.25 13.65
CA ALA A 150 -7.77 1.12 13.04
C ALA A 150 -8.64 1.58 11.85
N ASP A 151 -9.14 2.81 11.92
CA ASP A 151 -9.93 3.36 10.83
C ASP A 151 -9.03 3.67 9.63
N ASN A 152 -7.78 4.04 9.87
CA ASN A 152 -6.82 4.22 8.79
C ASN A 152 -6.31 2.89 8.24
N ILE A 153 -6.01 1.93 9.11
CA ILE A 153 -5.43 0.65 8.68
C ILE A 153 -6.18 -0.55 9.24
N LEU A 154 -6.66 -1.42 8.36
CA LEU A 154 -7.31 -2.66 8.77
C LEU A 154 -6.26 -3.77 8.78
N PHE A 155 -6.20 -4.53 9.86
CA PHE A 155 -5.19 -5.58 10.06
C PHE A 155 -5.89 -6.77 10.70
N ALA A 156 -5.21 -7.92 10.76
CA ALA A 156 -5.80 -9.14 11.35
C ALA A 156 -4.80 -9.83 12.29
N THR A 157 -3.94 -9.03 12.92
CA THR A 157 -2.94 -9.53 13.87
C THR A 157 -3.44 -9.21 15.28
N PRO A 158 -3.08 -10.03 16.29
CA PRO A 158 -3.56 -9.75 17.66
C PRO A 158 -2.88 -8.56 18.36
N VAL A 159 -1.95 -7.91 17.68
CA VAL A 159 -1.30 -6.72 18.21
C VAL A 159 -1.53 -5.60 17.17
N PRO A 160 -1.95 -4.40 17.61
CA PRO A 160 -2.35 -3.39 16.63
C PRO A 160 -1.20 -2.73 15.86
N VAL A 161 -1.60 -1.79 15.01
CA VAL A 161 -0.68 -1.01 14.19
C VAL A 161 -0.99 0.46 14.45
CA CA B . 0.60 -4.66 -14.17
CA CA C . -9.76 7.43 -9.50
CA CA D . 2.38 -4.73 -10.19
CA CA E . -8.90 8.91 -5.01
CA CA F . 4.05 -4.56 -5.24
CA CA G . -6.68 9.11 -0.97
N ASP A 1 -22.90 1.18 -5.66
CA ASP A 1 -24.15 1.69 -6.27
C ASP A 1 -24.49 0.92 -7.53
N PRO A 2 -25.75 0.94 -7.98
CA PRO A 2 -26.03 0.18 -9.21
C PRO A 2 -25.35 0.75 -10.47
N SER A 3 -24.86 1.97 -10.38
CA SER A 3 -24.10 2.59 -11.46
C SER A 3 -22.70 1.98 -11.54
N ALA A 4 -22.00 1.99 -10.41
CA ALA A 4 -20.66 1.42 -10.28
C ALA A 4 -20.41 1.19 -8.80
N GLU A 5 -19.50 0.29 -8.47
CA GLU A 5 -19.15 -0.02 -7.08
C GLU A 5 -17.63 0.06 -6.92
N ALA A 6 -17.01 0.83 -7.81
CA ALA A 6 -15.55 0.98 -7.88
C ALA A 6 -14.89 -0.39 -8.05
N GLN A 7 -15.48 -1.22 -8.89
CA GLN A 7 -14.96 -2.57 -9.12
C GLN A 7 -13.58 -2.44 -9.75
N PRO A 8 -12.56 -3.10 -9.18
CA PRO A 8 -11.23 -2.90 -9.77
C PRO A 8 -11.14 -3.30 -11.24
N ILE A 9 -10.58 -2.40 -12.04
CA ILE A 9 -10.42 -2.62 -13.48
C ILE A 9 -9.18 -3.47 -13.67
N VAL A 10 -9.28 -4.55 -14.42
CA VAL A 10 -8.19 -5.46 -14.61
C VAL A 10 -7.29 -4.95 -15.74
N GLY A 11 -6.12 -4.56 -15.32
CA GLY A 11 -5.05 -4.11 -16.20
C GLY A 11 -4.33 -5.30 -16.79
N SER A 12 -3.01 -5.21 -16.83
CA SER A 12 -2.18 -6.29 -17.38
C SER A 12 -1.13 -6.72 -16.37
N ASP A 13 -0.52 -7.88 -16.59
CA ASP A 13 0.59 -8.32 -15.75
C ASP A 13 1.89 -7.76 -16.29
N LEU A 14 1.78 -6.96 -17.32
CA LEU A 14 2.90 -6.18 -17.84
C LEU A 14 3.02 -4.91 -16.98
N ASP A 15 4.02 -4.09 -17.25
CA ASP A 15 4.18 -2.78 -16.63
C ASP A 15 3.03 -1.91 -17.13
N ASP A 16 2.12 -1.56 -16.24
CA ASP A 16 0.97 -0.75 -16.60
C ASP A 16 1.35 0.68 -16.44
N GLN A 17 1.04 1.46 -17.46
CA GLN A 17 1.06 2.90 -17.37
C GLN A 17 -0.38 3.28 -17.68
N LEU A 18 -1.17 3.45 -16.64
CA LEU A 18 -2.62 3.68 -16.79
C LEU A 18 -3.06 4.71 -15.77
N HIS A 19 -4.13 5.43 -16.07
CA HIS A 19 -4.65 6.42 -15.14
C HIS A 19 -6.15 6.27 -14.94
N GLY A 20 -6.57 6.66 -13.75
CA GLY A 20 -7.97 6.63 -13.35
C GLY A 20 -8.54 8.01 -13.27
N THR A 21 -7.71 8.90 -12.74
CA THR A 21 -8.09 10.30 -12.49
C THR A 21 -9.48 10.38 -11.84
N LEU A 22 -10.28 11.35 -12.22
CA LEU A 22 -11.56 11.65 -11.55
C LEU A 22 -12.61 10.54 -11.55
N LEU A 23 -12.43 9.50 -12.34
CA LEU A 23 -13.34 8.37 -12.32
C LEU A 23 -13.32 7.76 -10.93
N GLY A 24 -14.51 7.44 -10.42
CA GLY A 24 -14.65 6.81 -9.11
C GLY A 24 -14.48 5.31 -9.19
N GLU A 25 -13.49 4.88 -9.97
CA GLU A 25 -13.17 3.48 -10.16
C GLU A 25 -11.66 3.43 -10.37
N GLU A 26 -11.02 2.34 -9.94
CA GLU A 26 -9.57 2.22 -9.94
C GLU A 26 -9.02 0.86 -10.35
N ILE A 27 -7.81 0.90 -10.86
CA ILE A 27 -7.16 -0.17 -11.60
C ILE A 27 -6.39 -1.15 -10.67
N SER A 28 -6.52 -2.42 -11.01
CA SER A 28 -5.78 -3.55 -10.44
C SER A 28 -4.87 -4.04 -11.57
N GLY A 29 -3.72 -4.62 -11.27
CA GLY A 29 -2.84 -5.08 -12.35
C GLY A 29 -1.60 -5.81 -11.87
N GLY A 30 -1.79 -7.00 -11.32
CA GLY A 30 -0.76 -7.74 -10.61
C GLY A 30 0.69 -7.57 -10.98
N GLY A 31 1.10 -8.16 -12.09
CA GLY A 31 2.49 -8.16 -12.48
C GLY A 31 3.01 -6.81 -12.89
N GLY A 32 4.26 -6.83 -13.32
CA GLY A 32 4.94 -5.63 -13.81
C GLY A 32 5.26 -4.54 -12.78
N ALA A 33 6.07 -3.59 -13.20
CA ALA A 33 6.46 -2.43 -12.39
C ALA A 33 5.52 -1.27 -12.77
N ASP A 34 4.36 -1.28 -12.15
CA ASP A 34 3.28 -0.41 -12.55
C ASP A 34 3.38 0.99 -12.04
N GLN A 35 2.79 1.88 -12.81
CA GLN A 35 2.61 3.28 -12.45
C GLN A 35 1.13 3.57 -12.71
N LEU A 36 0.37 3.68 -11.63
CA LEU A 36 -1.08 3.75 -11.71
C LEU A 36 -1.45 4.98 -10.93
N TYR A 37 -2.11 5.89 -11.60
CA TYR A 37 -2.51 7.16 -10.98
C TYR A 37 -4.01 7.15 -10.88
N GLY A 38 -4.58 7.56 -9.77
CA GLY A 38 -6.02 7.52 -9.60
C GLY A 38 -6.66 8.79 -9.10
N TYR A 39 -5.85 9.74 -8.66
CA TYR A 39 -6.30 11.06 -8.14
C TYR A 39 -7.77 11.21 -7.65
N GLY A 40 -8.65 11.75 -8.49
CA GLY A 40 -10.02 11.99 -8.03
C GLY A 40 -10.89 10.76 -7.87
N GLY A 41 -12.01 10.96 -7.17
CA GLY A 41 -12.98 9.91 -6.98
C GLY A 41 -12.55 8.94 -5.91
N GLY A 42 -13.49 8.12 -5.53
CA GLY A 42 -13.22 7.00 -4.65
C GLY A 42 -12.51 5.93 -5.47
N ASP A 43 -11.44 5.37 -4.94
CA ASP A 43 -10.56 4.50 -5.71
C ASP A 43 -10.35 3.19 -4.97
N LEU A 44 -10.03 2.14 -5.72
CA LEU A 44 -9.79 0.83 -5.13
C LEU A 44 -8.66 0.20 -5.94
N LEU A 45 -7.45 0.29 -5.40
CA LEU A 45 -6.24 0.01 -6.17
C LEU A 45 -5.39 -1.07 -5.50
N ASP A 46 -4.75 -1.90 -6.30
CA ASP A 46 -3.76 -2.86 -5.82
C ASP A 46 -2.58 -2.88 -6.79
N GLY A 47 -1.39 -3.12 -6.27
CA GLY A 47 -0.19 -3.08 -7.09
C GLY A 47 0.35 -4.41 -7.54
N GLY A 48 0.11 -5.48 -6.78
CA GLY A 48 0.63 -6.76 -7.07
C GLY A 48 2.13 -6.78 -6.99
N ALA A 49 2.59 -7.77 -7.69
CA ALA A 49 3.99 -8.13 -7.84
C ALA A 49 4.79 -6.99 -8.43
N GLY A 50 6.03 -6.95 -8.00
CA GLY A 50 6.99 -5.97 -8.49
C GLY A 50 7.13 -4.74 -7.61
N ARG A 51 7.84 -3.74 -8.11
CA ARG A 51 8.06 -2.47 -7.42
C ARG A 51 7.15 -1.50 -8.12
N ASP A 52 6.10 -1.11 -7.43
CA ASP A 52 5.01 -0.34 -8.03
C ASP A 52 4.87 1.08 -7.47
N ARG A 53 4.24 1.94 -8.26
CA ARG A 53 3.96 3.35 -7.93
C ARG A 53 2.45 3.55 -8.04
N LEU A 54 1.79 3.75 -6.91
CA LEU A 54 0.32 3.78 -6.86
C LEU A 54 -0.21 5.11 -6.31
N THR A 55 -0.69 6.01 -7.15
CA THR A 55 -1.19 7.32 -6.65
C THR A 55 -2.70 7.31 -6.48
N GLY A 56 -3.22 7.99 -5.46
CA GLY A 56 -4.65 7.94 -5.18
C GLY A 56 -5.32 9.27 -4.87
N GLY A 57 -4.53 10.29 -4.60
CA GLY A 57 -5.01 11.61 -4.29
C GLY A 57 -6.17 11.74 -3.34
N GLU A 58 -7.09 12.49 -3.90
CA GLU A 58 -8.33 12.91 -3.27
C GLU A 58 -9.17 11.72 -2.83
N GLY A 59 -9.84 11.89 -1.70
CA GLY A 59 -10.78 10.90 -1.20
C GLY A 59 -10.20 9.85 -0.28
N ALA A 60 -11.10 9.19 0.44
CA ALA A 60 -10.77 8.12 1.38
C ALA A 60 -10.78 6.81 0.60
N ASP A 61 -9.80 6.71 -0.28
CA ASP A 61 -9.64 5.55 -1.16
C ASP A 61 -9.29 4.33 -0.34
N THR A 62 -9.61 3.15 -0.84
CA THR A 62 -9.26 1.91 -0.15
C THR A 62 -8.27 1.14 -0.99
N PHE A 63 -7.00 1.29 -0.68
CA PHE A 63 -5.95 0.57 -1.40
C PHE A 63 -5.84 -0.76 -0.67
N ARG A 64 -5.85 -1.86 -1.43
CA ARG A 64 -5.91 -3.19 -0.83
C ARG A 64 -4.62 -3.93 -1.04
N PHE A 65 -4.18 -4.63 -0.01
CA PHE A 65 -2.97 -5.41 -0.07
C PHE A 65 -3.26 -6.86 0.28
N ALA A 66 -3.46 -7.65 -0.77
CA ALA A 66 -3.47 -9.11 -0.67
C ALA A 66 -2.09 -9.54 -1.18
N LEU A 67 -1.29 -8.54 -1.48
CA LEU A 67 0.03 -8.72 -2.08
C LEU A 67 1.07 -8.95 -1.00
N ARG A 68 1.34 -10.22 -0.75
CA ARG A 68 2.26 -10.63 0.32
C ARG A 68 3.71 -10.68 -0.16
N GLU A 69 4.04 -11.68 -0.95
CA GLU A 69 5.38 -11.81 -1.55
C GLU A 69 5.54 -10.72 -2.60
N ASP A 70 4.40 -10.21 -3.02
CA ASP A 70 4.32 -9.15 -4.00
C ASP A 70 4.69 -7.78 -3.41
N SER A 71 4.83 -7.75 -2.08
CA SER A 71 5.25 -6.54 -1.36
C SER A 71 6.37 -6.88 -0.37
N GLN A 72 7.29 -7.76 -0.77
CA GLN A 72 8.35 -8.25 0.11
C GLN A 72 9.71 -7.59 -0.14
N ARG A 73 10.62 -7.73 0.82
CA ARG A 73 11.94 -7.11 0.73
C ARG A 73 13.07 -7.96 1.30
N SER A 74 14.25 -7.71 0.77
CA SER A 74 15.50 -8.28 1.27
C SER A 74 16.56 -7.25 0.93
N ALA A 75 17.75 -7.39 1.48
CA ALA A 75 18.86 -6.50 1.15
C ALA A 75 19.26 -6.74 -0.30
N ALA A 76 18.97 -7.93 -0.80
CA ALA A 76 19.25 -8.29 -2.19
C ALA A 76 18.25 -7.65 -3.15
N GLY A 77 17.25 -7.01 -2.58
CA GLY A 77 16.27 -6.29 -3.37
C GLY A 77 14.89 -6.28 -2.76
N THR A 78 14.15 -5.21 -3.00
CA THR A 78 12.79 -5.09 -2.49
C THR A 78 11.82 -4.95 -3.66
N PHE A 79 10.67 -5.58 -3.55
CA PHE A 79 9.61 -5.46 -4.53
C PHE A 79 8.42 -5.02 -3.73
N SER A 80 8.23 -3.72 -3.64
CA SER A 80 7.26 -3.13 -2.72
C SER A 80 6.28 -2.26 -3.47
N ASP A 81 5.59 -1.38 -2.75
CA ASP A 81 4.56 -0.54 -3.34
C ASP A 81 4.64 0.83 -2.71
N LEU A 82 4.96 1.82 -3.53
CA LEU A 82 5.06 3.20 -3.06
C LEU A 82 3.76 3.89 -3.40
N ILE A 83 2.94 4.09 -2.39
CA ILE A 83 1.66 4.75 -2.54
C ILE A 83 1.94 6.24 -2.52
N LEU A 84 1.52 6.96 -3.54
CA LEU A 84 1.71 8.40 -3.60
C LEU A 84 0.42 9.11 -3.23
N ASP A 85 0.55 10.40 -2.97
CA ASP A 85 -0.52 11.29 -2.47
C ASP A 85 -1.70 10.61 -1.76
N PHE A 86 -1.44 10.28 -0.51
CA PHE A 86 -2.36 9.46 0.27
C PHE A 86 -2.48 9.86 1.75
N ASP A 87 -2.50 11.15 2.02
CA ASP A 87 -2.59 11.62 3.40
C ASP A 87 -3.53 12.80 3.70
N PRO A 88 -4.85 12.58 3.61
CA PRO A 88 -5.79 13.53 4.21
C PRO A 88 -6.05 13.16 5.68
N THR A 89 -5.12 12.38 6.26
CA THR A 89 -5.24 11.74 7.60
C THR A 89 -6.42 10.78 7.74
N GLN A 90 -7.13 10.54 6.64
CA GLN A 90 -8.33 9.70 6.60
C GLN A 90 -8.35 8.95 5.26
N ASP A 91 -7.25 8.27 4.97
CA ASP A 91 -7.18 7.42 3.78
C ASP A 91 -7.19 5.99 4.29
N LYS A 92 -7.64 5.03 3.47
CA LYS A 92 -7.76 3.66 3.93
C LYS A 92 -6.75 2.72 3.26
N LEU A 93 -6.07 1.97 4.09
CA LEU A 93 -5.14 0.95 3.64
C LEU A 93 -5.54 -0.37 4.28
N ASP A 94 -5.75 -1.39 3.47
CA ASP A 94 -6.13 -2.71 3.96
C ASP A 94 -4.98 -3.69 3.81
N VAL A 95 -4.48 -4.20 4.93
CA VAL A 95 -3.44 -5.23 4.94
C VAL A 95 -3.94 -6.46 5.70
N SER A 96 -5.25 -6.51 5.96
CA SER A 96 -5.83 -7.64 6.70
C SER A 96 -5.81 -8.90 5.86
N ALA A 97 -5.75 -8.75 4.55
CA ALA A 97 -5.65 -9.89 3.65
C ALA A 97 -4.27 -10.57 3.76
N LEU A 98 -3.30 -9.88 4.33
CA LEU A 98 -1.97 -10.46 4.60
C LEU A 98 -1.95 -11.02 6.00
N GLY A 99 -2.99 -10.69 6.75
CA GLY A 99 -3.06 -10.95 8.18
C GLY A 99 -2.36 -9.84 8.94
N PHE A 100 -1.14 -9.55 8.48
CA PHE A 100 -0.23 -8.56 9.06
C PHE A 100 0.25 -9.07 10.43
N THR A 101 1.25 -8.41 10.99
CA THR A 101 1.87 -8.89 12.23
C THR A 101 1.78 -7.89 13.38
N GLY A 102 1.78 -6.60 13.08
CA GLY A 102 1.66 -5.58 14.10
C GLY A 102 2.70 -4.51 13.86
N LEU A 103 2.75 -3.48 14.70
CA LEU A 103 3.75 -2.42 14.53
C LEU A 103 4.61 -2.24 15.79
N GLY A 104 5.05 -3.36 16.34
CA GLY A 104 5.87 -3.37 17.54
C GLY A 104 7.34 -3.09 17.29
N ASN A 105 7.62 -1.96 16.66
CA ASN A 105 8.99 -1.47 16.40
C ASN A 105 9.90 -2.41 15.61
N GLY A 106 9.31 -3.24 14.76
CA GLY A 106 10.09 -4.00 13.79
C GLY A 106 10.71 -5.31 14.25
N TYR A 107 10.38 -5.76 15.46
CA TYR A 107 10.90 -7.01 15.99
C TYR A 107 9.73 -7.94 16.38
N ALA A 108 10.03 -9.19 16.68
CA ALA A 108 9.02 -10.23 16.93
C ALA A 108 8.09 -10.36 15.71
N GLY A 109 8.67 -10.23 14.53
CA GLY A 109 7.92 -10.33 13.29
C GLY A 109 7.11 -9.09 12.91
N THR A 110 7.00 -8.14 13.83
CA THR A 110 6.20 -6.94 13.57
C THR A 110 6.96 -5.97 12.66
N LEU A 111 6.29 -4.93 12.22
CA LEU A 111 6.91 -3.91 11.37
C LEU A 111 7.17 -2.66 12.21
N ALA A 112 7.91 -1.72 11.63
CA ALA A 112 8.20 -0.44 12.23
C ALA A 112 7.83 0.61 11.19
N VAL A 113 7.48 1.80 11.65
CA VAL A 113 7.16 2.91 10.76
C VAL A 113 8.27 3.95 10.92
N SER A 114 8.58 4.65 9.85
CA SER A 114 9.58 5.71 9.85
C SER A 114 9.07 6.76 8.89
N VAL A 115 9.39 8.01 9.11
CA VAL A 115 8.93 9.09 8.24
C VAL A 115 10.13 9.98 7.92
N SER A 116 10.28 10.30 6.65
CA SER A 116 11.34 11.18 6.19
C SER A 116 10.66 12.36 5.51
N ASP A 117 10.93 13.56 5.99
CA ASP A 117 10.25 14.76 5.48
C ASP A 117 10.84 15.19 4.15
N ASP A 118 12.12 14.89 3.95
CA ASP A 118 12.81 15.20 2.70
C ASP A 118 12.26 14.32 1.57
N GLY A 119 11.74 13.16 1.95
CA GLY A 119 11.13 12.27 1.00
C GLY A 119 9.63 12.42 1.00
N THR A 120 9.11 13.17 1.97
CA THR A 120 7.67 13.37 2.19
C THR A 120 6.93 12.03 2.24
N ARG A 121 7.60 11.04 2.80
CA ARG A 121 7.08 9.67 2.84
C ARG A 121 7.20 9.03 4.21
N THR A 122 6.33 8.08 4.47
CA THR A 122 6.31 7.32 5.68
C THR A 122 6.30 5.88 5.21
N TYR A 123 7.45 5.30 5.46
CA TYR A 123 7.78 3.93 5.05
C TYR A 123 7.46 2.99 6.20
N LEU A 124 7.01 1.78 5.88
CA LEU A 124 6.75 0.76 6.90
C LEU A 124 7.43 -0.52 6.43
N LYS A 125 8.23 -1.11 7.30
CA LYS A 125 8.93 -2.36 6.99
C LYS A 125 9.32 -3.07 8.28
N SER A 126 9.75 -4.31 8.17
CA SER A 126 10.27 -5.05 9.29
C SER A 126 11.69 -5.32 8.85
N TYR A 127 12.59 -5.41 9.81
CA TYR A 127 14.02 -5.57 9.55
C TYR A 127 14.70 -6.58 10.46
N GLU A 128 13.93 -7.28 11.29
CA GLU A 128 14.48 -8.30 12.19
C GLU A 128 15.08 -9.47 11.41
N THR A 129 14.47 -9.76 10.27
CA THR A 129 14.86 -10.84 9.40
C THR A 129 14.84 -10.27 8.00
N ASP A 130 15.86 -10.63 7.25
CA ASP A 130 16.08 -10.11 5.89
C ASP A 130 16.20 -11.25 4.88
N ALA A 131 17.25 -12.06 4.99
CA ALA A 131 17.39 -13.22 4.12
C ALA A 131 16.75 -14.43 4.82
N GLU A 132 16.79 -14.37 6.13
CA GLU A 132 16.34 -15.44 7.02
C GLU A 132 14.82 -15.48 7.08
N GLY A 133 14.21 -14.34 6.80
CA GLY A 133 12.78 -14.20 6.88
C GLY A 133 12.46 -12.92 6.16
N ARG A 134 12.43 -13.01 4.84
CA ARG A 134 12.26 -11.83 3.99
C ARG A 134 10.88 -11.22 4.25
N SER A 135 10.97 -10.00 4.75
CA SER A 135 9.89 -9.28 5.39
C SER A 135 9.16 -8.44 4.37
N PHE A 136 8.15 -7.72 4.80
CA PHE A 136 7.35 -6.89 3.89
C PHE A 136 7.74 -5.42 3.97
N GLU A 137 7.46 -4.68 2.90
CA GLU A 137 7.77 -3.26 2.81
C GLU A 137 6.68 -2.53 2.02
N VAL A 138 6.21 -1.41 2.55
CA VAL A 138 5.29 -0.53 1.83
C VAL A 138 5.74 0.89 2.11
N SER A 139 5.26 1.85 1.33
CA SER A 139 5.59 3.26 1.55
C SER A 139 4.37 4.08 1.19
N LEU A 140 4.17 5.18 1.90
CA LEU A 140 3.04 6.07 1.67
C LEU A 140 3.56 7.50 1.65
N GLN A 141 3.18 8.28 0.66
CA GLN A 141 3.55 9.69 0.61
C GLN A 141 2.64 10.46 1.53
N GLY A 142 3.22 11.01 2.59
CA GLY A 142 2.49 11.70 3.62
C GLY A 142 3.21 11.41 4.92
N ASN A 143 2.68 11.98 5.98
CA ASN A 143 3.26 11.86 7.32
C ASN A 143 2.22 11.22 8.23
N HIS A 144 1.40 10.34 7.67
CA HIS A 144 0.27 9.72 8.39
C HIS A 144 0.72 8.68 9.45
N ALA A 145 1.98 8.76 9.85
CA ALA A 145 2.49 8.00 10.98
C ALA A 145 1.87 8.63 12.22
N ALA A 146 1.64 9.94 12.14
CA ALA A 146 0.97 10.69 13.20
C ALA A 146 -0.55 10.43 13.12
N ALA A 147 -0.96 9.74 12.07
CA ALA A 147 -2.38 9.40 11.85
C ALA A 147 -2.53 7.89 11.65
N LEU A 148 -1.82 7.13 12.45
CA LEU A 148 -1.96 5.67 12.43
C LEU A 148 -3.11 5.33 13.35
N SER A 149 -4.08 4.61 12.83
CA SER A 149 -5.29 4.31 13.57
C SER A 149 -5.99 3.13 12.90
N ALA A 150 -6.98 2.55 13.59
CA ALA A 150 -7.75 1.45 13.03
C ALA A 150 -8.64 1.94 11.87
N ASP A 151 -9.05 3.19 11.91
CA ASP A 151 -9.87 3.75 10.84
C ASP A 151 -9.00 3.97 9.59
N ASN A 152 -7.71 4.24 9.76
CA ASN A 152 -6.80 4.33 8.61
C ASN A 152 -6.36 2.94 8.12
N ILE A 153 -6.00 2.04 9.04
CA ILE A 153 -5.43 0.74 8.67
C ILE A 153 -6.32 -0.43 9.08
N LEU A 154 -6.64 -1.31 8.14
CA LEU A 154 -7.36 -2.54 8.47
C LEU A 154 -6.34 -3.67 8.52
N PHE A 155 -6.33 -4.42 9.61
CA PHE A 155 -5.36 -5.48 9.84
C PHE A 155 -6.09 -6.62 10.56
N ALA A 156 -5.47 -7.78 10.67
CA ALA A 156 -6.11 -8.95 11.31
C ALA A 156 -5.13 -9.66 12.25
N THR A 157 -4.23 -8.90 12.84
CA THR A 157 -3.26 -9.44 13.80
C THR A 157 -3.80 -9.17 15.21
N PRO A 158 -3.47 -10.06 16.19
CA PRO A 158 -3.99 -9.85 17.54
C PRO A 158 -3.31 -8.71 18.32
N VAL A 159 -2.36 -8.02 17.70
CA VAL A 159 -1.70 -6.88 18.32
C VAL A 159 -1.85 -5.71 17.32
N PRO A 160 -2.23 -4.51 17.79
CA PRO A 160 -2.53 -3.44 16.84
C PRO A 160 -1.32 -2.83 16.13
N VAL A 161 -1.62 -1.83 15.31
CA VAL A 161 -0.62 -1.08 14.54
C VAL A 161 -0.76 0.39 14.93
CA CA B . 0.62 -4.57 -14.12
CA CA C . -9.90 7.51 -9.54
CA CA D . 2.68 -4.73 -10.28
CA CA E . -8.99 8.98 -5.18
CA CA F . 4.39 -4.44 -5.34
CA CA G . -6.64 9.17 -0.98
N ASP A 1 -23.73 1.02 -7.00
CA ASP A 1 -24.86 1.59 -7.79
C ASP A 1 -25.03 0.82 -9.09
N PRO A 2 -26.22 0.90 -9.73
CA PRO A 2 -26.32 0.15 -10.99
C PRO A 2 -25.44 0.70 -12.12
N SER A 3 -24.94 1.92 -11.95
CA SER A 3 -24.02 2.51 -12.91
C SER A 3 -22.63 1.87 -12.79
N ALA A 4 -22.13 1.79 -11.56
CA ALA A 4 -20.84 1.20 -11.25
C ALA A 4 -20.81 0.92 -9.75
N GLU A 5 -19.99 -0.03 -9.33
CA GLU A 5 -19.86 -0.39 -7.91
C GLU A 5 -18.38 -0.36 -7.53
N ALA A 6 -17.62 0.48 -8.23
CA ALA A 6 -16.17 0.63 -8.04
C ALA A 6 -15.45 -0.72 -8.19
N GLN A 7 -15.84 -1.47 -9.21
CA GLN A 7 -15.22 -2.77 -9.47
C GLN A 7 -13.88 -2.51 -10.11
N PRO A 8 -12.78 -2.96 -9.46
CA PRO A 8 -11.51 -2.59 -10.10
C PRO A 8 -11.31 -3.11 -11.50
N ILE A 9 -10.71 -2.29 -12.35
CA ILE A 9 -10.47 -2.65 -13.75
C ILE A 9 -9.21 -3.49 -13.78
N VAL A 10 -9.27 -4.62 -14.46
CA VAL A 10 -8.15 -5.53 -14.56
C VAL A 10 -7.26 -5.06 -15.69
N GLY A 11 -6.07 -4.64 -15.26
CA GLY A 11 -5.01 -4.22 -16.15
C GLY A 11 -4.27 -5.43 -16.69
N SER A 12 -2.96 -5.36 -16.70
CA SER A 12 -2.13 -6.45 -17.23
C SER A 12 -1.06 -6.84 -16.22
N ASP A 13 -0.37 -7.93 -16.47
CA ASP A 13 0.78 -8.31 -15.65
C ASP A 13 2.03 -7.65 -16.21
N LEU A 14 1.82 -6.84 -17.24
CA LEU A 14 2.86 -5.99 -17.80
C LEU A 14 2.98 -4.74 -16.90
N ASP A 15 3.96 -3.90 -17.21
CA ASP A 15 4.17 -2.62 -16.55
C ASP A 15 3.04 -1.67 -16.98
N ASP A 16 2.05 -1.49 -16.13
CA ASP A 16 0.88 -0.69 -16.46
C ASP A 16 1.16 0.76 -16.11
N GLN A 17 1.12 1.62 -17.10
CA GLN A 17 1.06 3.06 -16.84
C GLN A 17 -0.34 3.48 -17.28
N LEU A 18 -1.24 3.51 -16.32
CA LEU A 18 -2.65 3.76 -16.58
C LEU A 18 -3.15 4.77 -15.56
N HIS A 19 -4.19 5.50 -15.90
CA HIS A 19 -4.74 6.48 -14.99
C HIS A 19 -6.25 6.35 -14.85
N GLY A 20 -6.71 6.72 -13.68
CA GLY A 20 -8.11 6.64 -13.29
C GLY A 20 -8.79 7.99 -13.27
N THR A 21 -8.00 8.97 -12.84
CA THR A 21 -8.45 10.34 -12.61
C THR A 21 -9.79 10.36 -11.84
N LEU A 22 -10.66 11.32 -12.13
CA LEU A 22 -11.87 11.55 -11.34
C LEU A 22 -12.91 10.43 -11.28
N LEU A 23 -12.72 9.36 -12.06
CA LEU A 23 -13.63 8.22 -11.99
C LEU A 23 -13.57 7.63 -10.58
N GLY A 24 -14.73 7.27 -10.05
CA GLY A 24 -14.78 6.65 -8.72
C GLY A 24 -14.58 5.16 -8.85
N GLU A 25 -13.63 4.81 -9.69
CA GLU A 25 -13.26 3.45 -9.96
C GLU A 25 -11.73 3.44 -10.24
N GLU A 26 -11.09 2.34 -9.86
CA GLU A 26 -9.64 2.17 -9.88
C GLU A 26 -9.11 0.79 -10.31
N ILE A 27 -7.91 0.83 -10.81
CA ILE A 27 -7.26 -0.23 -11.56
C ILE A 27 -6.51 -1.21 -10.62
N SER A 28 -6.60 -2.48 -10.98
CA SER A 28 -5.85 -3.62 -10.40
C SER A 28 -4.94 -4.13 -11.51
N GLY A 29 -3.78 -4.69 -11.21
CA GLY A 29 -2.90 -5.17 -12.27
C GLY A 29 -1.62 -5.86 -11.80
N GLY A 30 -1.76 -7.08 -11.29
CA GLY A 30 -0.70 -7.79 -10.57
C GLY A 30 0.75 -7.53 -10.92
N GLY A 31 1.20 -8.12 -12.01
CA GLY A 31 2.59 -8.06 -12.39
C GLY A 31 3.08 -6.69 -12.80
N GLY A 32 4.32 -6.66 -13.22
CA GLY A 32 4.96 -5.44 -13.69
C GLY A 32 5.25 -4.38 -12.64
N ALA A 33 6.04 -3.39 -13.04
CA ALA A 33 6.40 -2.24 -12.21
C ALA A 33 5.44 -1.11 -12.59
N ASP A 34 4.26 -1.16 -12.00
CA ASP A 34 3.16 -0.31 -12.39
C ASP A 34 3.26 1.10 -11.87
N GLN A 35 2.64 1.99 -12.63
CA GLN A 35 2.45 3.38 -12.23
C GLN A 35 0.97 3.65 -12.48
N LEU A 36 0.20 3.71 -11.40
CA LEU A 36 -1.25 3.79 -11.49
C LEU A 36 -1.66 4.99 -10.71
N TYR A 37 -2.22 5.95 -11.42
CA TYR A 37 -2.63 7.21 -10.81
C TYR A 37 -4.15 7.22 -10.77
N GLY A 38 -4.76 7.63 -9.66
CA GLY A 38 -6.21 7.61 -9.55
C GLY A 38 -6.84 8.91 -9.10
N TYR A 39 -6.04 9.92 -8.82
CA TYR A 39 -6.49 11.24 -8.36
C TYR A 39 -7.92 11.31 -7.76
N GLY A 40 -8.89 11.79 -8.53
CA GLY A 40 -10.22 12.05 -7.98
C GLY A 40 -11.09 10.80 -7.75
N GLY A 41 -12.20 10.96 -7.03
CA GLY A 41 -13.11 9.85 -6.83
C GLY A 41 -12.64 8.95 -5.71
N GLY A 42 -13.54 8.12 -5.26
CA GLY A 42 -13.19 7.04 -4.34
C GLY A 42 -12.55 5.97 -5.19
N ASP A 43 -11.44 5.41 -4.75
CA ASP A 43 -10.62 4.55 -5.59
C ASP A 43 -10.43 3.23 -4.87
N LEU A 44 -10.12 2.17 -5.62
CA LEU A 44 -9.93 0.85 -5.04
C LEU A 44 -8.82 0.19 -5.85
N LEU A 45 -7.62 0.25 -5.32
CA LEU A 45 -6.41 -0.03 -6.11
C LEU A 45 -5.55 -1.09 -5.42
N ASP A 46 -4.91 -1.92 -6.23
CA ASP A 46 -3.92 -2.87 -5.74
C ASP A 46 -2.74 -2.90 -6.72
N GLY A 47 -1.53 -3.13 -6.20
CA GLY A 47 -0.34 -3.07 -7.02
C GLY A 47 0.25 -4.40 -7.45
N GLY A 48 -0.03 -5.46 -6.72
CA GLY A 48 0.53 -6.75 -7.00
C GLY A 48 2.01 -6.77 -6.85
N ALA A 49 2.52 -7.72 -7.57
CA ALA A 49 3.92 -8.05 -7.67
C ALA A 49 4.72 -6.91 -8.24
N GLY A 50 5.95 -6.85 -7.79
CA GLY A 50 6.92 -5.89 -8.28
C GLY A 50 7.08 -4.63 -7.44
N ARG A 51 7.84 -3.68 -7.96
CA ARG A 51 8.10 -2.40 -7.31
C ARG A 51 7.15 -1.43 -8.00
N ASP A 52 6.12 -1.07 -7.27
CA ASP A 52 5.00 -0.31 -7.85
C ASP A 52 4.84 1.11 -7.29
N ARG A 53 4.22 1.96 -8.10
CA ARG A 53 3.93 3.36 -7.76
C ARG A 53 2.41 3.54 -7.86
N LEU A 54 1.74 3.72 -6.73
CA LEU A 54 0.28 3.75 -6.70
C LEU A 54 -0.20 5.08 -6.13
N THR A 55 -0.83 5.94 -6.93
CA THR A 55 -1.26 7.26 -6.43
C THR A 55 -2.78 7.34 -6.38
N GLY A 56 -3.32 7.98 -5.34
CA GLY A 56 -4.77 8.01 -5.15
C GLY A 56 -5.40 9.37 -4.86
N GLY A 57 -4.59 10.37 -4.59
CA GLY A 57 -5.04 11.71 -4.31
C GLY A 57 -6.19 11.87 -3.36
N GLU A 58 -7.13 12.57 -3.92
CA GLU A 58 -8.37 13.00 -3.30
C GLU A 58 -9.21 11.79 -2.89
N GLY A 59 -9.93 11.93 -1.79
CA GLY A 59 -10.85 10.92 -1.32
C GLY A 59 -10.26 9.90 -0.36
N ALA A 60 -11.15 9.24 0.36
CA ALA A 60 -10.82 8.18 1.32
C ALA A 60 -10.78 6.87 0.55
N ASP A 61 -9.79 6.78 -0.29
CA ASP A 61 -9.60 5.62 -1.17
C ASP A 61 -9.27 4.41 -0.34
N THR A 62 -9.61 3.23 -0.83
CA THR A 62 -9.26 1.98 -0.14
C THR A 62 -8.24 1.22 -0.97
N PHE A 63 -6.98 1.39 -0.63
CA PHE A 63 -5.93 0.66 -1.33
C PHE A 63 -5.81 -0.66 -0.60
N ARG A 64 -5.90 -1.75 -1.34
CA ARG A 64 -6.00 -3.07 -0.73
C ARG A 64 -4.71 -3.83 -0.96
N PHE A 65 -4.28 -4.54 0.08
CA PHE A 65 -3.09 -5.32 0.01
C PHE A 65 -3.40 -6.77 0.32
N ALA A 66 -3.57 -7.54 -0.74
CA ALA A 66 -3.57 -9.00 -0.67
C ALA A 66 -2.20 -9.42 -1.20
N LEU A 67 -1.40 -8.40 -1.51
CA LEU A 67 -0.08 -8.57 -2.09
C LEU A 67 0.96 -8.77 -1.01
N ARG A 68 1.17 -10.03 -0.65
CA ARG A 68 2.02 -10.40 0.46
C ARG A 68 3.48 -10.54 0.08
N GLU A 69 3.80 -11.59 -0.65
CA GLU A 69 5.15 -11.80 -1.18
C GLU A 69 5.37 -10.78 -2.30
N ASP A 70 4.27 -10.24 -2.78
CA ASP A 70 4.26 -9.21 -3.82
C ASP A 70 4.67 -7.84 -3.27
N SER A 71 4.80 -7.75 -1.95
CA SER A 71 5.23 -6.54 -1.27
C SER A 71 6.36 -6.85 -0.27
N GLN A 72 7.23 -7.78 -0.63
CA GLN A 72 8.30 -8.24 0.28
C GLN A 72 9.67 -7.65 -0.05
N ARG A 73 10.61 -7.78 0.87
CA ARG A 73 11.96 -7.26 0.73
C ARG A 73 13.02 -8.22 1.21
N SER A 74 14.22 -8.05 0.66
CA SER A 74 15.41 -8.78 1.07
C SER A 74 16.57 -7.84 0.78
N ALA A 75 17.74 -8.16 1.28
CA ALA A 75 18.95 -7.37 1.00
C ALA A 75 19.29 -7.51 -0.48
N ALA A 76 18.87 -8.63 -1.08
CA ALA A 76 19.09 -8.88 -2.49
C ALA A 76 18.14 -8.09 -3.38
N GLY A 77 17.22 -7.42 -2.75
CA GLY A 77 16.28 -6.55 -3.46
C GLY A 77 14.91 -6.49 -2.83
N THR A 78 14.23 -5.38 -3.01
CA THR A 78 12.88 -5.19 -2.47
C THR A 78 11.88 -4.98 -3.58
N PHE A 79 10.68 -5.53 -3.40
CA PHE A 79 9.60 -5.32 -4.35
C PHE A 79 8.47 -4.79 -3.50
N SER A 80 8.39 -3.48 -3.41
CA SER A 80 7.48 -2.83 -2.49
C SER A 80 6.51 -1.93 -3.24
N ASP A 81 5.58 -1.35 -2.53
CA ASP A 81 4.54 -0.52 -3.12
C ASP A 81 4.60 0.86 -2.50
N LEU A 82 4.97 1.84 -3.32
CA LEU A 82 5.08 3.22 -2.87
C LEU A 82 3.78 3.92 -3.21
N ILE A 83 2.97 4.15 -2.19
CA ILE A 83 1.70 4.81 -2.35
C ILE A 83 1.96 6.31 -2.32
N LEU A 84 1.59 7.01 -3.39
CA LEU A 84 1.78 8.46 -3.47
C LEU A 84 0.46 9.17 -3.19
N ASP A 85 0.59 10.45 -2.84
CA ASP A 85 -0.53 11.34 -2.48
C ASP A 85 -1.68 10.63 -1.77
N PHE A 86 -1.46 10.39 -0.51
CA PHE A 86 -2.35 9.54 0.28
C PHE A 86 -2.46 9.91 1.76
N ASP A 87 -2.49 11.20 2.06
CA ASP A 87 -2.59 11.63 3.47
C ASP A 87 -3.50 12.82 3.78
N PRO A 88 -4.83 12.63 3.67
CA PRO A 88 -5.76 13.58 4.27
C PRO A 88 -6.05 13.20 5.74
N THR A 89 -5.15 12.40 6.32
CA THR A 89 -5.31 11.73 7.65
C THR A 89 -6.53 10.80 7.75
N GLN A 90 -7.20 10.59 6.63
CA GLN A 90 -8.42 9.78 6.55
C GLN A 90 -8.42 9.05 5.19
N ASP A 91 -7.34 8.35 4.93
CA ASP A 91 -7.24 7.49 3.74
C ASP A 91 -7.26 6.06 4.26
N LYS A 92 -7.68 5.10 3.46
CA LYS A 92 -7.80 3.73 3.93
C LYS A 92 -6.79 2.79 3.29
N LEU A 93 -6.15 2.02 4.14
CA LEU A 93 -5.21 1.00 3.74
C LEU A 93 -5.72 -0.30 4.37
N ASP A 94 -5.77 -1.35 3.59
CA ASP A 94 -6.18 -2.66 4.07
C ASP A 94 -5.07 -3.68 3.89
N VAL A 95 -4.49 -4.13 5.00
CA VAL A 95 -3.45 -5.16 4.98
C VAL A 95 -3.93 -6.41 5.72
N SER A 96 -5.23 -6.48 6.00
CA SER A 96 -5.78 -7.62 6.72
C SER A 96 -5.68 -8.90 5.90
N ALA A 97 -5.69 -8.77 4.58
CA ALA A 97 -5.54 -9.91 3.69
C ALA A 97 -4.12 -10.49 3.71
N LEU A 98 -3.16 -9.73 4.24
CA LEU A 98 -1.79 -10.22 4.39
C LEU A 98 -1.67 -10.93 5.73
N GLY A 99 -2.67 -10.67 6.58
CA GLY A 99 -2.63 -11.06 7.98
C GLY A 99 -1.92 -9.96 8.75
N PHE A 100 -0.73 -9.63 8.25
CA PHE A 100 0.18 -8.62 8.82
C PHE A 100 0.68 -9.11 10.20
N THR A 101 1.65 -8.42 10.76
CA THR A 101 2.27 -8.87 12.01
C THR A 101 2.15 -7.86 13.15
N GLY A 102 2.15 -6.58 12.83
CA GLY A 102 2.01 -5.54 13.85
C GLY A 102 3.03 -4.46 13.58
N LEU A 103 3.04 -3.40 14.39
CA LEU A 103 4.00 -2.30 14.20
C LEU A 103 4.86 -2.07 15.46
N GLY A 104 5.24 -3.16 16.09
CA GLY A 104 6.04 -3.13 17.31
C GLY A 104 7.52 -2.88 17.11
N ASN A 105 7.85 -1.78 16.44
CA ASN A 105 9.23 -1.31 16.24
C ASN A 105 10.18 -2.29 15.51
N GLY A 106 9.62 -3.15 14.66
CA GLY A 106 10.44 -3.92 13.74
C GLY A 106 11.05 -5.22 14.26
N TYR A 107 10.66 -5.64 15.45
CA TYR A 107 11.18 -6.89 16.03
C TYR A 107 10.01 -7.80 16.40
N ALA A 108 10.31 -9.06 16.72
CA ALA A 108 9.30 -10.10 16.98
C ALA A 108 8.39 -10.25 15.75
N GLY A 109 8.99 -10.14 14.57
CA GLY A 109 8.27 -10.25 13.32
C GLY A 109 7.46 -9.02 12.91
N THR A 110 7.31 -8.07 13.81
CA THR A 110 6.53 -6.87 13.51
C THR A 110 7.31 -5.93 12.63
N LEU A 111 6.65 -4.88 12.14
CA LEU A 111 7.30 -3.88 11.30
C LEU A 111 7.54 -2.62 12.13
N ALA A 112 8.31 -1.70 11.57
CA ALA A 112 8.60 -0.42 12.18
C ALA A 112 8.17 0.63 11.16
N VAL A 113 7.81 1.81 11.65
CA VAL A 113 7.43 2.92 10.79
C VAL A 113 8.46 4.03 11.01
N SER A 114 8.78 4.74 9.95
CA SER A 114 9.72 5.86 10.01
C SER A 114 9.23 6.86 8.98
N VAL A 115 9.52 8.13 9.17
CA VAL A 115 9.08 9.16 8.24
C VAL A 115 10.26 10.05 7.91
N SER A 116 10.44 10.33 6.64
CA SER A 116 11.50 11.23 6.17
C SER A 116 10.78 12.35 5.44
N ASP A 117 11.00 13.58 5.88
CA ASP A 117 10.30 14.73 5.32
C ASP A 117 10.90 15.16 4.00
N ASP A 118 12.18 14.87 3.82
CA ASP A 118 12.88 15.15 2.57
C ASP A 118 12.34 14.25 1.47
N GLY A 119 11.84 13.09 1.87
CA GLY A 119 11.23 12.17 0.93
C GLY A 119 9.72 12.31 0.95
N THR A 120 9.23 13.09 1.92
CA THR A 120 7.79 13.29 2.15
C THR A 120 7.03 11.97 2.30
N ARG A 121 7.73 10.96 2.81
CA ARG A 121 7.18 9.60 2.88
C ARG A 121 7.36 8.98 4.26
N THR A 122 6.45 8.07 4.57
CA THR A 122 6.46 7.31 5.78
C THR A 122 6.52 5.87 5.31
N TYR A 123 7.70 5.37 5.48
CA TYR A 123 8.09 4.02 5.07
C TYR A 123 7.81 3.03 6.20
N LEU A 124 7.38 1.82 5.86
CA LEU A 124 7.14 0.79 6.86
C LEU A 124 7.83 -0.49 6.39
N LYS A 125 8.67 -1.07 7.24
CA LYS A 125 9.36 -2.33 6.94
C LYS A 125 9.78 -3.00 8.24
N SER A 126 10.20 -4.25 8.16
CA SER A 126 10.75 -4.97 9.29
C SER A 126 12.16 -5.28 8.84
N TYR A 127 13.05 -5.40 9.80
CA TYR A 127 14.48 -5.61 9.53
C TYR A 127 15.11 -6.66 10.43
N GLU A 128 14.32 -7.29 11.28
CA GLU A 128 14.82 -8.33 12.19
C GLU A 128 15.29 -9.56 11.41
N THR A 129 14.60 -9.83 10.32
CA THR A 129 14.85 -10.98 9.48
C THR A 129 14.81 -10.49 8.05
N ASP A 130 15.75 -11.01 7.28
CA ASP A 130 15.94 -10.62 5.88
C ASP A 130 15.87 -11.82 4.94
N ALA A 131 16.81 -12.74 5.05
CA ALA A 131 16.78 -13.96 4.25
C ALA A 131 16.06 -15.04 5.07
N GLU A 132 16.18 -14.90 6.38
CA GLU A 132 15.65 -15.85 7.36
C GLU A 132 14.15 -15.71 7.48
N GLY A 133 13.67 -14.52 7.15
CA GLY A 133 12.26 -14.20 7.27
C GLY A 133 12.04 -12.95 6.46
N ARG A 134 11.94 -13.14 5.17
CA ARG A 134 11.81 -12.03 4.23
C ARG A 134 10.52 -11.28 4.49
N SER A 135 10.74 -10.05 4.89
CA SER A 135 9.75 -9.20 5.53
C SER A 135 9.09 -8.32 4.50
N PHE A 136 8.00 -7.72 4.91
CA PHE A 136 7.22 -6.83 4.02
C PHE A 136 7.77 -5.42 4.04
N GLU A 137 7.55 -4.68 2.95
CA GLU A 137 7.96 -3.29 2.84
C GLU A 137 6.92 -2.52 2.03
N VAL A 138 6.46 -1.39 2.57
CA VAL A 138 5.53 -0.50 1.86
C VAL A 138 5.95 0.94 2.18
N SER A 139 5.42 1.90 1.45
CA SER A 139 5.70 3.31 1.71
C SER A 139 4.46 4.12 1.37
N LEU A 140 4.24 5.21 2.08
CA LEU A 140 3.10 6.09 1.84
C LEU A 140 3.61 7.52 1.84
N GLN A 141 3.21 8.31 0.85
CA GLN A 141 3.59 9.72 0.81
C GLN A 141 2.66 10.48 1.74
N GLY A 142 3.25 11.04 2.79
CA GLY A 142 2.52 11.72 3.82
C GLY A 142 3.19 11.39 5.12
N ASN A 143 2.65 11.95 6.19
CA ASN A 143 3.20 11.81 7.53
C ASN A 143 2.15 11.17 8.43
N HIS A 144 1.32 10.31 7.84
CA HIS A 144 0.19 9.67 8.55
C HIS A 144 0.63 8.63 9.61
N ALA A 145 1.89 8.69 9.99
CA ALA A 145 2.41 7.92 11.12
C ALA A 145 1.84 8.60 12.38
N ALA A 146 1.61 9.90 12.27
CA ALA A 146 0.97 10.67 13.33
C ALA A 146 -0.55 10.42 13.30
N ALA A 147 -0.99 9.71 12.26
CA ALA A 147 -2.41 9.38 12.09
C ALA A 147 -2.59 7.86 11.95
N LEU A 148 -1.86 7.10 12.74
CA LEU A 148 -2.00 5.64 12.76
C LEU A 148 -3.23 5.31 13.57
N SER A 149 -4.17 4.60 12.97
CA SER A 149 -5.43 4.28 13.62
C SER A 149 -6.08 3.09 12.91
N ALA A 150 -7.05 2.47 13.55
CA ALA A 150 -7.77 1.35 12.95
C ALA A 150 -8.63 1.83 11.77
N ASP A 151 -9.10 3.07 11.83
CA ASP A 151 -9.89 3.62 10.74
C ASP A 151 -8.99 3.90 9.53
N ASN A 152 -7.73 4.26 9.76
CA ASN A 152 -6.78 4.43 8.65
C ASN A 152 -6.30 3.08 8.11
N ILE A 153 -6.00 2.13 8.99
CA ILE A 153 -5.44 0.84 8.54
C ILE A 153 -6.19 -0.36 9.12
N LEU A 154 -6.66 -1.23 8.24
CA LEU A 154 -7.30 -2.48 8.65
C LEU A 154 -6.24 -3.59 8.64
N PHE A 155 -6.17 -4.37 9.70
CA PHE A 155 -5.16 -5.41 9.87
C PHE A 155 -5.83 -6.63 10.50
N ALA A 156 -5.15 -7.77 10.52
CA ALA A 156 -5.71 -9.01 11.09
C ALA A 156 -4.72 -9.70 12.02
N THR A 157 -3.88 -8.90 12.67
CA THR A 157 -2.90 -9.41 13.62
C THR A 157 -3.42 -9.09 15.02
N PRO A 158 -3.09 -9.93 16.04
CA PRO A 158 -3.60 -9.66 17.39
C PRO A 158 -2.94 -8.48 18.12
N VAL A 159 -1.98 -7.82 17.47
CA VAL A 159 -1.33 -6.64 18.04
C VAL A 159 -1.52 -5.52 16.99
N PRO A 160 -1.94 -4.31 17.42
CA PRO A 160 -2.28 -3.28 16.43
C PRO A 160 -1.10 -2.66 15.69
N VAL A 161 -1.44 -1.71 14.83
CA VAL A 161 -0.48 -0.94 14.05
C VAL A 161 -0.78 0.53 14.32
CA CA B . 0.57 -4.54 -14.03
CA CA C . -10.15 7.57 -9.35
CA CA D . 2.66 -4.64 -10.15
CA CA E . -9.05 9.06 -5.27
CA CA F . 4.31 -4.51 -5.18
CA CA G . -6.65 9.33 -0.96
N ASP A 1 -23.27 2.03 -6.90
CA ASP A 1 -24.37 2.70 -7.66
C ASP A 1 -24.72 1.90 -8.90
N PRO A 2 -25.91 2.12 -9.49
CA PRO A 2 -26.19 1.33 -10.70
C PRO A 2 -25.32 1.71 -11.90
N SER A 3 -24.65 2.86 -11.82
CA SER A 3 -23.72 3.28 -12.86
C SER A 3 -22.41 2.49 -12.77
N ALA A 4 -21.92 2.33 -11.55
CA ALA A 4 -20.69 1.58 -11.27
C ALA A 4 -20.68 1.28 -9.77
N GLU A 5 -20.09 0.16 -9.38
CA GLU A 5 -19.98 -0.24 -7.98
C GLU A 5 -18.51 -0.18 -7.57
N ALA A 6 -17.75 0.63 -8.30
CA ALA A 6 -16.30 0.80 -8.11
C ALA A 6 -15.58 -0.54 -8.25
N GLN A 7 -15.95 -1.30 -9.27
CA GLN A 7 -15.32 -2.60 -9.54
C GLN A 7 -13.99 -2.33 -10.22
N PRO A 8 -12.86 -2.69 -9.58
CA PRO A 8 -11.62 -2.32 -10.26
C PRO A 8 -11.42 -2.97 -11.62
N ILE A 9 -10.82 -2.22 -12.53
CA ILE A 9 -10.57 -2.70 -13.88
C ILE A 9 -9.29 -3.53 -13.80
N VAL A 10 -9.32 -4.72 -14.39
CA VAL A 10 -8.19 -5.60 -14.38
C VAL A 10 -7.33 -5.26 -15.59
N GLY A 11 -6.14 -4.81 -15.27
CA GLY A 11 -5.13 -4.44 -16.25
C GLY A 11 -4.37 -5.67 -16.71
N SER A 12 -3.06 -5.51 -16.86
CA SER A 12 -2.21 -6.58 -17.35
C SER A 12 -1.17 -6.96 -16.31
N ASP A 13 -0.51 -8.10 -16.51
CA ASP A 13 0.60 -8.49 -15.66
C ASP A 13 1.89 -7.89 -16.20
N LEU A 14 1.75 -7.10 -17.26
CA LEU A 14 2.84 -6.29 -17.78
C LEU A 14 2.89 -4.99 -16.95
N ASP A 15 3.87 -4.14 -17.24
CA ASP A 15 3.99 -2.83 -16.62
C ASP A 15 2.81 -1.97 -17.12
N ASP A 16 1.88 -1.65 -16.24
CA ASP A 16 0.72 -0.86 -16.61
C ASP A 16 1.03 0.58 -16.32
N GLN A 17 0.89 1.43 -17.33
CA GLN A 17 0.85 2.87 -17.10
C GLN A 17 -0.53 3.29 -17.53
N LEU A 18 -1.43 3.36 -16.56
CA LEU A 18 -2.85 3.61 -16.79
C LEU A 18 -3.30 4.58 -15.74
N HIS A 19 -4.34 5.35 -16.04
CA HIS A 19 -4.84 6.33 -15.08
C HIS A 19 -6.34 6.19 -14.85
N GLY A 20 -6.73 6.54 -13.64
CA GLY A 20 -8.11 6.49 -13.18
C GLY A 20 -8.72 7.85 -13.11
N THR A 21 -7.90 8.78 -12.64
CA THR A 21 -8.30 10.15 -12.38
C THR A 21 -9.64 10.21 -11.64
N LEU A 22 -10.46 11.19 -11.95
CA LEU A 22 -11.69 11.51 -11.19
C LEU A 22 -12.76 10.44 -11.13
N LEU A 23 -12.62 9.38 -11.93
CA LEU A 23 -13.55 8.27 -11.85
C LEU A 23 -13.49 7.69 -10.44
N GLY A 24 -14.65 7.36 -9.90
CA GLY A 24 -14.77 6.73 -8.59
C GLY A 24 -14.59 5.24 -8.70
N GLU A 25 -13.59 4.87 -9.49
CA GLU A 25 -13.24 3.49 -9.77
C GLU A 25 -11.72 3.53 -10.00
N GLU A 26 -11.06 2.39 -9.84
CA GLU A 26 -9.61 2.31 -9.99
C GLU A 26 -9.20 1.01 -10.69
N ILE A 27 -7.90 0.83 -10.87
CA ILE A 27 -7.35 -0.22 -11.72
C ILE A 27 -6.45 -1.13 -10.89
N SER A 28 -6.56 -2.43 -11.13
CA SER A 28 -5.74 -3.45 -10.49
C SER A 28 -4.94 -4.10 -11.60
N GLY A 29 -3.75 -4.60 -11.33
CA GLY A 29 -2.95 -5.19 -12.41
C GLY A 29 -1.71 -5.91 -11.90
N GLY A 30 -1.89 -7.10 -11.36
CA GLY A 30 -0.87 -7.83 -10.61
C GLY A 30 0.59 -7.62 -10.94
N GLY A 31 1.04 -8.24 -12.00
CA GLY A 31 2.43 -8.20 -12.37
C GLY A 31 2.90 -6.84 -12.82
N GLY A 32 4.16 -6.83 -13.23
CA GLY A 32 4.79 -5.62 -13.73
C GLY A 32 5.08 -4.51 -12.73
N ALA A 33 5.91 -3.57 -13.16
CA ALA A 33 6.29 -2.39 -12.39
C ALA A 33 5.33 -1.27 -12.78
N ASP A 34 4.16 -1.28 -12.17
CA ASP A 34 3.08 -0.42 -12.56
C ASP A 34 3.21 0.99 -12.07
N GLN A 35 2.62 1.88 -12.84
CA GLN A 35 2.46 3.28 -12.47
C GLN A 35 0.98 3.58 -12.68
N LEU A 36 0.23 3.66 -11.60
CA LEU A 36 -1.21 3.74 -11.68
C LEU A 36 -1.59 4.97 -10.90
N TYR A 37 -2.19 5.91 -11.58
CA TYR A 37 -2.57 7.17 -10.98
C TYR A 37 -4.07 7.14 -10.86
N GLY A 38 -4.63 7.56 -9.74
CA GLY A 38 -6.07 7.48 -9.55
C GLY A 38 -6.72 8.72 -9.00
N TYR A 39 -5.91 9.70 -8.63
CA TYR A 39 -6.35 11.01 -8.09
C TYR A 39 -7.79 11.13 -7.54
N GLY A 40 -8.74 11.59 -8.34
CA GLY A 40 -10.08 11.81 -7.82
C GLY A 40 -10.93 10.56 -7.63
N GLY A 41 -12.03 10.73 -6.91
CA GLY A 41 -12.98 9.68 -6.68
C GLY A 41 -12.51 8.75 -5.60
N GLY A 42 -13.41 7.91 -5.15
CA GLY A 42 -13.07 6.82 -4.24
C GLY A 42 -12.44 5.73 -5.09
N ASP A 43 -11.34 5.18 -4.63
CA ASP A 43 -10.52 4.28 -5.45
C ASP A 43 -10.28 2.97 -4.72
N LEU A 44 -10.03 1.91 -5.50
CA LEU A 44 -9.81 0.57 -4.96
C LEU A 44 -8.70 -0.07 -5.77
N LEU A 45 -7.50 -0.09 -5.21
CA LEU A 45 -6.32 -0.45 -5.99
C LEU A 45 -5.50 -1.59 -5.36
N ASP A 46 -5.18 -2.60 -6.17
CA ASP A 46 -4.23 -3.66 -5.78
C ASP A 46 -3.03 -3.54 -6.72
N GLY A 47 -1.83 -3.34 -6.17
CA GLY A 47 -0.65 -3.16 -7.03
C GLY A 47 0.03 -4.44 -7.49
N GLY A 48 -0.18 -5.54 -6.77
CA GLY A 48 0.43 -6.78 -7.09
C GLY A 48 1.91 -6.77 -6.95
N ALA A 49 2.43 -7.74 -7.63
CA ALA A 49 3.84 -8.06 -7.73
C ALA A 49 4.63 -6.92 -8.31
N GLY A 50 5.86 -6.86 -7.86
CA GLY A 50 6.83 -5.89 -8.37
C GLY A 50 6.97 -4.64 -7.53
N ARG A 51 7.76 -3.69 -8.04
CA ARG A 51 8.00 -2.40 -7.42
C ARG A 51 7.05 -1.47 -8.15
N ASP A 52 6.01 -1.08 -7.45
CA ASP A 52 4.90 -0.33 -8.04
C ASP A 52 4.81 1.10 -7.52
N ARG A 53 4.21 1.96 -8.34
CA ARG A 53 3.96 3.37 -8.01
C ARG A 53 2.45 3.59 -8.09
N LEU A 54 1.82 3.77 -6.94
CA LEU A 54 0.36 3.83 -6.86
C LEU A 54 -0.09 5.19 -6.32
N THR A 55 -0.68 6.04 -7.14
CA THR A 55 -1.12 7.37 -6.66
C THR A 55 -2.63 7.41 -6.52
N GLY A 56 -3.14 8.06 -5.47
CA GLY A 56 -4.59 8.03 -5.21
C GLY A 56 -5.26 9.34 -4.82
N GLY A 57 -4.49 10.40 -4.67
CA GLY A 57 -4.97 11.71 -4.30
C GLY A 57 -6.12 11.82 -3.33
N GLU A 58 -7.08 12.54 -3.85
CA GLU A 58 -8.31 12.92 -3.18
C GLU A 58 -9.12 11.71 -2.75
N GLY A 59 -9.78 11.85 -1.62
CA GLY A 59 -10.70 10.82 -1.13
C GLY A 59 -10.09 9.80 -0.19
N ALA A 60 -10.96 9.12 0.55
CA ALA A 60 -10.61 8.08 1.50
C ALA A 60 -10.57 6.76 0.74
N ASP A 61 -9.61 6.66 -0.15
CA ASP A 61 -9.44 5.51 -1.01
C ASP A 61 -9.00 4.32 -0.20
N THR A 62 -9.30 3.13 -0.66
CA THR A 62 -8.83 1.91 0.00
C THR A 62 -7.84 1.22 -0.92
N PHE A 63 -6.56 1.47 -0.68
CA PHE A 63 -5.52 0.77 -1.41
C PHE A 63 -5.31 -0.47 -0.57
N ARG A 64 -5.44 -1.62 -1.21
CA ARG A 64 -5.58 -2.87 -0.49
C ARG A 64 -4.52 -3.86 -0.85
N PHE A 65 -4.13 -4.64 0.14
CA PHE A 65 -3.03 -5.55 -0.01
C PHE A 65 -3.44 -6.97 0.29
N ALA A 66 -3.63 -7.72 -0.78
CA ALA A 66 -3.63 -9.18 -0.72
C ALA A 66 -2.25 -9.59 -1.25
N LEU A 67 -1.47 -8.57 -1.57
CA LEU A 67 -0.15 -8.70 -2.17
C LEU A 67 0.92 -8.84 -1.10
N ARG A 68 1.19 -10.08 -0.73
CA ARG A 68 2.09 -10.40 0.37
C ARG A 68 3.54 -10.48 -0.05
N GLU A 69 3.89 -11.55 -0.75
CA GLU A 69 5.24 -11.70 -1.29
C GLU A 69 5.43 -10.70 -2.42
N ASP A 70 4.31 -10.20 -2.90
CA ASP A 70 4.25 -9.19 -3.94
C ASP A 70 4.65 -7.80 -3.40
N SER A 71 4.80 -7.72 -2.08
CA SER A 71 5.23 -6.50 -1.41
C SER A 71 6.36 -6.80 -0.41
N GLN A 72 7.27 -7.69 -0.78
CA GLN A 72 8.35 -8.13 0.13
C GLN A 72 9.70 -7.48 -0.17
N ARG A 73 10.62 -7.59 0.78
CA ARG A 73 11.95 -7.00 0.66
C ARG A 73 13.04 -7.91 1.20
N SER A 74 14.25 -7.69 0.71
CA SER A 74 15.47 -8.30 1.23
C SER A 74 16.57 -7.31 0.96
N ALA A 75 17.75 -7.56 1.50
CA ALA A 75 18.91 -6.72 1.25
C ALA A 75 19.30 -6.82 -0.23
N ALA A 76 18.92 -7.93 -0.85
CA ALA A 76 19.20 -8.15 -2.27
C ALA A 76 18.23 -7.40 -3.18
N GLY A 77 17.24 -6.79 -2.56
CA GLY A 77 16.31 -5.96 -3.29
C GLY A 77 14.90 -5.96 -2.72
N THR A 78 14.16 -4.89 -2.96
CA THR A 78 12.79 -4.79 -2.48
C THR A 78 11.82 -4.64 -3.63
N PHE A 79 10.68 -5.29 -3.51
CA PHE A 79 9.61 -5.16 -4.49
C PHE A 79 8.42 -4.73 -3.66
N SER A 80 8.24 -3.42 -3.56
CA SER A 80 7.28 -2.84 -2.64
C SER A 80 6.32 -1.95 -3.40
N ASP A 81 5.36 -1.38 -2.70
CA ASP A 81 4.34 -0.54 -3.31
C ASP A 81 4.47 0.85 -2.74
N LEU A 82 4.91 1.77 -3.59
CA LEU A 82 5.12 3.16 -3.20
C LEU A 82 3.83 3.90 -3.45
N ILE A 83 3.10 4.20 -2.39
CA ILE A 83 1.82 4.87 -2.52
C ILE A 83 2.07 6.37 -2.48
N LEU A 84 1.70 7.07 -3.54
CA LEU A 84 1.88 8.52 -3.63
C LEU A 84 0.56 9.24 -3.34
N ASP A 85 0.69 10.51 -2.98
CA ASP A 85 -0.43 11.40 -2.61
C ASP A 85 -1.59 10.69 -1.91
N PHE A 86 -1.39 10.48 -0.63
CA PHE A 86 -2.29 9.62 0.14
C PHE A 86 -2.41 9.96 1.64
N ASP A 87 -2.46 11.24 1.97
CA ASP A 87 -2.58 11.63 3.39
C ASP A 87 -3.52 12.81 3.74
N PRO A 88 -4.83 12.61 3.66
CA PRO A 88 -5.77 13.54 4.29
C PRO A 88 -6.02 13.15 5.75
N THR A 89 -5.08 12.39 6.33
CA THR A 89 -5.19 11.74 7.66
C THR A 89 -6.36 10.75 7.82
N GLN A 90 -7.08 10.51 6.72
CA GLN A 90 -8.25 9.62 6.70
C GLN A 90 -8.25 8.75 5.44
N ASP A 91 -7.08 8.41 4.93
CA ASP A 91 -6.98 7.51 3.79
C ASP A 91 -6.98 6.10 4.35
N LYS A 92 -7.37 5.12 3.56
CA LYS A 92 -7.46 3.75 4.05
C LYS A 92 -6.41 2.82 3.44
N LEU A 93 -5.72 2.14 4.32
CA LEU A 93 -4.76 1.12 3.94
C LEU A 93 -5.30 -0.18 4.51
N ASP A 94 -5.42 -1.19 3.66
CA ASP A 94 -5.89 -2.51 4.10
C ASP A 94 -4.79 -3.54 3.89
N VAL A 95 -4.31 -4.12 4.98
CA VAL A 95 -3.29 -5.17 4.92
C VAL A 95 -3.82 -6.42 5.64
N SER A 96 -5.14 -6.47 5.87
CA SER A 96 -5.74 -7.59 6.60
C SER A 96 -5.62 -8.90 5.82
N ALA A 97 -5.62 -8.82 4.50
CA ALA A 97 -5.50 -10.02 3.67
C ALA A 97 -4.07 -10.59 3.70
N LEU A 98 -3.11 -9.83 4.23
CA LEU A 98 -1.74 -10.34 4.40
C LEU A 98 -1.64 -11.02 5.75
N GLY A 99 -2.65 -10.76 6.57
CA GLY A 99 -2.65 -11.15 7.98
C GLY A 99 -1.97 -10.05 8.78
N PHE A 100 -0.78 -9.69 8.32
CA PHE A 100 0.08 -8.68 8.95
C PHE A 100 0.54 -9.17 10.33
N THR A 101 1.42 -8.42 10.96
CA THR A 101 1.99 -8.82 12.25
C THR A 101 1.83 -7.73 13.30
N GLY A 102 2.13 -6.49 12.94
CA GLY A 102 1.99 -5.37 13.86
C GLY A 102 2.96 -4.31 13.37
N LEU A 103 2.99 -3.15 14.00
CA LEU A 103 3.88 -2.07 13.60
C LEU A 103 4.68 -1.60 14.82
N GLY A 104 4.82 -2.52 15.76
CA GLY A 104 5.53 -2.27 17.01
C GLY A 104 7.05 -2.22 16.93
N ASN A 105 7.56 -1.20 16.24
CA ASN A 105 9.00 -0.88 16.16
C ASN A 105 9.91 -1.95 15.56
N GLY A 106 9.35 -2.86 14.77
CA GLY A 106 10.17 -3.72 13.92
C GLY A 106 10.80 -4.95 14.55
N TYR A 107 10.32 -5.36 15.71
CA TYR A 107 10.84 -6.56 16.38
C TYR A 107 9.69 -7.53 16.67
N ALA A 108 10.03 -8.77 17.02
CA ALA A 108 9.05 -9.84 17.27
C ALA A 108 8.14 -10.02 16.05
N GLY A 109 8.74 -9.92 14.87
CA GLY A 109 8.01 -10.10 13.62
C GLY A 109 7.23 -8.87 13.15
N THR A 110 7.11 -7.85 13.99
CA THR A 110 6.36 -6.66 13.61
C THR A 110 7.18 -5.82 12.66
N LEU A 111 6.56 -4.80 12.10
CA LEU A 111 7.23 -3.85 11.22
C LEU A 111 7.45 -2.59 12.02
N ALA A 112 8.22 -1.66 11.48
CA ALA A 112 8.45 -0.37 12.09
C ALA A 112 8.00 0.65 11.06
N VAL A 113 7.59 1.81 11.53
CA VAL A 113 7.22 2.91 10.66
C VAL A 113 8.22 4.03 10.92
N SER A 114 8.64 4.69 9.86
CA SER A 114 9.60 5.79 9.95
C SER A 114 9.20 6.76 8.86
N VAL A 115 9.50 8.03 9.04
CA VAL A 115 9.12 9.05 8.06
C VAL A 115 10.35 9.87 7.72
N SER A 116 10.55 10.11 6.44
CA SER A 116 11.62 10.97 5.97
C SER A 116 10.92 12.09 5.22
N ASP A 117 11.15 13.32 5.64
CA ASP A 117 10.43 14.47 5.08
C ASP A 117 11.03 14.91 3.76
N ASP A 118 12.30 14.58 3.56
CA ASP A 118 12.99 14.84 2.29
C ASP A 118 12.40 13.95 1.21
N GLY A 119 11.87 12.81 1.63
CA GLY A 119 11.21 11.90 0.71
C GLY A 119 9.70 12.09 0.79
N THR A 120 9.27 12.89 1.76
CA THR A 120 7.85 13.15 2.05
C THR A 120 7.06 11.84 2.22
N ARG A 121 7.74 10.82 2.70
CA ARG A 121 7.15 9.47 2.80
C ARG A 121 7.33 8.84 4.15
N THR A 122 6.37 8.02 4.52
CA THR A 122 6.35 7.26 5.73
C THR A 122 6.37 5.82 5.26
N TYR A 123 7.55 5.30 5.42
CA TYR A 123 7.92 3.96 5.00
C TYR A 123 7.61 2.98 6.14
N LEU A 124 7.13 1.79 5.78
CA LEU A 124 6.83 0.75 6.78
C LEU A 124 7.57 -0.51 6.33
N LYS A 125 8.43 -1.05 7.20
CA LYS A 125 9.19 -2.27 6.90
C LYS A 125 9.63 -2.93 8.19
N SER A 126 10.03 -4.18 8.15
CA SER A 126 10.59 -4.86 9.29
C SER A 126 12.02 -5.09 8.88
N TYR A 127 12.89 -5.17 9.86
CA TYR A 127 14.33 -5.34 9.65
C TYR A 127 14.94 -6.36 10.60
N GLU A 128 14.12 -7.01 11.42
CA GLU A 128 14.61 -8.02 12.37
C GLU A 128 15.14 -9.24 11.61
N THR A 129 14.53 -9.52 10.48
CA THR A 129 14.85 -10.65 9.64
C THR A 129 14.85 -10.15 8.21
N ASP A 130 15.84 -10.60 7.47
CA ASP A 130 16.04 -10.23 6.07
C ASP A 130 16.20 -11.47 5.20
N ALA A 131 17.31 -12.17 5.32
CA ALA A 131 17.49 -13.41 4.58
C ALA A 131 16.80 -14.53 5.36
N GLU A 132 16.74 -14.33 6.66
CA GLU A 132 16.21 -15.30 7.62
C GLU A 132 14.69 -15.29 7.63
N GLY A 133 14.12 -14.18 7.18
CA GLY A 133 12.70 -13.98 7.22
C GLY A 133 12.40 -12.74 6.43
N ARG A 134 12.34 -12.90 5.13
CA ARG A 134 12.19 -11.77 4.22
C ARG A 134 10.85 -11.08 4.47
N SER A 135 11.00 -9.84 4.87
CA SER A 135 9.96 -9.03 5.48
C SER A 135 9.25 -8.24 4.42
N PHE A 136 8.12 -7.69 4.80
CA PHE A 136 7.30 -6.89 3.88
C PHE A 136 7.67 -5.41 3.97
N GLU A 137 7.41 -4.69 2.88
CA GLU A 137 7.71 -3.25 2.79
C GLU A 137 6.65 -2.53 1.98
N VAL A 138 6.17 -1.42 2.50
CA VAL A 138 5.24 -0.53 1.79
C VAL A 138 5.66 0.90 2.13
N SER A 139 5.17 1.88 1.40
CA SER A 139 5.47 3.28 1.71
C SER A 139 4.29 4.13 1.32
N LEU A 140 4.06 5.19 2.07
CA LEU A 140 2.95 6.11 1.82
C LEU A 140 3.49 7.53 1.82
N GLN A 141 3.14 8.32 0.82
CA GLN A 141 3.55 9.71 0.77
C GLN A 141 2.65 10.52 1.70
N GLY A 142 3.23 10.97 2.80
CA GLY A 142 2.52 11.67 3.84
C GLY A 142 3.21 11.33 5.14
N ASN A 143 2.65 11.83 6.21
CA ASN A 143 3.20 11.67 7.56
C ASN A 143 2.14 11.02 8.45
N HIS A 144 1.29 10.20 7.84
CA HIS A 144 0.12 9.58 8.51
C HIS A 144 0.49 8.54 9.59
N ALA A 145 1.75 8.51 9.98
CA ALA A 145 2.21 7.73 11.12
C ALA A 145 1.70 8.44 12.37
N ALA A 146 1.57 9.75 12.26
CA ALA A 146 0.98 10.55 13.33
C ALA A 146 -0.54 10.35 13.34
N ALA A 147 -1.05 9.73 12.29
CA ALA A 147 -2.48 9.43 12.16
C ALA A 147 -2.68 7.91 12.17
N LEU A 148 -1.90 7.23 13.00
CA LEU A 148 -2.01 5.78 13.12
C LEU A 148 -3.26 5.42 13.89
N SER A 149 -4.17 4.71 13.24
CA SER A 149 -5.44 4.33 13.85
C SER A 149 -6.02 3.14 13.11
N ALA A 150 -7.01 2.49 13.70
CA ALA A 150 -7.68 1.36 13.07
C ALA A 150 -8.50 1.81 11.86
N ASP A 151 -9.02 3.03 11.90
CA ASP A 151 -9.77 3.58 10.78
C ASP A 151 -8.84 3.88 9.62
N ASN A 152 -7.59 4.23 9.89
CA ASN A 152 -6.59 4.41 8.83
C ASN A 152 -6.05 3.06 8.30
N ILE A 153 -5.80 2.11 9.18
CA ILE A 153 -5.20 0.82 8.76
C ILE A 153 -5.99 -0.39 9.27
N LEU A 154 -6.40 -1.25 8.33
CA LEU A 154 -7.09 -2.50 8.68
C LEU A 154 -6.06 -3.63 8.64
N PHE A 155 -6.07 -4.49 9.65
CA PHE A 155 -5.11 -5.56 9.80
C PHE A 155 -5.87 -6.77 10.37
N ALA A 156 -5.24 -7.94 10.39
CA ALA A 156 -5.92 -9.15 10.91
C ALA A 156 -4.97 -9.95 11.82
N THR A 157 -4.08 -9.24 12.49
CA THR A 157 -3.14 -9.85 13.42
C THR A 157 -3.79 -9.79 14.81
N PRO A 158 -3.48 -10.76 15.71
CA PRO A 158 -4.10 -10.75 17.04
C PRO A 158 -3.57 -9.66 17.99
N VAL A 159 -2.64 -8.84 17.51
CA VAL A 159 -2.10 -7.73 18.29
C VAL A 159 -2.25 -6.52 17.34
N PRO A 160 -2.65 -5.35 17.86
CA PRO A 160 -2.82 -4.27 16.89
C PRO A 160 -1.51 -3.77 16.29
N VAL A 161 -1.62 -2.92 15.28
CA VAL A 161 -0.44 -2.29 14.69
C VAL A 161 0.24 -1.42 15.74
CA CA B . 0.47 -4.66 -14.12
CA CA C . -9.98 7.31 -9.34
CA CA D . 2.49 -4.70 -10.20
CA CA E . -8.91 8.90 -5.05
CA CA F . 4.17 -4.47 -5.28
CA CA G . -6.54 9.20 -0.99
N ASP A 1 -23.72 1.40 -7.14
CA ASP A 1 -24.87 1.95 -7.91
C ASP A 1 -25.07 1.15 -9.18
N PRO A 2 -26.27 1.23 -9.80
CA PRO A 2 -26.42 0.43 -11.03
C PRO A 2 -25.57 0.95 -12.20
N SER A 3 -25.05 2.16 -12.08
CA SER A 3 -24.14 2.71 -13.08
C SER A 3 -22.76 2.07 -12.97
N ALA A 4 -22.23 2.03 -11.75
CA ALA A 4 -20.93 1.44 -11.46
C ALA A 4 -20.87 1.18 -9.95
N GLU A 5 -20.05 0.23 -9.53
CA GLU A 5 -19.87 -0.11 -8.12
C GLU A 5 -18.37 -0.08 -7.79
N ALA A 6 -17.65 0.77 -8.52
CA ALA A 6 -16.20 0.94 -8.38
C ALA A 6 -15.45 -0.39 -8.58
N GLN A 7 -15.91 -1.19 -9.53
CA GLN A 7 -15.29 -2.48 -9.80
C GLN A 7 -13.93 -2.21 -10.47
N PRO A 8 -12.83 -2.65 -9.84
CA PRO A 8 -11.57 -2.27 -10.49
C PRO A 8 -11.40 -2.84 -11.89
N ILE A 9 -10.77 -2.07 -12.75
CA ILE A 9 -10.50 -2.49 -14.12
C ILE A 9 -9.24 -3.34 -14.04
N VAL A 10 -9.26 -4.50 -14.68
CA VAL A 10 -8.15 -5.41 -14.66
C VAL A 10 -7.25 -5.04 -15.84
N GLY A 11 -6.07 -4.62 -15.47
CA GLY A 11 -5.02 -4.25 -16.40
C GLY A 11 -4.27 -5.47 -16.87
N SER A 12 -2.96 -5.35 -16.96
CA SER A 12 -2.10 -6.42 -17.44
C SER A 12 -1.09 -6.83 -16.38
N ASP A 13 -0.45 -7.97 -16.57
CA ASP A 13 0.65 -8.37 -15.70
C ASP A 13 1.95 -7.79 -16.21
N LEU A 14 1.84 -7.01 -17.27
CA LEU A 14 2.95 -6.20 -17.76
C LEU A 14 3.02 -4.93 -16.91
N ASP A 15 4.04 -4.11 -17.15
CA ASP A 15 4.17 -2.79 -16.51
C ASP A 15 3.02 -1.92 -17.05
N ASP A 16 2.08 -1.58 -16.19
CA ASP A 16 0.94 -0.77 -16.58
C ASP A 16 1.28 0.67 -16.31
N GLN A 17 1.10 1.51 -17.30
CA GLN A 17 1.11 2.95 -17.10
C GLN A 17 -0.29 3.39 -17.53
N LEU A 18 -1.18 3.50 -16.55
CA LEU A 18 -2.59 3.75 -16.80
C LEU A 18 -3.06 4.73 -15.75
N HIS A 19 -4.09 5.51 -16.06
CA HIS A 19 -4.61 6.48 -15.11
C HIS A 19 -6.12 6.34 -14.91
N GLY A 20 -6.53 6.68 -13.70
CA GLY A 20 -7.91 6.61 -13.27
C GLY A 20 -8.52 7.97 -13.16
N THR A 21 -7.71 8.89 -12.66
CA THR A 21 -8.12 10.26 -12.39
C THR A 21 -9.46 10.31 -11.65
N LEU A 22 -10.25 11.33 -11.91
CA LEU A 22 -11.47 11.65 -11.14
C LEU A 22 -12.58 10.61 -11.15
N LEU A 23 -12.45 9.57 -11.98
CA LEU A 23 -13.40 8.47 -11.94
C LEU A 23 -13.37 7.85 -10.55
N GLY A 24 -14.56 7.54 -10.03
CA GLY A 24 -14.71 6.88 -8.74
C GLY A 24 -14.56 5.39 -8.89
N GLU A 25 -13.53 5.02 -9.62
CA GLU A 25 -13.21 3.64 -9.94
C GLU A 25 -11.69 3.66 -10.12
N GLU A 26 -11.04 2.49 -9.97
CA GLU A 26 -9.59 2.40 -10.10
C GLU A 26 -9.18 1.11 -10.82
N ILE A 27 -7.88 0.93 -10.97
CA ILE A 27 -7.31 -0.11 -11.83
C ILE A 27 -6.42 -1.04 -11.02
N SER A 28 -6.54 -2.32 -11.28
CA SER A 28 -5.73 -3.37 -10.66
C SER A 28 -4.90 -3.98 -11.78
N GLY A 29 -3.75 -4.56 -11.48
CA GLY A 29 -2.92 -5.13 -12.54
C GLY A 29 -1.72 -5.86 -11.99
N GLY A 30 -1.93 -7.06 -11.44
CA GLY A 30 -0.94 -7.77 -10.65
C GLY A 30 0.53 -7.59 -10.95
N GLY A 31 1.00 -8.22 -12.01
CA GLY A 31 2.40 -8.19 -12.34
C GLY A 31 2.91 -6.84 -12.77
N GLY A 32 4.17 -6.83 -13.14
CA GLY A 32 4.83 -5.64 -13.63
C GLY A 32 5.11 -4.55 -12.61
N ALA A 33 5.98 -3.63 -12.99
CA ALA A 33 6.37 -2.45 -12.21
C ALA A 33 5.45 -1.31 -12.62
N ASP A 34 4.26 -1.31 -12.03
CA ASP A 34 3.20 -0.44 -12.46
C ASP A 34 3.33 0.97 -11.95
N GLN A 35 2.79 1.87 -12.75
CA GLN A 35 2.63 3.27 -12.39
C GLN A 35 1.16 3.57 -12.64
N LEU A 36 0.38 3.66 -11.58
CA LEU A 36 -1.05 3.76 -11.68
C LEU A 36 -1.42 4.98 -10.91
N TYR A 37 -2.05 5.89 -11.59
CA TYR A 37 -2.43 7.16 -11.00
C TYR A 37 -3.93 7.15 -10.88
N GLY A 38 -4.49 7.57 -9.76
CA GLY A 38 -5.94 7.49 -9.58
C GLY A 38 -6.59 8.73 -9.02
N TYR A 39 -5.79 9.70 -8.61
CA TYR A 39 -6.23 10.99 -8.07
C TYR A 39 -7.67 11.09 -7.50
N GLY A 40 -8.60 11.65 -8.25
CA GLY A 40 -9.94 11.85 -7.72
C GLY A 40 -10.82 10.61 -7.62
N GLY A 41 -11.92 10.77 -6.91
CA GLY A 41 -12.90 9.73 -6.75
C GLY A 41 -12.47 8.76 -5.68
N GLY A 42 -13.40 7.94 -5.27
CA GLY A 42 -13.11 6.83 -4.38
C GLY A 42 -12.48 5.73 -5.21
N ASP A 43 -11.38 5.17 -4.74
CA ASP A 43 -10.56 4.28 -5.54
C ASP A 43 -10.30 2.97 -4.83
N LEU A 44 -10.07 1.92 -5.60
CA LEU A 44 -9.83 0.58 -5.06
C LEU A 44 -8.69 -0.04 -5.86
N LEU A 45 -7.50 -0.03 -5.29
CA LEU A 45 -6.30 -0.40 -6.04
C LEU A 45 -5.53 -1.56 -5.39
N ASP A 46 -5.19 -2.54 -6.21
CA ASP A 46 -4.32 -3.65 -5.79
C ASP A 46 -3.09 -3.62 -6.72
N GLY A 47 -1.91 -3.39 -6.18
CA GLY A 47 -0.73 -3.23 -7.03
C GLY A 47 -0.04 -4.51 -7.46
N GLY A 48 -0.27 -5.60 -6.76
CA GLY A 48 0.34 -6.86 -7.06
C GLY A 48 1.83 -6.85 -6.91
N ALA A 49 2.34 -7.82 -7.60
CA ALA A 49 3.74 -8.14 -7.70
C ALA A 49 4.53 -7.00 -8.29
N GLY A 50 5.76 -6.94 -7.85
CA GLY A 50 6.73 -5.97 -8.35
C GLY A 50 6.89 -4.72 -7.50
N ARG A 51 7.67 -3.78 -8.01
CA ARG A 51 7.94 -2.50 -7.36
C ARG A 51 7.01 -1.52 -8.04
N ASP A 52 5.97 -1.16 -7.33
CA ASP A 52 4.86 -0.38 -7.90
C ASP A 52 4.76 1.03 -7.35
N ARG A 53 4.22 1.92 -8.17
CA ARG A 53 3.98 3.35 -7.87
C ARG A 53 2.48 3.58 -7.98
N LEU A 54 1.82 3.78 -6.85
CA LEU A 54 0.35 3.84 -6.82
C LEU A 54 -0.16 5.18 -6.28
N THR A 55 -0.63 6.07 -7.13
CA THR A 55 -1.11 7.39 -6.65
C THR A 55 -2.62 7.36 -6.48
N GLY A 56 -3.15 8.05 -5.47
CA GLY A 56 -4.57 7.99 -5.18
C GLY A 56 -5.25 9.28 -4.76
N GLY A 57 -4.48 10.35 -4.65
CA GLY A 57 -4.97 11.65 -4.24
C GLY A 57 -6.13 11.76 -3.29
N GLU A 58 -7.05 12.54 -3.80
CA GLU A 58 -8.28 12.93 -3.13
C GLU A 58 -9.12 11.71 -2.74
N GLY A 59 -9.76 11.82 -1.58
CA GLY A 59 -10.67 10.79 -1.12
C GLY A 59 -10.07 9.76 -0.18
N ALA A 60 -10.96 9.12 0.57
CA ALA A 60 -10.62 8.06 1.53
C ALA A 60 -10.62 6.72 0.79
N ASP A 61 -9.67 6.61 -0.12
CA ASP A 61 -9.52 5.44 -0.97
C ASP A 61 -9.08 4.27 -0.15
N THR A 62 -9.38 3.06 -0.61
CA THR A 62 -8.88 1.86 0.05
C THR A 62 -7.92 1.14 -0.87
N PHE A 63 -6.64 1.35 -0.62
CA PHE A 63 -5.60 0.63 -1.37
C PHE A 63 -5.37 -0.58 -0.50
N ARG A 64 -5.48 -1.76 -1.09
CA ARG A 64 -5.61 -2.98 -0.31
C ARG A 64 -4.60 -4.01 -0.71
N PHE A 65 -4.14 -4.75 0.28
CA PHE A 65 -3.06 -5.68 0.09
C PHE A 65 -3.47 -7.10 0.39
N ALA A 66 -3.69 -7.84 -0.68
CA ALA A 66 -3.71 -9.30 -0.64
C ALA A 66 -2.34 -9.72 -1.20
N LEU A 67 -1.55 -8.70 -1.52
CA LEU A 67 -0.24 -8.86 -2.14
C LEU A 67 0.83 -9.04 -1.09
N ARG A 68 1.10 -10.29 -0.77
CA ARG A 68 1.99 -10.64 0.34
C ARG A 68 3.45 -10.70 -0.05
N GLU A 69 3.83 -11.72 -0.80
CA GLU A 69 5.19 -11.85 -1.31
C GLU A 69 5.38 -10.81 -2.40
N ASP A 70 4.25 -10.30 -2.88
CA ASP A 70 4.19 -9.27 -3.89
C ASP A 70 4.57 -7.89 -3.33
N SER A 71 4.68 -7.81 -2.01
CA SER A 71 5.06 -6.58 -1.31
C SER A 71 6.19 -6.84 -0.30
N GLN A 72 7.10 -7.77 -0.64
CA GLN A 72 8.16 -8.17 0.30
C GLN A 72 9.53 -7.55 0.00
N ARG A 73 10.44 -7.63 0.96
CA ARG A 73 11.79 -7.09 0.81
C ARG A 73 12.90 -7.99 1.33
N SER A 74 14.09 -7.76 0.81
CA SER A 74 15.32 -8.35 1.30
C SER A 74 16.39 -7.32 0.96
N ALA A 75 17.59 -7.46 1.50
CA ALA A 75 18.69 -6.55 1.16
C ALA A 75 19.10 -6.81 -0.29
N ALA A 76 18.82 -8.02 -0.76
CA ALA A 76 19.11 -8.39 -2.14
C ALA A 76 18.12 -7.79 -3.12
N GLY A 77 17.11 -7.15 -2.57
CA GLY A 77 16.13 -6.44 -3.38
C GLY A 77 14.74 -6.41 -2.75
N THR A 78 14.04 -5.31 -2.99
CA THR A 78 12.68 -5.14 -2.46
C THR A 78 11.70 -4.99 -3.61
N PHE A 79 10.52 -5.56 -3.46
CA PHE A 79 9.45 -5.37 -4.41
C PHE A 79 8.29 -4.89 -3.58
N SER A 80 8.18 -3.57 -3.48
CA SER A 80 7.25 -2.94 -2.56
C SER A 80 6.26 -2.09 -3.31
N ASP A 81 5.33 -1.48 -2.59
CA ASP A 81 4.29 -0.65 -3.18
C ASP A 81 4.39 0.73 -2.56
N LEU A 82 4.82 1.69 -3.36
CA LEU A 82 4.97 3.07 -2.90
C LEU A 82 3.72 3.83 -3.29
N ILE A 83 2.89 4.07 -2.30
CA ILE A 83 1.63 4.76 -2.51
C ILE A 83 1.93 6.26 -2.46
N LEU A 84 1.53 6.98 -3.49
CA LEU A 84 1.74 8.42 -3.56
C LEU A 84 0.44 9.14 -3.20
N ASP A 85 0.58 10.44 -2.95
CA ASP A 85 -0.51 11.32 -2.48
C ASP A 85 -1.69 10.65 -1.77
N PHE A 86 -1.45 10.34 -0.50
CA PHE A 86 -2.37 9.50 0.26
C PHE A 86 -2.50 9.87 1.74
N ASP A 87 -2.56 11.17 2.04
CA ASP A 87 -2.66 11.59 3.45
C ASP A 87 -3.59 12.77 3.76
N PRO A 88 -4.92 12.57 3.67
CA PRO A 88 -5.86 13.51 4.28
C PRO A 88 -6.10 13.14 5.76
N THR A 89 -5.15 12.40 6.35
CA THR A 89 -5.25 11.77 7.69
C THR A 89 -6.40 10.77 7.85
N GLN A 90 -7.11 10.50 6.75
CA GLN A 90 -8.27 9.58 6.75
C GLN A 90 -8.27 8.71 5.48
N ASP A 91 -7.10 8.37 4.97
CA ASP A 91 -7.02 7.46 3.82
C ASP A 91 -7.00 6.06 4.39
N LYS A 92 -7.40 5.07 3.59
CA LYS A 92 -7.47 3.69 4.09
C LYS A 92 -6.43 2.78 3.48
N LEU A 93 -5.70 2.11 4.36
CA LEU A 93 -4.74 1.09 4.00
C LEU A 93 -5.27 -0.21 4.59
N ASP A 94 -5.38 -1.22 3.76
CA ASP A 94 -5.83 -2.53 4.22
C ASP A 94 -4.73 -3.56 4.01
N VAL A 95 -4.24 -4.14 5.09
CA VAL A 95 -3.22 -5.20 5.03
C VAL A 95 -3.74 -6.44 5.77
N SER A 96 -5.04 -6.47 6.06
CA SER A 96 -5.62 -7.58 6.82
C SER A 96 -5.58 -8.89 6.04
N ALA A 97 -5.61 -8.81 4.72
CA ALA A 97 -5.56 -10.01 3.89
C ALA A 97 -4.16 -10.64 3.89
N LEU A 98 -3.16 -9.91 4.37
CA LEU A 98 -1.81 -10.47 4.51
C LEU A 98 -1.69 -11.12 5.87
N GLY A 99 -2.66 -10.80 6.70
CA GLY A 99 -2.62 -11.13 8.12
C GLY A 99 -1.89 -10.03 8.86
N PHE A 100 -0.72 -9.69 8.32
CA PHE A 100 0.19 -8.69 8.86
C PHE A 100 0.74 -9.18 10.21
N THR A 101 1.72 -8.47 10.76
CA THR A 101 2.37 -8.92 12.00
C THR A 101 2.24 -7.91 13.14
N GLY A 102 2.20 -6.64 12.83
CA GLY A 102 2.04 -5.60 13.85
C GLY A 102 3.02 -4.49 13.57
N LEU A 103 3.01 -3.45 14.38
CA LEU A 103 3.95 -2.33 14.20
C LEU A 103 4.78 -2.08 15.47
N GLY A 104 5.14 -3.17 16.13
CA GLY A 104 5.90 -3.12 17.37
C GLY A 104 7.39 -2.85 17.19
N ASN A 105 7.72 -1.74 16.55
CA ASN A 105 9.10 -1.27 16.37
C ASN A 105 10.05 -2.23 15.63
N GLY A 106 9.50 -3.09 14.79
CA GLY A 106 10.34 -3.86 13.88
C GLY A 106 10.97 -5.14 14.40
N TYR A 107 10.58 -5.57 15.58
CA TYR A 107 11.11 -6.81 16.18
C TYR A 107 9.96 -7.74 16.53
N ALA A 108 10.28 -8.99 16.85
CA ALA A 108 9.30 -10.05 17.11
C ALA A 108 8.40 -10.23 15.87
N GLY A 109 9.01 -10.11 14.70
CA GLY A 109 8.31 -10.25 13.43
C GLY A 109 7.50 -9.03 13.00
N THR A 110 7.31 -8.07 13.89
CA THR A 110 6.51 -6.89 13.57
C THR A 110 7.30 -5.95 12.67
N LEU A 111 6.62 -4.92 12.17
CA LEU A 111 7.26 -3.92 11.33
C LEU A 111 7.48 -2.66 12.16
N ALA A 112 8.22 -1.72 11.59
CA ALA A 112 8.46 -0.43 12.20
C ALA A 112 8.04 0.60 11.14
N VAL A 113 7.63 1.77 11.61
CA VAL A 113 7.27 2.86 10.71
C VAL A 113 8.33 3.95 10.90
N SER A 114 8.66 4.64 9.84
CA SER A 114 9.62 5.73 9.87
C SER A 114 9.14 6.73 8.85
N VAL A 115 9.43 8.01 9.07
CA VAL A 115 8.98 9.05 8.16
C VAL A 115 10.17 9.93 7.83
N SER A 116 10.34 10.20 6.54
CA SER A 116 11.40 11.08 6.08
C SER A 116 10.70 12.23 5.36
N ASP A 117 10.94 13.45 5.81
CA ASP A 117 10.24 14.61 5.26
C ASP A 117 10.83 15.05 3.93
N ASP A 118 12.09 14.74 3.72
CA ASP A 118 12.77 15.02 2.45
C ASP A 118 12.20 14.12 1.36
N GLY A 119 11.68 12.97 1.76
CA GLY A 119 11.03 12.07 0.83
C GLY A 119 9.54 12.24 0.89
N THR A 120 9.07 13.01 1.87
CA THR A 120 7.64 13.24 2.14
C THR A 120 6.88 11.91 2.26
N ARG A 121 7.57 10.90 2.77
CA ARG A 121 7.02 9.54 2.83
C ARG A 121 7.19 8.91 4.19
N THR A 122 6.29 7.99 4.50
CA THR A 122 6.28 7.23 5.71
C THR A 122 6.30 5.79 5.26
N TYR A 123 7.47 5.25 5.44
CA TYR A 123 7.83 3.90 5.03
C TYR A 123 7.56 2.93 6.17
N LEU A 124 7.14 1.72 5.85
CA LEU A 124 6.93 0.67 6.85
C LEU A 124 7.68 -0.57 6.39
N LYS A 125 8.53 -1.12 7.25
CA LYS A 125 9.29 -2.34 6.96
C LYS A 125 9.72 -2.99 8.27
N SER A 126 10.19 -4.22 8.22
CA SER A 126 10.74 -4.90 9.37
C SER A 126 12.19 -5.11 8.98
N TYR A 127 13.03 -5.19 9.98
CA TYR A 127 14.48 -5.34 9.78
C TYR A 127 15.13 -6.37 10.71
N GLU A 128 14.32 -7.04 11.53
CA GLU A 128 14.84 -8.08 12.43
C GLU A 128 15.35 -9.27 11.62
N THR A 129 14.70 -9.51 10.50
CA THR A 129 15.01 -10.60 9.61
C THR A 129 14.97 -9.98 8.23
N ASP A 130 15.90 -10.41 7.40
CA ASP A 130 16.08 -9.85 6.06
C ASP A 130 15.74 -10.83 4.94
N ALA A 131 16.60 -11.81 4.70
CA ALA A 131 16.31 -12.83 3.70
C ALA A 131 15.62 -14.02 4.38
N GLU A 132 16.09 -14.28 5.59
CA GLU A 132 15.68 -15.44 6.39
C GLU A 132 14.22 -15.31 6.80
N GLY A 133 13.81 -14.07 6.97
CA GLY A 133 12.45 -13.74 7.32
C GLY A 133 12.06 -12.56 6.49
N ARG A 134 12.03 -12.79 5.19
CA ARG A 134 11.77 -11.71 4.24
C ARG A 134 10.36 -11.19 4.47
N SER A 135 10.32 -9.91 4.75
CA SER A 135 9.21 -9.24 5.40
C SER A 135 8.64 -8.18 4.50
N PHE A 136 7.46 -7.70 4.81
CA PHE A 136 6.76 -6.73 3.98
C PHE A 136 7.44 -5.35 3.98
N GLU A 137 7.28 -4.65 2.88
CA GLU A 137 7.71 -3.25 2.77
C GLU A 137 6.66 -2.50 1.98
N VAL A 138 6.19 -1.39 2.53
CA VAL A 138 5.24 -0.51 1.84
C VAL A 138 5.67 0.91 2.15
N SER A 139 5.17 1.87 1.39
CA SER A 139 5.47 3.28 1.65
C SER A 139 4.23 4.09 1.30
N LEU A 140 4.03 5.18 2.01
CA LEU A 140 2.89 6.07 1.78
C LEU A 140 3.42 7.50 1.77
N GLN A 141 3.05 8.27 0.77
CA GLN A 141 3.44 9.69 0.72
C GLN A 141 2.54 10.46 1.65
N GLY A 142 3.13 10.98 2.71
CA GLY A 142 2.40 11.67 3.75
C GLY A 142 3.10 11.34 5.05
N ASN A 143 2.57 11.88 6.12
CA ASN A 143 3.15 11.73 7.47
C ASN A 143 2.10 11.09 8.37
N HIS A 144 1.26 10.23 7.78
CA HIS A 144 0.13 9.59 8.50
C HIS A 144 0.55 8.58 9.58
N ALA A 145 1.81 8.60 9.95
CA ALA A 145 2.32 7.86 11.10
C ALA A 145 1.80 8.58 12.34
N ALA A 146 1.60 9.89 12.20
CA ALA A 146 1.00 10.70 13.25
C ALA A 146 -0.52 10.45 13.28
N ALA A 147 -1.00 9.72 12.27
CA ALA A 147 -2.42 9.38 12.16
C ALA A 147 -2.59 7.85 12.15
N LEU A 148 -1.81 7.16 12.97
CA LEU A 148 -1.94 5.71 13.09
C LEU A 148 -3.20 5.40 13.87
N SER A 149 -4.12 4.69 13.25
CA SER A 149 -5.39 4.36 13.87
C SER A 149 -6.01 3.18 13.15
N ALA A 150 -7.01 2.56 13.77
CA ALA A 150 -7.71 1.43 13.16
C ALA A 150 -8.53 1.89 11.94
N ASP A 151 -9.00 3.13 11.98
CA ASP A 151 -9.76 3.68 10.86
C ASP A 151 -8.83 3.96 9.68
N ASN A 152 -7.57 4.30 9.94
CA ASN A 152 -6.59 4.46 8.86
C ASN A 152 -6.06 3.12 8.34
N ILE A 153 -5.80 2.15 9.22
CA ILE A 153 -5.21 0.88 8.80
C ILE A 153 -5.98 -0.33 9.32
N LEU A 154 -6.38 -1.22 8.41
CA LEU A 154 -7.03 -2.47 8.78
C LEU A 154 -5.99 -3.59 8.76
N PHE A 155 -5.95 -4.38 9.81
CA PHE A 155 -4.95 -5.45 9.99
C PHE A 155 -5.67 -6.64 10.63
N ALA A 156 -5.02 -7.79 10.67
CA ALA A 156 -5.62 -9.00 11.25
C ALA A 156 -4.63 -9.74 12.16
N THR A 157 -3.74 -8.98 12.78
CA THR A 157 -2.73 -9.53 13.69
C THR A 157 -3.22 -9.31 15.13
N PRO A 158 -2.83 -10.18 16.08
CA PRO A 158 -3.29 -9.99 17.47
C PRO A 158 -2.63 -8.83 18.22
N VAL A 159 -1.70 -8.14 17.57
CA VAL A 159 -1.05 -6.96 18.17
C VAL A 159 -1.30 -5.81 17.17
N PRO A 160 -1.72 -4.63 17.66
CA PRO A 160 -2.10 -3.58 16.71
C PRO A 160 -0.96 -2.90 15.97
N VAL A 161 -1.33 -1.90 15.18
CA VAL A 161 -0.39 -1.07 14.43
C VAL A 161 -0.59 0.36 14.89
CA CA B . 0.55 -4.60 -14.13
CA CA C . -9.89 7.38 -9.41
CA CA D . 2.44 -4.71 -10.16
CA CA E . -8.88 8.86 -4.98
CA CA F . 4.12 -4.58 -5.22
CA CA G . -6.55 9.09 -1.00
N ASP A 1 -23.01 1.32 -6.49
CA ASP A 1 -24.26 1.88 -7.05
C ASP A 1 -24.66 1.14 -8.31
N PRO A 2 -25.95 1.23 -8.73
CA PRO A 2 -26.27 0.51 -9.98
C PRO A 2 -25.63 1.12 -11.22
N SER A 3 -25.13 2.35 -11.11
CA SER A 3 -24.42 2.99 -12.21
C SER A 3 -23.02 2.40 -12.36
N ALA A 4 -22.36 2.17 -11.22
CA ALA A 4 -21.04 1.55 -11.18
C ALA A 4 -20.82 1.06 -9.74
N GLU A 5 -20.19 -0.09 -9.61
CA GLU A 5 -19.90 -0.70 -8.30
C GLU A 5 -18.40 -0.53 -8.03
N ALA A 6 -17.79 0.38 -8.78
CA ALA A 6 -16.34 0.64 -8.72
C ALA A 6 -15.54 -0.63 -8.98
N GLN A 7 -15.96 -1.39 -9.98
CA GLN A 7 -15.32 -2.64 -10.33
C GLN A 7 -13.89 -2.35 -10.79
N PRO A 8 -12.87 -2.96 -10.14
CA PRO A 8 -11.54 -2.62 -10.62
C PRO A 8 -11.31 -2.99 -12.08
N ILE A 9 -10.63 -2.11 -12.79
CA ILE A 9 -10.35 -2.32 -14.20
C ILE A 9 -9.14 -3.23 -14.26
N VAL A 10 -9.27 -4.34 -14.97
CA VAL A 10 -8.21 -5.32 -15.05
C VAL A 10 -7.23 -4.89 -16.13
N GLY A 11 -6.06 -4.56 -15.65
CA GLY A 11 -4.93 -4.19 -16.48
C GLY A 11 -4.22 -5.43 -16.97
N SER A 12 -2.90 -5.41 -16.94
CA SER A 12 -2.09 -6.53 -17.41
C SER A 12 -1.04 -6.91 -16.36
N ASP A 13 -0.37 -8.03 -16.57
CA ASP A 13 0.75 -8.42 -15.70
C ASP A 13 2.03 -7.79 -16.24
N LEU A 14 1.88 -7.00 -17.29
CA LEU A 14 2.96 -6.17 -17.82
C LEU A 14 3.04 -4.90 -16.94
N ASP A 15 4.04 -4.07 -17.19
CA ASP A 15 4.17 -2.77 -16.54
C ASP A 15 3.04 -1.89 -17.07
N ASP A 16 2.07 -1.58 -16.23
CA ASP A 16 0.92 -0.79 -16.62
C ASP A 16 1.21 0.66 -16.29
N GLN A 17 1.12 1.52 -17.28
CA GLN A 17 1.08 2.96 -17.04
C GLN A 17 -0.31 3.40 -17.49
N LEU A 18 -1.22 3.46 -16.53
CA LEU A 18 -2.63 3.72 -16.79
C LEU A 18 -3.11 4.69 -15.73
N HIS A 19 -4.14 5.46 -16.05
CA HIS A 19 -4.66 6.43 -15.11
C HIS A 19 -6.15 6.28 -14.91
N GLY A 20 -6.56 6.61 -13.69
CA GLY A 20 -7.93 6.52 -13.25
C GLY A 20 -8.53 7.90 -13.20
N THR A 21 -7.72 8.83 -12.69
CA THR A 21 -8.14 10.22 -12.44
C THR A 21 -9.52 10.27 -11.74
N LEU A 22 -10.32 11.28 -12.06
CA LEU A 22 -11.57 11.57 -11.34
C LEU A 22 -12.64 10.47 -11.31
N LEU A 23 -12.49 9.41 -12.09
CA LEU A 23 -13.45 8.31 -12.06
C LEU A 23 -13.41 7.72 -10.65
N GLY A 24 -14.57 7.36 -10.13
CA GLY A 24 -14.68 6.73 -8.81
C GLY A 24 -14.48 5.25 -8.96
N GLU A 25 -13.47 4.90 -9.74
CA GLU A 25 -13.14 3.55 -10.09
C GLU A 25 -11.61 3.55 -10.30
N GLU A 26 -11.02 2.40 -10.04
CA GLU A 26 -9.57 2.17 -9.97
C GLU A 26 -9.07 0.84 -10.56
N ILE A 27 -7.80 0.83 -10.92
CA ILE A 27 -7.21 -0.21 -11.78
C ILE A 27 -6.45 -1.23 -10.96
N SER A 28 -6.58 -2.50 -11.35
CA SER A 28 -5.87 -3.63 -10.75
C SER A 28 -4.97 -4.18 -11.86
N GLY A 29 -3.81 -4.74 -11.53
CA GLY A 29 -2.93 -5.25 -12.58
C GLY A 29 -1.69 -5.94 -12.03
N GLY A 30 -1.89 -7.13 -11.47
CA GLY A 30 -0.89 -7.83 -10.67
C GLY A 30 0.58 -7.62 -10.97
N GLY A 31 1.06 -8.23 -12.03
CA GLY A 31 2.47 -8.18 -12.36
C GLY A 31 2.95 -6.83 -12.79
N GLY A 32 4.20 -6.81 -13.16
CA GLY A 32 4.86 -5.60 -13.65
C GLY A 32 5.12 -4.49 -12.63
N ALA A 33 5.98 -3.56 -13.02
CA ALA A 33 6.34 -2.39 -12.24
C ALA A 33 5.40 -1.26 -12.65
N ASP A 34 4.22 -1.28 -12.09
CA ASP A 34 3.14 -0.40 -12.51
C ASP A 34 3.28 1.01 -12.00
N GLN A 35 2.73 1.91 -12.78
CA GLN A 35 2.58 3.31 -12.40
C GLN A 35 1.11 3.62 -12.64
N LEU A 36 0.35 3.71 -11.57
CA LEU A 36 -1.09 3.82 -11.67
C LEU A 36 -1.45 5.04 -10.90
N TYR A 37 -2.07 5.97 -11.59
CA TYR A 37 -2.44 7.23 -10.99
C TYR A 37 -3.96 7.19 -10.87
N GLY A 38 -4.53 7.61 -9.75
CA GLY A 38 -5.98 7.51 -9.57
C GLY A 38 -6.65 8.74 -9.03
N TYR A 39 -5.85 9.74 -8.63
CA TYR A 39 -6.34 11.02 -8.10
C TYR A 39 -7.80 11.14 -7.57
N GLY A 40 -8.71 11.66 -8.37
CA GLY A 40 -10.07 11.90 -7.86
C GLY A 40 -10.93 10.68 -7.69
N GLY A 41 -12.05 10.81 -7.01
CA GLY A 41 -12.98 9.71 -6.82
C GLY A 41 -12.53 8.77 -5.73
N GLY A 42 -13.45 7.91 -5.35
CA GLY A 42 -13.14 6.82 -4.43
C GLY A 42 -12.49 5.72 -5.23
N ASP A 43 -11.36 5.21 -4.78
CA ASP A 43 -10.51 4.33 -5.58
C ASP A 43 -10.28 3.02 -4.86
N LEU A 44 -10.04 1.95 -5.62
CA LEU A 44 -9.83 0.61 -5.07
C LEU A 44 -8.69 -0.02 -5.84
N LEU A 45 -7.50 0.03 -5.26
CA LEU A 45 -6.29 -0.35 -5.98
C LEU A 45 -5.52 -1.47 -5.30
N ASP A 46 -5.13 -2.45 -6.10
CA ASP A 46 -4.25 -3.52 -5.66
C ASP A 46 -3.08 -3.58 -6.65
N GLY A 47 -1.88 -3.30 -6.19
CA GLY A 47 -0.73 -3.19 -7.09
C GLY A 47 -0.06 -4.48 -7.52
N GLY A 48 -0.29 -5.57 -6.79
CA GLY A 48 0.31 -6.83 -7.08
C GLY A 48 1.79 -6.81 -6.93
N ALA A 49 2.32 -7.77 -7.61
CA ALA A 49 3.74 -8.08 -7.70
C ALA A 49 4.52 -6.93 -8.28
N GLY A 50 5.75 -6.85 -7.84
CA GLY A 50 6.71 -5.88 -8.34
C GLY A 50 6.86 -4.62 -7.52
N ARG A 51 7.65 -3.68 -8.06
CA ARG A 51 7.91 -2.39 -7.44
C ARG A 51 6.96 -1.43 -8.10
N ASP A 52 5.92 -1.08 -7.38
CA ASP A 52 4.81 -0.32 -7.95
C ASP A 52 4.71 1.10 -7.41
N ARG A 53 4.18 1.99 -8.23
CA ARG A 53 3.96 3.41 -7.91
C ARG A 53 2.46 3.65 -8.00
N LEU A 54 1.81 3.85 -6.87
CA LEU A 54 0.35 3.91 -6.81
C LEU A 54 -0.15 5.25 -6.28
N THR A 55 -0.63 6.15 -7.13
CA THR A 55 -1.12 7.45 -6.64
C THR A 55 -2.64 7.41 -6.48
N GLY A 56 -3.17 8.06 -5.44
CA GLY A 56 -4.59 7.99 -5.17
C GLY A 56 -5.29 9.29 -4.82
N GLY A 57 -4.53 10.35 -4.60
CA GLY A 57 -5.02 11.66 -4.26
C GLY A 57 -6.19 11.77 -3.32
N GLU A 58 -7.12 12.51 -3.85
CA GLU A 58 -8.37 12.91 -3.21
C GLU A 58 -9.18 11.70 -2.76
N GLY A 59 -9.84 11.85 -1.63
CA GLY A 59 -10.77 10.84 -1.13
C GLY A 59 -10.17 9.79 -0.22
N ALA A 60 -11.04 9.14 0.53
CA ALA A 60 -10.68 8.08 1.48
C ALA A 60 -10.66 6.75 0.72
N ASP A 61 -9.71 6.66 -0.18
CA ASP A 61 -9.54 5.50 -1.05
C ASP A 61 -9.12 4.31 -0.22
N THR A 62 -9.42 3.11 -0.70
CA THR A 62 -8.96 1.90 -0.03
C THR A 62 -7.95 1.21 -0.92
N PHE A 63 -6.68 1.42 -0.61
CA PHE A 63 -5.62 0.74 -1.32
C PHE A 63 -5.37 -0.48 -0.46
N ARG A 64 -5.49 -1.64 -1.07
CA ARG A 64 -5.60 -2.89 -0.32
C ARG A 64 -4.58 -3.90 -0.73
N PHE A 65 -4.14 -4.65 0.25
CA PHE A 65 -3.04 -5.57 0.08
C PHE A 65 -3.44 -6.99 0.39
N ALA A 66 -3.64 -7.76 -0.67
CA ALA A 66 -3.65 -9.22 -0.59
C ALA A 66 -2.27 -9.63 -1.14
N LEU A 67 -1.50 -8.60 -1.49
CA LEU A 67 -0.19 -8.77 -2.10
C LEU A 67 0.90 -8.88 -1.05
N ARG A 68 1.18 -10.11 -0.66
CA ARG A 68 2.11 -10.39 0.45
C ARG A 68 3.56 -10.47 0.01
N GLU A 69 3.90 -11.54 -0.69
CA GLU A 69 5.23 -11.71 -1.25
C GLU A 69 5.39 -10.73 -2.42
N ASP A 70 4.24 -10.25 -2.89
CA ASP A 70 4.17 -9.26 -3.95
C ASP A 70 4.55 -7.85 -3.46
N SER A 71 4.72 -7.73 -2.15
CA SER A 71 5.11 -6.47 -1.51
C SER A 71 6.24 -6.74 -0.50
N GLN A 72 7.16 -7.65 -0.82
CA GLN A 72 8.19 -8.06 0.14
C GLN A 72 9.57 -7.46 -0.14
N ARG A 73 10.45 -7.56 0.85
CA ARG A 73 11.81 -7.04 0.74
C ARG A 73 12.87 -8.00 1.29
N SER A 74 14.07 -7.90 0.75
CA SER A 74 15.24 -8.58 1.26
C SER A 74 16.42 -7.68 0.90
N ALA A 75 17.60 -7.99 1.41
CA ALA A 75 18.80 -7.24 1.08
C ALA A 75 19.14 -7.45 -0.40
N ALA A 76 18.67 -8.56 -0.95
CA ALA A 76 18.89 -8.87 -2.35
C ALA A 76 17.95 -8.08 -3.26
N GLY A 77 17.03 -7.36 -2.64
CA GLY A 77 16.13 -6.49 -3.35
C GLY A 77 14.76 -6.38 -2.74
N THR A 78 14.11 -5.25 -2.98
CA THR A 78 12.75 -5.02 -2.48
C THR A 78 11.80 -4.80 -3.65
N PHE A 79 10.62 -5.37 -3.53
CA PHE A 79 9.57 -5.16 -4.51
C PHE A 79 8.39 -4.70 -3.68
N SER A 80 8.27 -3.38 -3.55
CA SER A 80 7.32 -2.78 -2.62
C SER A 80 6.34 -1.88 -3.36
N ASP A 81 5.36 -1.40 -2.65
CA ASP A 81 4.32 -0.55 -3.25
C ASP A 81 4.41 0.83 -2.61
N LEU A 82 4.84 1.79 -3.42
CA LEU A 82 5.00 3.16 -2.96
C LEU A 82 3.74 3.92 -3.33
N ILE A 83 2.92 4.16 -2.33
CA ILE A 83 1.65 4.85 -2.52
C ILE A 83 1.94 6.34 -2.48
N LEU A 84 1.53 7.06 -3.50
CA LEU A 84 1.74 8.51 -3.57
C LEU A 84 0.44 9.21 -3.20
N ASP A 85 0.55 10.51 -2.92
CA ASP A 85 -0.54 11.38 -2.44
C ASP A 85 -1.71 10.70 -1.74
N PHE A 86 -1.47 10.39 -0.48
CA PHE A 86 -2.39 9.56 0.28
C PHE A 86 -2.51 9.92 1.76
N ASP A 87 -2.53 11.21 2.07
CA ASP A 87 -2.62 11.63 3.47
C ASP A 87 -3.53 12.83 3.80
N PRO A 88 -4.85 12.66 3.73
CA PRO A 88 -5.76 13.62 4.35
C PRO A 88 -6.01 13.23 5.83
N THR A 89 -5.09 12.45 6.39
CA THR A 89 -5.20 11.79 7.72
C THR A 89 -6.40 10.83 7.85
N GLN A 90 -7.09 10.60 6.74
CA GLN A 90 -8.28 9.75 6.68
C GLN A 90 -8.28 9.03 5.33
N ASP A 91 -7.19 8.35 5.04
CA ASP A 91 -7.09 7.50 3.85
C ASP A 91 -7.07 6.08 4.36
N LYS A 92 -7.46 5.10 3.55
CA LYS A 92 -7.54 3.73 4.03
C LYS A 92 -6.50 2.81 3.42
N LEU A 93 -5.78 2.13 4.30
CA LEU A 93 -4.82 1.12 3.93
C LEU A 93 -5.34 -0.17 4.53
N ASP A 94 -5.41 -1.21 3.73
CA ASP A 94 -5.84 -2.53 4.21
C ASP A 94 -4.73 -3.54 3.99
N VAL A 95 -4.25 -4.12 5.08
CA VAL A 95 -3.21 -5.17 5.02
C VAL A 95 -3.72 -6.42 5.76
N SER A 96 -5.01 -6.46 6.03
CA SER A 96 -5.59 -7.59 6.77
C SER A 96 -5.51 -8.89 5.98
N ALA A 97 -5.56 -8.79 4.66
CA ALA A 97 -5.47 -9.98 3.81
C ALA A 97 -4.05 -10.57 3.78
N LEU A 98 -3.07 -9.83 4.30
CA LEU A 98 -1.70 -10.35 4.43
C LEU A 98 -1.57 -11.07 5.76
N GLY A 99 -2.56 -10.83 6.61
CA GLY A 99 -2.51 -11.22 8.00
C GLY A 99 -1.80 -10.12 8.78
N PHE A 100 -0.63 -9.77 8.26
CA PHE A 100 0.27 -8.75 8.83
C PHE A 100 0.80 -9.25 10.17
N THR A 101 1.75 -8.53 10.75
CA THR A 101 2.38 -8.97 12.00
C THR A 101 2.24 -7.96 13.13
N GLY A 102 2.20 -6.68 12.81
CA GLY A 102 2.02 -5.65 13.82
C GLY A 102 2.99 -4.52 13.53
N LEU A 103 2.97 -3.45 14.32
CA LEU A 103 3.89 -2.33 14.11
C LEU A 103 4.71 -2.04 15.37
N GLY A 104 5.10 -3.12 16.04
CA GLY A 104 5.88 -3.03 17.28
C GLY A 104 7.36 -2.75 17.09
N ASN A 105 7.67 -1.65 16.42
CA ASN A 105 9.04 -1.15 16.23
C ASN A 105 10.01 -2.13 15.54
N GLY A 106 9.47 -3.03 14.73
CA GLY A 106 10.32 -3.82 13.84
C GLY A 106 10.94 -5.08 14.41
N TYR A 107 10.56 -5.47 15.62
CA TYR A 107 11.10 -6.68 16.25
C TYR A 107 9.97 -7.65 16.57
N ALA A 108 10.31 -8.89 16.90
CA ALA A 108 9.34 -9.97 17.14
C ALA A 108 8.46 -10.17 15.90
N GLY A 109 9.08 -10.04 14.74
CA GLY A 109 8.38 -10.21 13.47
C GLY A 109 7.54 -9.03 13.03
N THR A 110 7.34 -8.05 13.91
CA THR A 110 6.52 -6.89 13.58
C THR A 110 7.28 -5.95 12.67
N LEU A 111 6.61 -4.93 12.17
CA LEU A 111 7.23 -3.93 11.31
C LEU A 111 7.45 -2.66 12.12
N ALA A 112 8.21 -1.74 11.55
CA ALA A 112 8.47 -0.44 12.15
C ALA A 112 8.01 0.58 11.12
N VAL A 113 7.63 1.75 11.61
CA VAL A 113 7.25 2.85 10.75
C VAL A 113 8.30 3.93 10.93
N SER A 114 8.62 4.64 9.86
CA SER A 114 9.58 5.72 9.89
C SER A 114 9.07 6.76 8.93
N VAL A 115 9.33 8.03 9.18
CA VAL A 115 8.85 9.10 8.31
C VAL A 115 10.04 10.01 8.02
N SER A 116 10.23 10.32 6.75
CA SER A 116 11.30 11.20 6.30
C SER A 116 10.62 12.35 5.60
N ASP A 117 10.86 13.57 6.08
CA ASP A 117 10.19 14.75 5.54
C ASP A 117 10.79 15.18 4.21
N ASP A 118 12.07 14.88 4.04
CA ASP A 118 12.78 15.16 2.79
C ASP A 118 12.25 14.28 1.68
N GLY A 119 11.73 13.12 2.06
CA GLY A 119 11.13 12.21 1.11
C GLY A 119 9.63 12.37 1.09
N THR A 120 9.11 13.13 2.05
CA THR A 120 7.67 13.35 2.25
C THR A 120 6.91 12.02 2.33
N ARG A 121 7.57 11.01 2.87
CA ARG A 121 7.04 9.65 2.91
C ARG A 121 7.17 9.02 4.28
N THR A 122 6.31 8.05 4.53
CA THR A 122 6.30 7.28 5.73
C THR A 122 6.31 5.84 5.25
N TYR A 123 7.47 5.27 5.48
CA TYR A 123 7.81 3.91 5.06
C TYR A 123 7.52 2.94 6.19
N LEU A 124 7.11 1.72 5.85
CA LEU A 124 6.88 0.67 6.85
C LEU A 124 7.61 -0.58 6.37
N LYS A 125 8.47 -1.13 7.23
CA LYS A 125 9.23 -2.35 6.93
C LYS A 125 9.65 -3.02 8.22
N SER A 126 10.13 -4.25 8.15
CA SER A 126 10.70 -4.93 9.31
C SER A 126 12.14 -5.18 8.89
N TYR A 127 13.01 -5.24 9.86
CA TYR A 127 14.44 -5.40 9.64
C TYR A 127 15.09 -6.42 10.57
N GLU A 128 14.30 -7.04 11.44
CA GLU A 128 14.83 -8.06 12.36
C GLU A 128 15.29 -9.29 11.60
N THR A 129 14.60 -9.58 10.51
CA THR A 129 14.85 -10.73 9.69
C THR A 129 14.81 -10.23 8.25
N ASP A 130 15.73 -10.77 7.47
CA ASP A 130 15.88 -10.43 6.07
C ASP A 130 15.87 -11.68 5.19
N ALA A 131 16.94 -12.46 5.21
CA ALA A 131 16.96 -13.72 4.46
C ALA A 131 16.22 -14.78 5.28
N GLU A 132 16.28 -14.59 6.58
CA GLU A 132 15.72 -15.51 7.56
C GLU A 132 14.20 -15.36 7.63
N GLY A 133 13.73 -14.19 7.26
CA GLY A 133 12.32 -13.88 7.35
C GLY A 133 12.00 -12.65 6.53
N ARG A 134 11.98 -12.83 5.23
CA ARG A 134 11.72 -11.72 4.31
C ARG A 134 10.30 -11.22 4.55
N SER A 135 10.22 -9.92 4.74
CA SER A 135 9.04 -9.27 5.31
C SER A 135 8.51 -8.22 4.35
N PHE A 136 7.29 -7.77 4.60
CA PHE A 136 6.66 -6.79 3.72
C PHE A 136 7.31 -5.41 3.83
N GLU A 137 7.20 -4.64 2.77
CA GLU A 137 7.62 -3.24 2.75
C GLU A 137 6.60 -2.46 1.95
N VAL A 138 6.12 -1.35 2.50
CA VAL A 138 5.21 -0.45 1.80
C VAL A 138 5.65 0.97 2.12
N SER A 139 5.19 1.93 1.35
CA SER A 139 5.50 3.33 1.61
C SER A 139 4.27 4.15 1.26
N LEU A 140 4.08 5.25 1.97
CA LEU A 140 2.94 6.14 1.75
C LEU A 140 3.48 7.56 1.74
N GLN A 141 3.10 8.35 0.75
CA GLN A 141 3.49 9.75 0.71
C GLN A 141 2.58 10.53 1.65
N GLY A 142 3.18 11.05 2.71
CA GLY A 142 2.46 11.73 3.75
C GLY A 142 3.14 11.41 5.05
N ASN A 143 2.61 11.95 6.12
CA ASN A 143 3.17 11.82 7.46
C ASN A 143 2.12 11.16 8.36
N HIS A 144 1.30 10.29 7.79
CA HIS A 144 0.19 9.64 8.51
C HIS A 144 0.62 8.62 9.59
N ALA A 145 1.89 8.68 9.96
CA ALA A 145 2.41 7.95 11.10
C ALA A 145 1.87 8.65 12.35
N ALA A 146 1.65 9.96 12.21
CA ALA A 146 1.03 10.74 13.26
C ALA A 146 -0.48 10.49 13.27
N ALA A 147 -0.95 9.77 12.26
CA ALA A 147 -2.37 9.42 12.13
C ALA A 147 -2.54 7.89 12.06
N LEU A 148 -1.78 7.18 12.90
CA LEU A 148 -1.91 5.73 12.97
C LEU A 148 -3.16 5.41 13.77
N SER A 149 -4.08 4.67 13.17
CA SER A 149 -5.33 4.33 13.81
C SER A 149 -5.95 3.14 13.09
N ALA A 150 -6.93 2.50 13.71
CA ALA A 150 -7.62 1.37 13.10
C ALA A 150 -8.46 1.83 11.91
N ASP A 151 -8.95 3.07 11.95
CA ASP A 151 -9.72 3.62 10.85
C ASP A 151 -8.80 3.90 9.66
N ASN A 152 -7.55 4.27 9.91
CA ASN A 152 -6.58 4.45 8.82
C ASN A 152 -6.06 3.11 8.28
N ILE A 153 -5.78 2.15 9.16
CA ILE A 153 -5.20 0.87 8.73
C ILE A 153 -5.96 -0.35 9.27
N LEU A 154 -6.38 -1.23 8.37
CA LEU A 154 -7.03 -2.48 8.76
C LEU A 154 -5.99 -3.59 8.75
N PHE A 155 -5.96 -4.40 9.79
CA PHE A 155 -4.97 -5.46 9.97
C PHE A 155 -5.68 -6.69 10.56
N ALA A 156 -5.01 -7.84 10.57
CA ALA A 156 -5.60 -9.07 11.11
C ALA A 156 -4.61 -9.81 12.03
N THR A 157 -3.76 -9.05 12.69
CA THR A 157 -2.78 -9.59 13.63
C THR A 157 -3.29 -9.31 15.05
N PRO A 158 -2.94 -10.17 16.03
CA PRO A 158 -3.43 -9.94 17.40
C PRO A 158 -2.75 -8.79 18.15
N VAL A 159 -1.82 -8.10 17.51
CA VAL A 159 -1.18 -6.93 18.09
C VAL A 159 -1.40 -5.79 17.08
N PRO A 160 -1.81 -4.59 17.56
CA PRO A 160 -2.19 -3.55 16.60
C PRO A 160 -1.05 -2.88 15.84
N VAL A 161 -1.43 -1.90 15.03
CA VAL A 161 -0.52 -1.09 14.24
C VAL A 161 -0.79 0.35 14.58
CA CA B . 0.56 -4.61 -14.16
CA CA C . -9.97 7.43 -9.37
CA CA D . 2.43 -4.68 -10.20
CA CA E . -8.96 8.92 -5.07
CA CA F . 4.08 -4.53 -5.27
CA CA G . -6.59 9.14 -0.97
N ASP A 1 -23.18 1.43 -6.48
CA ASP A 1 -24.41 2.04 -7.07
C ASP A 1 -24.79 1.34 -8.35
N PRO A 2 -26.05 1.48 -8.81
CA PRO A 2 -26.36 0.80 -10.08
C PRO A 2 -25.66 1.42 -11.30
N SER A 3 -25.14 2.63 -11.14
CA SER A 3 -24.38 3.29 -12.20
C SER A 3 -23.00 2.65 -12.32
N ALA A 4 -22.38 2.37 -11.18
CA ALA A 4 -21.08 1.73 -11.11
C ALA A 4 -20.91 1.20 -9.68
N GLU A 5 -20.30 0.03 -9.55
CA GLU A 5 -20.04 -0.59 -8.25
C GLU A 5 -18.54 -0.46 -7.95
N ALA A 6 -17.91 0.47 -8.67
CA ALA A 6 -16.47 0.71 -8.60
C ALA A 6 -15.69 -0.57 -8.91
N GLN A 7 -16.12 -1.27 -9.95
CA GLN A 7 -15.49 -2.52 -10.35
C GLN A 7 -14.09 -2.21 -10.88
N PRO A 8 -13.03 -2.72 -10.21
CA PRO A 8 -11.72 -2.32 -10.73
C PRO A 8 -11.45 -2.79 -12.15
N ILE A 9 -10.72 -1.97 -12.89
CA ILE A 9 -10.36 -2.29 -14.27
C ILE A 9 -9.16 -3.21 -14.21
N VAL A 10 -9.22 -4.30 -14.94
CA VAL A 10 -8.15 -5.27 -14.97
C VAL A 10 -7.17 -4.87 -16.06
N GLY A 11 -5.98 -4.53 -15.58
CA GLY A 11 -4.86 -4.18 -16.43
C GLY A 11 -4.17 -5.42 -16.93
N SER A 12 -2.84 -5.40 -16.91
CA SER A 12 -2.05 -6.52 -17.40
C SER A 12 -1.01 -6.92 -16.35
N ASP A 13 -0.35 -8.05 -16.55
CA ASP A 13 0.77 -8.44 -15.69
C ASP A 13 2.05 -7.81 -16.22
N LEU A 14 1.91 -7.02 -17.27
CA LEU A 14 2.98 -6.20 -17.78
C LEU A 14 3.06 -4.93 -16.90
N ASP A 15 4.06 -4.10 -17.16
CA ASP A 15 4.20 -2.79 -16.51
C ASP A 15 3.05 -1.92 -17.03
N ASP A 16 2.10 -1.61 -16.17
CA ASP A 16 0.94 -0.81 -16.56
C ASP A 16 1.25 0.63 -16.25
N GLN A 17 1.09 1.48 -17.24
CA GLN A 17 1.06 2.92 -17.01
C GLN A 17 -0.34 3.35 -17.43
N LEU A 18 -1.23 3.42 -16.46
CA LEU A 18 -2.65 3.67 -16.69
C LEU A 18 -3.11 4.68 -15.67
N HIS A 19 -4.15 5.44 -15.99
CA HIS A 19 -4.67 6.43 -15.07
C HIS A 19 -6.17 6.26 -14.82
N GLY A 20 -6.55 6.62 -13.61
CA GLY A 20 -7.91 6.53 -13.12
C GLY A 20 -8.54 7.88 -12.97
N THR A 21 -7.71 8.82 -12.53
CA THR A 21 -8.11 10.19 -12.26
C THR A 21 -9.39 10.25 -11.41
N LEU A 22 -10.19 11.28 -11.61
CA LEU A 22 -11.34 11.60 -10.74
C LEU A 22 -12.48 10.57 -10.71
N LEU A 23 -12.44 9.60 -11.61
CA LEU A 23 -13.41 8.51 -11.57
C LEU A 23 -13.31 7.82 -10.22
N GLY A 24 -14.46 7.46 -9.65
CA GLY A 24 -14.51 6.73 -8.40
C GLY A 24 -14.35 5.24 -8.66
N GLU A 25 -13.34 4.92 -9.43
CA GLU A 25 -13.05 3.56 -9.84
C GLU A 25 -11.53 3.53 -10.07
N GLU A 26 -10.91 2.36 -9.85
CA GLU A 26 -9.47 2.23 -9.95
C GLU A 26 -9.04 0.91 -10.60
N ILE A 27 -7.74 0.72 -10.71
CA ILE A 27 -7.14 -0.34 -11.53
C ILE A 27 -6.43 -1.43 -10.71
N SER A 28 -6.61 -2.66 -11.14
CA SER A 28 -5.92 -3.86 -10.62
C SER A 28 -5.00 -4.31 -11.75
N GLY A 29 -3.87 -4.92 -11.44
CA GLY A 29 -2.96 -5.36 -12.51
C GLY A 29 -1.70 -6.01 -11.99
N GLY A 30 -1.86 -7.19 -11.40
CA GLY A 30 -0.82 -7.86 -10.61
C GLY A 30 0.64 -7.63 -10.95
N GLY A 31 1.10 -8.25 -12.02
CA GLY A 31 2.50 -8.20 -12.36
C GLY A 31 2.99 -6.84 -12.79
N GLY A 32 4.25 -6.83 -13.16
CA GLY A 32 4.91 -5.63 -13.65
C GLY A 32 5.19 -4.54 -12.63
N ALA A 33 6.05 -3.60 -13.03
CA ALA A 33 6.42 -2.44 -12.23
C ALA A 33 5.47 -1.31 -12.62
N ASP A 34 4.29 -1.34 -12.03
CA ASP A 34 3.21 -0.47 -12.44
C ASP A 34 3.34 0.94 -11.92
N GLN A 35 2.79 1.84 -12.70
CA GLN A 35 2.63 3.23 -12.33
C GLN A 35 1.16 3.53 -12.58
N LEU A 36 0.37 3.62 -11.51
CA LEU A 36 -1.06 3.70 -11.64
C LEU A 36 -1.44 4.93 -10.90
N TYR A 37 -2.00 5.86 -11.65
CA TYR A 37 -2.36 7.14 -11.08
C TYR A 37 -3.85 7.06 -10.90
N GLY A 38 -4.36 7.50 -9.77
CA GLY A 38 -5.80 7.37 -9.51
C GLY A 38 -6.41 8.60 -8.93
N TYR A 39 -5.58 9.59 -8.62
CA TYR A 39 -5.98 10.89 -8.05
C TYR A 39 -7.35 10.95 -7.36
N GLY A 40 -8.36 11.53 -7.99
CA GLY A 40 -9.65 11.68 -7.32
C GLY A 40 -10.51 10.43 -7.22
N GLY A 41 -11.60 10.58 -6.47
CA GLY A 41 -12.58 9.54 -6.30
C GLY A 41 -12.23 8.54 -5.22
N GLY A 42 -13.25 7.79 -4.83
CA GLY A 42 -13.07 6.64 -3.95
C GLY A 42 -12.56 5.54 -4.84
N ASP A 43 -11.50 4.85 -4.45
CA ASP A 43 -10.77 4.00 -5.36
C ASP A 43 -10.43 2.66 -4.73
N LEU A 44 -10.17 1.66 -5.56
CA LEU A 44 -9.89 0.31 -5.10
C LEU A 44 -8.72 -0.23 -5.89
N LEU A 45 -7.53 -0.13 -5.31
CA LEU A 45 -6.31 -0.43 -6.03
C LEU A 45 -5.49 -1.52 -5.36
N ASP A 46 -5.05 -2.49 -6.16
CA ASP A 46 -4.13 -3.53 -5.72
C ASP A 46 -2.97 -3.57 -6.71
N GLY A 47 -1.76 -3.26 -6.24
CA GLY A 47 -0.62 -3.15 -7.13
C GLY A 47 0.05 -4.45 -7.53
N GLY A 48 -0.20 -5.53 -6.79
CA GLY A 48 0.39 -6.80 -7.05
C GLY A 48 1.88 -6.80 -6.89
N ALA A 49 2.38 -7.77 -7.59
CA ALA A 49 3.79 -8.11 -7.69
C ALA A 49 4.60 -6.97 -8.25
N GLY A 50 5.83 -6.92 -7.78
CA GLY A 50 6.81 -5.96 -8.27
C GLY A 50 6.94 -4.70 -7.43
N ARG A 51 7.73 -3.77 -7.95
CA ARG A 51 7.99 -2.48 -7.31
C ARG A 51 7.06 -1.51 -8.01
N ASP A 52 6.01 -1.15 -7.31
CA ASP A 52 4.91 -0.38 -7.89
C ASP A 52 4.81 1.05 -7.35
N ARG A 53 4.23 1.93 -8.16
CA ARG A 53 4.00 3.34 -7.84
C ARG A 53 2.50 3.59 -7.96
N LEU A 54 1.83 3.82 -6.84
CA LEU A 54 0.36 3.88 -6.81
C LEU A 54 -0.14 5.22 -6.29
N THR A 55 -0.71 6.07 -7.13
CA THR A 55 -1.20 7.39 -6.65
C THR A 55 -2.71 7.40 -6.42
N GLY A 56 -3.20 8.14 -5.44
CA GLY A 56 -4.63 8.12 -5.12
C GLY A 56 -5.24 9.37 -4.50
N GLY A 57 -4.55 10.49 -4.62
CA GLY A 57 -4.96 11.80 -4.10
C GLY A 57 -6.22 11.98 -3.28
N GLU A 58 -7.13 12.75 -3.86
CA GLU A 58 -8.40 13.09 -3.24
C GLU A 58 -9.24 11.83 -3.03
N GLY A 59 -10.00 11.83 -1.95
CA GLY A 59 -10.89 10.73 -1.62
C GLY A 59 -10.35 9.80 -0.55
N ALA A 60 -11.25 9.02 0.02
CA ALA A 60 -10.95 8.03 1.05
C ALA A 60 -10.82 6.71 0.30
N ASP A 61 -9.71 6.61 -0.40
CA ASP A 61 -9.39 5.45 -1.23
C ASP A 61 -9.17 4.26 -0.32
N THR A 62 -9.40 3.06 -0.83
CA THR A 62 -9.02 1.85 -0.11
C THR A 62 -8.00 1.11 -0.96
N PHE A 63 -6.73 1.34 -0.67
CA PHE A 63 -5.67 0.63 -1.37
C PHE A 63 -5.48 -0.62 -0.56
N ARG A 64 -5.60 -1.75 -1.22
CA ARG A 64 -5.75 -3.02 -0.53
C ARG A 64 -4.65 -3.97 -0.89
N PHE A 65 -4.20 -4.70 0.12
CA PHE A 65 -3.07 -5.59 -0.04
C PHE A 65 -3.48 -7.01 0.26
N ALA A 66 -3.68 -7.76 -0.81
CA ALA A 66 -3.71 -9.22 -0.76
C ALA A 66 -2.33 -9.64 -1.31
N LEU A 67 -1.54 -8.63 -1.61
CA LEU A 67 -0.22 -8.79 -2.22
C LEU A 67 0.83 -8.99 -1.13
N ARG A 68 1.05 -10.26 -0.80
CA ARG A 68 1.91 -10.62 0.32
C ARG A 68 3.39 -10.69 -0.02
N GLU A 69 3.77 -11.69 -0.78
CA GLU A 69 5.15 -11.83 -1.25
C GLU A 69 5.37 -10.78 -2.34
N ASP A 70 4.25 -10.27 -2.82
CA ASP A 70 4.22 -9.22 -3.84
C ASP A 70 4.57 -7.83 -3.27
N SER A 71 4.66 -7.77 -1.94
CA SER A 71 5.03 -6.53 -1.24
C SER A 71 6.15 -6.80 -0.22
N GLN A 72 7.06 -7.72 -0.54
CA GLN A 72 8.11 -8.14 0.39
C GLN A 72 9.48 -7.52 0.08
N ARG A 73 10.41 -7.61 1.02
CA ARG A 73 11.76 -7.09 0.86
C ARG A 73 12.85 -8.01 1.37
N SER A 74 14.04 -7.81 0.82
CA SER A 74 15.26 -8.46 1.28
C SER A 74 16.37 -7.46 0.94
N ALA A 75 17.57 -7.68 1.47
CA ALA A 75 18.70 -6.83 1.16
C ALA A 75 19.10 -7.05 -0.31
N ALA A 76 18.75 -8.22 -0.83
CA ALA A 76 19.02 -8.56 -2.22
C ALA A 76 18.04 -7.88 -3.17
N GLY A 77 17.07 -7.22 -2.59
CA GLY A 77 16.11 -6.46 -3.36
C GLY A 77 14.74 -6.41 -2.72
N THR A 78 14.03 -5.32 -2.94
CA THR A 78 12.68 -5.14 -2.40
C THR A 78 11.70 -4.98 -3.54
N PHE A 79 10.51 -5.54 -3.37
CA PHE A 79 9.43 -5.37 -4.32
C PHE A 79 8.28 -4.85 -3.48
N SER A 80 8.18 -3.54 -3.42
CA SER A 80 7.27 -2.88 -2.50
C SER A 80 6.32 -1.99 -3.27
N ASP A 81 5.40 -1.36 -2.56
CA ASP A 81 4.38 -0.53 -3.17
C ASP A 81 4.48 0.86 -2.58
N LEU A 82 4.92 1.80 -3.40
CA LEU A 82 5.08 3.19 -2.96
C LEU A 82 3.80 3.92 -3.33
N ILE A 83 2.99 4.18 -2.33
CA ILE A 83 1.73 4.85 -2.50
C ILE A 83 2.00 6.35 -2.47
N LEU A 84 1.59 7.07 -3.49
CA LEU A 84 1.77 8.51 -3.57
C LEU A 84 0.46 9.20 -3.20
N ASP A 85 0.56 10.50 -2.94
CA ASP A 85 -0.53 11.37 -2.46
C ASP A 85 -1.70 10.66 -1.76
N PHE A 86 -1.46 10.37 -0.50
CA PHE A 86 -2.37 9.52 0.26
C PHE A 86 -2.53 9.90 1.74
N ASP A 87 -2.55 11.19 2.03
CA ASP A 87 -2.66 11.64 3.42
C ASP A 87 -3.61 12.81 3.71
N PRO A 88 -4.93 12.59 3.57
CA PRO A 88 -5.88 13.54 4.17
C PRO A 88 -6.18 13.14 5.63
N THR A 89 -5.27 12.35 6.21
CA THR A 89 -5.43 11.67 7.53
C THR A 89 -6.62 10.71 7.61
N GLN A 90 -7.30 10.52 6.50
CA GLN A 90 -8.49 9.65 6.40
C GLN A 90 -8.47 8.91 5.05
N ASP A 91 -7.34 8.29 4.77
CA ASP A 91 -7.22 7.42 3.59
C ASP A 91 -7.16 6.01 4.16
N LYS A 92 -7.57 5.01 3.40
CA LYS A 92 -7.62 3.65 3.92
C LYS A 92 -6.58 2.74 3.30
N LEU A 93 -5.88 2.03 4.17
CA LEU A 93 -4.92 1.01 3.80
C LEU A 93 -5.43 -0.28 4.41
N ASP A 94 -5.50 -1.32 3.60
CA ASP A 94 -5.91 -2.64 4.09
C ASP A 94 -4.80 -3.64 3.89
N VAL A 95 -4.29 -4.21 4.97
CA VAL A 95 -3.25 -5.25 4.91
C VAL A 95 -3.75 -6.49 5.65
N SER A 96 -5.04 -6.54 5.95
CA SER A 96 -5.61 -7.66 6.71
C SER A 96 -5.56 -8.96 5.93
N ALA A 97 -5.60 -8.87 4.60
CA ALA A 97 -5.54 -10.06 3.76
C ALA A 97 -4.13 -10.68 3.75
N LEU A 98 -3.14 -9.94 4.23
CA LEU A 98 -1.77 -10.47 4.37
C LEU A 98 -1.64 -11.16 5.71
N GLY A 99 -2.60 -10.89 6.57
CA GLY A 99 -2.55 -11.26 7.97
C GLY A 99 -1.84 -10.15 8.72
N PHE A 100 -0.67 -9.79 8.18
CA PHE A 100 0.23 -8.77 8.73
C PHE A 100 0.77 -9.22 10.08
N THR A 101 1.73 -8.50 10.63
CA THR A 101 2.39 -8.91 11.87
C THR A 101 2.24 -7.91 13.01
N GLY A 102 2.15 -6.63 12.69
CA GLY A 102 1.95 -5.59 13.70
C GLY A 102 2.95 -4.49 13.49
N LEU A 103 2.92 -3.46 14.32
CA LEU A 103 3.87 -2.33 14.19
C LEU A 103 4.67 -2.12 15.48
N GLY A 104 5.08 -3.23 16.08
CA GLY A 104 5.84 -3.20 17.33
C GLY A 104 7.32 -2.90 17.17
N ASN A 105 7.62 -1.78 16.53
CA ASN A 105 9.00 -1.28 16.35
C ASN A 105 9.97 -2.22 15.63
N GLY A 106 9.45 -3.07 14.74
CA GLY A 106 10.30 -3.81 13.83
C GLY A 106 10.91 -5.09 14.33
N TYR A 107 10.53 -5.55 15.51
CA TYR A 107 11.05 -6.79 16.08
C TYR A 107 9.88 -7.73 16.42
N ALA A 108 10.20 -8.98 16.73
CA ALA A 108 9.21 -10.04 16.95
C ALA A 108 8.33 -10.19 15.70
N GLY A 109 8.97 -10.07 14.54
CA GLY A 109 8.29 -10.18 13.26
C GLY A 109 7.49 -8.96 12.85
N THR A 110 7.26 -8.03 13.75
CA THR A 110 6.47 -6.84 13.46
C THR A 110 7.25 -5.87 12.60
N LEU A 111 6.58 -4.83 12.12
CA LEU A 111 7.22 -3.80 11.30
C LEU A 111 7.44 -2.55 12.15
N ALA A 112 8.20 -1.62 11.61
CA ALA A 112 8.47 -0.33 12.21
C ALA A 112 8.06 0.71 11.18
N VAL A 113 7.69 1.88 11.66
CA VAL A 113 7.31 2.99 10.79
C VAL A 113 8.38 4.07 10.95
N SER A 114 8.69 4.76 9.86
CA SER A 114 9.66 5.85 9.88
C SER A 114 9.16 6.86 8.86
N VAL A 115 9.39 8.13 9.11
CA VAL A 115 8.93 9.18 8.20
C VAL A 115 10.10 10.11 7.94
N SER A 116 10.37 10.40 6.67
CA SER A 116 11.42 11.33 6.30
C SER A 116 10.76 12.45 5.50
N ASP A 117 10.95 13.68 5.94
CA ASP A 117 10.27 14.82 5.32
C ASP A 117 10.88 15.20 3.98
N ASP A 118 12.15 14.87 3.80
CA ASP A 118 12.85 15.10 2.53
C ASP A 118 12.26 14.22 1.44
N GLY A 119 11.71 13.09 1.86
CA GLY A 119 11.07 12.17 0.94
C GLY A 119 9.57 12.35 0.97
N THR A 120 9.10 13.14 1.93
CA THR A 120 7.67 13.38 2.17
C THR A 120 6.90 12.06 2.29
N ARG A 121 7.58 11.05 2.82
CA ARG A 121 7.03 9.70 2.89
C ARG A 121 7.18 9.07 4.26
N THR A 122 6.29 8.15 4.55
CA THR A 122 6.29 7.38 5.76
C THR A 122 6.31 5.94 5.28
N TYR A 123 7.49 5.40 5.47
CA TYR A 123 7.85 4.05 5.06
C TYR A 123 7.57 3.08 6.21
N LEU A 124 7.16 1.86 5.88
CA LEU A 124 6.93 0.83 6.90
C LEU A 124 7.67 -0.42 6.43
N LYS A 125 8.51 -0.97 7.28
CA LYS A 125 9.27 -2.20 6.98
C LYS A 125 9.71 -2.86 8.28
N SER A 126 10.15 -4.11 8.21
CA SER A 126 10.70 -4.81 9.35
C SER A 126 12.14 -5.02 8.96
N TYR A 127 12.99 -5.13 9.95
CA TYR A 127 14.43 -5.28 9.74
C TYR A 127 15.06 -6.34 10.65
N GLU A 128 14.26 -6.99 11.48
CA GLU A 128 14.76 -8.05 12.36
C GLU A 128 15.22 -9.26 11.55
N THR A 129 14.52 -9.50 10.45
CA THR A 129 14.76 -10.62 9.58
C THR A 129 14.75 -10.07 8.17
N ASP A 130 15.68 -10.57 7.38
CA ASP A 130 15.88 -10.12 6.01
C ASP A 130 15.69 -11.25 5.00
N ALA A 131 16.62 -12.20 4.92
CA ALA A 131 16.47 -13.33 4.02
C ALA A 131 15.77 -14.47 4.77
N GLU A 132 16.08 -14.53 6.05
CA GLU A 132 15.60 -15.57 6.96
C GLU A 132 14.11 -15.43 7.20
N GLY A 133 13.65 -14.19 7.10
CA GLY A 133 12.26 -13.87 7.33
C GLY A 133 11.93 -12.66 6.50
N ARG A 134 11.87 -12.87 5.20
CA ARG A 134 11.63 -11.78 4.26
C ARG A 134 10.24 -11.22 4.51
N SER A 135 10.25 -9.93 4.79
CA SER A 135 9.17 -9.23 5.45
C SER A 135 8.62 -8.13 4.56
N PHE A 136 7.46 -7.62 4.91
CA PHE A 136 6.78 -6.62 4.09
C PHE A 136 7.49 -5.26 4.07
N GLU A 137 7.32 -4.56 2.97
CA GLU A 137 7.76 -3.17 2.84
C GLU A 137 6.71 -2.41 2.03
N VAL A 138 6.26 -1.28 2.56
CA VAL A 138 5.33 -0.40 1.85
C VAL A 138 5.77 1.03 2.15
N SER A 139 5.29 1.99 1.39
CA SER A 139 5.59 3.39 1.65
C SER A 139 4.37 4.21 1.28
N LEU A 140 4.13 5.29 2.00
CA LEU A 140 3.00 6.16 1.77
C LEU A 140 3.50 7.60 1.75
N GLN A 141 3.13 8.37 0.75
CA GLN A 141 3.50 9.78 0.69
C GLN A 141 2.57 10.55 1.62
N GLY A 142 3.15 11.09 2.68
CA GLY A 142 2.41 11.78 3.70
C GLY A 142 3.11 11.49 5.00
N ASN A 143 2.58 12.04 6.07
CA ASN A 143 3.16 11.92 7.40
C ASN A 143 2.13 11.27 8.32
N HIS A 144 1.32 10.37 7.76
CA HIS A 144 0.21 9.72 8.48
C HIS A 144 0.67 8.72 9.57
N ALA A 145 1.93 8.83 9.95
CA ALA A 145 2.46 8.11 11.11
C ALA A 145 1.86 8.78 12.34
N ALA A 146 1.59 10.08 12.20
CA ALA A 146 0.91 10.85 13.24
C ALA A 146 -0.59 10.53 13.21
N ALA A 147 -1.01 9.80 12.19
CA ALA A 147 -2.41 9.41 12.01
C ALA A 147 -2.53 7.88 11.90
N LEU A 148 -1.79 7.18 12.73
CA LEU A 148 -1.87 5.72 12.77
C LEU A 148 -3.08 5.35 13.61
N SER A 149 -4.00 4.61 13.02
CA SER A 149 -5.23 4.23 13.68
C SER A 149 -5.85 3.04 12.96
N ALA A 150 -6.80 2.39 13.61
CA ALA A 150 -7.49 1.25 13.01
C ALA A 150 -8.38 1.71 11.83
N ASP A 151 -8.87 2.93 11.89
CA ASP A 151 -9.67 3.48 10.80
C ASP A 151 -8.79 3.79 9.59
N ASN A 152 -7.54 4.16 9.82
CA ASN A 152 -6.59 4.35 8.71
C ASN A 152 -6.07 3.02 8.16
N ILE A 153 -5.77 2.06 9.03
CA ILE A 153 -5.19 0.79 8.58
C ILE A 153 -5.93 -0.43 9.15
N LEU A 154 -6.38 -1.31 8.27
CA LEU A 154 -7.03 -2.56 8.68
C LEU A 154 -5.98 -3.67 8.67
N PHE A 155 -5.94 -4.46 9.73
CA PHE A 155 -4.95 -5.53 9.92
C PHE A 155 -5.67 -6.74 10.51
N ALA A 156 -5.00 -7.89 10.54
CA ALA A 156 -5.60 -9.12 11.09
C ALA A 156 -4.60 -9.84 12.01
N THR A 157 -3.76 -9.07 12.67
CA THR A 157 -2.77 -9.60 13.60
C THR A 157 -3.25 -9.28 15.02
N PRO A 158 -2.89 -10.11 16.03
CA PRO A 158 -3.37 -9.85 17.39
C PRO A 158 -2.69 -8.65 18.09
N VAL A 159 -1.73 -8.02 17.43
CA VAL A 159 -1.07 -6.82 17.97
C VAL A 159 -1.33 -5.71 16.93
N PRO A 160 -1.78 -4.52 17.39
CA PRO A 160 -2.18 -3.49 16.44
C PRO A 160 -1.05 -2.79 15.69
N VAL A 161 -1.45 -1.82 14.87
CA VAL A 161 -0.54 -0.99 14.09
C VAL A 161 -0.87 0.46 14.40
CA CA B . 0.59 -4.64 -14.11
CA CA C . -9.78 7.28 -9.22
CA CA D . 2.55 -4.72 -10.17
CA CA E . -8.60 8.72 -4.92
CA CA F . 4.15 -4.51 -5.18
CA CA G . -6.84 9.31 -1.11
N ASP A 1 -23.76 1.67 -7.50
CA ASP A 1 -24.91 2.24 -8.25
C ASP A 1 -25.12 1.48 -9.55
N PRO A 2 -26.33 1.57 -10.15
CA PRO A 2 -26.47 0.84 -11.42
C PRO A 2 -25.62 1.41 -12.56
N SER A 3 -25.13 2.64 -12.41
CA SER A 3 -24.25 3.26 -13.38
C SER A 3 -22.85 2.65 -13.29
N ALA A 4 -22.38 2.44 -12.07
CA ALA A 4 -21.07 1.85 -11.80
C ALA A 4 -21.05 1.37 -10.34
N GLU A 5 -20.39 0.26 -10.10
CA GLU A 5 -20.24 -0.33 -8.76
C GLU A 5 -18.77 -0.22 -8.36
N ALA A 6 -18.06 0.66 -9.06
CA ALA A 6 -16.61 0.84 -8.92
C ALA A 6 -15.88 -0.48 -9.19
N GLN A 7 -16.32 -1.18 -10.22
CA GLN A 7 -15.74 -2.47 -10.59
C GLN A 7 -14.28 -2.24 -11.00
N PRO A 8 -13.33 -2.93 -10.34
CA PRO A 8 -11.95 -2.60 -10.71
C PRO A 8 -11.61 -2.88 -12.17
N ILE A 9 -10.82 -2.02 -12.76
CA ILE A 9 -10.40 -2.21 -14.15
C ILE A 9 -9.24 -3.19 -14.10
N VAL A 10 -9.35 -4.25 -14.86
CA VAL A 10 -8.33 -5.28 -14.88
C VAL A 10 -7.27 -4.90 -15.92
N GLY A 11 -6.11 -4.59 -15.40
CA GLY A 11 -4.94 -4.29 -16.20
C GLY A 11 -4.28 -5.58 -16.64
N SER A 12 -2.96 -5.65 -16.53
CA SER A 12 -2.23 -6.84 -16.95
C SER A 12 -1.17 -7.19 -15.91
N ASP A 13 -0.48 -8.30 -16.10
CA ASP A 13 0.67 -8.64 -15.27
C ASP A 13 1.91 -8.01 -15.86
N LEU A 14 1.70 -7.25 -16.92
CA LEU A 14 2.73 -6.40 -17.50
C LEU A 14 2.83 -5.12 -16.64
N ASP A 15 3.85 -4.32 -16.94
CA ASP A 15 4.07 -3.02 -16.31
C ASP A 15 2.99 -2.06 -16.80
N ASP A 16 1.98 -1.83 -15.98
CA ASP A 16 0.83 -1.02 -16.39
C ASP A 16 1.11 0.41 -16.03
N GLN A 17 1.07 1.28 -17.03
CA GLN A 17 1.01 2.70 -16.78
C GLN A 17 -0.36 3.15 -17.25
N LEU A 18 -1.29 3.21 -16.31
CA LEU A 18 -2.69 3.50 -16.57
C LEU A 18 -3.16 4.51 -15.55
N HIS A 19 -4.16 5.30 -15.90
CA HIS A 19 -4.67 6.30 -14.98
C HIS A 19 -6.17 6.21 -14.78
N GLY A 20 -6.59 6.59 -13.59
CA GLY A 20 -7.98 6.56 -13.16
C GLY A 20 -8.55 7.94 -13.09
N THR A 21 -7.73 8.84 -12.58
CA THR A 21 -8.10 10.23 -12.33
C THR A 21 -9.46 10.33 -11.64
N LEU A 22 -10.26 11.32 -12.00
CA LEU A 22 -11.51 11.66 -11.29
C LEU A 22 -12.59 10.57 -11.26
N LEU A 23 -12.45 9.52 -12.07
CA LEU A 23 -13.40 8.42 -12.04
C LEU A 23 -13.36 7.78 -10.65
N GLY A 24 -14.53 7.43 -10.13
CA GLY A 24 -14.65 6.76 -8.83
C GLY A 24 -14.49 5.27 -8.99
N GLU A 25 -13.51 4.91 -9.80
CA GLU A 25 -13.23 3.52 -10.15
C GLU A 25 -11.72 3.44 -10.33
N GLU A 26 -11.13 2.32 -9.91
CA GLU A 26 -9.68 2.16 -9.87
C GLU A 26 -9.14 0.79 -10.29
N ILE A 27 -7.92 0.83 -10.76
CA ILE A 27 -7.26 -0.23 -11.51
C ILE A 27 -6.60 -1.29 -10.59
N SER A 28 -6.72 -2.53 -11.02
CA SER A 28 -6.07 -3.72 -10.45
C SER A 28 -5.14 -4.28 -11.52
N GLY A 29 -4.05 -4.93 -11.16
CA GLY A 29 -3.15 -5.48 -12.18
C GLY A 29 -1.84 -6.02 -11.64
N GLY A 30 -1.89 -7.22 -11.07
CA GLY A 30 -0.81 -7.80 -10.29
C GLY A 30 0.63 -7.54 -10.67
N GLY A 31 1.12 -8.20 -11.70
CA GLY A 31 2.53 -8.15 -12.05
C GLY A 31 3.01 -6.82 -12.57
N GLY A 32 4.26 -6.83 -12.98
CA GLY A 32 4.93 -5.66 -13.54
C GLY A 32 5.24 -4.53 -12.56
N ALA A 33 6.05 -3.58 -12.99
CA ALA A 33 6.40 -2.39 -12.21
C ALA A 33 5.40 -1.30 -12.58
N ASP A 34 4.24 -1.38 -11.96
CA ASP A 34 3.11 -0.54 -12.31
C ASP A 34 3.26 0.88 -11.81
N GLN A 35 2.67 1.76 -12.59
CA GLN A 35 2.53 3.17 -12.22
C GLN A 35 1.05 3.48 -12.46
N LEU A 36 0.28 3.56 -11.39
CA LEU A 36 -1.16 3.66 -11.49
C LEU A 36 -1.54 4.88 -10.72
N TYR A 37 -2.12 5.82 -11.43
CA TYR A 37 -2.51 7.09 -10.84
C TYR A 37 -4.01 7.08 -10.74
N GLY A 38 -4.58 7.52 -9.62
CA GLY A 38 -6.03 7.47 -9.46
C GLY A 38 -6.66 8.73 -8.93
N TYR A 39 -5.87 9.68 -8.50
CA TYR A 39 -6.31 11.00 -7.96
C TYR A 39 -7.77 11.14 -7.44
N GLY A 40 -8.67 11.70 -8.25
CA GLY A 40 -10.03 11.93 -7.77
C GLY A 40 -10.90 10.70 -7.61
N GLY A 41 -12.01 10.88 -6.92
CA GLY A 41 -12.99 9.84 -6.73
C GLY A 41 -12.55 8.86 -5.68
N GLY A 42 -13.50 8.03 -5.28
CA GLY A 42 -13.20 6.91 -4.39
C GLY A 42 -12.53 5.84 -5.22
N ASP A 43 -11.44 5.27 -4.71
CA ASP A 43 -10.59 4.40 -5.50
C ASP A 43 -10.36 3.09 -4.79
N LEU A 44 -10.08 2.04 -5.56
CA LEU A 44 -9.84 0.70 -5.01
C LEU A 44 -8.68 0.13 -5.80
N LEU A 45 -7.49 0.22 -5.25
CA LEU A 45 -6.27 -0.05 -6.01
C LEU A 45 -5.42 -1.14 -5.39
N ASP A 46 -4.85 -1.99 -6.24
CA ASP A 46 -3.87 -2.98 -5.84
C ASP A 46 -2.86 -3.04 -6.97
N GLY A 47 -1.66 -3.54 -6.70
CA GLY A 47 -0.64 -3.60 -7.74
C GLY A 47 0.32 -4.76 -7.59
N GLY A 48 -0.17 -5.88 -7.06
CA GLY A 48 0.61 -7.08 -6.83
C GLY A 48 2.12 -7.04 -6.81
N ALA A 49 2.65 -7.96 -7.57
CA ALA A 49 4.07 -8.23 -7.66
C ALA A 49 4.83 -7.07 -8.23
N GLY A 50 6.05 -6.95 -7.75
CA GLY A 50 7.00 -5.96 -8.25
C GLY A 50 7.15 -4.73 -7.37
N ARG A 51 7.90 -3.76 -7.90
CA ARG A 51 8.17 -2.49 -7.25
C ARG A 51 7.24 -1.52 -7.94
N ASP A 52 6.24 -1.09 -7.22
CA ASP A 52 5.12 -0.35 -7.80
C ASP A 52 4.95 1.07 -7.26
N ARG A 53 4.28 1.90 -8.06
CA ARG A 53 3.98 3.31 -7.75
C ARG A 53 2.47 3.49 -7.87
N LEU A 54 1.79 3.65 -6.74
CA LEU A 54 0.32 3.69 -6.73
C LEU A 54 -0.18 5.01 -6.14
N THR A 55 -0.76 5.89 -6.95
CA THR A 55 -1.23 7.21 -6.44
C THR A 55 -2.74 7.24 -6.31
N GLY A 56 -3.26 7.93 -5.30
CA GLY A 56 -4.69 7.92 -5.04
C GLY A 56 -5.33 9.25 -4.67
N GLY A 57 -4.53 10.28 -4.48
CA GLY A 57 -4.98 11.61 -4.09
C GLY A 57 -6.15 11.74 -3.17
N GLU A 58 -7.07 12.49 -3.71
CA GLU A 58 -8.31 12.90 -3.08
C GLU A 58 -9.15 11.70 -2.64
N GLY A 59 -9.83 11.87 -1.51
CA GLY A 59 -10.77 10.88 -1.03
C GLY A 59 -10.20 9.83 -0.09
N ALA A 60 -11.11 9.17 0.62
CA ALA A 60 -10.79 8.11 1.58
C ALA A 60 -10.83 6.79 0.80
N ASP A 61 -9.85 6.66 -0.06
CA ASP A 61 -9.71 5.49 -0.92
C ASP A 61 -9.37 4.29 -0.09
N THR A 62 -9.63 3.09 -0.61
CA THR A 62 -9.22 1.86 0.07
C THR A 62 -8.25 1.12 -0.82
N PHE A 63 -6.98 1.31 -0.55
CA PHE A 63 -5.93 0.59 -1.28
C PHE A 63 -5.82 -0.73 -0.56
N ARG A 64 -5.67 -1.82 -1.30
CA ARG A 64 -5.81 -3.16 -0.71
C ARG A 64 -4.60 -4.01 -0.97
N PHE A 65 -4.18 -4.71 0.06
CA PHE A 65 -3.00 -5.55 -0.01
C PHE A 65 -3.32 -6.98 0.32
N ALA A 66 -3.51 -7.77 -0.73
CA ALA A 66 -3.51 -9.22 -0.63
C ALA A 66 -2.12 -9.65 -1.12
N LEU A 67 -1.31 -8.63 -1.41
CA LEU A 67 0.00 -8.81 -1.98
C LEU A 67 1.05 -9.03 -0.89
N ARG A 68 1.30 -10.30 -0.59
CA ARG A 68 2.19 -10.68 0.50
C ARG A 68 3.64 -10.76 0.07
N GLU A 69 3.97 -11.79 -0.69
CA GLU A 69 5.32 -11.96 -1.26
C GLU A 69 5.50 -10.90 -2.34
N ASP A 70 4.38 -10.38 -2.79
CA ASP A 70 4.32 -9.36 -3.81
C ASP A 70 4.71 -7.96 -3.27
N SER A 71 4.81 -7.88 -1.95
CA SER A 71 5.23 -6.64 -1.27
C SER A 71 6.35 -6.94 -0.27
N GLN A 72 7.24 -7.86 -0.64
CA GLN A 72 8.29 -8.31 0.28
C GLN A 72 9.66 -7.68 -0.03
N ARG A 73 10.57 -7.77 0.93
CA ARG A 73 11.90 -7.19 0.79
C ARG A 73 13.02 -8.06 1.33
N SER A 74 14.17 -7.83 0.73
CA SER A 74 15.46 -8.32 1.20
C SER A 74 16.36 -7.22 0.66
N ALA A 75 17.55 -7.05 1.20
CA ALA A 75 18.46 -6.02 0.72
C ALA A 75 18.83 -6.29 -0.75
N ALA A 76 18.91 -7.57 -1.10
CA ALA A 76 19.26 -7.98 -2.45
C ALA A 76 18.03 -8.05 -3.38
N GLY A 77 16.88 -7.70 -2.85
CA GLY A 77 15.65 -7.79 -3.63
C GLY A 77 14.43 -7.23 -2.93
N THR A 78 14.23 -5.92 -3.01
CA THR A 78 13.05 -5.30 -2.41
C THR A 78 12.03 -5.00 -3.51
N PHE A 79 10.83 -5.55 -3.35
CA PHE A 79 9.75 -5.34 -4.29
C PHE A 79 8.58 -4.84 -3.45
N SER A 80 8.48 -3.53 -3.35
CA SER A 80 7.54 -2.89 -2.44
C SER A 80 6.60 -1.98 -3.20
N ASP A 81 5.62 -1.45 -2.50
CA ASP A 81 4.59 -0.62 -3.11
C ASP A 81 4.63 0.76 -2.50
N LEU A 82 5.02 1.74 -3.31
CA LEU A 82 5.12 3.12 -2.86
C LEU A 82 3.82 3.81 -3.22
N ILE A 83 3.00 4.04 -2.20
CA ILE A 83 1.73 4.69 -2.37
C ILE A 83 1.99 6.19 -2.34
N LEU A 84 1.56 6.91 -3.36
CA LEU A 84 1.74 8.35 -3.44
C LEU A 84 0.45 9.04 -3.07
N ASP A 85 0.55 10.34 -2.81
CA ASP A 85 -0.53 11.22 -2.31
C ASP A 85 -1.71 10.52 -1.62
N PHE A 86 -1.46 10.19 -0.37
CA PHE A 86 -2.38 9.37 0.41
C PHE A 86 -2.49 9.76 1.88
N ASP A 87 -2.51 11.06 2.16
CA ASP A 87 -2.59 11.53 3.56
C ASP A 87 -3.55 12.69 3.85
N PRO A 88 -4.87 12.47 3.75
CA PRO A 88 -5.82 13.40 4.35
C PRO A 88 -6.08 13.02 5.82
N THR A 89 -5.16 12.24 6.40
CA THR A 89 -5.28 11.59 7.72
C THR A 89 -6.48 10.62 7.86
N GLN A 90 -7.20 10.41 6.76
CA GLN A 90 -8.41 9.59 6.75
C GLN A 90 -8.43 8.66 5.54
N ASP A 91 -7.27 8.28 5.03
CA ASP A 91 -7.20 7.36 3.89
C ASP A 91 -7.22 5.95 4.46
N LYS A 92 -7.68 4.98 3.67
CA LYS A 92 -7.76 3.60 4.15
C LYS A 92 -6.77 2.69 3.44
N LEU A 93 -6.07 1.90 4.24
CA LEU A 93 -5.14 0.90 3.72
C LEU A 93 -5.49 -0.43 4.35
N ASP A 94 -5.82 -1.41 3.52
CA ASP A 94 -6.16 -2.74 4.00
C ASP A 94 -5.00 -3.71 3.85
N VAL A 95 -4.52 -4.23 4.97
CA VAL A 95 -3.47 -5.26 4.97
C VAL A 95 -3.98 -6.49 5.73
N SER A 96 -5.28 -6.54 6.01
CA SER A 96 -5.86 -7.65 6.76
C SER A 96 -5.85 -8.94 5.94
N ALA A 97 -5.81 -8.80 4.61
CA ALA A 97 -5.72 -9.95 3.73
C ALA A 97 -4.34 -10.63 3.83
N LEU A 98 -3.36 -9.92 4.36
CA LEU A 98 -2.03 -10.50 4.59
C LEU A 98 -1.99 -11.12 5.98
N GLY A 99 -3.00 -10.76 6.77
CA GLY A 99 -3.00 -11.03 8.20
C GLY A 99 -2.25 -9.92 8.91
N PHE A 100 -1.06 -9.66 8.38
CA PHE A 100 -0.10 -8.67 8.89
C PHE A 100 0.47 -9.14 10.23
N THR A 101 1.53 -8.51 10.70
CA THR A 101 2.22 -8.96 11.90
C THR A 101 2.11 -7.98 13.06
N GLY A 102 2.07 -6.69 12.77
CA GLY A 102 1.92 -5.67 13.80
C GLY A 102 2.93 -4.58 13.58
N LEU A 103 2.93 -3.55 14.40
CA LEU A 103 3.89 -2.46 14.27
C LEU A 103 4.71 -2.28 15.56
N GLY A 104 5.14 -3.41 16.12
CA GLY A 104 5.90 -3.43 17.35
C GLY A 104 7.38 -3.12 17.17
N ASN A 105 7.66 -1.96 16.58
CA ASN A 105 9.03 -1.44 16.40
C ASN A 105 9.98 -2.35 15.63
N GLY A 106 9.44 -3.18 14.75
CA GLY A 106 10.27 -3.92 13.81
C GLY A 106 10.89 -5.22 14.29
N TYR A 107 10.50 -5.70 15.46
CA TYR A 107 11.03 -6.96 16.00
C TYR A 107 9.90 -7.94 16.25
N ALA A 108 10.23 -9.20 16.49
CA ALA A 108 9.27 -10.29 16.66
C ALA A 108 8.37 -10.40 15.41
N GLY A 109 8.98 -10.19 14.26
CA GLY A 109 8.28 -10.27 12.98
C GLY A 109 7.44 -9.05 12.64
N THR A 110 7.26 -8.13 13.58
CA THR A 110 6.45 -6.94 13.34
C THR A 110 7.24 -5.95 12.49
N LEU A 111 6.56 -4.90 12.04
CA LEU A 111 7.19 -3.87 11.22
C LEU A 111 7.40 -2.62 12.10
N ALA A 112 8.14 -1.67 11.55
CA ALA A 112 8.39 -0.39 12.20
C ALA A 112 8.02 0.68 11.17
N VAL A 113 7.64 1.84 11.66
CA VAL A 113 7.30 2.96 10.79
C VAL A 113 8.38 4.03 10.98
N SER A 114 8.70 4.73 9.90
CA SER A 114 9.67 5.82 9.93
C SER A 114 9.18 6.84 8.93
N VAL A 115 9.41 8.11 9.19
CA VAL A 115 8.96 9.18 8.30
C VAL A 115 10.12 10.14 8.08
N SER A 116 10.41 10.44 6.82
CA SER A 116 11.44 11.43 6.50
C SER A 116 10.78 12.55 5.70
N ASP A 117 10.97 13.78 6.13
CA ASP A 117 10.31 14.93 5.51
C ASP A 117 10.90 15.29 4.15
N ASP A 118 12.17 14.96 3.96
CA ASP A 118 12.85 15.19 2.68
C ASP A 118 12.26 14.30 1.60
N GLY A 119 11.72 13.17 2.03
CA GLY A 119 11.08 12.24 1.12
C GLY A 119 9.58 12.42 1.12
N THR A 120 9.09 13.18 2.11
CA THR A 120 7.65 13.42 2.33
C THR A 120 6.90 12.08 2.40
N ARG A 121 7.57 11.08 2.92
CA ARG A 121 7.05 9.72 2.97
C ARG A 121 7.21 9.09 4.33
N THR A 122 6.33 8.14 4.60
CA THR A 122 6.33 7.37 5.81
C THR A 122 6.37 5.93 5.34
N TYR A 123 7.53 5.39 5.52
CA TYR A 123 7.89 4.04 5.11
C TYR A 123 7.60 3.07 6.23
N LEU A 124 7.17 1.86 5.90
CA LEU A 124 6.93 0.81 6.90
C LEU A 124 7.65 -0.44 6.43
N LYS A 125 8.50 -1.00 7.29
CA LYS A 125 9.25 -2.22 6.97
C LYS A 125 9.68 -2.90 8.26
N SER A 126 10.16 -4.13 8.16
CA SER A 126 10.72 -4.84 9.28
C SER A 126 12.16 -5.02 8.86
N TYR A 127 13.03 -5.09 9.84
CA TYR A 127 14.48 -5.19 9.61
C TYR A 127 15.14 -6.24 10.50
N GLU A 128 14.34 -6.98 11.26
CA GLU A 128 14.86 -8.03 12.14
C GLU A 128 15.46 -9.17 11.32
N THR A 129 14.87 -9.42 10.17
CA THR A 129 15.24 -10.48 9.26
C THR A 129 15.16 -9.87 7.88
N ASP A 130 16.13 -10.24 7.05
CA ASP A 130 16.27 -9.68 5.70
C ASP A 130 16.05 -10.72 4.60
N ALA A 131 17.00 -11.61 4.39
CA ALA A 131 16.81 -12.68 3.40
C ALA A 131 16.21 -13.90 4.09
N GLU A 132 16.65 -14.10 5.32
CA GLU A 132 16.32 -15.28 6.13
C GLU A 132 14.86 -15.28 6.52
N GLY A 133 14.34 -14.08 6.66
CA GLY A 133 12.95 -13.89 7.02
C GLY A 133 12.50 -12.69 6.25
N ARG A 134 12.42 -12.88 4.95
CA ARG A 134 12.11 -11.77 4.04
C ARG A 134 10.71 -11.25 4.31
N SER A 135 10.72 -10.01 4.77
CA SER A 135 9.60 -9.37 5.43
C SER A 135 8.94 -8.39 4.48
N PHE A 136 7.91 -7.71 4.93
CA PHE A 136 7.15 -6.80 4.05
C PHE A 136 7.68 -5.37 4.08
N GLU A 137 7.44 -4.64 2.99
CA GLU A 137 7.84 -3.25 2.88
C GLU A 137 6.81 -2.48 2.05
N VAL A 138 6.35 -1.35 2.56
CA VAL A 138 5.45 -0.46 1.84
C VAL A 138 5.87 0.97 2.18
N SER A 139 5.38 1.93 1.43
CA SER A 139 5.65 3.34 1.73
C SER A 139 4.41 4.13 1.38
N LEU A 140 4.18 5.22 2.09
CA LEU A 140 3.04 6.09 1.86
C LEU A 140 3.54 7.52 1.83
N GLN A 141 3.15 8.29 0.83
CA GLN A 141 3.52 9.71 0.77
C GLN A 141 2.61 10.48 1.71
N GLY A 142 3.20 11.01 2.76
CA GLY A 142 2.47 11.70 3.80
C GLY A 142 3.21 11.46 5.08
N ASN A 143 2.70 12.04 6.15
CA ASN A 143 3.31 11.95 7.48
C ASN A 143 2.30 11.31 8.42
N HIS A 144 1.46 10.43 7.88
CA HIS A 144 0.36 9.80 8.62
C HIS A 144 0.82 8.80 9.70
N ALA A 145 2.10 8.86 10.06
CA ALA A 145 2.64 8.10 11.18
C ALA A 145 2.06 8.74 12.45
N ALA A 146 1.84 10.05 12.38
CA ALA A 146 1.20 10.79 13.45
C ALA A 146 -0.32 10.58 13.40
N ALA A 147 -0.78 9.89 12.35
CA ALA A 147 -2.20 9.59 12.16
C ALA A 147 -2.39 8.07 11.93
N LEU A 148 -1.68 7.28 12.71
CA LEU A 148 -1.78 5.82 12.60
C LEU A 148 -2.82 5.34 13.61
N SER A 149 -3.80 4.61 13.11
CA SER A 149 -4.85 4.04 13.95
C SER A 149 -5.57 3.00 13.11
N ALA A 150 -6.47 2.26 13.74
CA ALA A 150 -7.30 1.27 13.04
C ALA A 150 -8.24 1.97 12.05
N ASP A 151 -8.50 3.26 12.25
CA ASP A 151 -9.36 4.03 11.34
C ASP A 151 -8.70 4.12 9.98
N ASN A 152 -7.38 4.24 9.97
CA ASN A 152 -6.62 4.30 8.71
C ASN A 152 -6.25 2.90 8.22
N ILE A 153 -5.87 2.00 9.12
CA ILE A 153 -5.36 0.70 8.70
C ILE A 153 -6.28 -0.45 9.13
N LEU A 154 -6.63 -1.32 8.19
CA LEU A 154 -7.37 -2.54 8.50
C LEU A 154 -6.36 -3.68 8.54
N PHE A 155 -6.33 -4.42 9.64
CA PHE A 155 -5.34 -5.47 9.86
C PHE A 155 -6.02 -6.61 10.63
N ALA A 156 -5.37 -7.76 10.73
CA ALA A 156 -5.95 -8.92 11.41
C ALA A 156 -4.92 -9.60 12.34
N THR A 157 -4.04 -8.80 12.90
CA THR A 157 -3.02 -9.29 13.83
C THR A 157 -3.45 -8.89 15.25
N PRO A 158 -3.10 -9.71 16.27
CA PRO A 158 -3.52 -9.36 17.64
C PRO A 158 -2.76 -8.18 18.28
N VAL A 159 -1.73 -7.69 17.62
CA VAL A 159 -0.99 -6.52 18.11
C VAL A 159 -1.29 -5.40 17.10
N PRO A 160 -1.69 -4.21 17.59
CA PRO A 160 -2.12 -3.16 16.65
C PRO A 160 -0.98 -2.51 15.85
N VAL A 161 -1.40 -1.56 15.02
CA VAL A 161 -0.49 -0.79 14.16
C VAL A 161 -0.86 0.68 14.29
CA CA B . 0.42 -4.76 -13.82
CA CA C . -9.92 7.47 -9.34
CA CA D . 2.76 -4.74 -9.99
CA CA E . -8.99 8.91 -4.95
CA CA F . 4.37 -4.68 -5.16
CA CA G . -6.67 9.12 -0.86
#